data_8V64
#
_entry.id   8V64
#
_cell.length_a   1.00
_cell.length_b   1.00
_cell.length_c   1.00
_cell.angle_alpha   90.00
_cell.angle_beta   90.00
_cell.angle_gamma   90.00
#
_symmetry.space_group_name_H-M   'P 1'
#
loop_
_entity.id
_entity.type
_entity.pdbx_description
1 polymer 'Calcium-activated potassium channel subunit alpha-1'
2 non-polymer 'POTASSIUM ION'
3 non-polymer '(2S)-3-(hexadecanoyloxy)-2-[(9Z)-octadec-9-enoyloxy]propyl 2-(trimethylammonio)ethyl phosphate'
4 non-polymer CHOLESTEROL
5 non-polymer Digitonin
6 water water
#
_entity_poly.entity_id   1
_entity_poly.type   'polypeptide(L)'
_entity_poly.pdbx_seq_one_letter_code
;MDALIIPVTMEVPCDSRGQRMWWAFLASSMVTFFGGLFIILLWRTLKYLWTVCCHCGGKTKEAQKINNGSSQADGTLKPV
DEKEEAVAAEVGWMTSVKDWAGVMISAQTLTGRVLVVLVFALSIGALVIYFIDSSNPIESCQNFYKDFTLQIDMAFNVFF
LLYFGLRFIAANDKLWFWLEVNSVVDFFTVPPVFVSVYLNRSWLGLRFLRALRLIQFSEILQFLNILKTSNSIKLVNLLS
IFISTWLTAAGFIHLVENSGDPWENFQNNQALTYWECVYLLMVTMSTVGYGDVYAKTTLGRLFMVFFILGGLAMFASYVP
EIIELIGNRKKYGGSYSAVSGRKHIVVCGHITLESVSNFLKAFLHKARDDVNVEIVFLHNISPNLELEALFKRHFTQVEF
YQGSVLNPHDLARVKIESADACLILANKYCADPDAEDASNIMRVISIKNYHPKIRIITQMLQYHNKAHLLNIPSWNWKEG
DDAICLAELKLGFIAQSCLAQGLSTMLANLFSMRSFIKIEEDTWQKYYLEGVSNEMYTEYLSSAFVGLSFPTVCELCFVK
LKLLMIAIEYKSANRESRILINPGNHLKIQEGTLGFFIASDAKEVKRAFFYCKACHDDITDPKRIKKCGCKRLEDEQPST
LSPKKKQRNGGMRNSPNTSPKLMRHDPLLIPGNDQIDNMDSNVKKYDSTGMFHWCAPKEIEKVILTRSEAAMTVLSGHVV
VCIFGDVSSALIGLRNLVMPLRASNFHYHELKHIVFVGSIEYLKREWETLHNFPKVSILPGTPLSRADLRAVNINLCDMC
VILSANQNNIDDTSLQDKECILASLNIKSMQFDDSIGVLQANSQGFTPPGMDRSSPDNSPVHGMLRQPSITTGVNIPIIT
ELVNDTNVQFLDQAAAADPDTELYLTQPFACGTAFAVSVLDSLMSATYFNDNILTLIRTLVTGGATPELEALIAEENALR
GGYSTPQTLANRDRCRVAQLALLDGPFADLGDGGCYGDLFCKALKTYNMLCFGIYRLRDAHLSTPSQCTKRYVITNPPYE
FELVPTDLIFCLMQFDSNSLEVLFQ
;
_entity_poly.pdbx_strand_id   A,B,C,D
#
loop_
_chem_comp.id
_chem_comp.type
_chem_comp.name
_chem_comp.formula
AJP non-polymer Digitonin 'C56 H92 O29'
CLR non-polymer CHOLESTEROL 'C27 H46 O'
K non-polymer 'POTASSIUM ION' 'K 1'
POV non-polymer '(2S)-3-(hexadecanoyloxy)-2-[(9Z)-octadec-9-enoyloxy]propyl 2-(trimethylammonio)ethyl phosphate' 'C42 H82 N O8 P'
#
# COMPACT_ATOMS: atom_id res chain seq x y z
N GLN A 19 4.47 48.38 57.04
CA GLN A 19 4.26 47.51 58.19
C GLN A 19 4.21 46.05 57.77
N ARG A 20 4.38 45.80 56.48
CA ARG A 20 4.36 44.46 55.92
C ARG A 20 5.78 44.05 55.54
N MET A 21 6.18 42.86 55.97
CA MET A 21 7.54 42.37 55.80
C MET A 21 7.70 41.39 54.64
N TRP A 22 6.68 41.28 53.77
CA TRP A 22 6.71 40.29 52.69
C TRP A 22 7.87 40.51 51.74
N TRP A 23 8.30 41.77 51.57
CA TRP A 23 9.39 42.06 50.64
C TRP A 23 10.68 41.39 51.07
N ALA A 24 10.94 41.33 52.37
CA ALA A 24 12.14 40.66 52.85
C ALA A 24 12.11 39.18 52.54
N PHE A 25 10.97 38.53 52.80
CA PHE A 25 10.86 37.09 52.52
C PHE A 25 11.01 36.80 51.03
N LEU A 26 10.39 37.61 50.17
CA LEU A 26 10.53 37.39 48.74
C LEU A 26 11.97 37.64 48.28
N ALA A 27 12.54 38.78 48.69
CA ALA A 27 13.88 39.16 48.24
C ALA A 27 14.94 38.21 48.73
N SER A 28 14.71 37.53 49.86
CA SER A 28 15.67 36.54 50.34
C SER A 28 15.85 35.41 49.32
N SER A 29 14.74 34.81 48.88
CA SER A 29 14.82 33.79 47.86
C SER A 29 15.31 34.35 46.53
N MET A 30 14.88 35.57 46.19
CA MET A 30 15.28 36.16 44.91
C MET A 30 16.80 36.34 44.85
N VAL A 31 17.40 36.87 45.91
CA VAL A 31 18.85 37.05 45.92
C VAL A 31 19.55 35.70 46.04
N THR A 32 18.99 34.77 46.84
CA THR A 32 19.59 33.45 46.98
C THR A 32 19.70 32.73 45.64
N PHE A 33 18.75 32.97 44.74
CA PHE A 33 18.84 32.38 43.41
C PHE A 33 19.73 33.22 42.49
N PHE A 34 19.40 34.51 42.32
CA PHE A 34 20.07 35.34 41.32
C PHE A 34 21.54 35.56 41.65
N GLY A 35 21.86 35.99 42.87
CA GLY A 35 23.23 36.31 43.22
C GLY A 35 24.12 35.07 43.18
N GLY A 36 23.60 33.93 43.62
CA GLY A 36 24.37 32.69 43.56
C GLY A 36 24.63 32.27 42.12
N LEU A 37 23.62 32.38 41.25
CA LEU A 37 23.84 32.09 39.83
C LEU A 37 24.87 33.04 39.24
N PHE A 38 24.80 34.31 39.62
CA PHE A 38 25.72 35.31 39.10
C PHE A 38 27.16 35.02 39.55
N ILE A 39 27.34 34.63 40.81
CA ILE A 39 28.70 34.34 41.27
C ILE A 39 29.23 33.04 40.67
N ILE A 40 28.35 32.08 40.40
CA ILE A 40 28.80 30.88 39.68
C ILE A 40 29.27 31.24 38.28
N LEU A 41 28.50 32.06 37.56
CA LEU A 41 28.93 32.51 36.24
C LEU A 41 30.21 33.32 36.31
N LEU A 42 30.35 34.16 37.33
CA LEU A 42 31.56 34.97 37.48
C LEU A 42 32.77 34.08 37.75
N TRP A 43 32.60 33.03 38.55
CA TRP A 43 33.69 32.09 38.79
C TRP A 43 34.08 31.38 37.50
N ARG A 44 33.09 30.99 36.68
CA ARG A 44 33.41 30.38 35.39
C ARG A 44 34.16 31.34 34.47
N THR A 45 33.76 32.62 34.47
CA THR A 45 34.47 33.60 33.65
C THR A 45 35.90 33.81 34.15
N LEU A 46 36.11 33.83 35.47
CA LEU A 46 37.47 33.96 35.99
C LEU A 46 38.31 32.74 35.64
N LYS A 47 37.72 31.54 35.69
CA LYS A 47 38.44 30.34 35.29
C LYS A 47 38.79 30.37 33.80
N TYR A 48 37.88 30.86 32.97
CA TYR A 48 38.16 31.00 31.54
C TYR A 48 39.27 32.01 31.29
N LEU A 49 39.25 33.14 32.01
CA LEU A 49 40.27 34.17 31.82
C LEU A 49 41.64 33.69 32.30
N TRP A 50 41.67 32.96 33.41
CA TRP A 50 42.93 32.48 33.96
C TRP A 50 43.53 31.38 33.09
N TRP A 93 40.69 15.38 49.13
CA TRP A 93 39.76 14.26 49.06
C TRP A 93 38.39 14.71 48.58
N MET A 94 38.38 15.75 47.73
CA MET A 94 37.12 16.25 47.20
C MET A 94 36.45 15.22 46.30
N THR A 95 37.24 14.50 45.50
CA THR A 95 36.67 13.49 44.61
C THR A 95 36.05 12.36 45.42
N SER A 96 36.68 11.95 46.51
CA SER A 96 36.15 10.85 47.32
C SER A 96 34.81 11.20 47.94
N VAL A 97 34.71 12.39 48.55
CA VAL A 97 33.45 12.78 49.16
C VAL A 97 32.39 13.05 48.09
N LYS A 98 32.79 13.55 46.93
CA LYS A 98 31.84 13.76 45.83
C LYS A 98 31.26 12.42 45.36
N ASP A 99 32.11 11.40 45.19
CA ASP A 99 31.62 10.09 44.79
C ASP A 99 30.79 9.45 45.89
N TRP A 100 31.14 9.68 47.15
CA TRP A 100 30.33 9.15 48.25
C TRP A 100 28.93 9.76 48.25
N ALA A 101 28.86 11.08 48.13
CA ALA A 101 27.57 11.75 48.07
C ALA A 101 26.78 11.33 46.82
N GLY A 102 27.48 11.04 45.72
CA GLY A 102 26.81 10.53 44.54
C GLY A 102 26.36 9.09 44.64
N VAL A 103 26.98 8.30 45.54
CA VAL A 103 26.61 6.89 45.63
C VAL A 103 25.56 6.64 46.71
N MET A 104 25.38 7.55 47.67
CA MET A 104 24.18 7.45 48.50
C MET A 104 22.91 7.59 47.66
N ILE A 105 22.84 8.61 46.82
CA ILE A 105 21.65 8.88 46.02
C ILE A 105 21.79 8.20 44.66
N SER A 106 20.93 7.22 44.41
CA SER A 106 20.91 6.48 43.15
C SER A 106 19.57 5.79 43.02
N ALA A 107 19.24 5.42 41.78
CA ALA A 107 18.01 4.66 41.55
C ALA A 107 18.16 3.21 42.00
N GLN A 108 19.39 2.68 42.00
CA GLN A 108 19.64 1.30 42.40
C GLN A 108 19.99 1.17 43.87
N THR A 109 20.57 2.20 44.46
CA THR A 109 20.96 2.15 45.87
C THR A 109 19.71 2.19 46.76
N LEU A 110 19.66 1.27 47.72
CA LEU A 110 18.52 1.22 48.65
C LEU A 110 18.45 2.48 49.50
N THR A 111 19.62 3.01 49.89
CA THR A 111 19.65 4.24 50.67
C THR A 111 19.04 5.40 49.90
N GLY A 112 19.37 5.52 48.60
CA GLY A 112 18.74 6.56 47.79
C GLY A 112 17.25 6.37 47.65
N ARG A 113 16.80 5.12 47.52
CA ARG A 113 15.37 4.84 47.39
C ARG A 113 14.62 5.26 48.65
N VAL A 114 15.11 4.85 49.82
CA VAL A 114 14.43 5.24 51.05
C VAL A 114 14.57 6.74 51.28
N LEU A 115 15.64 7.35 50.80
CA LEU A 115 15.81 8.80 50.95
C LEU A 115 14.77 9.56 50.13
N VAL A 116 14.55 9.15 48.89
CA VAL A 116 13.56 9.84 48.06
C VAL A 116 12.14 9.55 48.56
N VAL A 117 11.88 8.35 49.06
CA VAL A 117 10.58 8.08 49.65
C VAL A 117 10.33 8.96 50.87
N LEU A 118 11.35 9.10 51.72
CA LEU A 118 11.20 9.93 52.92
C LEU A 118 11.02 11.40 52.55
N VAL A 119 11.77 11.89 51.56
CA VAL A 119 11.63 13.30 51.20
C VAL A 119 10.27 13.55 50.55
N PHE A 120 9.73 12.57 49.81
CA PHE A 120 8.37 12.71 49.29
C PHE A 120 7.34 12.72 50.41
N ALA A 121 7.52 11.87 51.42
CA ALA A 121 6.59 11.87 52.56
C ALA A 121 6.63 13.19 53.31
N LEU A 122 7.83 13.74 53.52
CA LEU A 122 7.95 15.05 54.15
C LEU A 122 7.38 16.15 53.28
N SER A 123 7.46 16.01 51.95
CA SER A 123 6.84 16.98 51.07
C SER A 123 5.32 16.96 51.20
N ILE A 124 4.74 15.76 51.30
CA ILE A 124 3.30 15.64 51.53
C ILE A 124 2.92 16.25 52.86
N GLY A 125 3.74 16.01 53.89
CA GLY A 125 3.48 16.61 55.18
C GLY A 125 3.52 18.13 55.15
N ALA A 126 4.51 18.69 54.44
CA ALA A 126 4.59 20.14 54.30
C ALA A 126 3.39 20.69 53.54
N LEU A 127 2.92 19.96 52.52
CA LEU A 127 1.73 20.38 51.79
C LEU A 127 0.50 20.39 52.70
N VAL A 128 0.36 19.37 53.55
CA VAL A 128 -0.75 19.33 54.49
C VAL A 128 -0.66 20.48 55.49
N ILE A 129 0.55 20.78 55.97
CA ILE A 129 0.74 21.89 56.90
C ILE A 129 0.38 23.21 56.24
N TYR A 130 0.74 23.37 54.96
CA TYR A 130 0.34 24.57 54.22
C TYR A 130 -1.17 24.65 54.06
N PHE A 131 -1.82 23.51 53.80
CA PHE A 131 -3.27 23.49 53.69
C PHE A 131 -3.93 23.93 54.99
N ILE A 132 -3.40 23.47 56.12
CA ILE A 132 -3.93 23.89 57.41
C ILE A 132 -3.67 25.38 57.65
N ASP A 133 -2.47 25.85 57.32
CA ASP A 133 -2.08 27.23 57.59
C ASP A 133 -2.73 28.23 56.64
N SER A 134 -3.31 27.78 55.53
CA SER A 134 -3.94 28.69 54.59
C SER A 134 -5.11 29.45 55.21
N SER A 135 -5.75 28.87 56.22
CA SER A 135 -6.88 29.56 56.87
C SER A 135 -6.41 30.77 57.67
N ASN A 136 -5.16 30.76 58.13
CA ASN A 136 -4.62 31.87 58.89
C ASN A 136 -4.39 33.06 57.96
N PRO A 137 -4.30 34.28 58.52
CA PRO A 137 -4.00 35.45 57.68
C PRO A 137 -2.64 35.34 57.02
N ILE A 138 -2.47 36.11 55.94
CA ILE A 138 -1.28 36.01 55.10
C ILE A 138 -0.04 36.40 55.91
N GLU A 139 -0.12 37.50 56.66
CA GLU A 139 0.98 37.97 57.50
C GLU A 139 0.55 37.94 58.96
N SER A 140 1.36 37.31 59.80
CA SER A 140 1.06 37.21 61.22
C SER A 140 2.36 36.98 61.98
N CYS A 141 2.31 37.24 63.28
CA CYS A 141 3.44 37.02 64.18
C CYS A 141 3.08 35.93 65.17
N GLN A 142 3.97 34.97 65.36
CA GLN A 142 3.73 33.85 66.25
C GLN A 142 5.06 33.40 66.86
N ASN A 143 5.05 33.15 68.16
CA ASN A 143 6.26 32.76 68.87
C ASN A 143 6.64 31.33 68.51
N PHE A 144 7.96 31.10 68.36
CA PHE A 144 8.45 29.76 68.07
C PHE A 144 8.19 28.80 69.23
N TYR A 145 8.41 29.26 70.46
CA TYR A 145 8.25 28.38 71.62
C TYR A 145 6.78 28.01 71.82
N LYS A 146 5.87 28.96 71.63
CA LYS A 146 4.45 28.67 71.83
C LYS A 146 3.90 27.76 70.75
N ASP A 147 4.27 27.99 69.49
CA ASP A 147 3.74 27.23 68.38
C ASP A 147 4.44 25.88 68.28
N PHE A 148 3.71 24.90 67.76
CA PHE A 148 4.24 23.56 67.55
C PHE A 148 4.31 23.15 66.08
N THR A 149 3.38 23.61 65.25
CA THR A 149 3.40 23.27 63.83
C THR A 149 4.60 23.86 63.12
N LEU A 150 5.00 25.08 63.50
CA LEU A 150 6.16 25.70 62.87
C LEU A 150 7.45 24.96 63.22
N GLN A 151 7.49 24.33 64.39
CA GLN A 151 8.66 23.54 64.76
C GLN A 151 8.85 22.35 63.82
N ILE A 152 7.78 21.60 63.57
CA ILE A 152 7.90 20.45 62.67
C ILE A 152 8.04 20.93 61.23
N ASP A 153 7.54 22.12 60.90
CA ASP A 153 7.78 22.69 59.59
C ASP A 153 9.27 22.96 59.37
N MET A 154 9.93 23.53 60.37
CA MET A 154 11.37 23.72 60.26
C MET A 154 12.11 22.40 60.32
N ALA A 155 11.57 21.40 61.02
CA ALA A 155 12.17 20.07 61.03
C ALA A 155 12.18 19.46 59.64
N PHE A 156 11.09 19.64 58.90
CA PHE A 156 11.07 19.21 57.50
C PHE A 156 12.01 20.06 56.65
N ASN A 157 12.05 21.37 56.91
CA ASN A 157 12.82 22.28 56.07
C ASN A 157 14.32 22.05 56.20
N VAL A 158 14.80 21.72 57.41
CA VAL A 158 16.22 21.47 57.56
C VAL A 158 16.62 20.18 56.86
N PHE A 159 15.74 19.17 56.87
CA PHE A 159 15.99 17.97 56.10
C PHE A 159 16.03 18.26 54.61
N PHE A 160 15.13 19.12 54.13
CA PHE A 160 15.18 19.53 52.73
C PHE A 160 16.48 20.25 52.41
N LEU A 161 16.95 21.11 53.32
CA LEU A 161 18.21 21.81 53.10
C LEU A 161 19.39 20.85 53.06
N LEU A 162 19.43 19.88 53.96
CA LEU A 162 20.50 18.88 53.94
C LEU A 162 20.47 18.05 52.67
N TYR A 163 19.28 17.65 52.22
CA TYR A 163 19.17 16.92 50.96
C TYR A 163 19.64 17.76 49.78
N PHE A 164 19.27 19.05 49.77
CA PHE A 164 19.72 19.94 48.71
C PHE A 164 21.25 20.08 48.71
N GLY A 165 21.85 20.22 49.89
CA GLY A 165 23.30 20.29 49.96
C GLY A 165 23.97 19.01 49.50
N LEU A 166 23.38 17.86 49.85
CA LEU A 166 23.95 16.59 49.43
C LEU A 166 23.88 16.42 47.92
N ARG A 167 22.80 16.88 47.29
CA ARG A 167 22.74 16.88 45.84
C ARG A 167 23.72 17.89 45.24
N PHE A 168 23.90 19.04 45.91
CA PHE A 168 24.79 20.07 45.38
C PHE A 168 26.23 19.61 45.36
N ILE A 169 26.70 18.97 46.43
CA ILE A 169 28.08 18.50 46.45
C ILE A 169 28.28 17.35 45.46
N ALA A 170 27.25 16.55 45.23
CA ALA A 170 27.31 15.48 44.23
C ALA A 170 26.71 15.93 42.91
N ALA A 171 27.26 17.00 42.35
CA ALA A 171 26.81 17.56 41.09
C ALA A 171 27.98 17.68 40.13
N ASN A 172 27.85 17.09 38.94
CA ASN A 172 28.91 17.22 37.94
C ASN A 172 28.95 18.62 37.35
N ASP A 173 27.79 19.23 37.10
CA ASP A 173 27.70 20.59 36.60
C ASP A 173 26.80 21.38 37.53
N LYS A 174 27.31 22.50 38.05
CA LYS A 174 26.55 23.27 39.02
C LYS A 174 25.44 24.10 38.38
N LEU A 175 25.60 24.51 37.12
CA LEU A 175 24.59 25.34 36.47
C LEU A 175 23.31 24.55 36.21
N TRP A 176 23.45 23.36 35.61
CA TRP A 176 22.27 22.55 35.30
C TRP A 176 21.57 22.07 36.55
N PHE A 177 22.33 21.73 37.60
CA PHE A 177 21.71 21.41 38.88
C PHE A 177 21.05 22.64 39.49
N TRP A 178 21.61 23.82 39.26
CA TRP A 178 21.08 25.05 39.84
C TRP A 178 19.86 25.55 39.08
N LEU A 179 19.59 25.03 37.89
CA LEU A 179 18.44 25.43 37.10
C LEU A 179 17.45 24.28 36.94
N GLU A 180 17.18 23.55 38.01
CA GLU A 180 16.13 22.53 38.03
C GLU A 180 15.00 22.99 38.96
N VAL A 181 13.83 22.37 38.77
CA VAL A 181 12.64 22.81 39.49
C VAL A 181 12.76 22.53 40.99
N ASN A 182 13.40 21.41 41.35
CA ASN A 182 13.54 21.06 42.76
C ASN A 182 14.42 22.09 43.49
N SER A 183 15.49 22.54 42.84
CA SER A 183 16.34 23.56 43.44
C SER A 183 15.58 24.86 43.64
N VAL A 184 14.76 25.24 42.66
CA VAL A 184 13.96 26.46 42.77
C VAL A 184 12.96 26.36 43.91
N VAL A 185 12.32 25.20 44.06
CA VAL A 185 11.40 24.99 45.18
C VAL A 185 12.15 25.12 46.51
N ASP A 186 13.34 24.54 46.60
CA ASP A 186 14.14 24.67 47.82
C ASP A 186 14.50 26.12 48.10
N PHE A 187 14.87 26.87 47.06
CA PHE A 187 15.24 28.27 47.23
C PHE A 187 14.05 29.10 47.70
N PHE A 188 12.86 28.79 47.20
CA PHE A 188 11.68 29.54 47.59
C PHE A 188 11.00 28.98 48.83
N THR A 189 11.52 27.90 49.41
CA THR A 189 10.97 27.34 50.63
C THR A 189 11.84 27.55 51.86
N VAL A 190 13.13 27.25 51.80
CA VAL A 190 13.96 27.21 53.00
C VAL A 190 14.49 28.59 53.42
N PRO A 191 14.99 29.44 52.53
CA PRO A 191 15.39 30.80 52.96
C PRO A 191 14.24 31.58 53.58
N PRO A 192 13.00 31.52 53.05
CA PRO A 192 11.92 32.23 53.75
C PRO A 192 11.62 31.70 55.14
N VAL A 193 11.75 30.40 55.38
CA VAL A 193 11.47 29.92 56.73
C VAL A 193 12.62 30.31 57.68
N PHE A 194 13.86 30.38 57.18
CA PHE A 194 14.93 30.95 58.00
C PHE A 194 14.65 32.42 58.32
N VAL A 195 14.16 33.19 57.34
CA VAL A 195 13.83 34.58 57.60
C VAL A 195 12.70 34.69 58.62
N SER A 196 11.72 33.79 58.52
CA SER A 196 10.60 33.80 59.47
C SER A 196 11.07 33.49 60.90
N VAL A 197 11.95 32.50 61.06
CA VAL A 197 12.41 32.17 62.40
C VAL A 197 13.36 33.24 62.93
N TYR A 198 14.06 33.95 62.04
CA TYR A 198 14.92 35.04 62.49
C TYR A 198 14.10 36.24 62.94
N LEU A 199 13.09 36.62 62.16
CA LEU A 199 12.30 37.82 62.41
C LEU A 199 11.11 37.57 63.31
N ASN A 200 10.81 36.30 63.63
CA ASN A 200 9.67 35.91 64.46
C ASN A 200 8.35 36.43 63.89
N ARG A 201 8.22 36.34 62.57
CA ARG A 201 6.99 36.72 61.87
C ARG A 201 6.78 35.76 60.70
N SER A 202 5.53 35.39 60.46
CA SER A 202 5.19 34.37 59.49
C SER A 202 4.50 34.98 58.28
N TRP A 203 4.88 34.50 57.10
CA TRP A 203 4.25 34.88 55.84
C TRP A 203 3.97 33.60 55.05
N LEU A 204 2.80 33.56 54.40
CA LEU A 204 2.40 32.36 53.69
C LEU A 204 3.33 32.06 52.52
N GLY A 205 3.56 33.06 51.67
CA GLY A 205 4.54 32.95 50.61
C GLY A 205 4.23 31.88 49.58
N LEU A 206 5.29 31.26 49.07
CA LEU A 206 5.22 30.27 48.01
C LEU A 206 5.39 28.85 48.53
N ARG A 207 4.82 28.55 49.71
CA ARG A 207 4.94 27.22 50.30
C ARG A 207 4.17 26.16 49.53
N PHE A 208 3.30 26.56 48.59
CA PHE A 208 2.54 25.59 47.80
C PHE A 208 3.40 24.90 46.74
N LEU A 209 4.56 25.49 46.40
CA LEU A 209 5.40 24.91 45.35
C LEU A 209 5.88 23.51 45.69
N ARG A 210 5.88 23.14 46.97
CA ARG A 210 6.24 21.79 47.39
C ARG A 210 5.37 20.74 46.72
N ALA A 211 4.14 21.11 46.31
CA ALA A 211 3.25 20.19 45.62
C ALA A 211 3.86 19.67 44.32
N LEU A 212 4.82 20.38 43.74
CA LEU A 212 5.47 19.88 42.53
C LEU A 212 6.19 18.56 42.77
N ARG A 213 6.50 18.23 44.03
CA ARG A 213 7.09 16.93 44.33
C ARG A 213 6.19 15.78 43.91
N LEU A 214 4.88 16.03 43.76
CA LEU A 214 3.97 14.99 43.28
C LEU A 214 4.34 14.48 41.90
N ILE A 215 5.10 15.27 41.12
CA ILE A 215 5.55 14.80 39.80
C ILE A 215 6.41 13.55 39.93
N GLN A 216 7.12 13.39 41.05
CA GLN A 216 7.93 12.20 41.26
C GLN A 216 7.13 11.00 41.73
N PHE A 217 5.83 11.17 41.99
CA PHE A 217 5.02 10.14 42.64
C PHE A 217 5.09 8.81 41.90
N SER A 218 4.96 8.85 40.58
CA SER A 218 4.96 7.63 39.78
C SER A 218 6.22 6.81 40.00
N GLU A 219 7.37 7.50 40.17
CA GLU A 219 8.62 6.78 40.39
C GLU A 219 8.55 5.92 41.65
N ILE A 220 7.94 6.45 42.71
CA ILE A 220 7.77 5.66 43.94
C ILE A 220 6.88 4.46 43.68
N LEU A 221 5.85 4.63 42.83
CA LEU A 221 5.02 3.49 42.48
C LEU A 221 5.77 2.45 41.68
N GLN A 222 6.90 2.83 41.09
CA GLN A 222 7.78 1.85 40.46
C GLN A 222 8.77 1.25 41.45
N PHE A 223 9.08 1.96 42.54
CA PHE A 223 10.02 1.44 43.53
C PHE A 223 9.39 0.33 44.37
N LEU A 224 8.11 0.48 44.72
CA LEU A 224 7.42 -0.49 45.55
C LEU A 224 6.73 -1.57 44.73
N ASN A 225 7.10 -1.72 43.46
CA ASN A 225 6.58 -2.75 42.56
C ASN A 225 5.07 -2.63 42.35
N ILE A 226 4.50 -1.45 42.61
CA ILE A 226 3.06 -1.27 42.39
C ILE A 226 2.75 -1.23 40.90
N LEU A 227 3.56 -0.53 40.12
CA LEU A 227 3.34 -0.38 38.68
C LEU A 227 4.34 -1.23 37.92
N LYS A 228 3.84 -1.98 36.93
CA LYS A 228 4.68 -2.79 36.05
C LYS A 228 4.58 -2.36 34.60
N THR A 229 3.38 -2.16 34.09
CA THR A 229 3.20 -1.78 32.70
C THR A 229 3.60 -0.31 32.50
N SER A 230 4.28 -0.05 31.37
CA SER A 230 4.71 1.31 31.07
C SER A 230 3.53 2.24 30.82
N ASN A 231 2.44 1.72 30.25
CA ASN A 231 1.26 2.55 30.01
C ASN A 231 0.69 3.08 31.31
N SER A 232 0.59 2.22 32.33
CA SER A 232 0.12 2.68 33.63
C SER A 232 1.09 3.69 34.24
N ILE A 233 2.38 3.48 34.05
CA ILE A 233 3.38 4.41 34.60
C ILE A 233 3.22 5.79 33.98
N LYS A 234 3.06 5.85 32.66
CA LYS A 234 2.94 7.15 32.01
C LYS A 234 1.58 7.78 32.28
N LEU A 235 0.53 6.98 32.47
CA LEU A 235 -0.76 7.53 32.88
C LEU A 235 -0.68 8.16 34.26
N VAL A 236 -0.01 7.48 35.20
CA VAL A 236 0.15 8.03 36.55
C VAL A 236 1.00 9.29 36.50
N ASN A 237 2.03 9.31 35.63
CA ASN A 237 2.84 10.51 35.47
C ASN A 237 2.01 11.68 34.94
N LEU A 238 1.14 11.42 33.96
CA LEU A 238 0.28 12.46 33.41
C LEU A 238 -0.66 13.01 34.47
N LEU A 239 -1.29 12.11 35.24
CA LEU A 239 -2.20 12.57 36.29
C LEU A 239 -1.46 13.36 37.37
N SER A 240 -0.25 12.93 37.72
CA SER A 240 0.53 13.64 38.72
C SER A 240 0.90 15.03 38.25
N ILE A 241 1.31 15.16 36.97
CA ILE A 241 1.64 16.47 36.42
C ILE A 241 0.41 17.38 36.44
N PHE A 242 -0.73 16.84 36.02
CA PHE A 242 -1.96 17.65 35.98
C PHE A 242 -2.35 18.11 37.38
N ILE A 243 -2.31 17.21 38.36
CA ILE A 243 -2.73 17.55 39.71
C ILE A 243 -1.75 18.56 40.34
N SER A 244 -0.45 18.37 40.12
CA SER A 244 0.53 19.30 40.67
C SER A 244 0.37 20.70 40.07
N THR A 245 0.16 20.78 38.75
CA THR A 245 -0.06 22.08 38.12
C THR A 245 -1.33 22.73 38.64
N TRP A 246 -2.41 21.95 38.78
CA TRP A 246 -3.66 22.47 39.30
C TRP A 246 -3.48 23.05 40.70
N LEU A 247 -2.85 22.29 41.60
CA LEU A 247 -2.69 22.74 42.98
C LEU A 247 -1.77 23.95 43.07
N THR A 248 -0.68 23.97 42.29
CA THR A 248 0.25 25.09 42.33
C THR A 248 -0.43 26.37 41.83
N ALA A 249 -1.17 26.26 40.71
CA ALA A 249 -1.86 27.43 40.19
C ALA A 249 -2.92 27.93 41.16
N ALA A 250 -3.65 27.00 41.80
CA ALA A 250 -4.66 27.40 42.77
C ALA A 250 -4.05 28.11 43.96
N GLY A 251 -2.92 27.60 44.48
CA GLY A 251 -2.26 28.26 45.59
C GLY A 251 -1.71 29.62 45.22
N PHE A 252 -1.19 29.75 43.99
CA PHE A 252 -0.65 31.03 43.56
C PHE A 252 -1.75 32.08 43.40
N ILE A 253 -2.91 31.66 42.85
CA ILE A 253 -4.06 32.55 42.76
C ILE A 253 -4.54 32.93 44.16
N HIS A 254 -4.55 31.96 45.09
CA HIS A 254 -4.93 32.26 46.47
C HIS A 254 -4.04 33.33 47.07
N LEU A 255 -2.72 33.19 46.88
CA LEU A 255 -1.78 34.17 47.42
C LEU A 255 -2.02 35.56 46.82
N VAL A 256 -2.10 35.64 45.49
CA VAL A 256 -2.22 36.96 44.87
C VAL A 256 -3.56 37.61 45.19
N GLU A 257 -4.63 36.82 45.32
CA GLU A 257 -5.93 37.40 45.65
C GLU A 257 -6.03 37.84 47.10
N ASN A 258 -5.53 37.02 48.03
CA ASN A 258 -5.64 37.38 49.45
C ASN A 258 -4.66 38.48 49.82
N SER A 259 -3.51 38.56 49.15
CA SER A 259 -2.53 39.58 49.51
C SER A 259 -2.99 40.97 49.08
N GLY A 260 -3.49 41.11 47.85
CA GLY A 260 -3.88 42.40 47.32
C GLY A 260 -2.77 43.06 46.53
N ASP A 261 -3.15 44.09 45.80
CA ASP A 261 -2.19 44.81 44.95
C ASP A 261 -1.32 45.72 45.80
N PRO A 262 0.01 45.63 45.66
CA PRO A 262 0.89 46.49 46.47
C PRO A 262 0.69 47.98 46.22
N TRP A 263 0.45 48.38 44.97
CA TRP A 263 0.32 49.80 44.65
C TRP A 263 -1.01 50.40 45.09
N GLU A 264 -1.98 49.58 45.46
CA GLU A 264 -3.25 50.04 46.01
C GLU A 264 -3.26 50.00 47.53
N ASN A 265 -2.10 49.82 48.16
CA ASN A 265 -1.95 49.73 49.61
C ASN A 265 -2.78 48.58 50.19
N PHE A 266 -2.88 47.49 49.42
CA PHE A 266 -3.52 46.25 49.86
C PHE A 266 -4.96 46.47 50.32
N GLN A 267 -5.67 47.35 49.61
CA GLN A 267 -7.06 47.64 49.95
C GLN A 267 -8.07 46.96 49.03
N ASN A 268 -7.60 46.32 47.95
CA ASN A 268 -8.49 45.61 47.03
C ASN A 268 -8.42 44.09 47.23
N ASN A 269 -8.00 43.64 48.40
CA ASN A 269 -7.91 42.21 48.67
C ASN A 269 -9.31 41.60 48.73
N GLN A 270 -9.40 40.34 48.29
CA GLN A 270 -10.65 39.61 48.26
C GLN A 270 -10.53 38.39 49.15
N ALA A 271 -11.47 38.25 50.10
CA ALA A 271 -11.49 37.09 50.99
C ALA A 271 -11.85 35.86 50.18
N LEU A 272 -10.88 34.99 49.95
CA LEU A 272 -11.07 33.85 49.05
C LEU A 272 -10.23 32.69 49.58
N THR A 273 -10.89 31.61 49.98
CA THR A 273 -10.20 30.47 50.56
C THR A 273 -9.46 29.69 49.47
N TYR A 274 -8.54 28.83 49.92
CA TYR A 274 -7.73 28.04 48.99
C TYR A 274 -8.59 27.09 48.16
N TRP A 275 -9.55 26.43 48.80
CA TRP A 275 -10.38 25.47 48.08
C TRP A 275 -11.31 26.17 47.09
N GLU A 276 -11.73 27.39 47.40
CA GLU A 276 -12.46 28.19 46.42
C GLU A 276 -11.60 28.52 45.21
N CYS A 277 -10.30 28.76 45.43
CA CYS A 277 -9.40 28.95 44.29
C CYS A 277 -9.20 27.66 43.49
N VAL A 278 -9.18 26.52 44.18
CA VAL A 278 -9.12 25.23 43.47
C VAL A 278 -10.35 25.06 42.59
N TYR A 279 -11.52 25.38 43.14
CA TYR A 279 -12.77 25.32 42.38
C TYR A 279 -12.73 26.28 41.19
N LEU A 280 -12.21 27.49 41.40
CA LEU A 280 -12.12 28.46 40.31
C LEU A 280 -11.20 27.97 39.21
N LEU A 281 -10.05 27.38 39.58
CA LEU A 281 -9.13 26.86 38.58
C LEU A 281 -9.75 25.73 37.78
N MET A 282 -10.49 24.83 38.46
CA MET A 282 -11.14 23.74 37.72
C MET A 282 -12.24 24.26 36.81
N VAL A 283 -13.00 25.25 37.25
CA VAL A 283 -14.03 25.83 36.39
C VAL A 283 -13.40 26.52 35.19
N THR A 284 -12.25 27.16 35.39
CA THR A 284 -11.57 27.86 34.29
C THR A 284 -11.02 26.87 33.27
N MET A 285 -10.32 25.83 33.74
CA MET A 285 -9.64 24.91 32.82
C MET A 285 -10.63 24.11 31.99
N SER A 286 -11.87 23.96 32.45
CA SER A 286 -12.90 23.28 31.69
C SER A 286 -13.64 24.19 30.72
N THR A 287 -13.26 25.48 30.68
CA THR A 287 -13.91 26.49 29.84
C THR A 287 -15.42 26.56 30.11
N VAL A 288 -15.79 26.51 31.39
CA VAL A 288 -17.18 26.66 31.79
C VAL A 288 -17.40 28.12 32.20
N GLY A 289 -16.68 28.56 33.22
CA GLY A 289 -16.70 29.95 33.62
C GLY A 289 -18.03 30.44 34.14
N TYR A 290 -18.45 29.97 35.31
CA TYR A 290 -19.69 30.44 35.92
C TYR A 290 -19.63 31.94 36.19
N GLY A 291 -18.51 32.42 36.72
CA GLY A 291 -18.40 33.79 37.14
C GLY A 291 -18.86 34.06 38.55
N ASP A 292 -19.26 33.03 39.29
CA ASP A 292 -19.61 33.22 40.70
C ASP A 292 -18.39 33.61 41.51
N VAL A 293 -17.22 33.05 41.20
CA VAL A 293 -15.95 33.43 41.81
C VAL A 293 -14.98 33.77 40.68
N TYR A 294 -14.21 34.82 40.87
CA TYR A 294 -13.25 35.25 39.86
C TYR A 294 -12.19 36.13 40.52
N ALA A 295 -11.12 36.40 39.78
CA ALA A 295 -10.05 37.25 40.28
C ALA A 295 -10.38 38.71 40.05
N LYS A 296 -10.30 39.51 41.11
CA LYS A 296 -10.64 40.93 41.05
C LYS A 296 -9.42 41.83 40.96
N THR A 297 -8.27 41.38 41.45
CA THR A 297 -7.07 42.21 41.43
C THR A 297 -6.43 42.21 40.04
N THR A 298 -5.57 43.21 39.80
CA THR A 298 -4.87 43.30 38.54
C THR A 298 -3.90 42.13 38.35
N LEU A 299 -3.12 41.82 39.40
CA LEU A 299 -2.21 40.69 39.33
C LEU A 299 -2.96 39.39 39.14
N GLY A 300 -4.08 39.21 39.83
CA GLY A 300 -4.87 38.00 39.67
C GLY A 300 -5.37 37.81 38.26
N ARG A 301 -5.87 38.88 37.64
CA ARG A 301 -6.36 38.79 36.27
C ARG A 301 -5.22 38.52 35.29
N LEU A 302 -4.07 39.17 35.49
CA LEU A 302 -2.92 38.92 34.63
C LEU A 302 -2.47 37.46 34.72
N PHE A 303 -2.39 36.94 35.94
CA PHE A 303 -1.97 35.56 36.12
C PHE A 303 -3.02 34.58 35.59
N MET A 304 -4.31 34.93 35.67
CA MET A 304 -5.33 34.09 35.07
C MET A 304 -5.19 34.04 33.55
N VAL A 305 -4.88 35.18 32.93
CA VAL A 305 -4.66 35.20 31.48
C VAL A 305 -3.48 34.31 31.12
N PHE A 306 -2.37 34.44 31.86
CA PHE A 306 -1.20 33.60 31.59
C PHE A 306 -1.50 32.12 31.82
N PHE A 307 -2.27 31.80 32.85
CA PHE A 307 -2.62 30.41 33.11
C PHE A 307 -3.51 29.84 32.01
N ILE A 308 -4.45 30.65 31.49
CA ILE A 308 -5.29 30.18 30.38
C ILE A 308 -4.42 29.88 29.16
N LEU A 309 -3.51 30.80 28.83
CA LEU A 309 -2.64 30.58 27.68
C LEU A 309 -1.77 29.34 27.87
N GLY A 310 -1.15 29.21 29.04
CA GLY A 310 -0.28 28.08 29.30
C GLY A 310 -1.02 26.76 29.32
N GLY A 311 -2.23 26.75 29.90
CA GLY A 311 -3.02 25.53 29.91
C GLY A 311 -3.46 25.10 28.52
N LEU A 312 -3.86 26.07 27.69
CA LEU A 312 -4.22 25.74 26.31
C LEU A 312 -3.01 25.17 25.56
N ALA A 313 -1.84 25.80 25.73
CA ALA A 313 -0.65 25.30 25.05
C ALA A 313 -0.27 23.89 25.55
N MET A 314 -0.34 23.68 26.85
CA MET A 314 0.00 22.37 27.42
C MET A 314 -0.96 21.30 26.95
N PHE A 315 -2.27 21.60 26.92
CA PHE A 315 -3.24 20.61 26.46
C PHE A 315 -3.03 20.30 24.99
N ALA A 316 -2.76 21.32 24.16
CA ALA A 316 -2.50 21.08 22.75
C ALA A 316 -1.24 20.24 22.55
N SER A 317 -0.25 20.42 23.41
CA SER A 317 0.97 19.62 23.30
C SER A 317 0.76 18.19 23.80
N TYR A 318 -0.09 18.00 24.80
CA TYR A 318 -0.27 16.70 25.43
C TYR A 318 -1.40 15.87 24.84
N VAL A 319 -2.14 16.40 23.86
CA VAL A 319 -3.15 15.59 23.17
C VAL A 319 -2.58 14.29 22.59
N PRO A 320 -1.43 14.27 21.89
CA PRO A 320 -0.95 12.99 21.32
C PRO A 320 -0.70 11.91 22.36
N GLU A 321 -0.20 12.26 23.55
CA GLU A 321 -0.02 11.26 24.58
C GLU A 321 -1.36 10.73 25.08
N ILE A 322 -2.38 11.58 25.14
CA ILE A 322 -3.72 11.12 25.49
C ILE A 322 -4.23 10.14 24.44
N ILE A 323 -3.97 10.42 23.16
CA ILE A 323 -4.36 9.50 22.10
C ILE A 323 -3.65 8.17 22.24
N GLU A 324 -2.35 8.21 22.55
CA GLU A 324 -1.60 6.96 22.75
C GLU A 324 -2.14 6.17 23.93
N LEU A 325 -2.52 6.86 25.02
CA LEU A 325 -3.15 6.18 26.14
C LEU A 325 -4.46 5.54 25.75
N ILE A 326 -5.27 6.23 24.92
CA ILE A 326 -6.49 5.62 24.42
C ILE A 326 -6.16 4.44 23.51
N GLY A 327 -5.21 4.63 22.60
CA GLY A 327 -4.69 3.53 21.79
C GLY A 327 -5.68 3.06 20.73
N ASN A 328 -5.26 2.01 20.03
CA ASN A 328 -6.07 1.37 19.00
C ASN A 328 -6.72 0.12 19.60
N ARG A 329 -8.03 0.18 19.80
CA ARG A 329 -8.75 -0.95 20.38
CA ARG A 329 -8.76 -0.94 20.38
C ARG A 329 -8.84 -2.09 19.38
N LYS A 330 -8.58 -3.30 19.86
CA LYS A 330 -8.69 -4.50 19.02
C LYS A 330 -10.17 -4.85 18.88
N LYS A 331 -10.69 -4.75 17.65
CA LYS A 331 -12.13 -4.88 17.46
C LYS A 331 -12.60 -6.32 17.64
N TYR A 332 -11.81 -7.28 17.18
CA TYR A 332 -12.22 -8.69 17.18
C TYR A 332 -11.42 -9.55 18.13
N GLY A 333 -10.67 -8.95 19.06
CA GLY A 333 -10.05 -9.72 20.11
C GLY A 333 -11.05 -10.12 21.18
N GLY A 334 -10.73 -11.20 21.90
CA GLY A 334 -11.56 -11.69 22.97
C GLY A 334 -11.80 -13.17 22.83
N SER A 335 -12.82 -13.66 23.53
CA SER A 335 -13.16 -15.07 23.53
C SER A 335 -14.66 -15.24 23.39
N TYR A 336 -15.06 -16.40 22.89
CA TYR A 336 -16.48 -16.73 22.74
C TYR A 336 -17.08 -17.09 24.10
N SER A 337 -18.26 -16.54 24.38
CA SER A 337 -18.96 -16.80 25.63
C SER A 337 -20.00 -17.91 25.39
N ALA A 338 -19.74 -19.08 25.94
CA ALA A 338 -20.63 -20.22 25.75
C ALA A 338 -21.95 -20.00 26.47
N VAL A 339 -23.04 -20.48 25.85
CA VAL A 339 -24.38 -20.37 26.41
C VAL A 339 -24.93 -21.79 26.57
N SER A 340 -25.46 -22.09 27.75
CA SER A 340 -26.02 -23.41 28.01
C SER A 340 -27.24 -23.65 27.13
N GLY A 341 -27.32 -24.86 26.58
CA GLY A 341 -28.41 -25.18 25.66
C GLY A 341 -28.32 -24.49 24.33
N ARG A 342 -27.13 -24.06 23.92
CA ARG A 342 -26.93 -23.33 22.66
C ARG A 342 -25.66 -23.87 22.01
N LYS A 343 -25.82 -24.77 21.05
CA LYS A 343 -24.67 -25.34 20.37
C LYS A 343 -24.02 -24.31 19.45
N HIS A 344 -22.72 -24.48 19.24
CA HIS A 344 -21.99 -23.61 18.33
C HIS A 344 -21.03 -24.44 17.48
N ILE A 345 -20.80 -23.97 16.26
CA ILE A 345 -19.83 -24.57 15.36
C ILE A 345 -18.80 -23.50 15.00
N VAL A 346 -17.59 -23.96 14.69
CA VAL A 346 -16.46 -23.09 14.38
C VAL A 346 -16.08 -23.29 12.91
N VAL A 347 -15.98 -22.19 12.18
CA VAL A 347 -15.64 -22.20 10.76
C VAL A 347 -14.31 -21.48 10.59
N CYS A 348 -13.37 -22.14 9.92
CA CYS A 348 -12.03 -21.60 9.72
C CYS A 348 -11.58 -21.93 8.29
N GLY A 349 -10.34 -21.58 7.99
CA GLY A 349 -9.79 -21.84 6.67
C GLY A 349 -9.72 -20.60 5.80
N HIS A 350 -10.35 -20.65 4.64
CA HIS A 350 -10.36 -19.53 3.70
C HIS A 350 -11.60 -18.69 4.00
N ILE A 351 -11.41 -17.64 4.79
CA ILE A 351 -12.51 -16.77 5.23
C ILE A 351 -12.41 -15.49 4.40
N THR A 352 -13.16 -15.47 3.30
CA THR A 352 -13.28 -14.30 2.44
C THR A 352 -14.75 -14.00 2.21
N LEU A 353 -15.02 -12.97 1.39
CA LEU A 353 -16.39 -12.48 1.23
C LEU A 353 -17.27 -13.52 0.53
N GLU A 354 -16.80 -14.05 -0.60
CA GLU A 354 -17.62 -14.97 -1.38
C GLU A 354 -17.85 -16.28 -0.62
N SER A 355 -16.81 -16.82 0.01
CA SER A 355 -16.95 -18.08 0.72
C SER A 355 -17.89 -17.96 1.91
N VAL A 356 -17.74 -16.88 2.69
CA VAL A 356 -18.61 -16.66 3.84
C VAL A 356 -20.04 -16.42 3.39
N SER A 357 -20.22 -15.63 2.32
CA SER A 357 -21.58 -15.37 1.81
C SER A 357 -22.25 -16.65 1.34
N ASN A 358 -21.53 -17.49 0.60
CA ASN A 358 -22.12 -18.75 0.14
C ASN A 358 -22.42 -19.68 1.30
N PHE A 359 -21.51 -19.75 2.28
CA PHE A 359 -21.73 -20.64 3.42
C PHE A 359 -22.92 -20.19 4.26
N LEU A 360 -23.07 -18.88 4.46
CA LEU A 360 -24.22 -18.37 5.22
C LEU A 360 -25.52 -18.53 4.43
N LYS A 361 -25.47 -18.38 3.11
CA LYS A 361 -26.66 -18.60 2.29
C LYS A 361 -27.10 -20.07 2.36
N ALA A 362 -26.14 -20.98 2.33
CA ALA A 362 -26.48 -22.40 2.38
C ALA A 362 -26.92 -22.82 3.78
N PHE A 363 -26.28 -22.29 4.82
CA PHE A 363 -26.53 -22.73 6.19
C PHE A 363 -27.70 -21.98 6.83
N LEU A 364 -27.61 -20.66 6.89
CA LEU A 364 -28.68 -19.84 7.47
C LEU A 364 -29.72 -19.57 6.40
N HIS A 365 -30.72 -20.46 6.34
CA HIS A 365 -31.78 -20.38 5.35
C HIS A 365 -33.12 -20.21 6.05
N LYS A 366 -34.04 -19.49 5.39
CA LYS A 366 -35.34 -19.22 5.99
C LYS A 366 -36.15 -20.50 6.17
N ALA A 367 -36.11 -21.39 5.18
CA ALA A 367 -36.86 -22.64 5.24
C ALA A 367 -36.27 -23.64 6.24
N ARG A 368 -35.07 -23.38 6.77
CA ARG A 368 -34.47 -24.27 7.74
C ARG A 368 -35.31 -24.32 9.00
N ASP A 369 -35.44 -25.52 9.57
CA ASP A 369 -36.20 -25.71 10.79
C ASP A 369 -35.48 -25.05 11.97
N ASP A 370 -36.17 -24.95 13.10
CA ASP A 370 -35.62 -24.27 14.27
C ASP A 370 -34.37 -24.99 14.78
N VAL A 371 -33.21 -24.39 14.59
CA VAL A 371 -31.93 -24.97 14.97
C VAL A 371 -31.15 -23.96 15.80
N ASN A 372 -30.64 -24.41 16.95
CA ASN A 372 -29.89 -23.54 17.86
C ASN A 372 -28.38 -23.74 17.70
N VAL A 373 -27.87 -23.36 16.53
CA VAL A 373 -26.44 -23.45 16.24
C VAL A 373 -25.94 -22.05 15.94
N GLU A 374 -24.90 -21.64 16.66
CA GLU A 374 -24.25 -20.34 16.45
C GLU A 374 -22.93 -20.55 15.71
N ILE A 375 -22.72 -19.75 14.67
CA ILE A 375 -21.53 -19.87 13.83
C ILE A 375 -20.46 -18.91 14.36
N VAL A 376 -19.25 -19.43 14.56
CA VAL A 376 -18.12 -18.64 15.04
C VAL A 376 -17.01 -18.78 14.02
N PHE A 377 -16.64 -17.68 13.38
CA PHE A 377 -15.57 -17.68 12.39
C PHE A 377 -14.24 -17.36 13.07
N LEU A 378 -13.20 -18.08 12.66
CA LEU A 378 -11.86 -17.89 13.19
C LEU A 378 -10.89 -17.72 12.04
N HIS A 379 -10.29 -16.53 11.93
CA HIS A 379 -9.34 -16.26 10.87
C HIS A 379 -8.38 -15.16 11.33
N ASN A 380 -7.14 -15.24 10.86
CA ASN A 380 -6.09 -14.33 11.30
C ASN A 380 -6.02 -13.05 10.47
N ILE A 381 -6.80 -12.94 9.40
CA ILE A 381 -6.79 -11.76 8.54
C ILE A 381 -7.96 -10.86 8.91
N SER A 382 -7.67 -9.59 9.13
CA SER A 382 -8.71 -8.63 9.51
C SER A 382 -9.68 -8.44 8.35
N PRO A 383 -10.98 -8.48 8.60
CA PRO A 383 -11.95 -8.35 7.50
C PRO A 383 -12.00 -6.93 6.94
N ASN A 384 -12.46 -6.84 5.69
CA ASN A 384 -12.69 -5.57 5.04
C ASN A 384 -14.12 -5.08 5.32
N LEU A 385 -14.44 -3.89 4.79
CA LEU A 385 -15.67 -3.21 5.19
C LEU A 385 -16.92 -3.99 4.76
N GLU A 386 -16.92 -4.52 3.54
CA GLU A 386 -18.10 -5.25 3.06
C GLU A 386 -18.35 -6.51 3.87
N LEU A 387 -17.29 -7.24 4.22
CA LEU A 387 -17.46 -8.46 4.98
C LEU A 387 -17.83 -8.15 6.43
N GLU A 388 -17.33 -7.04 6.97
CA GLU A 388 -17.79 -6.59 8.29
C GLU A 388 -19.27 -6.25 8.28
N ALA A 389 -19.74 -5.60 7.22
CA ALA A 389 -21.17 -5.33 7.08
C ALA A 389 -21.95 -6.63 6.97
N LEU A 390 -21.38 -7.63 6.27
CA LEU A 390 -22.03 -8.93 6.19
C LEU A 390 -22.17 -9.57 7.56
N PHE A 391 -21.14 -9.47 8.40
CA PHE A 391 -21.27 -9.95 9.77
C PHE A 391 -22.31 -9.17 10.56
N LYS A 392 -22.34 -7.84 10.40
CA LYS A 392 -23.31 -7.02 11.12
C LYS A 392 -24.74 -7.35 10.70
N ARG A 393 -24.94 -7.80 9.47
CA ARG A 393 -26.27 -8.23 9.05
C ARG A 393 -26.76 -9.43 9.86
N HIS A 394 -25.85 -10.32 10.25
CA HIS A 394 -26.20 -11.53 11.00
C HIS A 394 -25.51 -11.55 12.36
N PHE A 395 -25.57 -10.43 13.08
CA PHE A 395 -24.89 -10.33 14.36
C PHE A 395 -25.58 -11.15 15.45
N THR A 396 -26.85 -11.53 15.25
CA THR A 396 -27.56 -12.32 16.25
C THR A 396 -27.23 -13.79 16.19
N GLN A 397 -26.59 -14.25 15.11
CA GLN A 397 -26.29 -15.67 14.95
C GLN A 397 -24.83 -15.96 14.58
N VAL A 398 -24.08 -14.98 14.11
CA VAL A 398 -22.72 -15.19 13.60
C VAL A 398 -21.76 -14.27 14.35
N GLU A 399 -20.67 -14.83 14.85
CA GLU A 399 -19.62 -14.06 15.50
C GLU A 399 -18.30 -14.32 14.79
N PHE A 400 -17.37 -13.37 14.93
CA PHE A 400 -16.05 -13.46 14.32
C PHE A 400 -14.98 -13.15 15.35
N TYR A 401 -13.90 -13.93 15.34
CA TYR A 401 -12.78 -13.70 16.23
C TYR A 401 -11.48 -13.83 15.45
N GLN A 402 -10.54 -12.92 15.71
CA GLN A 402 -9.25 -12.93 15.04
C GLN A 402 -8.30 -13.86 15.76
N GLY A 403 -7.75 -14.82 15.04
CA GLY A 403 -6.83 -15.78 15.63
C GLY A 403 -6.40 -16.80 14.60
N SER A 404 -5.58 -17.73 15.06
CA SER A 404 -5.02 -18.77 14.20
C SER A 404 -5.40 -20.15 14.73
N VAL A 405 -5.76 -21.04 13.81
CA VAL A 405 -6.07 -22.41 14.19
C VAL A 405 -4.84 -23.12 14.73
N LEU A 406 -3.67 -22.83 14.15
CA LEU A 406 -2.42 -23.46 14.57
C LEU A 406 -1.99 -23.04 15.97
N ASN A 407 -2.56 -21.97 16.52
CA ASN A 407 -2.24 -21.54 17.87
C ASN A 407 -3.25 -22.13 18.84
N PRO A 408 -2.80 -22.96 19.79
CA PRO A 408 -3.76 -23.57 20.74
C PRO A 408 -4.53 -22.56 21.59
N HIS A 409 -3.93 -21.40 21.88
CA HIS A 409 -4.62 -20.39 22.68
C HIS A 409 -5.86 -19.87 21.96
N ASP A 410 -5.75 -19.63 20.66
CA ASP A 410 -6.90 -19.18 19.88
C ASP A 410 -7.98 -20.25 19.81
N LEU A 411 -7.58 -21.52 19.77
CA LEU A 411 -8.55 -22.61 19.86
C LEU A 411 -9.24 -22.63 21.21
N ALA A 412 -8.50 -22.29 22.27
CA ALA A 412 -9.13 -22.19 23.60
C ALA A 412 -10.08 -21.00 23.69
N ARG A 413 -9.81 -19.92 22.95
CA ARG A 413 -10.67 -18.75 22.98
C ARG A 413 -12.06 -19.06 22.43
N VAL A 414 -12.14 -19.83 21.34
CA VAL A 414 -13.40 -20.08 20.65
C VAL A 414 -14.14 -21.25 21.26
N LYS A 415 -13.58 -21.81 22.35
CA LYS A 415 -14.16 -22.95 23.06
C LYS A 415 -14.35 -24.14 22.12
N ILE A 416 -13.25 -24.56 21.49
CA ILE A 416 -13.29 -25.68 20.57
C ILE A 416 -13.53 -27.00 21.30
N GLU A 417 -13.35 -27.04 22.61
CA GLU A 417 -13.59 -28.27 23.38
C GLU A 417 -15.07 -28.57 23.57
N SER A 418 -15.95 -27.60 23.32
CA SER A 418 -17.38 -27.79 23.46
C SER A 418 -18.14 -27.53 22.16
N ALA A 419 -17.43 -27.25 21.07
CA ALA A 419 -18.09 -27.01 19.80
C ALA A 419 -18.67 -28.29 19.23
N ASP A 420 -19.80 -28.15 18.52
CA ASP A 420 -20.45 -29.30 17.93
C ASP A 420 -19.60 -29.90 16.82
N ALA A 421 -19.06 -29.06 15.94
CA ALA A 421 -18.22 -29.53 14.84
C ALA A 421 -17.35 -28.38 14.36
N CYS A 422 -16.32 -28.73 13.60
CA CYS A 422 -15.41 -27.76 13.00
C CYS A 422 -15.45 -27.92 11.50
N LEU A 423 -15.75 -26.83 10.79
CA LEU A 423 -15.89 -26.84 9.35
C LEU A 423 -14.75 -26.03 8.73
N ILE A 424 -14.02 -26.64 7.81
CA ILE A 424 -12.84 -26.04 7.20
C ILE A 424 -13.11 -25.84 5.71
N LEU A 425 -13.05 -24.59 5.28
CA LEU A 425 -13.26 -24.21 3.89
C LEU A 425 -11.92 -24.04 3.18
N ALA A 426 -11.90 -24.39 1.91
CA ALA A 426 -10.69 -24.34 1.10
C ALA A 426 -10.71 -23.16 0.16
N ASN A 427 -9.51 -22.74 -0.26
CA ASN A 427 -9.35 -21.66 -1.23
C ASN A 427 -9.44 -22.27 -2.63
N LYS A 428 -10.62 -22.15 -3.25
CA LYS A 428 -10.83 -22.77 -4.55
C LYS A 428 -10.06 -22.08 -5.67
N TYR A 429 -9.55 -20.88 -5.43
CA TYR A 429 -8.86 -20.09 -6.45
C TYR A 429 -7.44 -19.83 -5.96
N CYS A 430 -6.54 -20.78 -6.24
CA CYS A 430 -5.15 -20.68 -5.84
C CYS A 430 -4.26 -21.27 -6.92
N ALA A 431 -3.01 -20.81 -6.95
CA ALA A 431 -2.06 -21.30 -7.94
C ALA A 431 -1.69 -22.76 -7.69
N ASP A 432 -1.45 -23.12 -6.44
CA ASP A 432 -1.04 -24.49 -6.08
C ASP A 432 -2.09 -25.12 -5.16
N PRO A 433 -2.95 -26.00 -5.69
CA PRO A 433 -3.91 -26.68 -4.82
C PRO A 433 -3.27 -27.56 -3.76
N ASP A 434 -2.07 -28.11 -4.03
CA ASP A 434 -1.43 -28.99 -3.08
C ASP A 434 -1.03 -28.26 -1.81
N ALA A 435 -0.58 -27.00 -1.93
CA ALA A 435 -0.23 -26.22 -0.75
C ALA A 435 -1.47 -25.94 0.10
N GLU A 436 -2.59 -25.61 -0.54
CA GLU A 436 -3.83 -25.38 0.20
C GLU A 436 -4.30 -26.65 0.89
N ASP A 437 -4.20 -27.79 0.21
CA ASP A 437 -4.57 -29.06 0.82
C ASP A 437 -3.69 -29.39 2.02
N ALA A 438 -2.37 -29.14 1.89
CA ALA A 438 -1.46 -29.37 3.01
C ALA A 438 -1.77 -28.46 4.19
N SER A 439 -2.11 -27.20 3.90
CA SER A 439 -2.48 -26.27 4.98
C SER A 439 -3.75 -26.73 5.68
N ASN A 440 -4.74 -27.20 4.92
CA ASN A 440 -5.97 -27.71 5.53
C ASN A 440 -5.70 -28.95 6.36
N ILE A 441 -4.82 -29.83 5.88
CA ILE A 441 -4.46 -31.02 6.64
C ILE A 441 -3.74 -30.64 7.93
N MET A 442 -2.88 -29.62 7.88
CA MET A 442 -2.23 -29.12 9.09
C MET A 442 -3.24 -28.56 10.07
N ARG A 443 -4.24 -27.84 9.58
CA ARG A 443 -5.29 -27.33 10.45
C ARG A 443 -6.06 -28.47 11.11
N VAL A 444 -6.38 -29.52 10.34
CA VAL A 444 -7.05 -30.69 10.90
C VAL A 444 -6.18 -31.34 11.97
N ILE A 445 -4.88 -31.46 11.71
CA ILE A 445 -3.96 -32.06 12.66
C ILE A 445 -3.91 -31.26 13.95
N SER A 446 -3.85 -29.93 13.84
CA SER A 446 -3.82 -29.08 15.03
C SER A 446 -5.11 -29.21 15.84
N ILE A 447 -6.27 -29.18 15.15
CA ILE A 447 -7.54 -29.28 15.85
C ILE A 447 -7.66 -30.63 16.55
N LYS A 448 -7.28 -31.71 15.88
CA LYS A 448 -7.36 -33.03 16.50
C LYS A 448 -6.34 -33.18 17.62
N ASN A 449 -5.19 -32.50 17.53
CA ASN A 449 -4.22 -32.54 18.62
C ASN A 449 -4.76 -31.83 19.85
N TYR A 450 -5.46 -30.72 19.67
CA TYR A 450 -6.06 -30.04 20.81
C TYR A 450 -7.18 -30.88 21.42
N HIS A 451 -8.08 -31.40 20.58
CA HIS A 451 -9.24 -32.16 21.04
C HIS A 451 -9.50 -33.29 20.06
N PRO A 452 -9.14 -34.53 20.41
CA PRO A 452 -9.27 -35.64 19.46
C PRO A 452 -10.71 -36.06 19.19
N LYS A 453 -11.66 -35.70 20.04
CA LYS A 453 -13.02 -36.20 19.92
C LYS A 453 -13.95 -35.30 19.12
N ILE A 454 -13.44 -34.19 18.58
CA ILE A 454 -14.29 -33.26 17.84
C ILE A 454 -14.53 -33.77 16.43
N ARG A 455 -15.73 -33.50 15.91
CA ARG A 455 -16.09 -33.84 14.55
C ARG A 455 -15.60 -32.75 13.60
N ILE A 456 -15.01 -33.16 12.48
CA ILE A 456 -14.41 -32.24 11.52
C ILE A 456 -14.98 -32.53 10.14
N ILE A 457 -15.46 -31.49 9.47
CA ILE A 457 -15.83 -31.55 8.06
C ILE A 457 -14.93 -30.58 7.31
N THR A 458 -14.15 -31.10 6.38
CA THR A 458 -13.14 -30.30 5.68
C THR A 458 -13.38 -30.32 4.18
N GLN A 459 -12.87 -29.30 3.50
CA GLN A 459 -12.89 -29.24 2.04
C GLN A 459 -11.51 -29.57 1.50
N MET A 460 -11.46 -30.44 0.49
CA MET A 460 -10.22 -30.85 -0.15
C MET A 460 -10.29 -30.49 -1.63
N LEU A 461 -9.21 -29.92 -2.15
CA LEU A 461 -9.20 -29.52 -3.56
C LEU A 461 -8.88 -30.70 -4.47
N GLN A 462 -7.79 -31.41 -4.20
CA GLN A 462 -7.37 -32.52 -5.04
C GLN A 462 -7.76 -33.84 -4.40
N TYR A 463 -8.05 -34.82 -5.26
CA TYR A 463 -8.53 -36.11 -4.77
C TYR A 463 -7.43 -36.95 -4.16
N HIS A 464 -6.19 -36.80 -4.63
CA HIS A 464 -5.09 -37.63 -4.14
C HIS A 464 -4.57 -37.17 -2.79
N ASN A 465 -4.97 -35.99 -2.30
CA ASN A 465 -4.46 -35.48 -1.03
C ASN A 465 -5.25 -35.96 0.17
N LYS A 466 -6.52 -36.30 -0.01
CA LYS A 466 -7.37 -36.70 1.12
C LYS A 466 -6.88 -37.97 1.79
N ALA A 467 -6.09 -38.78 1.09
CA ALA A 467 -5.52 -39.97 1.70
C ALA A 467 -4.60 -39.60 2.87
N HIS A 468 -4.02 -38.41 2.85
CA HIS A 468 -3.23 -37.95 3.98
C HIS A 468 -4.06 -37.90 5.26
N LEU A 469 -5.37 -37.67 5.14
CA LEU A 469 -6.24 -37.66 6.31
C LEU A 469 -6.32 -39.03 6.96
N LEU A 470 -6.00 -40.11 6.23
CA LEU A 470 -5.93 -41.42 6.84
C LEU A 470 -4.68 -41.63 7.67
N ASN A 471 -3.69 -40.75 7.56
CA ASN A 471 -2.48 -40.86 8.35
C ASN A 471 -2.63 -40.31 9.76
N ILE A 472 -3.69 -39.56 10.03
CA ILE A 472 -3.96 -39.03 11.36
C ILE A 472 -4.60 -40.13 12.20
N PRO A 473 -4.01 -40.50 13.33
CA PRO A 473 -4.59 -41.60 14.13
C PRO A 473 -5.96 -41.28 14.71
N SER A 474 -6.26 -40.01 14.95
CA SER A 474 -7.53 -39.63 15.55
C SER A 474 -8.61 -39.28 14.53
N TRP A 475 -8.32 -39.41 13.24
CA TRP A 475 -9.31 -39.16 12.20
C TRP A 475 -10.21 -40.38 12.08
N ASN A 476 -11.43 -40.27 12.61
CA ASN A 476 -12.39 -41.38 12.62
C ASN A 476 -13.50 -41.08 11.64
N TRP A 477 -13.51 -41.81 10.52
CA TRP A 477 -14.57 -41.62 9.53
C TRP A 477 -15.91 -42.16 10.01
N LYS A 478 -15.88 -43.19 10.87
CA LYS A 478 -17.11 -43.76 11.39
C LYS A 478 -17.80 -42.86 12.41
N GLU A 479 -17.11 -41.86 12.94
CA GLU A 479 -17.67 -40.98 13.96
C GLU A 479 -18.13 -39.64 13.42
N GLY A 480 -18.05 -39.44 12.10
CA GLY A 480 -18.57 -38.23 11.49
C GLY A 480 -17.55 -37.32 10.84
N ASP A 481 -16.27 -37.64 10.91
CA ASP A 481 -15.26 -36.83 10.23
C ASP A 481 -15.35 -37.06 8.72
N ASP A 482 -15.52 -35.98 7.97
CA ASP A 482 -15.75 -36.07 6.54
C ASP A 482 -14.87 -35.10 5.77
N ALA A 483 -14.44 -35.54 4.59
CA ALA A 483 -13.72 -34.70 3.64
C ALA A 483 -14.52 -34.62 2.36
N ILE A 484 -14.82 -33.40 1.93
CA ILE A 484 -15.58 -33.16 0.71
C ILE A 484 -14.59 -32.73 -0.37
N CYS A 485 -14.42 -33.55 -1.39
CA CYS A 485 -13.54 -33.24 -2.50
C CYS A 485 -14.34 -32.50 -3.56
N LEU A 486 -14.01 -31.22 -3.77
CA LEU A 486 -14.77 -30.38 -4.69
C LEU A 486 -14.65 -30.88 -6.13
N ALA A 487 -13.42 -31.15 -6.57
CA ALA A 487 -13.20 -31.59 -7.94
C ALA A 487 -13.85 -32.93 -8.21
N GLU A 488 -13.68 -33.89 -7.28
CA GLU A 488 -14.24 -35.22 -7.46
C GLU A 488 -15.76 -35.17 -7.56
N LEU A 489 -16.40 -34.50 -6.59
CA LEU A 489 -17.87 -34.43 -6.59
C LEU A 489 -18.39 -33.67 -7.80
N LYS A 490 -17.76 -32.55 -8.15
CA LYS A 490 -18.22 -31.75 -9.28
C LYS A 490 -18.11 -32.51 -10.59
N LEU A 491 -16.95 -33.14 -10.84
CA LEU A 491 -16.77 -33.86 -12.08
C LEU A 491 -17.60 -35.13 -12.11
N GLY A 492 -17.87 -35.74 -10.95
CA GLY A 492 -18.79 -36.85 -10.92
C GLY A 492 -20.22 -36.44 -11.26
N PHE A 493 -20.65 -35.29 -10.73
CA PHE A 493 -21.96 -34.76 -11.10
C PHE A 493 -22.05 -34.52 -12.59
N ILE A 494 -21.00 -33.93 -13.17
CA ILE A 494 -20.98 -33.67 -14.60
C ILE A 494 -21.01 -34.98 -15.40
N ALA A 495 -20.26 -35.99 -14.97
CA ALA A 495 -20.25 -37.26 -15.68
C ALA A 495 -21.60 -37.96 -15.59
N GLN A 496 -22.23 -37.94 -14.43
CA GLN A 496 -23.54 -38.56 -14.28
C GLN A 496 -24.60 -37.81 -15.08
N SER A 497 -24.44 -36.49 -15.23
CA SER A 497 -25.32 -35.75 -16.13
C SER A 497 -25.02 -36.06 -17.59
N CYS A 498 -23.77 -36.41 -17.91
CA CYS A 498 -23.46 -36.88 -19.25
C CYS A 498 -24.18 -38.20 -19.54
N LEU A 499 -24.21 -39.09 -18.55
CA LEU A 499 -24.96 -40.34 -18.72
C LEU A 499 -26.46 -40.09 -18.79
N ALA A 500 -26.96 -39.15 -17.98
CA ALA A 500 -28.39 -38.83 -17.97
C ALA A 500 -28.54 -37.37 -17.60
N GLN A 501 -28.93 -36.55 -18.57
CA GLN A 501 -28.98 -35.10 -18.38
C GLN A 501 -30.05 -34.72 -17.36
N GLY A 502 -29.75 -33.69 -16.58
CA GLY A 502 -30.63 -33.22 -15.54
C GLY A 502 -30.44 -33.87 -14.18
N LEU A 503 -29.54 -34.85 -14.08
CA LEU A 503 -29.32 -35.51 -12.80
C LEU A 503 -28.64 -34.59 -11.80
N SER A 504 -27.75 -33.71 -12.26
CA SER A 504 -27.10 -32.77 -11.36
C SER A 504 -28.12 -31.81 -10.74
N THR A 505 -29.07 -31.33 -11.54
CA THR A 505 -30.13 -30.47 -11.02
C THR A 505 -30.98 -31.21 -9.99
N MET A 506 -31.34 -32.46 -10.29
CA MET A 506 -32.14 -33.26 -9.36
C MET A 506 -31.41 -33.45 -8.04
N LEU A 507 -30.13 -33.81 -8.11
CA LEU A 507 -29.35 -34.01 -6.88
C LEU A 507 -29.19 -32.71 -6.10
N ALA A 508 -28.91 -31.60 -6.79
CA ALA A 508 -28.72 -30.32 -6.11
C ALA A 508 -30.01 -29.88 -5.42
N ASN A 509 -31.15 -30.06 -6.08
CA ASN A 509 -32.43 -29.73 -5.46
C ASN A 509 -32.83 -30.75 -4.39
N LEU A 510 -32.19 -31.93 -4.39
CA LEU A 510 -32.59 -32.98 -3.46
C LEU A 510 -32.08 -32.73 -2.04
N PHE A 511 -30.90 -32.13 -1.88
CA PHE A 511 -30.36 -31.86 -0.56
C PHE A 511 -30.25 -30.38 -0.23
N SER A 512 -30.96 -29.53 -0.98
CA SER A 512 -30.98 -28.10 -0.72
C SER A 512 -32.36 -27.69 -0.22
N MET A 513 -32.36 -26.73 0.70
CA MET A 513 -33.60 -26.25 1.31
C MET A 513 -34.12 -25.07 0.50
N ARG A 514 -35.29 -25.25 -0.11
CA ARG A 514 -35.90 -24.25 -0.97
C ARG A 514 -37.17 -23.73 -0.34
N SER A 515 -37.36 -22.41 -0.40
CA SER A 515 -38.57 -21.81 0.12
C SER A 515 -39.78 -22.21 -0.72
N PHE A 516 -40.92 -22.41 -0.06
CA PHE A 516 -42.12 -22.86 -0.73
C PHE A 516 -42.77 -21.69 -1.49
N ILE A 517 -42.99 -21.89 -2.79
CA ILE A 517 -43.64 -20.90 -3.64
C ILE A 517 -44.79 -21.60 -4.36
N LYS A 518 -45.97 -20.97 -4.31
CA LYS A 518 -47.16 -21.53 -4.93
C LYS A 518 -47.43 -20.85 -6.26
N ILE A 519 -47.52 -21.64 -7.33
CA ILE A 519 -47.80 -21.14 -8.67
C ILE A 519 -49.00 -21.89 -9.22
N GLU A 520 -50.01 -21.14 -9.69
CA GLU A 520 -51.23 -21.74 -10.20
C GLU A 520 -51.38 -21.64 -11.71
N GLU A 521 -50.61 -20.79 -12.38
CA GLU A 521 -50.69 -20.68 -13.82
C GLU A 521 -50.14 -21.93 -14.49
N ASP A 522 -50.75 -22.29 -15.63
CA ASP A 522 -50.39 -23.51 -16.35
C ASP A 522 -49.08 -23.28 -17.09
N THR A 523 -47.98 -23.40 -16.34
CA THR A 523 -46.63 -23.29 -16.87
C THR A 523 -45.80 -24.46 -16.37
N TRP A 524 -44.55 -24.53 -16.79
CA TRP A 524 -43.66 -25.59 -16.35
C TRP A 524 -43.14 -25.37 -14.94
N GLN A 525 -43.24 -24.13 -14.42
CA GLN A 525 -42.73 -23.84 -13.08
C GLN A 525 -43.50 -24.60 -12.01
N LYS A 526 -44.81 -24.76 -12.18
CA LYS A 526 -45.58 -25.48 -11.17
C LYS A 526 -45.23 -26.96 -11.14
N TYR A 527 -45.07 -27.58 -12.32
CA TYR A 527 -44.67 -28.98 -12.36
C TYR A 527 -43.26 -29.16 -11.82
N TYR A 528 -42.38 -28.19 -12.05
CA TYR A 528 -41.05 -28.23 -11.48
C TYR A 528 -41.10 -28.14 -9.95
N LEU A 529 -41.84 -27.16 -9.43
CA LEU A 529 -41.93 -26.94 -8.00
C LEU A 529 -42.64 -28.08 -7.27
N GLU A 530 -43.48 -28.85 -7.98
CA GLU A 530 -44.02 -30.06 -7.37
C GLU A 530 -42.93 -31.09 -7.08
N GLY A 531 -41.78 -30.99 -7.75
CA GLY A 531 -40.69 -31.92 -7.51
C GLY A 531 -39.55 -31.32 -6.70
N VAL A 532 -39.46 -29.99 -6.67
CA VAL A 532 -38.41 -29.35 -5.86
C VAL A 532 -38.60 -29.63 -4.37
N SER A 533 -39.85 -29.80 -3.93
CA SER A 533 -40.14 -29.89 -2.51
C SER A 533 -39.55 -31.13 -1.84
N ASN A 534 -39.18 -32.14 -2.60
CA ASN A 534 -38.67 -33.38 -2.02
C ASN A 534 -37.29 -33.19 -1.41
N GLU A 535 -37.03 -33.91 -0.33
CA GLU A 535 -35.75 -33.93 0.35
C GLU A 535 -35.36 -35.39 0.61
N MET A 536 -34.16 -35.58 1.15
CA MET A 536 -33.58 -36.90 1.34
C MET A 536 -33.33 -37.16 2.82
N TYR A 537 -33.70 -38.34 3.28
CA TYR A 537 -33.60 -38.70 4.69
C TYR A 537 -33.10 -40.13 4.84
N THR A 538 -32.69 -40.47 6.06
CA THR A 538 -32.27 -41.82 6.41
C THR A 538 -33.12 -42.32 7.57
N GLU A 539 -33.45 -43.61 7.54
CA GLU A 539 -34.30 -44.17 8.58
C GLU A 539 -33.99 -45.66 8.75
N TYR A 540 -34.21 -46.15 9.96
CA TYR A 540 -34.01 -47.57 10.27
C TYR A 540 -35.29 -48.34 9.95
N LEU A 541 -35.16 -49.40 9.16
CA LEU A 541 -36.32 -50.20 8.76
C LEU A 541 -36.87 -50.97 9.96
N SER A 542 -38.19 -51.16 9.95
CA SER A 542 -38.84 -51.88 11.03
C SER A 542 -38.55 -53.37 10.93
N SER A 543 -38.85 -54.09 12.02
CA SER A 543 -38.62 -55.52 12.07
C SER A 543 -39.56 -56.30 11.16
N ALA A 544 -40.66 -55.68 10.72
CA ALA A 544 -41.58 -56.36 9.81
C ALA A 544 -41.00 -56.56 8.43
N PHE A 545 -39.99 -55.78 8.04
CA PHE A 545 -39.37 -55.88 6.73
C PHE A 545 -38.24 -56.90 6.67
N VAL A 546 -37.88 -57.50 7.81
CA VAL A 546 -36.76 -58.44 7.83
C VAL A 546 -37.16 -59.72 7.13
N GLY A 547 -36.29 -60.22 6.25
CA GLY A 547 -36.57 -61.42 5.49
C GLY A 547 -37.22 -61.19 4.14
N LEU A 548 -37.58 -59.95 3.81
CA LEU A 548 -38.20 -59.62 2.55
C LEU A 548 -37.17 -59.05 1.57
N SER A 549 -37.41 -59.26 0.28
CA SER A 549 -36.52 -58.75 -0.74
C SER A 549 -36.65 -57.24 -0.85
N PHE A 550 -35.59 -56.63 -1.41
CA PHE A 550 -35.59 -55.17 -1.58
C PHE A 550 -36.72 -54.66 -2.49
N PRO A 551 -37.01 -55.25 -3.65
CA PRO A 551 -38.14 -54.73 -4.45
C PRO A 551 -39.47 -54.78 -3.73
N THR A 552 -39.71 -55.82 -2.92
CA THR A 552 -40.97 -55.92 -2.19
C THR A 552 -41.10 -54.78 -1.17
N VAL A 553 -40.03 -54.52 -0.41
CA VAL A 553 -40.06 -53.45 0.58
C VAL A 553 -40.19 -52.10 -0.11
N CYS A 554 -39.51 -51.91 -1.23
CA CYS A 554 -39.61 -50.65 -1.95
C CYS A 554 -41.02 -50.42 -2.48
N GLU A 555 -41.65 -51.47 -3.01
CA GLU A 555 -43.03 -51.34 -3.49
C GLU A 555 -43.99 -51.06 -2.35
N LEU A 556 -43.80 -51.71 -1.20
CA LEU A 556 -44.65 -51.44 -0.05
C LEU A 556 -44.47 -50.01 0.45
N CYS A 557 -43.24 -49.50 0.43
CA CYS A 557 -42.99 -48.13 0.85
C CYS A 557 -43.62 -47.13 -0.12
N PHE A 558 -43.54 -47.42 -1.43
CA PHE A 558 -44.08 -46.49 -2.41
C PHE A 558 -45.60 -46.49 -2.41
N VAL A 559 -46.23 -47.67 -2.33
CA VAL A 559 -47.68 -47.75 -2.44
C VAL A 559 -48.34 -47.37 -1.12
N LYS A 560 -47.92 -48.00 -0.02
CA LYS A 560 -48.59 -47.78 1.25
C LYS A 560 -48.11 -46.49 1.92
N LEU A 561 -46.81 -46.40 2.20
CA LEU A 561 -46.26 -45.28 2.94
C LEU A 561 -45.94 -44.07 2.07
N LYS A 562 -46.06 -44.20 0.74
CA LYS A 562 -45.77 -43.12 -0.20
C LYS A 562 -44.35 -42.58 -0.02
N LEU A 563 -43.39 -43.50 0.07
CA LEU A 563 -41.99 -43.14 0.22
C LEU A 563 -41.17 -43.84 -0.86
N LEU A 564 -40.23 -43.12 -1.43
CA LEU A 564 -39.31 -43.64 -2.43
C LEU A 564 -38.02 -44.05 -1.73
N MET A 565 -37.85 -45.35 -1.52
CA MET A 565 -36.66 -45.88 -0.84
C MET A 565 -35.63 -46.24 -1.89
N ILE A 566 -34.54 -45.49 -1.92
CA ILE A 566 -33.56 -45.57 -3.00
C ILE A 566 -32.50 -46.65 -2.72
N ALA A 567 -31.88 -46.60 -1.54
CA ALA A 567 -30.72 -47.42 -1.26
C ALA A 567 -30.79 -47.94 0.16
N ILE A 568 -29.99 -48.98 0.42
CA ILE A 568 -29.87 -49.54 1.77
C ILE A 568 -28.39 -49.54 2.16
N GLU A 569 -28.14 -49.80 3.44
CA GLU A 569 -26.79 -49.93 3.97
C GLU A 569 -26.60 -51.36 4.44
N TYR A 570 -26.00 -52.19 3.59
CA TYR A 570 -25.78 -53.59 3.91
C TYR A 570 -24.55 -53.70 4.80
N LYS A 571 -24.70 -54.33 5.96
CA LYS A 571 -23.65 -54.47 6.96
C LYS A 571 -23.22 -55.93 7.02
N SER A 572 -21.97 -56.19 6.65
CA SER A 572 -21.37 -57.52 6.73
C SER A 572 -20.00 -57.39 7.37
N ALA A 573 -19.80 -58.08 8.50
CA ALA A 573 -18.56 -57.93 9.25
C ALA A 573 -17.33 -58.31 8.43
N ASN A 574 -17.53 -59.14 7.40
CA ASN A 574 -16.44 -59.45 6.48
C ASN A 574 -16.00 -58.22 5.70
N ARG A 575 -16.95 -57.40 5.25
CA ARG A 575 -16.66 -56.28 4.36
C ARG A 575 -17.24 -54.97 4.91
N GLU A 576 -17.26 -54.83 6.23
CA GLU A 576 -17.69 -53.61 6.94
C GLU A 576 -19.11 -53.26 6.50
N SER A 577 -19.38 -52.01 6.11
CA SER A 577 -20.71 -51.62 5.66
C SER A 577 -20.59 -50.93 4.30
N ARG A 578 -21.53 -51.25 3.41
CA ARG A 578 -21.54 -50.67 2.08
C ARG A 578 -22.94 -50.27 1.71
N ILE A 579 -23.07 -49.12 1.04
CA ILE A 579 -24.35 -48.64 0.58
C ILE A 579 -24.65 -49.30 -0.76
N LEU A 580 -25.76 -50.03 -0.82
CA LEU A 580 -26.21 -50.66 -2.05
C LEU A 580 -27.33 -49.85 -2.65
N ILE A 581 -27.14 -49.44 -3.90
CA ILE A 581 -28.10 -48.62 -4.64
C ILE A 581 -29.02 -49.56 -5.41
N ASN A 582 -30.26 -49.70 -4.93
CA ASN A 582 -31.30 -50.51 -5.56
C ASN A 582 -30.84 -51.95 -5.79
N PRO A 583 -30.63 -52.73 -4.75
CA PRO A 583 -30.19 -54.12 -4.96
C PRO A 583 -31.31 -54.98 -5.55
N GLY A 584 -30.90 -56.09 -6.13
CA GLY A 584 -31.83 -56.99 -6.81
C GLY A 584 -32.68 -57.78 -5.83
N ASN A 585 -33.56 -58.59 -6.40
CA ASN A 585 -34.48 -59.40 -5.61
C ASN A 585 -33.80 -60.56 -4.90
N HIS A 586 -32.56 -60.88 -5.27
CA HIS A 586 -31.84 -61.97 -4.61
C HIS A 586 -31.36 -61.61 -3.21
N LEU A 587 -31.43 -60.33 -2.83
CA LEU A 587 -30.96 -59.87 -1.53
C LEU A 587 -32.14 -59.61 -0.61
N LYS A 588 -31.99 -59.96 0.66
CA LYS A 588 -33.05 -59.83 1.65
C LYS A 588 -32.64 -58.84 2.73
N ILE A 589 -33.63 -58.17 3.30
CA ILE A 589 -33.37 -57.17 4.33
C ILE A 589 -33.02 -57.86 5.65
N GLN A 590 -31.92 -57.44 6.25
CA GLN A 590 -31.47 -57.99 7.52
C GLN A 590 -32.06 -57.17 8.67
N GLU A 591 -31.57 -57.41 9.88
CA GLU A 591 -32.06 -56.72 11.06
C GLU A 591 -31.30 -55.41 11.26
N GLY A 592 -32.04 -54.34 11.49
CA GLY A 592 -31.45 -53.04 11.76
C GLY A 592 -30.66 -52.46 10.61
N THR A 593 -31.22 -52.50 9.40
CA THR A 593 -30.56 -51.98 8.21
C THR A 593 -31.04 -50.55 7.93
N LEU A 594 -30.09 -49.65 7.76
CA LEU A 594 -30.42 -48.27 7.42
C LEU A 594 -30.88 -48.18 5.96
N GLY A 595 -31.86 -47.33 5.72
CA GLY A 595 -32.36 -47.12 4.38
C GLY A 595 -32.49 -45.64 4.07
N PHE A 596 -32.35 -45.31 2.80
CA PHE A 596 -32.38 -43.93 2.33
C PHE A 596 -33.69 -43.69 1.59
N PHE A 597 -34.39 -42.62 1.97
CA PHE A 597 -35.71 -42.32 1.45
C PHE A 597 -35.73 -40.91 0.86
N ILE A 598 -36.61 -40.71 -0.10
CA ILE A 598 -36.89 -39.38 -0.66
C ILE A 598 -38.34 -39.05 -0.30
N ALA A 599 -38.52 -37.97 0.45
CA ALA A 599 -39.85 -37.63 0.95
C ALA A 599 -39.99 -36.13 1.04
N SER A 600 -41.25 -35.67 1.00
CA SER A 600 -41.52 -34.24 1.07
C SER A 600 -41.18 -33.67 2.44
N ASP A 601 -41.48 -34.40 3.50
CA ASP A 601 -41.24 -33.94 4.86
C ASP A 601 -40.65 -35.06 5.70
N ALA A 602 -39.93 -34.68 6.76
CA ALA A 602 -39.28 -35.66 7.63
C ALA A 602 -40.27 -36.36 8.54
N LYS A 603 -41.45 -35.80 8.76
CA LYS A 603 -42.43 -36.42 9.65
C LYS A 603 -42.97 -37.72 9.04
N GLU A 604 -43.06 -37.80 7.72
CA GLU A 604 -43.58 -38.97 7.04
C GLU A 604 -42.50 -40.01 6.74
N VAL A 605 -41.35 -39.92 7.41
CA VAL A 605 -40.25 -40.86 7.17
C VAL A 605 -40.30 -41.96 8.22
N LYS A 606 -40.81 -41.63 9.41
CA LYS A 606 -40.89 -42.59 10.50
C LYS A 606 -41.90 -43.70 10.28
N ARG A 607 -42.59 -43.69 9.13
CA ARG A 607 -43.51 -44.78 8.81
C ARG A 607 -42.77 -46.11 8.67
N ALA A 608 -41.59 -46.09 8.06
CA ALA A 608 -40.81 -47.31 7.88
C ALA A 608 -40.28 -47.88 9.18
N PHE A 609 -40.35 -47.12 10.27
CA PHE A 609 -39.91 -47.62 11.57
C PHE A 609 -41.05 -48.18 12.40
N PHE A 610 -42.27 -47.67 12.22
CA PHE A 610 -43.43 -48.08 12.98
C PHE A 610 -44.49 -48.73 12.11
N TYR A 611 -44.06 -49.59 11.18
CA TYR A 611 -44.97 -50.29 10.28
C TYR A 611 -45.09 -51.74 10.73
N CYS A 612 -46.33 -52.17 10.98
CA CYS A 612 -46.62 -53.56 11.33
C CYS A 612 -47.74 -54.06 10.43
N LYS A 613 -47.52 -55.20 9.79
CA LYS A 613 -48.52 -55.73 8.86
C LYS A 613 -49.79 -56.18 9.58
N ALA A 614 -49.67 -56.58 10.85
CA ALA A 614 -50.83 -57.09 11.58
C ALA A 614 -51.85 -56.01 11.88
N CYS A 615 -51.42 -54.74 11.97
CA CYS A 615 -52.32 -53.66 12.36
C CYS A 615 -52.30 -52.47 11.42
N HIS A 616 -51.60 -52.55 10.29
CA HIS A 616 -51.53 -51.44 9.36
C HIS A 616 -51.74 -51.83 7.90
N ASP A 617 -51.82 -53.12 7.59
CA ASP A 617 -52.02 -53.53 6.19
C ASP A 617 -53.39 -53.11 5.68
N ASP A 618 -54.42 -53.22 6.52
CA ASP A 618 -55.78 -52.86 6.10
C ASP A 618 -55.96 -51.36 5.95
N ILE A 619 -55.07 -50.55 6.54
CA ILE A 619 -55.21 -49.10 6.46
C ILE A 619 -54.82 -48.63 5.07
N THR A 620 -55.68 -47.81 4.46
CA THR A 620 -55.43 -47.26 3.12
C THR A 620 -54.82 -45.86 3.16
N ASP A 621 -55.40 -44.97 3.96
CA ASP A 621 -54.87 -43.61 4.06
C ASP A 621 -53.55 -43.64 4.83
N PRO A 622 -52.46 -43.15 4.24
CA PRO A 622 -51.18 -43.16 4.98
C PRO A 622 -51.20 -42.39 6.29
N LYS A 623 -51.93 -41.27 6.35
CA LYS A 623 -51.96 -40.46 7.56
C LYS A 623 -52.71 -41.13 8.69
N ARG A 624 -53.52 -42.15 8.40
CA ARG A 624 -54.27 -42.85 9.43
C ARG A 624 -53.41 -43.88 10.17
N ILE A 625 -52.27 -44.27 9.60
CA ILE A 625 -51.41 -45.27 10.24
C ILE A 625 -50.79 -44.69 11.50
N LYS A 626 -50.97 -45.37 12.62
CA LYS A 626 -50.45 -44.97 13.91
C LYS A 626 -49.19 -45.77 14.22
N LYS A 627 -48.62 -45.54 15.41
CA LYS A 627 -47.41 -46.23 15.84
C LYS A 627 -47.72 -47.50 16.63
N CYS A 628 -48.87 -48.13 16.40
CA CYS A 628 -49.23 -49.35 17.10
C CYS A 628 -48.32 -50.50 16.66
N GLY A 629 -47.93 -51.33 17.63
CA GLY A 629 -47.08 -52.46 17.35
C GLY A 629 -47.78 -53.79 17.53
N CYS A 630 -48.03 -54.49 16.42
CA CYS A 630 -48.69 -55.79 16.47
C CYS A 630 -47.97 -56.81 15.60
N ASN A 682 -5.86 -63.93 -19.31
CA ASN A 682 -4.73 -63.84 -20.23
C ASN A 682 -4.41 -62.39 -20.62
N VAL A 683 -5.45 -61.55 -20.68
CA VAL A 683 -5.30 -60.14 -20.99
C VAL A 683 -6.05 -59.34 -19.94
N LYS A 684 -5.48 -58.21 -19.53
CA LYS A 684 -6.08 -57.36 -18.51
C LYS A 684 -7.10 -56.41 -19.15
N LYS A 685 -8.36 -56.55 -18.76
CA LYS A 685 -9.42 -55.67 -19.23
C LYS A 685 -9.99 -54.77 -18.15
N TYR A 686 -9.80 -55.11 -16.88
CA TYR A 686 -10.27 -54.30 -15.76
C TYR A 686 -9.12 -54.07 -14.79
N ASP A 687 -9.36 -53.19 -13.83
CA ASP A 687 -8.32 -52.84 -12.86
C ASP A 687 -8.22 -53.93 -11.80
N SER A 688 -7.43 -53.67 -10.75
CA SER A 688 -7.17 -54.70 -9.74
C SER A 688 -8.43 -55.08 -8.99
N THR A 689 -9.25 -54.10 -8.63
CA THR A 689 -10.50 -54.41 -7.94
C THR A 689 -11.62 -54.80 -8.90
N GLY A 690 -11.41 -54.69 -10.21
CA GLY A 690 -12.39 -55.10 -11.19
C GLY A 690 -13.66 -54.28 -11.20
N MET A 691 -13.56 -52.96 -11.00
CA MET A 691 -14.72 -52.08 -11.02
C MET A 691 -14.55 -50.92 -12.00
N PHE A 692 -13.50 -50.93 -12.82
CA PHE A 692 -13.31 -49.92 -13.84
C PHE A 692 -12.63 -50.57 -15.04
N HIS A 693 -12.99 -50.09 -16.24
CA HIS A 693 -12.36 -50.59 -17.44
C HIS A 693 -10.91 -50.12 -17.49
N TRP A 694 -10.02 -51.03 -17.88
CA TRP A 694 -8.59 -50.78 -17.87
C TRP A 694 -7.97 -51.23 -19.18
N CYS A 695 -6.92 -50.53 -19.60
CA CYS A 695 -6.19 -50.86 -20.82
C CYS A 695 -4.71 -50.65 -20.56
N ALA A 696 -3.90 -51.18 -21.47
CA ALA A 696 -2.46 -51.03 -21.36
C ALA A 696 -2.08 -49.55 -21.52
N PRO A 697 -1.08 -49.06 -20.78
CA PRO A 697 -0.70 -47.66 -20.92
C PRO A 697 -0.17 -47.35 -22.31
N LYS A 698 -0.51 -46.15 -22.80
CA LYS A 698 -0.12 -45.71 -24.12
C LYS A 698 0.43 -44.29 -24.04
N GLU A 699 1.34 -43.97 -24.95
CA GLU A 699 1.90 -42.63 -25.02
C GLU A 699 0.86 -41.65 -25.54
N ILE A 700 1.07 -40.36 -25.21
CA ILE A 700 0.13 -39.33 -25.63
C ILE A 700 0.17 -39.12 -27.14
N GLU A 701 1.26 -39.50 -27.81
CA GLU A 701 1.34 -39.36 -29.25
C GLU A 701 0.36 -40.26 -29.99
N LYS A 702 -0.09 -41.35 -29.37
CA LYS A 702 -1.01 -42.27 -30.01
C LYS A 702 -2.46 -41.81 -29.97
N VAL A 703 -2.78 -40.80 -29.16
CA VAL A 703 -4.15 -40.33 -29.04
C VAL A 703 -4.34 -38.92 -29.59
N ILE A 704 -3.27 -38.20 -29.91
CA ILE A 704 -3.41 -36.87 -30.47
C ILE A 704 -3.87 -36.99 -31.92
N LEU A 705 -4.94 -36.27 -32.25
CA LEU A 705 -5.50 -36.26 -33.60
C LEU A 705 -5.36 -34.86 -34.19
N THR A 706 -4.98 -34.80 -35.47
CA THR A 706 -5.01 -33.53 -36.18
C THR A 706 -6.44 -33.22 -36.63
N ARG A 707 -6.64 -31.98 -37.08
CA ARG A 707 -7.97 -31.56 -37.50
C ARG A 707 -8.44 -32.37 -38.70
N SER A 708 -7.55 -32.60 -39.68
CA SER A 708 -7.91 -33.42 -40.83
C SER A 708 -8.15 -34.87 -40.42
N GLU A 709 -7.32 -35.40 -39.52
CA GLU A 709 -7.50 -36.76 -39.04
C GLU A 709 -8.80 -36.90 -38.25
N ALA A 710 -9.12 -35.91 -37.42
CA ALA A 710 -10.38 -35.95 -36.67
C ALA A 710 -11.58 -35.84 -37.60
N ALA A 711 -11.47 -35.03 -38.66
CA ALA A 711 -12.56 -34.93 -39.61
C ALA A 711 -12.70 -36.20 -40.45
N MET A 712 -11.60 -36.93 -40.66
CA MET A 712 -11.66 -38.16 -41.44
C MET A 712 -12.47 -39.23 -40.72
N THR A 713 -12.20 -39.43 -39.43
CA THR A 713 -12.98 -40.38 -38.67
C THR A 713 -14.35 -39.78 -38.32
N VAL A 714 -15.31 -40.66 -38.06
CA VAL A 714 -16.68 -40.27 -37.76
C VAL A 714 -16.94 -40.58 -36.28
N LEU A 715 -17.33 -39.56 -35.54
CA LEU A 715 -17.67 -39.70 -34.12
C LEU A 715 -19.15 -39.38 -33.94
N SER A 716 -19.89 -40.33 -33.39
CA SER A 716 -21.31 -40.15 -33.13
C SER A 716 -21.64 -40.74 -31.76
N GLY A 717 -22.48 -40.04 -31.01
CA GLY A 717 -22.83 -40.48 -29.67
C GLY A 717 -21.65 -40.49 -28.71
N HIS A 718 -20.84 -39.45 -28.74
CA HIS A 718 -19.64 -39.35 -27.91
C HIS A 718 -19.74 -38.16 -26.97
N VAL A 719 -18.68 -37.93 -26.21
CA VAL A 719 -18.60 -36.84 -25.25
C VAL A 719 -17.44 -35.95 -25.64
N VAL A 720 -17.70 -34.65 -25.74
CA VAL A 720 -16.68 -33.66 -26.10
C VAL A 720 -16.44 -32.77 -24.90
N VAL A 721 -15.22 -32.79 -24.37
CA VAL A 721 -14.84 -32.01 -23.21
C VAL A 721 -13.96 -30.87 -23.69
N CYS A 722 -14.52 -29.66 -23.72
CA CYS A 722 -13.77 -28.45 -24.01
C CYS A 722 -13.16 -27.92 -22.73
N ILE A 723 -11.85 -27.65 -22.76
CA ILE A 723 -11.10 -27.24 -21.59
C ILE A 723 -10.40 -25.92 -21.90
N PHE A 724 -10.57 -24.94 -21.03
CA PHE A 724 -9.85 -23.67 -21.13
C PHE A 724 -8.58 -23.71 -20.28
N GLY A 725 -7.72 -24.68 -20.57
CA GLY A 725 -6.53 -24.91 -19.80
C GLY A 725 -5.36 -24.04 -20.24
N ASP A 726 -4.27 -24.17 -19.49
CA ASP A 726 -3.04 -23.43 -19.75
C ASP A 726 -1.89 -24.18 -19.10
N VAL A 727 -0.68 -23.92 -19.60
CA VAL A 727 0.50 -24.62 -19.10
C VAL A 727 0.77 -24.26 -17.63
N SER A 728 0.50 -23.02 -17.23
CA SER A 728 0.71 -22.58 -15.86
C SER A 728 -0.55 -22.63 -15.01
N SER A 729 -1.66 -23.11 -15.56
CA SER A 729 -2.91 -23.15 -14.81
C SER A 729 -2.92 -24.32 -13.83
N ALA A 730 -3.80 -24.21 -12.83
CA ALA A 730 -3.92 -25.24 -11.82
C ALA A 730 -4.64 -26.46 -12.39
N LEU A 731 -4.21 -27.65 -11.96
CA LEU A 731 -4.84 -28.88 -12.40
C LEU A 731 -6.23 -29.02 -11.79
N ILE A 732 -7.17 -29.55 -12.56
CA ILE A 732 -8.53 -29.76 -12.11
C ILE A 732 -8.84 -31.24 -11.87
N GLY A 733 -7.91 -32.13 -12.16
CA GLY A 733 -8.12 -33.54 -11.91
C GLY A 733 -9.15 -34.17 -12.84
N LEU A 734 -8.82 -34.25 -14.13
CA LEU A 734 -9.76 -34.75 -15.12
C LEU A 734 -10.11 -36.22 -14.93
N ARG A 735 -9.32 -36.97 -14.15
CA ARG A 735 -9.61 -38.37 -13.92
C ARG A 735 -10.96 -38.57 -13.25
N ASN A 736 -11.33 -37.66 -12.36
CA ASN A 736 -12.64 -37.73 -11.69
C ASN A 736 -13.79 -37.59 -12.68
N LEU A 737 -13.53 -37.09 -13.88
CA LEU A 737 -14.55 -37.07 -14.93
C LEU A 737 -14.56 -38.35 -15.75
N VAL A 738 -13.42 -39.03 -15.87
CA VAL A 738 -13.33 -40.19 -16.75
C VAL A 738 -13.69 -41.49 -16.03
N MET A 739 -13.37 -41.60 -14.74
CA MET A 739 -13.67 -42.84 -14.01
C MET A 739 -15.16 -43.17 -13.96
N PRO A 740 -16.09 -42.25 -13.65
CA PRO A 740 -17.51 -42.62 -13.74
C PRO A 740 -17.95 -43.02 -15.13
N LEU A 741 -17.35 -42.44 -16.17
CA LEU A 741 -17.70 -42.80 -17.54
C LEU A 741 -17.01 -44.08 -18.01
N ARG A 742 -16.06 -44.60 -17.24
CA ARG A 742 -15.33 -45.81 -17.61
C ARG A 742 -15.53 -46.92 -16.58
N ALA A 743 -16.64 -46.87 -15.85
CA ALA A 743 -16.92 -47.88 -14.84
C ALA A 743 -17.19 -49.23 -15.48
N SER A 744 -16.86 -50.30 -14.75
CA SER A 744 -17.08 -51.66 -15.24
C SER A 744 -18.56 -52.03 -15.32
N ASN A 745 -19.45 -51.22 -14.76
CA ASN A 745 -20.88 -51.49 -14.84
C ASN A 745 -21.40 -51.41 -16.27
N PHE A 746 -20.70 -50.70 -17.15
CA PHE A 746 -21.07 -50.59 -18.55
C PHE A 746 -20.32 -51.62 -19.38
N HIS A 747 -20.94 -52.03 -20.48
CA HIS A 747 -20.26 -52.89 -21.43
C HIS A 747 -19.25 -52.08 -22.25
N TYR A 748 -18.37 -52.80 -22.95
CA TYR A 748 -17.37 -52.12 -23.76
C TYR A 748 -18.01 -51.37 -24.93
N HIS A 749 -19.03 -51.96 -25.55
CA HIS A 749 -19.70 -51.29 -26.66
C HIS A 749 -20.57 -50.13 -26.20
N GLU A 750 -20.95 -50.10 -24.92
CA GLU A 750 -21.74 -49.00 -24.38
C GLU A 750 -20.89 -47.82 -23.92
N LEU A 751 -19.58 -47.96 -23.92
CA LEU A 751 -18.72 -46.85 -23.50
C LEU A 751 -18.77 -45.72 -24.51
N LYS A 752 -18.78 -44.49 -24.01
CA LYS A 752 -18.84 -43.31 -24.84
C LYS A 752 -17.44 -42.75 -25.06
N HIS A 753 -17.11 -42.47 -26.32
CA HIS A 753 -15.80 -41.91 -26.65
C HIS A 753 -15.67 -40.51 -26.06
N ILE A 754 -14.50 -40.22 -25.50
CA ILE A 754 -14.21 -38.94 -24.88
C ILE A 754 -13.16 -38.23 -25.73
N VAL A 755 -13.47 -37.01 -26.15
CA VAL A 755 -12.58 -36.20 -26.97
C VAL A 755 -12.30 -34.91 -26.22
N PHE A 756 -11.03 -34.69 -25.86
CA PHE A 756 -10.62 -33.49 -25.14
C PHE A 756 -10.14 -32.44 -26.13
N VAL A 757 -10.79 -31.28 -26.11
CA VAL A 757 -10.44 -30.17 -26.98
C VAL A 757 -9.88 -29.06 -26.10
N GLY A 758 -8.59 -28.77 -26.28
CA GLY A 758 -7.93 -27.77 -25.47
C GLY A 758 -6.44 -27.74 -25.77
N SER A 759 -5.73 -26.96 -24.98
CA SER A 759 -4.29 -26.85 -25.13
C SER A 759 -3.60 -28.15 -24.77
N ILE A 760 -2.64 -28.56 -25.61
CA ILE A 760 -1.92 -29.79 -25.35
C ILE A 760 -0.91 -29.61 -24.21
N GLU A 761 -0.45 -28.37 -23.99
CA GLU A 761 0.49 -28.13 -22.90
C GLU A 761 -0.14 -28.42 -21.55
N TYR A 762 -1.40 -28.03 -21.37
CA TYR A 762 -2.11 -28.37 -20.14
C TYR A 762 -2.42 -29.86 -20.06
N LEU A 763 -2.80 -30.45 -21.19
CA LEU A 763 -3.24 -31.85 -21.18
C LEU A 763 -2.10 -32.83 -20.98
N LYS A 764 -0.85 -32.44 -21.32
CA LYS A 764 0.28 -33.31 -21.03
C LYS A 764 0.52 -33.45 -19.53
N ARG A 765 0.17 -32.42 -18.75
CA ARG A 765 0.33 -32.47 -17.30
C ARG A 765 -0.75 -33.29 -16.63
N GLU A 766 -1.81 -33.67 -17.35
CA GLU A 766 -2.87 -34.51 -16.81
C GLU A 766 -2.89 -35.91 -17.39
N TRP A 767 -2.06 -36.20 -18.40
CA TRP A 767 -2.13 -37.48 -19.09
C TRP A 767 -1.61 -38.63 -18.23
N GLU A 768 -0.84 -38.34 -17.17
CA GLU A 768 -0.30 -39.40 -16.34
C GLU A 768 -1.38 -40.14 -15.55
N THR A 769 -2.58 -39.56 -15.43
CA THR A 769 -3.69 -40.21 -14.75
C THR A 769 -4.82 -40.58 -15.70
N LEU A 770 -4.64 -40.39 -17.00
CA LEU A 770 -5.68 -40.71 -17.98
C LEU A 770 -5.26 -41.72 -19.04
N HIS A 771 -4.01 -42.19 -19.01
CA HIS A 771 -3.50 -43.06 -20.07
C HIS A 771 -3.88 -44.53 -19.87
N ASN A 772 -4.59 -44.87 -18.79
CA ASN A 772 -5.01 -46.23 -18.54
C ASN A 772 -6.46 -46.48 -18.90
N PHE A 773 -7.10 -45.55 -19.60
CA PHE A 773 -8.49 -45.69 -19.99
C PHE A 773 -8.61 -46.00 -21.48
N PRO A 774 -9.58 -46.83 -21.88
CA PRO A 774 -9.58 -47.36 -23.25
C PRO A 774 -9.75 -46.33 -24.36
N LYS A 775 -10.82 -45.55 -24.34
CA LYS A 775 -11.19 -44.69 -25.47
C LYS A 775 -11.14 -43.23 -25.04
N VAL A 776 -9.96 -42.63 -25.19
CA VAL A 776 -9.75 -41.21 -24.93
C VAL A 776 -8.90 -40.64 -26.07
N SER A 777 -9.33 -39.52 -26.64
CA SER A 777 -8.61 -38.89 -27.74
C SER A 777 -8.46 -37.40 -27.45
N ILE A 778 -7.43 -36.80 -28.04
CA ILE A 778 -7.08 -35.41 -27.81
C ILE A 778 -7.04 -34.69 -29.14
N LEU A 779 -7.70 -33.53 -29.21
CA LEU A 779 -7.57 -32.61 -30.35
C LEU A 779 -6.95 -31.33 -29.86
N PRO A 780 -5.67 -31.08 -30.13
CA PRO A 780 -5.06 -29.82 -29.71
C PRO A 780 -5.68 -28.64 -30.45
N GLY A 781 -6.10 -27.63 -29.67
CA GLY A 781 -6.76 -26.48 -30.27
C GLY A 781 -7.39 -25.60 -29.22
N THR A 782 -8.40 -24.84 -29.65
CA THR A 782 -9.10 -23.91 -28.78
C THR A 782 -10.60 -24.21 -28.86
N PRO A 783 -11.30 -24.29 -27.72
CA PRO A 783 -12.75 -24.52 -27.76
C PRO A 783 -13.53 -23.42 -28.46
N LEU A 784 -12.99 -22.22 -28.54
CA LEU A 784 -13.69 -21.11 -29.19
C LEU A 784 -13.60 -21.15 -30.70
N SER A 785 -12.75 -22.00 -31.27
CA SER A 785 -12.61 -22.12 -32.71
C SER A 785 -13.69 -23.06 -33.26
N ARG A 786 -14.41 -22.59 -34.28
CA ARG A 786 -15.50 -23.38 -34.84
C ARG A 786 -14.98 -24.55 -35.66
N ALA A 787 -13.78 -24.43 -36.23
CA ALA A 787 -13.22 -25.52 -37.04
C ALA A 787 -12.96 -26.75 -36.19
N ASP A 788 -12.41 -26.56 -34.98
CA ASP A 788 -12.16 -27.69 -34.10
C ASP A 788 -13.45 -28.35 -33.65
N LEU A 789 -14.48 -27.55 -33.37
CA LEU A 789 -15.77 -28.10 -32.98
C LEU A 789 -16.42 -28.86 -34.12
N ARG A 790 -16.27 -28.37 -35.35
CA ARG A 790 -16.82 -29.07 -36.50
C ARG A 790 -16.03 -30.33 -36.81
N ALA A 791 -14.75 -30.36 -36.44
CA ALA A 791 -13.93 -31.54 -36.71
C ALA A 791 -14.36 -32.74 -35.86
N VAL A 792 -14.80 -32.49 -34.63
CA VAL A 792 -15.14 -33.57 -33.70
C VAL A 792 -16.63 -33.90 -33.80
N ASN A 793 -17.32 -33.30 -34.79
CA ASN A 793 -18.74 -33.53 -35.02
C ASN A 793 -19.56 -33.19 -33.77
N ILE A 794 -19.52 -31.91 -33.40
CA ILE A 794 -20.21 -31.43 -32.20
C ILE A 794 -21.72 -31.57 -32.31
N ASN A 795 -22.25 -31.66 -33.53
CA ASN A 795 -23.70 -31.83 -33.71
C ASN A 795 -24.15 -33.26 -33.51
N LEU A 796 -23.23 -34.20 -33.35
CA LEU A 796 -23.57 -35.61 -33.18
C LEU A 796 -23.20 -36.15 -31.80
N CYS A 797 -22.52 -35.36 -30.97
CA CYS A 797 -22.08 -35.84 -29.67
C CYS A 797 -23.26 -35.97 -28.71
N ASP A 798 -23.12 -36.88 -27.75
CA ASP A 798 -24.14 -37.04 -26.72
C ASP A 798 -24.09 -35.91 -25.69
N MET A 799 -22.92 -35.34 -25.45
CA MET A 799 -22.82 -34.27 -24.47
C MET A 799 -21.54 -33.47 -24.72
N CYS A 800 -21.65 -32.15 -24.55
CA CYS A 800 -20.51 -31.24 -24.58
C CYS A 800 -20.35 -30.62 -23.20
N VAL A 801 -19.15 -30.74 -22.62
CA VAL A 801 -18.85 -30.25 -21.29
C VAL A 801 -17.80 -29.16 -21.40
N ILE A 802 -18.12 -27.97 -20.93
CA ILE A 802 -17.21 -26.83 -20.98
C ILE A 802 -16.65 -26.60 -19.59
N LEU A 803 -15.32 -26.63 -19.47
CA LEU A 803 -14.65 -26.45 -18.18
C LEU A 803 -13.58 -25.38 -18.32
N SER A 804 -13.37 -24.64 -17.23
CA SER A 804 -12.40 -23.56 -17.19
C SER A 804 -11.36 -23.84 -16.11
N ALA A 805 -10.10 -23.51 -16.43
CA ALA A 805 -9.00 -23.70 -15.50
C ALA A 805 -8.33 -22.41 -15.08
N ASN A 806 -8.55 -21.30 -15.78
CA ASN A 806 -7.93 -20.01 -15.45
C ASN A 806 -8.87 -19.16 -14.61
N GLN A 807 -9.26 -19.69 -13.45
CA GLN A 807 -10.17 -18.96 -12.57
C GLN A 807 -9.44 -18.11 -11.54
N ASN A 808 -8.24 -18.52 -11.11
CA ASN A 808 -7.52 -17.77 -10.08
C ASN A 808 -6.88 -16.51 -10.63
N ASN A 809 -6.62 -16.45 -11.94
CA ASN A 809 -5.93 -15.29 -12.50
C ASN A 809 -6.81 -14.05 -12.50
N ILE A 810 -8.11 -14.22 -12.70
CA ILE A 810 -9.02 -13.08 -12.79
C ILE A 810 -9.31 -12.58 -11.37
N ASP A 811 -9.04 -11.30 -11.13
CA ASP A 811 -9.27 -10.74 -9.80
C ASP A 811 -10.76 -10.56 -9.53
N ASP A 812 -11.50 -10.03 -10.50
CA ASP A 812 -12.95 -9.86 -10.31
C ASP A 812 -13.64 -11.22 -10.38
N THR A 813 -14.50 -11.50 -9.40
CA THR A 813 -15.13 -12.80 -9.31
C THR A 813 -16.22 -12.99 -10.35
N SER A 814 -16.91 -11.92 -10.76
CA SER A 814 -18.01 -12.05 -11.69
C SER A 814 -17.56 -12.23 -13.13
N LEU A 815 -16.30 -11.89 -13.44
CA LEU A 815 -15.76 -12.05 -14.78
C LEU A 815 -15.04 -13.38 -14.98
N GLN A 816 -15.11 -14.29 -13.99
CA GLN A 816 -14.45 -15.58 -14.10
C GLN A 816 -15.17 -16.53 -15.05
N ASP A 817 -16.37 -16.20 -15.50
CA ASP A 817 -17.17 -17.08 -16.34
C ASP A 817 -17.29 -16.57 -17.78
N LYS A 818 -16.38 -15.70 -18.21
CA LYS A 818 -16.49 -15.10 -19.53
C LYS A 818 -16.26 -16.12 -20.63
N GLU A 819 -15.20 -16.92 -20.51
CA GLU A 819 -14.85 -17.85 -21.58
C GLU A 819 -15.89 -18.96 -21.72
N CYS A 820 -16.43 -19.44 -20.60
CA CYS A 820 -17.44 -20.49 -20.67
C CYS A 820 -18.73 -19.99 -21.31
N ILE A 821 -19.17 -18.79 -20.93
CA ILE A 821 -20.38 -18.22 -21.51
C ILE A 821 -20.19 -17.94 -22.99
N LEU A 822 -19.01 -17.41 -23.37
CA LEU A 822 -18.74 -17.16 -24.78
C LEU A 822 -18.70 -18.46 -25.57
N ALA A 823 -18.11 -19.51 -25.02
CA ALA A 823 -18.09 -20.80 -25.71
C ALA A 823 -19.49 -21.36 -25.88
N SER A 824 -20.33 -21.25 -24.83
CA SER A 824 -21.69 -21.76 -24.92
C SER A 824 -22.49 -20.99 -25.99
N LEU A 825 -22.36 -19.67 -26.00
CA LEU A 825 -23.07 -18.87 -27.01
C LEU A 825 -22.54 -19.14 -28.40
N ASN A 826 -21.23 -19.38 -28.55
CA ASN A 826 -20.68 -19.72 -29.85
C ASN A 826 -21.21 -21.05 -30.36
N ILE A 827 -21.29 -22.05 -29.48
CA ILE A 827 -21.79 -23.36 -29.90
C ILE A 827 -23.27 -23.29 -30.23
N LYS A 828 -24.04 -22.54 -29.44
CA LYS A 828 -25.49 -22.46 -29.68
C LYS A 828 -25.84 -21.73 -30.98
N SER A 829 -24.90 -20.97 -31.55
CA SER A 829 -25.17 -20.18 -32.75
C SER A 829 -24.64 -20.82 -34.02
N MET A 830 -24.02 -21.98 -33.94
CA MET A 830 -23.46 -22.61 -35.12
C MET A 830 -24.56 -23.17 -36.02
N GLN A 831 -24.22 -23.32 -37.30
CA GLN A 831 -25.12 -23.85 -38.32
C GLN A 831 -24.53 -25.10 -38.94
N PHE A 832 -25.38 -26.09 -39.18
CA PHE A 832 -24.96 -27.35 -39.76
C PHE A 832 -25.90 -27.72 -40.91
N ASP A 833 -25.38 -28.48 -41.86
CA ASP A 833 -26.12 -28.90 -43.03
C ASP A 833 -26.05 -30.42 -43.18
N ASP A 834 -26.87 -30.94 -44.10
CA ASP A 834 -26.91 -32.38 -44.35
C ASP A 834 -26.20 -32.73 -45.65
N THR A 871 -29.98 -28.75 -37.75
CA THR A 871 -29.49 -27.76 -38.69
C THR A 871 -28.93 -26.54 -37.96
N THR A 872 -29.05 -26.54 -36.64
CA THR A 872 -28.56 -25.44 -35.83
C THR A 872 -28.10 -26.00 -34.49
N GLY A 873 -27.26 -25.22 -33.81
CA GLY A 873 -26.66 -25.64 -32.57
C GLY A 873 -27.46 -25.41 -31.32
N VAL A 874 -28.71 -24.93 -31.45
CA VAL A 874 -29.53 -24.69 -30.27
C VAL A 874 -29.98 -26.01 -29.62
N ASN A 875 -29.99 -27.10 -30.37
CA ASN A 875 -30.43 -28.39 -29.85
C ASN A 875 -29.28 -29.26 -29.34
N ILE A 876 -28.06 -28.74 -29.36
CA ILE A 876 -26.91 -29.51 -28.89
C ILE A 876 -26.92 -29.52 -27.35
N PRO A 877 -26.87 -30.68 -26.71
CA PRO A 877 -26.86 -30.72 -25.25
C PRO A 877 -25.51 -30.26 -24.71
N ILE A 878 -25.55 -29.26 -23.83
CA ILE A 878 -24.35 -28.60 -23.31
C ILE A 878 -24.47 -28.51 -21.79
N ILE A 879 -23.39 -28.83 -21.10
CA ILE A 879 -23.27 -28.60 -19.66
C ILE A 879 -22.14 -27.62 -19.45
N THR A 880 -22.44 -26.50 -18.79
CA THR A 880 -21.47 -25.43 -18.57
C THR A 880 -21.23 -25.26 -17.08
N GLU A 881 -19.96 -25.29 -16.67
CA GLU A 881 -19.60 -25.01 -15.30
C GLU A 881 -19.54 -23.51 -15.07
N LEU A 882 -20.25 -23.03 -14.06
CA LEU A 882 -20.31 -21.60 -13.75
C LEU A 882 -20.01 -21.38 -12.27
N VAL A 883 -19.27 -20.33 -11.99
CA VAL A 883 -18.91 -19.98 -10.61
C VAL A 883 -20.00 -19.14 -9.95
N ASN A 884 -20.49 -18.12 -10.65
CA ASN A 884 -21.49 -17.21 -10.11
C ASN A 884 -22.88 -17.64 -10.56
N ASP A 885 -23.83 -17.57 -9.64
CA ASP A 885 -25.22 -17.94 -9.96
C ASP A 885 -25.84 -16.91 -10.89
N THR A 886 -25.53 -15.63 -10.69
CA THR A 886 -26.14 -14.57 -11.49
C THR A 886 -25.79 -14.65 -12.97
N ASN A 887 -24.74 -15.39 -13.32
CA ASN A 887 -24.38 -15.59 -14.72
C ASN A 887 -25.18 -16.70 -15.39
N VAL A 888 -25.88 -17.53 -14.61
CA VAL A 888 -26.58 -18.68 -15.18
C VAL A 888 -27.66 -18.22 -16.15
N GLN A 889 -28.38 -17.15 -15.80
CA GLN A 889 -29.41 -16.63 -16.68
C GLN A 889 -28.84 -16.11 -18.00
N PHE A 890 -27.52 -15.90 -18.08
CA PHE A 890 -26.92 -15.53 -19.35
C PHE A 890 -26.90 -16.66 -20.36
N LEU A 891 -27.21 -17.89 -19.95
CA LEU A 891 -27.23 -19.02 -20.87
C LEU A 891 -28.58 -19.24 -21.52
N ASP A 892 -29.56 -18.37 -21.27
CA ASP A 892 -30.89 -18.49 -21.85
C ASP A 892 -31.05 -17.38 -22.88
N GLN A 893 -31.34 -17.78 -24.12
CA GLN A 893 -31.51 -16.79 -25.19
C GLN A 893 -32.73 -15.91 -24.96
N ALA A 894 -33.79 -16.49 -24.41
CA ALA A 894 -34.99 -15.71 -24.09
C ALA A 894 -34.67 -14.67 -23.03
N ALA A 895 -35.36 -13.53 -23.14
CA ALA A 895 -35.13 -12.43 -22.19
C ALA A 895 -35.52 -12.86 -20.78
N ALA A 896 -34.78 -12.34 -19.81
CA ALA A 896 -35.02 -12.68 -18.41
C ALA A 896 -36.37 -12.14 -17.96
N ALA A 897 -37.24 -13.06 -17.49
CA ALA A 897 -38.54 -12.65 -16.98
C ALA A 897 -38.40 -11.77 -15.75
N ASP A 898 -37.37 -12.03 -14.94
CA ASP A 898 -37.07 -11.22 -13.76
C ASP A 898 -35.59 -11.39 -13.42
N PRO A 899 -34.81 -10.31 -13.36
CA PRO A 899 -33.39 -10.44 -13.01
C PRO A 899 -33.15 -10.79 -11.55
N ASP A 900 -34.20 -10.83 -10.72
CA ASP A 900 -34.08 -11.21 -9.33
C ASP A 900 -34.54 -12.65 -9.09
N THR A 901 -34.68 -13.43 -10.17
CA THR A 901 -35.10 -14.82 -10.04
C THR A 901 -34.02 -15.63 -9.34
N GLU A 902 -34.44 -16.52 -8.44
CA GLU A 902 -33.51 -17.36 -7.71
C GLU A 902 -32.85 -18.38 -8.64
N LEU A 903 -31.73 -18.93 -8.18
CA LEU A 903 -30.93 -19.81 -9.02
C LEU A 903 -31.70 -21.06 -9.43
N TYR A 904 -32.44 -21.66 -8.50
CA TYR A 904 -33.11 -22.92 -8.80
C TYR A 904 -34.31 -22.75 -9.73
N LEU A 905 -34.84 -21.54 -9.86
CA LEU A 905 -35.99 -21.30 -10.71
C LEU A 905 -35.61 -20.89 -12.13
N THR A 906 -34.33 -20.67 -12.41
CA THR A 906 -33.92 -20.29 -13.75
C THR A 906 -34.04 -21.47 -14.72
N GLN A 907 -34.33 -21.15 -15.98
CA GLN A 907 -34.45 -22.19 -16.99
C GLN A 907 -33.18 -22.99 -17.23
N PRO A 908 -31.97 -22.40 -17.34
CA PRO A 908 -30.77 -23.24 -17.52
C PRO A 908 -30.53 -24.20 -16.37
N PHE A 909 -30.82 -23.81 -15.13
CA PHE A 909 -30.58 -24.71 -14.01
C PHE A 909 -31.63 -25.81 -13.96
N ALA A 910 -32.90 -25.46 -14.18
CA ALA A 910 -33.97 -26.46 -14.15
C ALA A 910 -33.87 -27.47 -15.27
N CYS A 911 -33.22 -27.11 -16.39
CA CYS A 911 -33.04 -28.02 -17.50
C CYS A 911 -31.78 -28.85 -17.40
N GLY A 912 -30.92 -28.58 -16.42
CA GLY A 912 -29.69 -29.33 -16.26
C GLY A 912 -28.57 -28.93 -17.18
N THR A 913 -28.73 -27.84 -17.92
CA THR A 913 -27.70 -27.38 -18.86
C THR A 913 -26.65 -26.49 -18.20
N ALA A 914 -26.81 -26.15 -16.93
CA ALA A 914 -25.85 -25.34 -16.20
C ALA A 914 -25.57 -25.99 -14.84
N PHE A 915 -24.32 -25.97 -14.43
CA PHE A 915 -23.88 -26.53 -13.16
C PHE A 915 -23.20 -25.44 -12.36
N ALA A 916 -23.91 -24.89 -11.36
CA ALA A 916 -23.33 -23.91 -10.45
C ALA A 916 -22.62 -24.63 -9.33
N VAL A 917 -21.35 -24.26 -9.11
CA VAL A 917 -20.55 -24.94 -8.09
C VAL A 917 -21.03 -24.62 -6.68
N SER A 918 -21.84 -23.57 -6.52
CA SER A 918 -22.29 -23.16 -5.19
C SER A 918 -23.14 -24.25 -4.50
N VAL A 919 -23.73 -25.15 -5.28
CA VAL A 919 -24.51 -26.24 -4.68
C VAL A 919 -23.61 -27.13 -3.83
N LEU A 920 -22.32 -27.21 -4.18
CA LEU A 920 -21.38 -27.95 -3.33
C LEU A 920 -21.28 -27.30 -1.96
N ASP A 921 -21.29 -25.96 -1.91
CA ASP A 921 -21.30 -25.26 -0.63
C ASP A 921 -22.57 -25.58 0.16
N SER A 922 -23.65 -25.96 -0.52
CA SER A 922 -24.83 -26.42 0.18
C SER A 922 -24.64 -27.83 0.72
N LEU A 923 -23.89 -28.67 0.00
CA LEU A 923 -23.75 -30.08 0.38
C LEU A 923 -23.12 -30.21 1.75
N MET A 924 -22.11 -29.38 2.05
CA MET A 924 -21.50 -29.37 3.38
C MET A 924 -22.55 -29.16 4.46
N SER A 925 -23.49 -28.22 4.24
CA SER A 925 -24.57 -28.03 5.18
C SER A 925 -25.39 -29.30 5.32
N ALA A 926 -25.73 -29.92 4.18
CA ALA A 926 -26.46 -31.20 4.21
C ALA A 926 -25.62 -32.28 4.88
N THR A 927 -24.29 -32.13 4.85
CA THR A 927 -23.43 -33.08 5.55
C THR A 927 -23.47 -32.86 7.06
N TYR A 928 -23.65 -31.61 7.50
CA TYR A 928 -23.59 -31.33 8.93
C TYR A 928 -24.78 -31.92 9.66
N PHE A 929 -25.98 -31.83 9.08
CA PHE A 929 -27.18 -32.35 9.72
C PHE A 929 -27.40 -33.84 9.46
N ASN A 930 -26.65 -34.43 8.53
CA ASN A 930 -26.77 -35.87 8.26
C ASN A 930 -25.50 -36.30 7.53
N ASP A 931 -24.73 -37.19 8.15
CA ASP A 931 -23.46 -37.62 7.58
C ASP A 931 -23.62 -38.71 6.53
N ASN A 932 -24.78 -39.37 6.45
CA ASN A 932 -24.98 -40.42 5.46
C ASN A 932 -25.26 -39.88 4.08
N ILE A 933 -25.68 -38.62 3.96
CA ILE A 933 -25.99 -38.03 2.66
C ILE A 933 -24.73 -37.96 1.80
N LEU A 934 -23.61 -37.55 2.40
CA LEU A 934 -22.36 -37.46 1.65
C LEU A 934 -21.90 -38.83 1.16
N THR A 935 -22.02 -39.85 2.03
CA THR A 935 -21.61 -41.19 1.63
C THR A 935 -22.50 -41.74 0.52
N LEU A 936 -23.81 -41.50 0.61
CA LEU A 936 -24.72 -41.94 -0.44
C LEU A 936 -24.41 -41.24 -1.77
N ILE A 937 -24.14 -39.94 -1.72
CA ILE A 937 -23.83 -39.21 -2.93
C ILE A 937 -22.50 -39.70 -3.52
N ARG A 938 -21.53 -39.99 -2.66
CA ARG A 938 -20.24 -40.48 -3.16
C ARG A 938 -20.39 -41.85 -3.82
N THR A 939 -21.16 -42.75 -3.21
CA THR A 939 -21.32 -44.08 -3.79
C THR A 939 -22.27 -44.11 -4.98
N LEU A 940 -23.11 -43.10 -5.16
CA LEU A 940 -23.98 -43.02 -6.33
C LEU A 940 -23.33 -42.29 -7.49
N VAL A 941 -22.49 -41.30 -7.21
CA VAL A 941 -22.00 -40.38 -8.23
C VAL A 941 -20.60 -40.73 -8.74
N THR A 942 -19.69 -41.13 -7.85
CA THR A 942 -18.31 -41.39 -8.24
C THR A 942 -18.12 -42.73 -8.95
N GLY A 943 -19.20 -43.42 -9.28
CA GLY A 943 -19.10 -44.71 -9.94
C GLY A 943 -18.92 -45.89 -9.03
N GLY A 944 -19.02 -45.69 -7.71
CA GLY A 944 -18.87 -46.79 -6.78
C GLY A 944 -17.47 -47.02 -6.25
N ALA A 945 -16.70 -45.95 -6.08
CA ALA A 945 -15.35 -46.09 -5.53
C ALA A 945 -15.40 -46.64 -4.11
N THR A 946 -14.52 -47.60 -3.83
CA THR A 946 -14.46 -48.27 -2.54
C THR A 946 -13.24 -47.83 -1.75
N PRO A 947 -13.28 -47.96 -0.42
CA PRO A 947 -12.09 -47.60 0.39
C PRO A 947 -10.86 -48.43 0.05
N GLU A 948 -11.04 -49.68 -0.36
CA GLU A 948 -9.91 -50.49 -0.81
C GLU A 948 -9.26 -49.87 -2.05
N LEU A 949 -10.08 -49.42 -2.99
CA LEU A 949 -9.56 -48.70 -4.16
C LEU A 949 -8.89 -47.40 -3.76
N GLU A 950 -9.45 -46.71 -2.75
CA GLU A 950 -8.81 -45.51 -2.23
C GLU A 950 -7.42 -45.81 -1.69
N ALA A 951 -7.28 -46.90 -0.93
CA ALA A 951 -5.99 -47.28 -0.37
C ALA A 951 -5.01 -47.66 -1.47
N LEU A 952 -5.48 -48.39 -2.49
CA LEU A 952 -4.60 -48.76 -3.59
C LEU A 952 -4.12 -47.53 -4.37
N ILE A 953 -5.02 -46.59 -4.63
CA ILE A 953 -4.64 -45.37 -5.33
C ILE A 953 -3.68 -44.54 -4.48
N ALA A 954 -3.89 -44.52 -3.16
CA ALA A 954 -2.95 -43.84 -2.27
C ALA A 954 -1.58 -44.49 -2.32
N GLU A 955 -1.54 -45.82 -2.37
CA GLU A 955 -0.25 -46.53 -2.37
C GLU A 955 0.51 -46.32 -3.67
N GLU A 956 -0.19 -46.38 -4.82
CA GLU A 956 0.50 -46.39 -6.10
C GLU A 956 0.36 -45.10 -6.91
N ASN A 957 -0.56 -44.20 -6.54
CA ASN A 957 -0.82 -42.97 -7.27
C ASN A 957 -1.22 -43.23 -8.72
N ALA A 958 -1.83 -44.39 -8.97
CA ALA A 958 -2.24 -44.78 -10.32
C ALA A 958 -3.23 -45.93 -10.18
N LEU A 959 -3.76 -46.37 -11.32
CA LEU A 959 -4.68 -47.50 -11.38
C LEU A 959 -3.94 -48.71 -11.92
N ARG A 960 -4.01 -49.82 -11.19
CA ARG A 960 -3.30 -51.04 -11.53
C ARG A 960 -4.27 -52.06 -12.11
N GLY A 961 -3.95 -52.58 -13.29
CA GLY A 961 -4.78 -53.60 -13.90
C GLY A 961 -4.58 -54.96 -13.25
N GLY A 962 -5.44 -55.89 -13.64
CA GLY A 962 -5.38 -57.23 -13.10
C GLY A 962 -6.21 -58.19 -13.92
N TYR A 963 -5.86 -59.46 -13.82
CA TYR A 963 -6.58 -60.50 -14.55
C TYR A 963 -7.95 -60.74 -13.94
N SER A 964 -8.89 -61.16 -14.78
CA SER A 964 -10.27 -61.36 -14.36
C SER A 964 -10.39 -62.63 -13.53
N THR A 965 -11.06 -62.50 -12.38
CA THR A 965 -11.36 -63.59 -11.48
C THR A 965 -12.86 -63.57 -11.19
N PRO A 966 -13.44 -64.70 -10.80
CA PRO A 966 -14.89 -64.71 -10.50
C PRO A 966 -15.31 -63.72 -9.44
N GLN A 967 -14.46 -63.44 -8.46
CA GLN A 967 -14.79 -62.43 -7.45
C GLN A 967 -14.91 -61.04 -8.08
N THR A 968 -13.96 -60.68 -8.94
CA THR A 968 -14.01 -59.38 -9.59
C THR A 968 -15.17 -59.29 -10.58
N LEU A 969 -15.47 -60.39 -11.26
CA LEU A 969 -16.61 -60.40 -12.17
C LEU A 969 -17.92 -60.27 -11.42
N ALA A 970 -18.00 -60.86 -10.22
CA ALA A 970 -19.16 -60.65 -9.37
C ALA A 970 -19.22 -59.22 -8.84
N ASN A 971 -18.05 -58.60 -8.65
CA ASN A 971 -18.00 -57.20 -8.23
C ASN A 971 -18.46 -56.26 -9.33
N ARG A 972 -18.53 -56.75 -10.58
CA ARG A 972 -18.95 -55.91 -11.69
C ARG A 972 -20.44 -55.58 -11.64
N ASP A 973 -21.25 -56.47 -11.06
CA ASP A 973 -22.70 -56.30 -11.04
C ASP A 973 -23.09 -55.17 -10.10
N ARG A 974 -23.57 -54.06 -10.68
CA ARG A 974 -24.06 -52.93 -9.91
C ARG A 974 -25.29 -52.37 -10.62
N CYS A 975 -25.70 -51.17 -10.23
CA CYS A 975 -26.78 -50.46 -10.88
C CYS A 975 -26.28 -49.13 -11.44
N ARG A 976 -26.81 -48.75 -12.60
CA ARG A 976 -26.34 -47.58 -13.32
C ARG A 976 -27.49 -46.62 -13.58
N VAL A 977 -27.15 -45.34 -13.68
CA VAL A 977 -28.14 -44.30 -13.95
C VAL A 977 -28.40 -44.23 -15.45
N ALA A 978 -29.67 -44.23 -15.84
CA ALA A 978 -30.03 -44.19 -17.24
C ALA A 978 -31.33 -43.43 -17.43
N GLN A 979 -31.58 -43.03 -18.67
CA GLN A 979 -32.84 -42.43 -19.08
C GLN A 979 -33.48 -43.31 -20.15
N LEU A 980 -34.79 -43.53 -20.01
CA LEU A 980 -35.51 -44.36 -20.97
C LEU A 980 -36.68 -43.59 -21.56
N ALA A 981 -36.94 -43.82 -22.84
CA ALA A 981 -38.03 -43.18 -23.55
C ALA A 981 -39.23 -44.13 -23.65
N LEU A 982 -40.42 -43.54 -23.70
CA LEU A 982 -41.66 -44.30 -23.78
C LEU A 982 -42.23 -44.34 -25.19
N LEU A 983 -41.44 -43.95 -26.20
CA LEU A 983 -41.94 -43.92 -27.56
C LEU A 983 -42.16 -45.33 -28.11
N ASP A 984 -41.17 -46.20 -27.93
CA ASP A 984 -41.24 -47.54 -28.51
C ASP A 984 -40.77 -48.64 -27.57
N GLY A 985 -40.61 -48.36 -26.28
CA GLY A 985 -40.18 -49.37 -25.35
C GLY A 985 -41.30 -50.28 -24.90
N PRO A 986 -41.01 -51.18 -23.96
CA PRO A 986 -42.07 -52.05 -23.42
C PRO A 986 -43.16 -51.29 -22.68
N PHE A 987 -42.90 -50.07 -22.24
CA PHE A 987 -43.86 -49.26 -21.50
C PHE A 987 -44.56 -48.25 -22.40
N ALA A 988 -44.49 -48.41 -23.72
CA ALA A 988 -45.08 -47.45 -24.63
C ALA A 988 -46.60 -47.42 -24.52
N ASP A 989 -47.23 -48.57 -24.22
CA ASP A 989 -48.68 -48.62 -24.10
C ASP A 989 -49.18 -47.92 -22.85
N LEU A 990 -48.30 -47.55 -21.92
CA LEU A 990 -48.71 -46.89 -20.68
C LEU A 990 -48.38 -45.40 -20.65
N GLY A 991 -47.48 -44.94 -21.52
CA GLY A 991 -47.09 -43.54 -21.51
C GLY A 991 -48.14 -42.59 -22.05
N ASP A 992 -49.18 -43.10 -22.69
CA ASP A 992 -50.25 -42.26 -23.26
C ASP A 992 -51.39 -42.16 -22.26
N GLY A 993 -51.24 -41.23 -21.32
CA GLY A 993 -52.27 -40.97 -20.34
C GLY A 993 -52.23 -41.81 -19.09
N GLY A 994 -51.33 -42.80 -19.01
CA GLY A 994 -51.24 -43.62 -17.82
C GLY A 994 -50.60 -42.88 -16.67
N CYS A 995 -50.75 -43.45 -15.48
CA CYS A 995 -50.20 -42.85 -14.27
C CYS A 995 -48.78 -43.34 -14.03
N TYR A 996 -48.03 -42.53 -13.27
CA TYR A 996 -46.63 -42.85 -12.97
C TYR A 996 -46.52 -44.06 -12.05
N GLY A 997 -47.52 -44.28 -11.20
CA GLY A 997 -47.44 -45.38 -10.25
C GLY A 997 -47.42 -46.74 -10.89
N ASP A 998 -48.25 -46.94 -11.93
CA ASP A 998 -48.23 -48.20 -12.66
C ASP A 998 -46.89 -48.44 -13.34
N LEU A 999 -46.32 -47.38 -13.91
CA LEU A 999 -45.00 -47.50 -14.53
C LEU A 999 -43.95 -47.90 -13.51
N PHE A 1000 -43.96 -47.24 -12.34
CA PHE A 1000 -43.00 -47.56 -11.29
C PHE A 1000 -43.15 -49.00 -10.82
N CYS A 1001 -44.39 -49.43 -10.59
CA CYS A 1001 -44.63 -50.78 -10.10
C CYS A 1001 -44.22 -51.83 -11.13
N LYS A 1002 -44.55 -51.60 -12.40
CA LYS A 1002 -44.19 -52.56 -13.44
C LYS A 1002 -42.68 -52.63 -13.62
N ALA A 1003 -42.00 -51.47 -13.61
CA ALA A 1003 -40.55 -51.47 -13.76
C ALA A 1003 -39.87 -52.15 -12.58
N LEU A 1004 -40.38 -51.94 -11.36
CA LEU A 1004 -39.76 -52.56 -10.18
C LEU A 1004 -40.01 -54.06 -10.16
N LYS A 1005 -41.21 -54.50 -10.52
CA LYS A 1005 -41.52 -55.93 -10.44
C LYS A 1005 -40.85 -56.72 -11.56
N THR A 1006 -40.88 -56.19 -12.79
CA THR A 1006 -40.45 -56.98 -13.93
C THR A 1006 -38.92 -56.95 -14.08
N TYR A 1007 -38.36 -55.76 -14.30
CA TYR A 1007 -36.94 -55.61 -14.61
C TYR A 1007 -36.11 -55.17 -13.41
N ASN A 1008 -36.71 -55.09 -12.22
CA ASN A 1008 -36.05 -54.59 -11.01
C ASN A 1008 -35.47 -53.20 -11.25
N MET A 1009 -36.29 -52.34 -11.85
CA MET A 1009 -35.87 -51.01 -12.28
C MET A 1009 -36.51 -49.97 -11.37
N LEU A 1010 -35.71 -49.02 -10.89
CA LEU A 1010 -36.15 -48.01 -9.93
C LEU A 1010 -36.27 -46.67 -10.64
N CYS A 1011 -37.51 -46.29 -10.96
CA CYS A 1011 -37.77 -44.99 -11.56
C CYS A 1011 -37.89 -43.94 -10.46
N PHE A 1012 -37.19 -42.81 -10.64
CA PHE A 1012 -37.17 -41.79 -9.60
C PHE A 1012 -37.26 -40.37 -10.15
N GLY A 1013 -37.73 -40.20 -11.39
CA GLY A 1013 -37.89 -38.85 -11.92
C GLY A 1013 -38.29 -38.81 -13.37
N ILE A 1014 -38.86 -37.68 -13.79
CA ILE A 1014 -39.35 -37.50 -15.16
C ILE A 1014 -38.63 -36.31 -15.77
N TYR A 1015 -38.05 -36.53 -16.95
CA TYR A 1015 -37.45 -35.47 -17.75
C TYR A 1015 -38.47 -35.13 -18.84
N ARG A 1016 -39.12 -33.99 -18.69
CA ARG A 1016 -40.33 -33.67 -19.45
C ARG A 1016 -40.09 -32.45 -20.34
N LEU A 1017 -40.59 -32.52 -21.57
CA LEU A 1017 -40.47 -31.41 -22.51
C LEU A 1017 -41.09 -30.15 -21.94
N ARG A 1018 -40.40 -29.02 -22.11
CA ARG A 1018 -40.87 -27.75 -21.56
C ARG A 1018 -42.20 -27.33 -22.19
N ASP A 1019 -42.30 -27.42 -23.51
CA ASP A 1019 -43.53 -27.07 -24.20
C ASP A 1019 -44.42 -28.28 -24.43
N ALA A 1020 -44.73 -29.00 -23.35
CA ALA A 1020 -45.61 -30.16 -23.42
C ALA A 1020 -47.01 -29.88 -22.92
N HIS A 1021 -47.16 -29.03 -21.90
CA HIS A 1021 -48.48 -28.66 -21.42
C HIS A 1021 -49.20 -27.73 -22.38
N LEU A 1022 -48.46 -27.01 -23.23
CA LEU A 1022 -49.08 -26.12 -24.20
C LEU A 1022 -49.79 -26.92 -25.29
N SER A 1023 -50.97 -26.45 -25.68
CA SER A 1023 -51.71 -27.12 -26.74
C SER A 1023 -51.08 -26.88 -28.10
N THR A 1024 -50.55 -25.68 -28.32
CA THR A 1024 -49.92 -25.37 -29.60
C THR A 1024 -48.61 -26.12 -29.76
N PRO A 1025 -48.27 -26.56 -30.97
CA PRO A 1025 -46.98 -27.22 -31.18
C PRO A 1025 -45.82 -26.24 -31.06
N SER A 1026 -44.66 -26.79 -30.72
CA SER A 1026 -43.45 -25.98 -30.56
C SER A 1026 -42.25 -26.80 -31.02
N GLN A 1027 -41.18 -26.09 -31.40
CA GLN A 1027 -39.95 -26.71 -31.84
C GLN A 1027 -38.89 -26.80 -30.75
N CYS A 1028 -39.20 -26.35 -29.54
CA CYS A 1028 -38.23 -26.39 -28.46
C CYS A 1028 -38.05 -27.82 -27.96
N THR A 1029 -36.79 -28.24 -27.84
CA THR A 1029 -36.45 -29.58 -27.36
C THR A 1029 -35.94 -29.57 -25.92
N LYS A 1030 -35.98 -28.42 -25.25
CA LYS A 1030 -35.53 -28.34 -23.87
C LYS A 1030 -36.49 -29.09 -22.95
N ARG A 1031 -35.92 -29.76 -21.95
CA ARG A 1031 -36.70 -30.52 -20.98
C ARG A 1031 -36.28 -30.11 -19.57
N TYR A 1032 -37.24 -30.18 -18.66
CA TYR A 1032 -37.03 -29.89 -17.25
C TYR A 1032 -37.22 -31.14 -16.42
N VAL A 1033 -36.91 -31.03 -15.13
CA VAL A 1033 -36.79 -32.17 -14.22
C VAL A 1033 -37.94 -32.13 -13.23
N ILE A 1034 -38.64 -33.25 -13.09
CA ILE A 1034 -39.64 -33.46 -12.05
C ILE A 1034 -39.16 -34.60 -11.17
N THR A 1035 -38.91 -34.30 -9.90
CA THR A 1035 -38.32 -35.26 -8.98
C THR A 1035 -39.41 -35.96 -8.19
N ASN A 1036 -39.47 -37.29 -8.30
CA ASN A 1036 -40.39 -38.17 -7.57
C ASN A 1036 -41.83 -37.71 -7.68
N PRO A 1037 -42.46 -37.88 -8.84
CA PRO A 1037 -43.87 -37.46 -8.99
C PRO A 1037 -44.78 -38.37 -8.20
N PRO A 1038 -45.98 -37.90 -7.84
CA PRO A 1038 -46.91 -38.75 -7.09
C PRO A 1038 -47.44 -39.94 -7.89
N TYR A 1039 -48.24 -40.78 -7.24
CA TYR A 1039 -48.75 -41.98 -7.89
C TYR A 1039 -49.69 -41.63 -9.04
N GLU A 1040 -50.53 -40.62 -8.86
CA GLU A 1040 -51.54 -40.26 -9.85
C GLU A 1040 -51.02 -39.27 -10.90
N PHE A 1041 -49.70 -39.08 -10.97
CA PHE A 1041 -49.15 -38.15 -11.95
C PHE A 1041 -49.32 -38.72 -13.36
N GLU A 1042 -49.85 -37.91 -14.26
CA GLU A 1042 -50.12 -38.34 -15.62
C GLU A 1042 -48.83 -38.38 -16.45
N LEU A 1043 -48.86 -39.18 -17.50
CA LEU A 1043 -47.71 -39.37 -18.38
C LEU A 1043 -48.08 -38.98 -19.81
N VAL A 1044 -47.09 -38.41 -20.51
CA VAL A 1044 -47.24 -38.09 -21.93
C VAL A 1044 -46.21 -38.90 -22.69
N PRO A 1045 -46.46 -39.27 -23.95
CA PRO A 1045 -45.50 -40.10 -24.70
C PRO A 1045 -44.14 -39.44 -24.90
N THR A 1046 -44.08 -38.10 -24.91
CA THR A 1046 -42.80 -37.40 -25.10
C THR A 1046 -42.19 -37.07 -23.73
N ASP A 1047 -41.83 -38.14 -23.03
CA ASP A 1047 -41.23 -38.03 -21.71
C ASP A 1047 -40.04 -38.98 -21.60
N LEU A 1048 -39.11 -38.65 -20.72
CA LEU A 1048 -38.01 -39.54 -20.38
C LEU A 1048 -38.11 -39.89 -18.91
N ILE A 1049 -37.69 -41.11 -18.56
CA ILE A 1049 -37.77 -41.61 -17.21
C ILE A 1049 -36.36 -41.86 -16.71
N PHE A 1050 -36.01 -41.23 -15.59
CA PHE A 1050 -34.78 -41.57 -14.89
C PHE A 1050 -34.94 -42.94 -14.23
N CYS A 1051 -33.88 -43.74 -14.29
CA CYS A 1051 -33.97 -45.09 -13.75
C CYS A 1051 -32.60 -45.55 -13.30
N LEU A 1052 -32.60 -46.52 -12.39
CA LEU A 1052 -31.41 -47.23 -11.95
C LEU A 1052 -31.52 -48.66 -12.47
N MET A 1053 -30.79 -48.95 -13.53
CA MET A 1053 -30.88 -50.24 -14.22
C MET A 1053 -29.82 -51.20 -13.70
N GLN A 1054 -30.23 -52.45 -13.51
CA GLN A 1054 -29.32 -53.49 -13.06
C GLN A 1054 -28.37 -53.89 -14.19
N PHE A 1055 -27.21 -54.42 -13.79
CA PHE A 1055 -26.27 -54.94 -14.77
C PHE A 1055 -26.78 -56.27 -15.33
N ASP A 1056 -26.67 -56.42 -16.64
CA ASP A 1056 -27.11 -57.62 -17.34
C ASP A 1056 -25.96 -58.17 -18.18
N SER A 1057 -25.83 -59.49 -18.18
CA SER A 1057 -24.77 -60.13 -18.94
C SER A 1057 -25.36 -60.92 -20.11
N GLN B 19 -21.10 68.92 20.45
CA GLN B 19 -19.90 69.42 21.12
C GLN B 19 -18.74 68.44 20.98
N ARG B 20 -18.99 67.35 20.27
CA ARG B 20 -18.00 66.31 20.03
C ARG B 20 -17.54 66.38 18.58
N MET B 21 -16.22 66.38 18.37
CA MET B 21 -15.62 66.57 17.06
C MET B 21 -15.16 65.26 16.43
N TRP B 22 -15.56 64.11 16.98
CA TRP B 22 -15.08 62.82 16.50
C TRP B 22 -15.46 62.57 15.04
N TRP B 23 -16.59 63.13 14.60
CA TRP B 23 -17.04 62.89 13.23
C TRP B 23 -16.06 63.46 12.22
N ALA B 24 -15.46 64.62 12.52
CA ALA B 24 -14.47 65.20 11.63
C ALA B 24 -13.25 64.30 11.50
N PHE B 25 -12.74 63.80 12.63
CA PHE B 25 -11.56 62.92 12.60
C PHE B 25 -11.85 61.64 11.84
N LEU B 26 -13.02 61.03 12.05
CA LEU B 26 -13.36 59.82 11.33
C LEU B 26 -13.53 60.09 9.83
N ALA B 27 -14.30 61.13 9.50
CA ALA B 27 -14.62 61.44 8.11
C ALA B 27 -13.38 61.85 7.33
N SER B 28 -12.36 62.41 8.00
CA SER B 28 -11.12 62.75 7.31
C SER B 28 -10.48 61.51 6.71
N SER B 29 -10.27 60.47 7.52
CA SER B 29 -9.73 59.22 7.01
C SER B 29 -10.67 58.56 6.01
N MET B 30 -11.97 58.62 6.29
CA MET B 30 -12.95 57.99 5.40
C MET B 30 -12.89 58.59 3.99
N VAL B 31 -12.86 59.92 3.89
CA VAL B 31 -12.78 60.55 2.58
C VAL B 31 -11.39 60.35 1.97
N THR B 32 -10.33 60.41 2.80
CA THR B 32 -8.98 60.20 2.30
C THR B 32 -8.83 58.84 1.63
N PHE B 33 -9.55 57.83 2.12
CA PHE B 33 -9.51 56.53 1.47
C PHE B 33 -10.48 56.47 0.29
N PHE B 34 -11.78 56.74 0.54
CA PHE B 34 -12.80 56.52 -0.47
C PHE B 34 -12.64 57.45 -1.67
N GLY B 35 -12.50 58.75 -1.44
CA GLY B 35 -12.43 59.71 -2.54
C GLY B 35 -11.18 59.49 -3.38
N GLY B 36 -10.06 59.18 -2.73
CA GLY B 36 -8.83 58.91 -3.48
C GLY B 36 -8.97 57.64 -4.33
N LEU B 37 -9.57 56.59 -3.77
CA LEU B 37 -9.81 55.39 -4.57
C LEU B 37 -10.74 55.69 -5.73
N PHE B 38 -11.76 56.51 -5.49
CA PHE B 38 -12.71 56.87 -6.53
C PHE B 38 -12.05 57.66 -7.65
N ILE B 39 -11.18 58.61 -7.30
CA ILE B 39 -10.51 59.38 -8.35
C ILE B 39 -9.48 58.54 -9.09
N ILE B 40 -8.86 57.58 -8.43
CA ILE B 40 -7.97 56.65 -9.14
C ILE B 40 -8.77 55.84 -10.16
N LEU B 41 -9.91 55.30 -9.75
CA LEU B 41 -10.76 54.56 -10.67
C LEU B 41 -11.26 55.45 -11.80
N LEU B 42 -11.61 56.70 -11.49
CA LEU B 42 -12.07 57.63 -12.52
C LEU B 42 -10.98 57.94 -13.52
N TRP B 43 -9.74 58.09 -13.04
CA TRP B 43 -8.62 58.31 -13.95
C TRP B 43 -8.41 57.10 -14.86
N ARG B 44 -8.53 55.89 -14.31
CA ARG B 44 -8.41 54.70 -15.14
C ARG B 44 -9.52 54.64 -16.19
N THR B 45 -10.75 55.02 -15.81
CA THR B 45 -11.84 55.03 -16.78
C THR B 45 -11.62 56.07 -17.87
N LEU B 46 -11.09 57.24 -17.51
CA LEU B 46 -10.78 58.25 -18.53
C LEU B 46 -9.67 57.76 -19.45
N LYS B 47 -8.66 57.08 -18.91
CA LYS B 47 -7.61 56.52 -19.75
C LYS B 47 -8.15 55.45 -20.69
N TYR B 48 -9.07 54.63 -20.20
CA TYR B 48 -9.70 53.61 -21.05
C TYR B 48 -10.54 54.26 -22.15
N LEU B 49 -11.28 55.32 -21.81
CA LEU B 49 -12.13 55.98 -22.80
C LEU B 49 -11.29 56.70 -23.85
N TRP B 50 -10.19 57.32 -23.44
CA TRP B 50 -9.34 58.06 -24.36
C TRP B 50 -8.58 57.11 -25.28
N TRP B 93 11.69 62.49 -16.25
CA TRP B 93 12.53 61.60 -15.45
C TRP B 93 11.71 60.87 -14.39
N MET B 94 10.44 60.62 -14.71
CA MET B 94 9.57 59.90 -13.79
C MET B 94 10.05 58.47 -13.56
N THR B 95 10.52 57.81 -14.64
CA THR B 95 11.01 56.45 -14.51
C THR B 95 12.25 56.38 -13.61
N SER B 96 13.14 57.37 -13.74
CA SER B 96 14.37 57.37 -12.94
C SER B 96 14.07 57.50 -11.46
N VAL B 97 13.22 58.46 -11.09
CA VAL B 97 12.89 58.64 -9.69
C VAL B 97 12.06 57.47 -9.17
N LYS B 98 11.21 56.88 -10.02
CA LYS B 98 10.46 55.70 -9.60
C LYS B 98 11.39 54.53 -9.29
N ASP B 99 12.38 54.29 -10.16
CA ASP B 99 13.34 53.22 -9.89
C ASP B 99 14.21 53.53 -8.68
N TRP B 100 14.56 54.80 -8.47
CA TRP B 100 15.33 55.17 -7.30
C TRP B 100 14.55 54.89 -6.02
N ALA B 101 13.28 55.32 -5.97
CA ALA B 101 12.44 55.04 -4.81
C ALA B 101 12.21 53.55 -4.63
N GLY B 102 12.17 52.80 -5.72
CA GLY B 102 12.05 51.35 -5.62
C GLY B 102 13.34 50.65 -5.20
N VAL B 103 14.49 51.29 -5.40
CA VAL B 103 15.75 50.64 -5.04
C VAL B 103 16.23 51.01 -3.65
N MET B 104 15.73 52.11 -3.06
CA MET B 104 15.95 52.30 -1.62
C MET B 104 15.30 51.17 -0.82
N ILE B 105 14.02 50.90 -1.08
CA ILE B 105 13.28 49.89 -0.31
C ILE B 105 13.40 48.55 -1.02
N SER B 106 14.05 47.60 -0.36
CA SER B 106 14.23 46.26 -0.88
C SER B 106 14.57 45.33 0.27
N ALA B 107 14.39 44.03 0.04
CA ALA B 107 14.79 43.04 1.03
C ALA B 107 16.30 42.87 1.07
N GLN B 108 16.98 43.12 -0.04
CA GLN B 108 18.43 42.96 -0.12
C GLN B 108 19.17 44.25 0.18
N THR B 109 18.57 45.40 -0.11
CA THR B 109 19.23 46.68 0.13
C THR B 109 19.34 46.94 1.62
N LEU B 110 20.53 47.33 2.07
CA LEU B 110 20.74 47.62 3.49
C LEU B 110 19.92 48.83 3.93
N THR B 111 19.78 49.82 3.03
CA THR B 111 18.97 50.99 3.35
C THR B 111 17.52 50.61 3.60
N GLY B 112 16.96 49.72 2.77
CA GLY B 112 15.61 49.26 3.00
C GLY B 112 15.47 48.48 4.30
N ARG B 113 16.49 47.68 4.64
CA ARG B 113 16.46 46.91 5.87
C ARG B 113 16.43 47.83 7.09
N VAL B 114 17.35 48.81 7.13
CA VAL B 114 17.36 49.72 8.26
C VAL B 114 16.11 50.59 8.27
N LEU B 115 15.54 50.87 7.09
CA LEU B 115 14.31 51.66 7.03
C LEU B 115 13.14 50.91 7.64
N VAL B 116 12.99 49.63 7.32
CA VAL B 116 11.88 48.86 7.87
C VAL B 116 12.10 48.60 9.37
N VAL B 117 13.35 48.42 9.80
CA VAL B 117 13.61 48.28 11.23
C VAL B 117 13.24 49.56 11.97
N LEU B 118 13.61 50.71 11.40
CA LEU B 118 13.30 51.98 12.05
C LEU B 118 11.80 52.23 12.08
N VAL B 119 11.09 51.90 11.00
CA VAL B 119 9.64 52.14 11.00
C VAL B 119 8.95 51.20 11.96
N PHE B 120 9.46 49.97 12.13
CA PHE B 120 8.91 49.08 13.15
C PHE B 120 9.16 49.61 14.55
N ALA B 121 10.36 50.15 14.80
CA ALA B 121 10.64 50.73 16.12
C ALA B 121 9.74 51.92 16.41
N LEU B 122 9.52 52.78 15.42
CA LEU B 122 8.60 53.90 15.60
C LEU B 122 7.17 53.43 15.76
N SER B 123 6.79 52.31 15.14
CA SER B 123 5.47 51.75 15.35
C SER B 123 5.31 51.27 16.78
N ILE B 124 6.33 50.61 17.33
CA ILE B 124 6.29 50.20 18.74
C ILE B 124 6.20 51.41 19.64
N GLY B 125 6.94 52.47 19.33
CA GLY B 125 6.86 53.68 20.11
C GLY B 125 5.47 54.31 20.09
N ALA B 126 4.85 54.34 18.90
CA ALA B 126 3.49 54.86 18.79
C ALA B 126 2.50 54.01 19.57
N LEU B 127 2.69 52.69 19.56
CA LEU B 127 1.83 51.80 20.34
C LEU B 127 1.97 52.08 21.84
N VAL B 128 3.21 52.30 22.30
CA VAL B 128 3.43 52.62 23.71
C VAL B 128 2.79 53.97 24.06
N ILE B 129 2.90 54.95 23.16
CA ILE B 129 2.28 56.26 23.40
C ILE B 129 0.77 56.13 23.47
N TYR B 130 0.18 55.28 22.61
CA TYR B 130 -1.26 55.02 22.68
C TYR B 130 -1.63 54.34 23.99
N PHE B 131 -0.81 53.40 24.46
CA PHE B 131 -1.07 52.75 25.73
C PHE B 131 -1.07 53.75 26.87
N ILE B 132 -0.13 54.69 26.86
CA ILE B 132 -0.10 55.73 27.88
C ILE B 132 -1.32 56.64 27.76
N ASP B 133 -1.68 57.03 26.54
CA ASP B 133 -2.76 57.98 26.32
C ASP B 133 -4.14 57.37 26.54
N SER B 134 -4.25 56.04 26.59
CA SER B 134 -5.55 55.41 26.79
C SER B 134 -6.18 55.79 28.11
N SER B 135 -5.37 56.12 29.12
CA SER B 135 -5.93 56.52 30.42
C SER B 135 -6.65 57.86 30.35
N ASN B 136 -6.24 58.73 29.41
CA ASN B 136 -6.88 60.02 29.25
C ASN B 136 -8.29 59.84 28.66
N PRO B 137 -9.16 60.84 28.84
CA PRO B 137 -10.50 60.77 28.23
C PRO B 137 -10.43 60.70 26.71
N ILE B 138 -11.52 60.20 26.13
CA ILE B 138 -11.57 59.94 24.69
C ILE B 138 -11.40 61.23 23.90
N GLU B 139 -12.12 62.28 24.31
CA GLU B 139 -12.04 63.58 23.67
C GLU B 139 -11.52 64.60 24.68
N SER B 140 -10.50 65.35 24.27
CA SER B 140 -9.91 66.37 25.14
C SER B 140 -9.18 67.39 24.27
N CYS B 141 -8.92 68.54 24.87
CA CYS B 141 -8.19 69.62 24.21
C CYS B 141 -6.88 69.85 24.95
N GLN B 142 -5.79 69.95 24.18
CA GLN B 142 -4.47 70.12 24.76
C GLN B 142 -3.60 70.93 23.80
N ASN B 143 -2.88 71.90 24.35
CA ASN B 143 -2.06 72.78 23.53
C ASN B 143 -0.83 72.04 23.01
N PHE B 144 -0.47 72.33 21.76
CA PHE B 144 0.72 71.71 21.17
C PHE B 144 1.99 72.16 21.88
N TYR B 145 2.10 73.46 22.20
CA TYR B 145 3.31 73.97 22.81
C TYR B 145 3.49 73.43 24.23
N LYS B 146 2.40 73.31 24.99
CA LYS B 146 2.51 72.81 26.36
C LYS B 146 2.83 71.32 26.39
N ASP B 147 2.19 70.54 25.54
CA ASP B 147 2.37 69.10 25.55
C ASP B 147 3.66 68.71 24.84
N PHE B 148 4.24 67.59 25.27
CA PHE B 148 5.46 67.05 24.68
C PHE B 148 5.27 65.71 24.01
N THR B 149 4.37 64.86 24.51
CA THR B 149 4.14 63.56 23.90
C THR B 149 3.52 63.69 22.51
N LEU B 150 2.63 64.66 22.33
CA LEU B 150 2.00 64.85 21.02
C LEU B 150 3.02 65.31 19.98
N GLN B 151 4.07 66.04 20.42
CA GLN B 151 5.12 66.45 19.50
C GLN B 151 5.86 65.26 18.93
N ILE B 152 6.27 64.33 19.78
CA ILE B 152 6.98 63.16 19.28
C ILE B 152 6.02 62.21 18.56
N ASP B 153 4.73 62.25 18.90
CA ASP B 153 3.75 61.49 18.14
C ASP B 153 3.67 62.00 16.70
N MET B 154 3.63 63.32 16.52
CA MET B 154 3.66 63.87 15.17
C MET B 154 5.00 63.64 14.50
N ALA B 155 6.09 63.60 15.27
CA ALA B 155 7.39 63.29 14.71
C ALA B 155 7.42 61.88 14.12
N PHE B 156 6.79 60.93 14.80
CA PHE B 156 6.66 59.59 14.23
C PHE B 156 5.72 59.60 13.04
N ASN B 157 4.63 60.37 13.13
CA ASN B 157 3.59 60.35 12.10
C ASN B 157 4.08 60.94 10.79
N VAL B 158 4.91 61.99 10.85
CA VAL B 158 5.44 62.57 9.61
C VAL B 158 6.41 61.60 8.93
N PHE B 159 7.18 60.85 9.72
CA PHE B 159 8.02 59.82 9.15
C PHE B 159 7.19 58.73 8.49
N PHE B 160 6.08 58.35 9.12
CA PHE B 160 5.16 57.38 8.50
C PHE B 160 4.60 57.92 7.19
N LEU B 161 4.25 59.21 7.17
CA LEU B 161 3.73 59.81 5.95
C LEU B 161 4.77 59.83 4.83
N LEU B 162 6.02 60.17 5.17
CA LEU B 162 7.09 60.16 4.16
C LEU B 162 7.34 58.75 3.64
N TYR B 163 7.34 57.75 4.54
CA TYR B 163 7.49 56.37 4.10
C TYR B 163 6.35 55.93 3.19
N PHE B 164 5.12 56.33 3.54
CA PHE B 164 3.97 56.00 2.70
C PHE B 164 4.09 56.65 1.32
N GLY B 165 4.53 57.90 1.27
CA GLY B 165 4.72 58.55 -0.02
C GLY B 165 5.81 57.90 -0.84
N LEU B 166 6.89 57.48 -0.17
CA LEU B 166 7.99 56.81 -0.88
C LEU B 166 7.53 55.48 -1.46
N ARG B 167 6.71 54.73 -0.72
CA ARG B 167 6.13 53.52 -1.29
C ARG B 167 5.14 53.83 -2.41
N PHE B 168 4.39 54.93 -2.28
CA PHE B 168 3.39 55.27 -3.29
C PHE B 168 4.04 55.61 -4.62
N ILE B 169 5.11 56.40 -4.61
CA ILE B 169 5.77 56.75 -5.86
C ILE B 169 6.47 55.54 -6.46
N ALA B 170 6.93 54.61 -5.64
CA ALA B 170 7.53 53.37 -6.12
C ALA B 170 6.50 52.23 -6.12
N ALA B 171 5.42 52.44 -6.85
CA ALA B 171 4.34 51.46 -6.95
C ALA B 171 4.05 51.18 -8.42
N ASN B 172 4.09 49.90 -8.80
CA ASN B 172 3.77 49.54 -10.18
C ASN B 172 2.27 49.65 -10.45
N ASP B 173 1.44 49.26 -9.49
CA ASP B 173 0.00 49.38 -9.60
C ASP B 173 -0.50 50.13 -8.38
N LYS B 174 -1.24 51.22 -8.60
CA LYS B 174 -1.69 52.05 -7.50
C LYS B 174 -2.86 51.44 -6.74
N LEU B 175 -3.70 50.65 -7.40
CA LEU B 175 -4.87 50.07 -6.73
C LEU B 175 -4.46 49.02 -5.71
N TRP B 176 -3.58 48.10 -6.09
CA TRP B 176 -3.17 47.04 -5.17
C TRP B 176 -2.36 47.60 -4.01
N PHE B 177 -1.53 48.61 -4.28
CA PHE B 177 -0.85 49.30 -3.18
C PHE B 177 -1.83 50.07 -2.31
N TRP B 178 -2.90 50.59 -2.90
CA TRP B 178 -3.88 51.37 -2.16
C TRP B 178 -4.83 50.50 -1.35
N LEU B 179 -4.86 49.20 -1.62
CA LEU B 179 -5.71 48.26 -0.90
C LEU B 179 -4.89 47.26 -0.08
N GLU B 180 -3.86 47.74 0.61
CA GLU B 180 -3.11 46.93 1.55
C GLU B 180 -3.34 47.44 2.97
N VAL B 181 -3.04 46.58 3.94
CA VAL B 181 -3.35 46.90 5.33
C VAL B 181 -2.50 48.07 5.84
N ASN B 182 -1.24 48.15 5.40
CA ASN B 182 -0.36 49.21 5.85
C ASN B 182 -0.86 50.57 5.38
N SER B 183 -1.34 50.64 4.14
CA SER B 183 -1.91 51.89 3.63
C SER B 183 -3.13 52.30 4.42
N VAL B 184 -3.98 51.34 4.78
CA VAL B 184 -5.19 51.64 5.55
C VAL B 184 -4.82 52.15 6.94
N VAL B 185 -3.80 51.55 7.56
CA VAL B 185 -3.33 52.02 8.86
C VAL B 185 -2.81 53.45 8.74
N ASP B 186 -2.06 53.75 7.68
CA ASP B 186 -1.58 55.10 7.47
C ASP B 186 -2.72 56.09 7.28
N PHE B 187 -3.75 55.69 6.52
CA PHE B 187 -4.89 56.56 6.28
C PHE B 187 -5.66 56.83 7.57
N PHE B 188 -5.76 55.84 8.43
CA PHE B 188 -6.49 56.01 9.69
C PHE B 188 -5.61 56.55 10.81
N THR B 189 -4.32 56.77 10.55
CA THR B 189 -3.43 57.33 11.56
C THR B 189 -3.00 58.77 11.29
N VAL B 190 -2.55 59.07 10.08
CA VAL B 190 -1.91 60.38 9.82
C VAL B 190 -2.91 61.50 9.54
N PRO B 191 -3.95 61.32 8.72
CA PRO B 191 -4.95 62.39 8.57
C PRO B 191 -5.62 62.79 9.89
N PRO B 192 -5.96 61.85 10.78
CA PRO B 192 -6.52 62.31 12.07
C PRO B 192 -5.53 63.11 12.91
N VAL B 193 -4.23 62.82 12.87
CA VAL B 193 -3.32 63.63 13.68
C VAL B 193 -3.13 65.01 13.04
N PHE B 194 -3.19 65.09 11.71
CA PHE B 194 -3.22 66.42 11.09
C PHE B 194 -4.47 67.20 11.50
N VAL B 195 -5.63 66.53 11.55
CA VAL B 195 -6.85 67.20 11.98
C VAL B 195 -6.72 67.64 13.44
N SER B 196 -6.10 66.81 14.28
CA SER B 196 -5.92 67.16 15.68
C SER B 196 -5.02 68.37 15.85
N VAL B 197 -3.92 68.44 15.10
CA VAL B 197 -3.02 69.58 15.24
C VAL B 197 -3.63 70.83 14.61
N TYR B 198 -4.51 70.67 13.62
CA TYR B 198 -5.18 71.83 13.04
C TYR B 198 -6.24 72.39 13.99
N LEU B 199 -7.04 71.51 14.59
CA LEU B 199 -8.16 71.92 15.42
C LEU B 199 -7.77 72.09 16.89
N ASN B 200 -6.55 71.70 17.27
CA ASN B 200 -6.07 71.80 18.65
C ASN B 200 -6.97 71.03 19.61
N ARG B 201 -7.43 69.86 19.18
CA ARG B 201 -8.23 68.98 20.01
C ARG B 201 -7.86 67.53 19.70
N SER B 202 -7.82 66.70 20.74
CA SER B 202 -7.32 65.34 20.62
C SER B 202 -8.45 64.33 20.75
N TRP B 203 -8.42 63.31 19.90
CA TRP B 203 -9.34 62.19 19.96
C TRP B 203 -8.55 60.90 19.86
N LEU B 204 -8.94 59.89 20.65
CA LEU B 204 -8.19 58.64 20.70
C LEU B 204 -8.22 57.92 19.36
N GLY B 205 -9.42 57.73 18.81
CA GLY B 205 -9.55 57.20 17.46
C GLY B 205 -9.04 55.77 17.31
N LEU B 206 -8.51 55.50 16.12
CA LEU B 206 -8.03 54.17 15.73
C LEU B 206 -6.52 54.08 15.78
N ARG B 207 -5.88 54.70 16.78
CA ARG B 207 -4.43 54.68 16.90
C ARG B 207 -3.89 53.31 17.27
N PHE B 208 -4.76 52.37 17.67
CA PHE B 208 -4.31 51.03 18.01
C PHE B 208 -3.95 50.19 16.79
N LEU B 209 -4.42 50.59 15.60
CA LEU B 209 -4.18 49.82 14.38
C LEU B 209 -2.69 49.70 14.07
N ARG B 210 -1.86 50.59 14.60
CA ARG B 210 -0.42 50.51 14.43
C ARG B 210 0.13 49.18 14.93
N ALA B 211 -0.56 48.53 15.88
CA ALA B 211 -0.13 47.23 16.38
C ALA B 211 -0.06 46.18 15.28
N LEU B 212 -0.78 46.37 14.17
CA LEU B 212 -0.69 45.42 13.07
C LEU B 212 0.72 45.34 12.50
N ARG B 213 1.56 46.35 12.73
CA ARG B 213 2.95 46.28 12.31
C ARG B 213 3.69 45.10 12.93
N LEU B 214 3.20 44.59 14.06
CA LEU B 214 3.80 43.40 14.67
C LEU B 214 3.78 42.20 13.75
N ILE B 215 2.90 42.18 12.75
CA ILE B 215 2.87 41.07 11.79
C ILE B 215 4.20 40.98 11.04
N GLN B 216 4.89 42.11 10.86
CA GLN B 216 6.19 42.10 10.18
C GLN B 216 7.33 41.67 11.09
N PHE B 217 7.06 41.46 12.39
CA PHE B 217 8.12 41.24 13.38
C PHE B 217 9.05 40.11 12.99
N SER B 218 8.48 38.97 12.55
CA SER B 218 9.29 37.81 12.21
C SER B 218 10.32 38.14 11.14
N GLU B 219 9.95 39.00 10.19
CA GLU B 219 10.89 39.37 9.13
C GLU B 219 12.14 40.02 9.70
N ILE B 220 11.98 40.88 10.72
CA ILE B 220 13.13 41.49 11.36
C ILE B 220 13.98 40.43 12.04
N LEU B 221 13.34 39.42 12.63
CA LEU B 221 14.09 38.32 13.23
C LEU B 221 14.85 37.52 12.19
N GLN B 222 14.47 37.62 10.92
CA GLN B 222 15.25 37.03 9.84
C GLN B 222 16.34 37.98 9.34
N PHE B 223 16.17 39.29 9.53
CA PHE B 223 17.18 40.24 9.08
C PHE B 223 18.40 40.22 9.99
N LEU B 224 18.20 40.09 11.29
CA LEU B 224 19.29 40.09 12.27
C LEU B 224 19.84 38.70 12.54
N ASN B 225 19.55 37.74 11.66
CA ASN B 225 20.05 36.37 11.74
C ASN B 225 19.61 35.66 13.03
N ILE B 226 18.54 36.15 13.67
CA ILE B 226 18.06 35.50 14.89
C ILE B 226 17.40 34.17 14.55
N LEU B 227 16.59 34.13 13.50
CA LEU B 227 15.86 32.93 13.10
C LEU B 227 16.51 32.33 11.86
N LYS B 228 16.72 31.01 11.89
CA LYS B 228 17.25 30.27 10.75
C LYS B 228 16.29 29.22 10.24
N THR B 229 15.71 28.42 11.13
CA THR B 229 14.79 27.37 10.71
C THR B 229 13.45 27.97 10.28
N SER B 230 12.89 27.41 9.20
CA SER B 230 11.61 27.90 8.70
C SER B 230 10.47 27.63 9.68
N ASN B 231 10.55 26.53 10.43
CA ASN B 231 9.51 26.23 11.41
C ASN B 231 9.43 27.30 12.49
N SER B 232 10.59 27.74 12.98
CA SER B 232 10.61 28.82 13.97
C SER B 232 10.09 30.12 13.37
N ILE B 233 10.41 30.38 12.10
CA ILE B 233 9.94 31.60 11.43
C ILE B 233 8.43 31.60 11.35
N LYS B 234 7.83 30.49 10.93
CA LYS B 234 6.38 30.45 10.79
C LYS B 234 5.69 30.41 12.14
N LEU B 235 6.33 29.83 13.17
CA LEU B 235 5.77 29.90 14.52
C LEU B 235 5.75 31.33 15.04
N VAL B 236 6.84 32.08 14.81
CA VAL B 236 6.88 33.48 15.23
C VAL B 236 5.85 34.29 14.46
N ASN B 237 5.67 33.99 13.17
CA ASN B 237 4.65 34.67 12.37
C ASN B 237 3.26 34.41 12.92
N LEU B 238 2.97 33.16 13.30
CA LEU B 238 1.68 32.81 13.86
C LEU B 238 1.43 33.55 15.17
N LEU B 239 2.44 33.56 16.06
CA LEU B 239 2.28 34.27 17.33
C LEU B 239 2.10 35.77 17.12
N SER B 240 2.84 36.35 16.16
CA SER B 240 2.70 37.76 15.88
C SER B 240 1.31 38.09 15.36
N ILE B 241 0.77 37.26 14.46
CA ILE B 241 -0.58 37.48 13.95
C ILE B 241 -1.60 37.42 15.09
N PHE B 242 -1.46 36.40 15.94
CA PHE B 242 -2.41 36.23 17.05
C PHE B 242 -2.35 37.43 18.01
N ILE B 243 -1.15 37.87 18.36
CA ILE B 243 -1.00 38.97 19.31
C ILE B 243 -1.52 40.28 18.70
N SER B 244 -1.22 40.53 17.42
CA SER B 244 -1.69 41.74 16.78
C SER B 244 -3.21 41.77 16.69
N THR B 245 -3.83 40.65 16.33
CA THR B 245 -5.29 40.59 16.28
C THR B 245 -5.89 40.79 17.67
N TRP B 246 -5.30 40.18 18.69
CA TRP B 246 -5.77 40.34 20.06
C TRP B 246 -5.73 41.80 20.49
N LEU B 247 -4.59 42.46 20.28
CA LEU B 247 -4.44 43.85 20.72
C LEU B 247 -5.36 44.78 19.94
N THR B 248 -5.49 44.57 18.62
CA THR B 248 -6.35 45.43 17.81
C THR B 248 -7.81 45.29 18.23
N ALA B 249 -8.26 44.05 18.43
CA ALA B 249 -9.64 43.84 18.87
C ALA B 249 -9.89 44.44 20.25
N ALA B 250 -8.92 44.29 21.16
CA ALA B 250 -9.07 44.88 22.49
C ALA B 250 -9.16 46.39 22.44
N GLY B 251 -8.31 47.03 21.63
CA GLY B 251 -8.37 48.48 21.50
C GLY B 251 -9.66 48.95 20.86
N PHE B 252 -10.17 48.21 19.89
CA PHE B 252 -11.41 48.58 19.23
C PHE B 252 -12.60 48.47 20.18
N ILE B 253 -12.62 47.40 20.99
CA ILE B 253 -13.65 47.27 22.02
C ILE B 253 -13.53 48.39 23.05
N HIS B 254 -12.30 48.74 23.42
CA HIS B 254 -12.09 49.85 24.35
C HIS B 254 -12.68 51.14 23.80
N LEU B 255 -12.42 51.43 22.53
CA LEU B 255 -12.94 52.65 21.91
C LEU B 255 -14.47 52.65 21.90
N VAL B 256 -15.08 51.55 21.44
CA VAL B 256 -16.53 51.56 21.29
C VAL B 256 -17.22 51.58 22.65
N GLU B 257 -16.62 50.95 23.67
CA GLU B 257 -17.24 50.95 25.00
C GLU B 257 -17.08 52.29 25.70
N ASN B 258 -15.89 52.90 25.63
CA ASN B 258 -15.68 54.17 26.33
C ASN B 258 -16.37 55.33 25.62
N SER B 259 -16.51 55.25 24.29
CA SER B 259 -17.14 56.36 23.56
C SER B 259 -18.64 56.41 23.82
N GLY B 260 -19.32 55.27 23.77
CA GLY B 260 -20.76 55.22 23.93
C GLY B 260 -21.48 55.29 22.60
N ASP B 261 -22.76 54.94 22.65
CA ASP B 261 -23.59 54.92 21.44
C ASP B 261 -23.93 56.35 21.01
N PRO B 262 -23.76 56.68 19.72
CA PRO B 262 -24.08 58.05 19.28
C PRO B 262 -25.55 58.39 19.40
N TRP B 263 -26.45 57.47 19.04
CA TRP B 263 -27.88 57.76 19.05
C TRP B 263 -28.46 57.85 20.46
N GLU B 264 -27.72 57.42 21.48
CA GLU B 264 -28.14 57.58 22.86
C GLU B 264 -27.51 58.80 23.52
N ASN B 265 -26.91 59.69 22.72
CA ASN B 265 -26.24 60.91 23.20
C ASN B 265 -25.11 60.58 24.18
N PHE B 266 -24.43 59.45 23.94
CA PHE B 266 -23.24 59.05 24.69
C PHE B 266 -23.51 58.97 26.19
N GLN B 267 -24.70 58.48 26.56
CA GLN B 267 -25.06 58.34 27.97
C GLN B 267 -24.95 56.91 28.48
N ASN B 268 -24.72 55.94 27.61
CA ASN B 268 -24.57 54.55 28.01
C ASN B 268 -23.11 54.10 28.01
N ASN B 269 -22.17 55.03 28.11
CA ASN B 269 -20.76 54.69 28.13
C ASN B 269 -20.41 53.94 29.41
N GLN B 270 -19.45 53.02 29.29
CA GLN B 270 -19.00 52.21 30.40
C GLN B 270 -17.53 52.48 30.65
N ALA B 271 -17.19 52.84 31.89
CA ALA B 271 -15.79 53.07 32.26
C ALA B 271 -15.05 51.75 32.24
N LEU B 272 -14.19 51.56 31.24
CA LEU B 272 -13.54 50.28 31.03
C LEU B 272 -12.14 50.55 30.47
N THR B 273 -11.11 50.18 31.22
CA THR B 273 -9.74 50.44 30.81
C THR B 273 -9.34 49.51 29.68
N TYR B 274 -8.23 49.85 29.01
CA TYR B 274 -7.75 49.08 27.88
C TYR B 274 -7.35 47.67 28.31
N TRP B 275 -6.65 47.55 29.43
CA TRP B 275 -6.19 46.23 29.88
C TRP B 275 -7.37 45.36 30.32
N GLU B 276 -8.43 45.96 30.84
CA GLU B 276 -9.65 45.21 31.11
C GLU B 276 -10.27 44.69 29.83
N CYS B 277 -10.19 45.46 28.74
CA CYS B 277 -10.66 44.96 27.45
C CYS B 277 -9.77 43.83 26.92
N VAL B 278 -8.46 43.92 27.17
CA VAL B 278 -7.56 42.83 26.80
C VAL B 278 -7.94 41.56 27.55
N TYR B 279 -8.21 41.70 28.85
CA TYR B 279 -8.66 40.56 29.66
C TYR B 279 -9.98 40.00 29.14
N LEU B 280 -10.92 40.88 28.78
CA LEU B 280 -12.21 40.44 28.25
C LEU B 280 -12.03 39.68 26.94
N LEU B 281 -11.17 40.17 26.05
CA LEU B 281 -10.93 39.49 24.78
C LEU B 281 -10.30 38.11 25.00
N MET B 282 -9.36 38.01 25.95
CA MET B 282 -8.77 36.70 26.22
C MET B 282 -9.77 35.75 26.84
N VAL B 283 -10.62 36.24 27.74
CA VAL B 283 -11.65 35.37 28.32
C VAL B 283 -12.64 34.92 27.26
N THR B 284 -12.98 35.79 26.32
CA THR B 284 -13.91 35.43 25.25
C THR B 284 -13.30 34.41 24.30
N MET B 285 -12.05 34.63 23.89
CA MET B 285 -11.45 33.77 22.87
C MET B 285 -11.23 32.35 23.38
N SER B 286 -11.11 32.17 24.69
CA SER B 286 -10.95 30.84 25.27
C SER B 286 -12.29 30.16 25.55
N THR B 287 -13.41 30.82 25.22
CA THR B 287 -14.76 30.31 25.48
C THR B 287 -14.97 29.98 26.96
N VAL B 288 -14.48 30.86 27.82
CA VAL B 288 -14.70 30.73 29.26
C VAL B 288 -15.89 31.58 29.66
N GLY B 289 -15.78 32.89 29.43
CA GLY B 289 -16.90 33.79 29.64
C GLY B 289 -17.35 33.91 31.08
N TYR B 290 -16.53 34.52 31.95
CA TYR B 290 -16.93 34.73 33.33
C TYR B 290 -18.17 35.61 33.42
N GLY B 291 -18.22 36.67 32.63
CA GLY B 291 -19.29 37.64 32.71
C GLY B 291 -19.07 38.74 33.73
N ASP B 292 -17.90 38.77 34.38
CA ASP B 292 -17.59 39.86 35.29
C ASP B 292 -17.43 41.18 34.52
N VAL B 293 -16.85 41.13 33.33
CA VAL B 293 -16.76 42.27 32.43
C VAL B 293 -17.33 41.86 31.08
N TYR B 294 -18.10 42.76 30.48
CA TYR B 294 -18.73 42.47 29.19
C TYR B 294 -19.09 43.80 28.52
N ALA B 295 -19.45 43.71 27.25
CA ALA B 295 -19.85 44.89 26.49
C ALA B 295 -21.32 45.18 26.72
N LYS B 296 -21.62 46.43 27.10
CA LYS B 296 -22.99 46.84 27.40
C LYS B 296 -23.64 47.62 26.27
N THR B 297 -22.86 48.27 25.42
CA THR B 297 -23.42 49.06 24.34
C THR B 297 -23.85 48.17 23.17
N THR B 298 -24.71 48.72 22.31
CA THR B 298 -25.18 47.99 21.14
C THR B 298 -24.02 47.72 20.18
N LEU B 299 -23.22 48.75 19.89
CA LEU B 299 -22.07 48.57 19.02
C LEU B 299 -21.08 47.57 19.61
N GLY B 300 -20.84 47.64 20.92
CA GLY B 300 -19.93 46.70 21.54
C GLY B 300 -20.38 45.26 21.41
N ARG B 301 -21.68 45.01 21.62
CA ARG B 301 -22.20 43.66 21.48
C ARG B 301 -22.15 43.18 20.04
N LEU B 302 -22.47 44.05 19.09
CA LEU B 302 -22.39 43.69 17.68
C LEU B 302 -20.96 43.32 17.29
N PHE B 303 -20.00 44.14 17.71
CA PHE B 303 -18.61 43.86 17.39
C PHE B 303 -18.10 42.61 18.11
N MET B 304 -18.59 42.33 19.32
CA MET B 304 -18.23 41.09 19.99
C MET B 304 -18.75 39.88 19.22
N VAL B 305 -19.98 39.96 18.69
CA VAL B 305 -20.52 38.87 17.89
C VAL B 305 -19.66 38.65 16.65
N PHE B 306 -19.31 39.74 15.96
CA PHE B 306 -18.47 39.61 14.78
C PHE B 306 -17.08 39.07 15.12
N PHE B 307 -16.51 39.49 16.24
CA PHE B 307 -15.21 38.98 16.65
C PHE B 307 -15.26 37.50 16.99
N ILE B 308 -16.35 37.04 17.64
CA ILE B 308 -16.49 35.62 17.93
C ILE B 308 -16.55 34.82 16.63
N LEU B 309 -17.36 35.28 15.68
CA LEU B 309 -17.47 34.58 14.40
C LEU B 309 -16.13 34.55 13.66
N GLY B 310 -15.46 35.70 13.59
CA GLY B 310 -14.19 35.77 12.90
C GLY B 310 -13.10 34.95 13.56
N GLY B 311 -13.07 34.95 14.90
CA GLY B 311 -12.09 34.15 15.61
C GLY B 311 -12.31 32.66 15.42
N LEU B 312 -13.57 32.22 15.45
CA LEU B 312 -13.86 30.82 15.19
C LEU B 312 -13.44 30.42 13.77
N ALA B 313 -13.75 31.27 12.79
CA ALA B 313 -13.37 30.97 11.42
C ALA B 313 -11.85 30.93 11.25
N MET B 314 -11.15 31.89 11.86
CA MET B 314 -9.69 31.94 11.76
C MET B 314 -9.06 30.73 12.43
N PHE B 315 -9.56 30.34 13.61
CA PHE B 315 -8.99 29.16 14.29
C PHE B 315 -9.23 27.90 13.48
N ALA B 316 -10.44 27.76 12.90
CA ALA B 316 -10.73 26.60 12.08
C ALA B 316 -9.83 26.57 10.84
N SER B 317 -9.51 27.73 10.28
CA SER B 317 -8.63 27.76 9.12
C SER B 317 -7.18 27.49 9.51
N TYR B 318 -6.75 27.92 10.70
CA TYR B 318 -5.35 27.82 11.10
C TYR B 318 -5.01 26.55 11.87
N VAL B 319 -6.00 25.68 12.14
CA VAL B 319 -5.69 24.38 12.76
C VAL B 319 -4.64 23.58 11.98
N PRO B 320 -4.72 23.44 10.65
CA PRO B 320 -3.69 22.62 9.95
C PRO B 320 -2.27 23.12 10.14
N GLU B 321 -2.04 24.42 10.18
CA GLU B 321 -0.71 24.93 10.45
C GLU B 321 -0.25 24.60 11.86
N ILE B 322 -1.18 24.61 12.82
CA ILE B 322 -0.84 24.20 14.18
C ILE B 322 -0.43 22.73 14.19
N ILE B 323 -1.14 21.89 13.42
CA ILE B 323 -0.78 20.48 13.33
C ILE B 323 0.60 20.31 12.72
N GLU B 324 0.90 21.08 11.67
CA GLU B 324 2.22 21.01 11.05
C GLU B 324 3.31 21.45 12.02
N LEU B 325 3.04 22.48 12.83
CA LEU B 325 4.00 22.88 13.86
C LEU B 325 4.21 21.77 14.88
N ILE B 326 3.13 21.08 15.28
CA ILE B 326 3.29 19.92 16.17
C ILE B 326 4.07 18.83 15.46
N GLY B 327 3.69 18.52 14.22
CA GLY B 327 4.45 17.60 13.41
C GLY B 327 4.30 16.15 13.83
N ASN B 328 5.09 15.30 13.18
CA ASN B 328 5.13 13.87 13.47
C ASN B 328 6.39 13.59 14.29
N ARG B 329 6.19 13.27 15.57
CA ARG B 329 7.33 13.00 16.44
CA ARG B 329 7.31 13.00 16.45
C ARG B 329 7.96 11.66 16.09
N LYS B 330 9.30 11.64 16.03
CA LYS B 330 10.03 10.42 15.77
C LYS B 330 10.05 9.58 17.05
N LYS B 331 9.41 8.42 17.01
CA LYS B 331 9.21 7.65 18.24
C LYS B 331 10.52 7.01 18.71
N TYR B 332 11.34 6.52 17.79
CA TYR B 332 12.54 5.77 18.15
C TYR B 332 13.83 6.50 17.81
N GLY B 333 13.77 7.81 17.51
CA GLY B 333 14.97 8.59 17.39
C GLY B 333 15.59 8.91 18.74
N GLY B 334 16.89 9.17 18.71
CA GLY B 334 17.61 9.53 19.92
C GLY B 334 18.87 8.70 20.05
N SER B 335 19.41 8.68 21.26
CA SER B 335 20.64 7.96 21.55
C SER B 335 20.50 7.21 22.86
N TYR B 336 21.29 6.15 23.00
CA TYR B 336 21.30 5.35 24.22
C TYR B 336 22.05 6.08 25.32
N SER B 337 21.47 6.08 26.52
CA SER B 337 22.07 6.73 27.68
C SER B 337 22.82 5.67 28.50
N ALA B 338 24.14 5.73 28.48
CA ALA B 338 24.95 4.75 29.19
C ALA B 338 24.81 4.93 30.69
N VAL B 339 24.83 3.80 31.42
CA VAL B 339 24.74 3.79 32.87
C VAL B 339 25.99 3.11 33.42
N SER B 340 26.64 3.76 34.39
CA SER B 340 27.84 3.21 34.98
C SER B 340 27.52 1.91 35.73
N GLY B 341 28.39 0.92 35.55
CA GLY B 341 28.16 -0.39 36.15
C GLY B 341 27.02 -1.16 35.52
N ARG B 342 26.67 -0.86 34.27
CA ARG B 342 25.55 -1.51 33.59
C ARG B 342 26.00 -1.78 32.15
N LYS B 343 26.42 -3.02 31.88
CA LYS B 343 26.86 -3.37 30.55
C LYS B 343 25.68 -3.44 29.58
N HIS B 344 25.96 -3.19 28.31
CA HIS B 344 24.93 -3.29 27.28
C HIS B 344 25.51 -3.96 26.05
N ILE B 345 24.66 -4.69 25.34
CA ILE B 345 25.01 -5.30 24.07
C ILE B 345 24.07 -4.76 23.00
N VAL B 346 24.56 -4.75 21.76
CA VAL B 346 23.84 -4.21 20.63
C VAL B 346 23.51 -5.34 19.66
N VAL B 347 22.25 -5.45 19.28
CA VAL B 347 21.76 -6.48 18.37
C VAL B 347 21.26 -5.81 17.10
N CYS B 348 21.75 -6.28 15.96
CA CYS B 348 21.40 -5.71 14.66
C CYS B 348 21.25 -6.84 13.66
N GLY B 349 20.98 -6.46 12.41
CA GLY B 349 20.80 -7.45 11.35
C GLY B 349 19.35 -7.61 10.94
N HIS B 350 18.84 -8.84 11.03
CA HIS B 350 17.46 -9.14 10.67
C HIS B 350 16.61 -9.01 11.93
N ILE B 351 15.99 -7.85 12.10
CA ILE B 351 15.20 -7.55 13.30
C ILE B 351 13.74 -7.65 12.89
N THR B 352 13.17 -8.84 13.11
CA THR B 352 11.75 -9.10 12.87
C THR B 352 11.15 -9.74 14.12
N LEU B 353 9.86 -10.07 14.03
CA LEU B 353 9.13 -10.53 15.22
C LEU B 353 9.66 -11.88 15.71
N GLU B 354 9.78 -12.85 14.81
CA GLU B 354 10.18 -14.19 15.22
C GLU B 354 11.63 -14.21 15.72
N SER B 355 12.53 -13.52 15.03
CA SER B 355 13.93 -13.51 15.43
C SER B 355 14.12 -12.85 16.79
N VAL B 356 13.47 -11.70 17.00
CA VAL B 356 13.57 -10.99 18.27
C VAL B 356 12.94 -11.81 19.38
N SER B 357 11.79 -12.43 19.11
CA SER B 357 11.13 -13.26 20.13
C SER B 357 12.00 -14.44 20.53
N ASN B 358 12.60 -15.13 19.55
CA ASN B 358 13.47 -16.26 19.88
C ASN B 358 14.71 -15.81 20.62
N PHE B 359 15.30 -14.68 20.21
CA PHE B 359 16.51 -14.20 20.87
C PHE B 359 16.23 -13.78 22.30
N LEU B 360 15.10 -13.13 22.54
CA LEU B 360 14.74 -12.73 23.91
C LEU B 360 14.37 -13.94 24.76
N LYS B 361 13.72 -14.95 24.17
CA LYS B 361 13.42 -16.17 24.91
C LYS B 361 14.71 -16.90 25.31
N ALA B 362 15.69 -16.94 24.41
CA ALA B 362 16.94 -17.62 24.72
C ALA B 362 17.79 -16.82 25.70
N PHE B 363 17.81 -15.50 25.56
CA PHE B 363 18.70 -14.65 26.35
C PHE B 363 18.07 -14.26 27.69
N LEU B 364 16.91 -13.62 27.66
CA LEU B 364 16.22 -13.21 28.88
C LEU B 364 15.40 -14.39 29.38
N HIS B 365 16.01 -15.19 30.26
CA HIS B 365 15.38 -16.38 30.81
C HIS B 365 15.29 -16.24 32.32
N LYS B 366 14.23 -16.83 32.89
CA LYS B 366 14.01 -16.73 34.33
C LYS B 366 15.10 -17.42 35.12
N ALA B 367 15.53 -18.60 34.66
CA ALA B 367 16.57 -19.36 35.35
C ALA B 367 17.95 -18.74 35.21
N ARG B 368 18.11 -17.74 34.34
CA ARG B 368 19.40 -17.07 34.19
C ARG B 368 19.80 -16.38 35.48
N ASP B 369 21.09 -16.47 35.82
CA ASP B 369 21.60 -15.84 37.02
C ASP B 369 21.58 -14.32 36.86
N ASP B 370 21.81 -13.61 37.97
CA ASP B 370 21.74 -12.15 37.96
C ASP B 370 22.80 -11.55 37.03
N VAL B 371 22.37 -11.00 35.90
CA VAL B 371 23.25 -10.45 34.89
C VAL B 371 22.79 -9.04 34.54
N ASN B 372 23.72 -8.09 34.55
CA ASN B 372 23.41 -6.69 34.26
C ASN B 372 23.77 -6.32 32.83
N VAL B 373 23.06 -6.93 31.88
CA VAL B 373 23.26 -6.66 30.46
C VAL B 373 21.95 -6.12 29.89
N GLU B 374 22.02 -4.96 29.25
CA GLU B 374 20.87 -4.33 28.60
C GLU B 374 20.99 -4.52 27.09
N ILE B 375 19.90 -4.96 26.47
CA ILE B 375 19.88 -5.24 25.04
C ILE B 375 19.39 -4.00 24.31
N VAL B 376 20.13 -3.59 23.28
CA VAL B 376 19.78 -2.42 22.46
C VAL B 376 19.70 -2.90 21.02
N PHE B 377 18.51 -2.82 20.44
CA PHE B 377 18.30 -3.22 19.05
C PHE B 377 18.49 -2.02 18.14
N LEU B 378 19.15 -2.26 17.01
CA LEU B 378 19.41 -1.22 16.02
C LEU B 378 18.97 -1.72 14.66
N HIS B 379 17.94 -1.08 14.09
CA HIS B 379 17.44 -1.48 12.78
C HIS B 379 16.78 -0.27 12.12
N ASN B 380 16.87 -0.21 10.79
CA ASN B 380 16.39 0.93 10.04
C ASN B 380 14.91 0.82 9.65
N ILE B 381 14.27 -0.32 9.91
CA ILE B 381 12.87 -0.53 9.55
C ILE B 381 12.01 -0.29 10.79
N SER B 382 10.98 0.53 10.64
CA SER B 382 10.10 0.85 11.75
C SER B 382 9.31 -0.40 12.15
N PRO B 383 9.23 -0.71 13.44
CA PRO B 383 8.53 -1.93 13.87
C PRO B 383 7.02 -1.82 13.70
N ASN B 384 6.38 -2.98 13.60
CA ASN B 384 4.93 -3.07 13.55
C ASN B 384 4.37 -3.19 14.97
N LEU B 385 3.03 -3.24 15.06
CA LEU B 385 2.36 -3.11 16.36
C LEU B 385 2.70 -4.26 17.30
N GLU B 386 2.71 -5.49 16.79
CA GLU B 386 3.00 -6.64 17.64
C GLU B 386 4.42 -6.60 18.20
N LEU B 387 5.37 -6.22 17.36
CA LEU B 387 6.76 -6.17 17.82
C LEU B 387 6.98 -4.99 18.77
N GLU B 388 6.26 -3.88 18.56
CA GLU B 388 6.29 -2.79 19.53
C GLU B 388 5.74 -3.23 20.87
N ALA B 389 4.66 -4.01 20.87
CA ALA B 389 4.13 -4.56 22.11
C ALA B 389 5.14 -5.50 22.75
N LEU B 390 5.87 -6.26 21.93
CA LEU B 390 6.91 -7.13 22.47
C LEU B 390 8.01 -6.33 23.15
N PHE B 391 8.40 -5.19 22.57
CA PHE B 391 9.35 -4.33 23.25
C PHE B 391 8.77 -3.75 24.54
N LYS B 392 7.50 -3.34 24.52
CA LYS B 392 6.89 -2.77 25.72
C LYS B 392 6.78 -3.79 26.84
N ARG B 393 6.68 -5.08 26.49
CA ARG B 393 6.69 -6.12 27.52
C ARG B 393 8.01 -6.15 28.29
N HIS B 394 9.12 -5.83 27.62
CA HIS B 394 10.45 -5.87 28.22
C HIS B 394 11.10 -4.49 28.17
N PHE B 395 10.36 -3.45 28.53
CA PHE B 395 10.87 -2.09 28.46
C PHE B 395 11.93 -1.81 29.53
N THR B 396 11.98 -2.61 30.59
CA THR B 396 12.97 -2.40 31.65
C THR B 396 14.35 -2.96 31.30
N GLN B 397 14.45 -3.78 30.26
CA GLN B 397 15.72 -4.39 29.89
C GLN B 397 16.08 -4.26 28.41
N VAL B 398 15.13 -3.94 27.54
CA VAL B 398 15.34 -3.92 26.10
C VAL B 398 14.95 -2.56 25.55
N GLU B 399 15.83 -1.96 24.76
CA GLU B 399 15.56 -0.70 24.09
C GLU B 399 15.74 -0.88 22.58
N PHE B 400 15.09 -0.01 21.81
CA PHE B 400 15.14 -0.04 20.36
C PHE B 400 15.44 1.34 19.83
N TYR B 401 16.31 1.42 18.83
CA TYR B 401 16.63 2.68 18.18
C TYR B 401 16.66 2.49 16.67
N GLN B 402 16.09 3.44 15.95
CA GLN B 402 16.04 3.38 14.49
C GLN B 402 17.33 3.95 13.91
N GLY B 403 18.01 3.17 13.10
CA GLY B 403 19.26 3.61 12.50
C GLY B 403 19.85 2.49 11.66
N SER B 404 21.01 2.80 11.09
CA SER B 404 21.71 1.87 10.21
C SER B 404 23.11 1.58 10.76
N VAL B 405 23.51 0.31 10.68
CA VAL B 405 24.84 -0.08 11.10
C VAL B 405 25.89 0.55 10.20
N LEU B 406 25.60 0.64 8.90
CA LEU B 406 26.53 1.20 7.94
C LEU B 406 26.77 2.70 8.13
N ASN B 407 25.92 3.38 8.90
CA ASN B 407 26.09 4.79 9.17
C ASN B 407 26.85 4.96 10.48
N PRO B 408 28.04 5.56 10.47
CA PRO B 408 28.81 5.71 11.72
C PRO B 408 28.10 6.54 12.79
N HIS B 409 27.25 7.50 12.38
CA HIS B 409 26.53 8.31 13.36
C HIS B 409 25.58 7.46 14.19
N ASP B 410 24.88 6.53 13.55
CA ASP B 410 23.97 5.64 14.28
C ASP B 410 24.75 4.72 15.22
N LEU B 411 25.95 4.31 14.81
CA LEU B 411 26.81 3.55 15.72
C LEU B 411 27.24 4.39 16.91
N ALA B 412 27.46 5.69 16.69
CA ALA B 412 27.78 6.58 17.81
C ALA B 412 26.59 6.79 18.73
N ARG B 413 25.37 6.73 18.19
CA ARG B 413 24.17 6.92 19.01
C ARG B 413 24.02 5.80 20.03
N VAL B 414 24.28 4.55 19.64
CA VAL B 414 24.03 3.40 20.50
C VAL B 414 25.22 3.13 21.40
N LYS B 415 26.23 4.00 21.35
CA LYS B 415 27.45 3.89 22.15
C LYS B 415 28.13 2.54 21.91
N ILE B 416 28.46 2.28 20.65
CA ILE B 416 29.10 1.03 20.28
C ILE B 416 30.54 0.97 20.78
N GLU B 417 31.12 2.11 21.16
CA GLU B 417 32.49 2.13 21.68
C GLU B 417 32.59 1.60 23.10
N SER B 418 31.47 1.45 23.82
CA SER B 418 31.47 0.94 25.17
C SER B 418 30.60 -0.31 25.32
N ALA B 419 30.05 -0.82 24.23
CA ALA B 419 29.22 -2.01 24.30
C ALA B 419 30.08 -3.24 24.57
N ASP B 420 29.48 -4.19 25.31
CA ASP B 420 30.20 -5.43 25.64
C ASP B 420 30.45 -6.26 24.38
N ALA B 421 29.44 -6.42 23.54
CA ALA B 421 29.57 -7.20 22.32
C ALA B 421 28.49 -6.77 21.34
N CYS B 422 28.68 -7.15 20.08
CA CYS B 422 27.72 -6.89 19.02
C CYS B 422 27.27 -8.21 18.43
N LEU B 423 25.96 -8.45 18.42
CA LEU B 423 25.39 -9.69 17.94
C LEU B 423 24.60 -9.41 16.66
N ILE B 424 24.91 -10.16 15.60
CA ILE B 424 24.32 -9.95 14.29
C ILE B 424 23.52 -11.19 13.91
N LEU B 425 22.22 -11.00 13.70
CA LEU B 425 21.31 -12.06 13.31
C LEU B 425 21.11 -12.05 11.80
N ALA B 426 20.94 -13.25 11.25
CA ALA B 426 20.78 -13.42 9.81
C ALA B 426 19.33 -13.71 9.46
N ASN B 427 18.99 -13.42 8.19
CA ASN B 427 17.66 -13.71 7.65
C ASN B 427 17.66 -15.14 7.15
N LYS B 428 17.12 -16.05 7.96
CA LYS B 428 17.14 -17.46 7.61
C LYS B 428 16.20 -17.80 6.45
N TYR B 429 15.29 -16.90 6.09
CA TYR B 429 14.29 -17.14 5.06
C TYR B 429 14.48 -16.08 3.98
N CYS B 430 15.38 -16.37 3.03
CA CYS B 430 15.67 -15.46 1.94
C CYS B 430 15.92 -16.25 0.66
N ALA B 431 15.71 -15.60 -0.47
CA ALA B 431 15.92 -16.26 -1.76
C ALA B 431 17.40 -16.53 -2.01
N ASP B 432 18.26 -15.56 -1.71
CA ASP B 432 19.70 -15.67 -1.95
C ASP B 432 20.46 -15.59 -0.63
N PRO B 433 20.91 -16.72 -0.08
CA PRO B 433 21.71 -16.66 1.15
C PRO B 433 23.02 -15.92 0.99
N ASP B 434 23.60 -15.92 -0.21
CA ASP B 434 24.89 -15.25 -0.42
C ASP B 434 24.78 -13.74 -0.23
N ALA B 435 23.67 -13.14 -0.68
CA ALA B 435 23.47 -11.71 -0.49
C ALA B 435 23.34 -11.37 0.99
N GLU B 436 22.61 -12.19 1.75
CA GLU B 436 22.49 -11.96 3.19
C GLU B 436 23.83 -12.11 3.88
N ASP B 437 24.61 -13.11 3.49
CA ASP B 437 25.95 -13.28 4.06
C ASP B 437 26.85 -12.09 3.76
N ALA B 438 26.79 -11.59 2.51
CA ALA B 438 27.58 -10.42 2.15
C ALA B 438 27.16 -9.18 2.94
N SER B 439 25.85 -9.02 3.14
CA SER B 439 25.37 -7.89 3.94
C SER B 439 25.85 -7.99 5.38
N ASN B 440 25.82 -9.20 5.95
CA ASN B 440 26.31 -9.38 7.32
C ASN B 440 27.81 -9.11 7.41
N ILE B 441 28.57 -9.54 6.39
CA ILE B 441 30.00 -9.27 6.36
C ILE B 441 30.27 -7.78 6.26
N MET B 442 29.46 -7.06 5.47
CA MET B 442 29.59 -5.61 5.39
C MET B 442 29.29 -4.95 6.72
N ARG B 443 28.28 -5.44 7.44
CA ARG B 443 27.98 -4.91 8.76
C ARG B 443 29.15 -5.14 9.72
N VAL B 444 29.75 -6.33 9.67
CA VAL B 444 30.92 -6.63 10.50
C VAL B 444 32.06 -5.69 10.14
N ILE B 445 32.28 -5.45 8.85
CA ILE B 445 33.36 -4.57 8.41
C ILE B 445 33.13 -3.15 8.92
N SER B 446 31.89 -2.66 8.83
CA SER B 446 31.59 -1.31 9.31
C SER B 446 31.80 -1.20 10.82
N ILE B 447 31.33 -2.20 11.59
CA ILE B 447 31.48 -2.16 13.03
C ILE B 447 32.96 -2.19 13.42
N LYS B 448 33.74 -3.05 12.77
CA LYS B 448 35.16 -3.12 13.08
C LYS B 448 35.91 -1.88 12.63
N ASN B 449 35.44 -1.22 11.55
CA ASN B 449 36.05 0.03 11.13
C ASN B 449 35.80 1.13 12.14
N TYR B 450 34.60 1.18 12.72
CA TYR B 450 34.33 2.18 13.75
C TYR B 450 35.14 1.88 15.02
N HIS B 451 35.14 0.63 15.47
CA HIS B 451 35.83 0.24 16.70
C HIS B 451 36.43 -1.14 16.51
N PRO B 452 37.75 -1.23 16.31
CA PRO B 452 38.36 -2.53 16.02
C PRO B 452 38.41 -3.48 17.20
N LYS B 453 38.26 -2.99 18.43
CA LYS B 453 38.45 -3.82 19.62
C LYS B 453 37.16 -4.46 20.13
N ILE B 454 36.03 -4.24 19.46
CA ILE B 454 34.77 -4.78 19.94
C ILE B 454 34.64 -6.25 19.56
N ARG B 455 34.00 -7.02 20.43
CA ARG B 455 33.72 -8.43 20.19
C ARG B 455 32.45 -8.57 19.37
N ILE B 456 32.49 -9.43 18.35
CA ILE B 456 31.37 -9.60 17.43
C ILE B 456 31.01 -11.08 17.37
N ILE B 457 29.72 -11.38 17.53
CA ILE B 457 29.17 -12.71 17.28
C ILE B 457 28.14 -12.57 16.17
N THR B 458 28.37 -13.27 15.06
CA THR B 458 27.54 -13.11 13.88
C THR B 458 26.94 -14.44 13.46
N GLN B 459 25.84 -14.37 12.72
CA GLN B 459 25.22 -15.54 12.13
C GLN B 459 25.54 -15.61 10.64
N MET B 460 25.94 -16.78 10.17
CA MET B 460 26.27 -17.00 8.77
C MET B 460 25.36 -18.10 8.22
N LEU B 461 24.82 -17.87 7.03
CA LEU B 461 23.91 -18.85 6.44
C LEU B 461 24.67 -19.98 5.75
N GLN B 462 25.61 -19.63 4.86
CA GLN B 462 26.36 -20.62 4.11
C GLN B 462 27.75 -20.80 4.71
N TYR B 463 28.26 -22.03 4.60
CA TYR B 463 29.54 -22.36 5.23
C TYR B 463 30.71 -21.78 4.47
N HIS B 464 30.59 -21.64 3.14
CA HIS B 464 31.72 -21.15 2.34
C HIS B 464 31.91 -19.65 2.44
N ASN B 465 30.97 -18.91 3.02
CA ASN B 465 31.08 -17.46 3.09
C ASN B 465 31.84 -16.97 4.31
N LYS B 466 31.88 -17.75 5.39
CA LYS B 466 32.53 -17.32 6.62
C LYS B 466 34.03 -17.11 6.44
N ALA B 467 34.63 -17.72 5.41
CA ALA B 467 36.03 -17.50 5.13
C ALA B 467 36.30 -16.03 4.79
N HIS B 468 35.30 -15.32 4.28
CA HIS B 468 35.45 -13.89 4.03
C HIS B 468 35.77 -13.15 5.32
N LEU B 469 35.30 -13.65 6.47
CA LEU B 469 35.60 -13.02 7.74
C LEU B 469 37.09 -13.09 8.07
N LEU B 470 37.83 -14.02 7.46
CA LEU B 470 39.27 -14.05 7.63
C LEU B 470 39.99 -12.96 6.83
N ASN B 471 39.30 -12.31 5.90
CA ASN B 471 39.91 -11.23 5.13
C ASN B 471 39.93 -9.91 5.87
N ILE B 472 39.18 -9.78 6.96
CA ILE B 472 39.17 -8.56 7.76
C ILE B 472 40.39 -8.58 8.68
N PRO B 473 41.26 -7.58 8.61
CA PRO B 473 42.47 -7.60 9.45
C PRO B 473 42.18 -7.52 10.94
N SER B 474 41.08 -6.91 11.34
CA SER B 474 40.76 -6.74 12.75
C SER B 474 39.87 -7.85 13.31
N TRP B 475 39.54 -8.86 12.50
CA TRP B 475 38.75 -9.99 12.97
C TRP B 475 39.66 -10.94 13.72
N ASN B 476 39.57 -10.93 15.05
CA ASN B 476 40.42 -11.76 15.91
C ASN B 476 39.58 -12.86 16.51
N TRP B 477 39.81 -14.10 16.05
CA TRP B 477 39.08 -15.23 16.60
C TRP B 477 39.55 -15.58 18.01
N LYS B 478 40.81 -15.29 18.32
CA LYS B 478 41.33 -15.58 19.65
C LYS B 478 40.80 -14.63 20.72
N GLU B 479 40.21 -13.51 20.33
CA GLU B 479 39.72 -12.51 21.28
C GLU B 479 38.21 -12.57 21.48
N GLY B 480 37.54 -13.54 20.87
CA GLY B 480 36.12 -13.75 21.10
C GLY B 480 35.21 -13.50 19.92
N ASP B 481 35.74 -13.09 18.77
CA ASP B 481 34.89 -12.92 17.59
C ASP B 481 34.50 -14.29 17.04
N ASP B 482 33.20 -14.52 16.89
CA ASP B 482 32.69 -15.82 16.52
C ASP B 482 31.66 -15.71 15.41
N ALA B 483 31.68 -16.68 14.50
CA ALA B 483 30.67 -16.84 13.47
C ALA B 483 29.97 -18.17 13.66
N ILE B 484 28.65 -18.13 13.77
CA ILE B 484 27.84 -19.33 13.95
C ILE B 484 27.19 -19.65 12.61
N CYS B 485 27.56 -20.78 12.04
CA CYS B 485 26.99 -21.21 10.76
C CYS B 485 25.77 -22.09 11.06
N LEU B 486 24.59 -21.59 10.69
CA LEU B 486 23.35 -22.29 11.02
C LEU B 486 23.27 -23.62 10.30
N ALA B 487 23.55 -23.63 8.99
CA ALA B 487 23.44 -24.87 8.21
C ALA B 487 24.45 -25.90 8.67
N GLU B 488 25.71 -25.47 8.89
CA GLU B 488 26.75 -26.39 9.31
C GLU B 488 26.43 -27.04 10.65
N LEU B 489 26.08 -26.21 11.64
CA LEU B 489 25.78 -26.74 12.98
C LEU B 489 24.54 -27.62 12.96
N LYS B 490 23.49 -27.19 12.25
CA LYS B 490 22.25 -27.96 12.22
C LYS B 490 22.46 -29.32 11.55
N LEU B 491 23.11 -29.34 10.39
CA LEU B 491 23.32 -30.60 9.69
C LEU B 491 24.33 -31.47 10.42
N GLY B 492 25.28 -30.88 11.14
CA GLY B 492 26.16 -31.67 11.97
C GLY B 492 25.41 -32.32 13.13
N PHE B 493 24.50 -31.57 13.76
CA PHE B 493 23.67 -32.16 14.81
C PHE B 493 22.86 -33.32 14.27
N ILE B 494 22.28 -33.14 13.08
CA ILE B 494 21.49 -34.20 12.47
C ILE B 494 22.36 -35.42 12.15
N ALA B 495 23.56 -35.20 11.63
CA ALA B 495 24.44 -36.32 11.30
C ALA B 495 24.90 -37.06 12.56
N GLN B 496 25.23 -36.33 13.62
CA GLN B 496 25.63 -36.97 14.87
C GLN B 496 24.46 -37.73 15.50
N SER B 497 23.23 -37.24 15.31
CA SER B 497 22.07 -38.00 15.75
C SER B 497 21.84 -39.22 14.86
N CYS B 498 22.22 -39.15 13.59
CA CYS B 498 22.19 -40.33 12.74
C CYS B 498 23.16 -41.39 13.25
N LEU B 499 24.35 -40.97 13.68
CA LEU B 499 25.29 -41.92 14.27
C LEU B 499 24.78 -42.45 15.60
N ALA B 500 24.18 -41.59 16.42
CA ALA B 500 23.67 -41.99 17.73
C ALA B 500 22.45 -41.13 18.04
N GLN B 501 21.26 -41.73 18.00
CA GLN B 501 20.02 -40.99 18.14
C GLN B 501 19.89 -40.40 19.55
N GLY B 502 19.31 -39.21 19.61
CA GLY B 502 19.14 -38.50 20.86
C GLY B 502 20.29 -37.59 21.23
N LEU B 503 21.36 -37.56 20.45
CA LEU B 503 22.49 -36.70 20.78
C LEU B 503 22.15 -35.23 20.58
N SER B 504 21.33 -34.90 19.59
CA SER B 504 20.92 -33.51 19.40
C SER B 504 20.13 -32.99 20.60
N THR B 505 19.24 -33.82 21.13
CA THR B 505 18.48 -33.43 22.33
C THR B 505 19.41 -33.22 23.52
N MET B 506 20.37 -34.13 23.70
CA MET B 506 21.32 -34.02 24.80
C MET B 506 22.13 -32.73 24.69
N LEU B 507 22.64 -32.43 23.49
CA LEU B 507 23.42 -31.21 23.30
C LEU B 507 22.57 -29.96 23.49
N ALA B 508 21.35 -29.96 22.96
CA ALA B 508 20.48 -28.80 23.11
C ALA B 508 20.14 -28.55 24.56
N ASN B 509 19.86 -29.59 25.33
CA ASN B 509 19.60 -29.43 26.75
C ASN B 509 20.87 -29.14 27.53
N LEU B 510 22.05 -29.39 26.95
CA LEU B 510 23.28 -29.21 27.68
C LEU B 510 23.69 -27.75 27.82
N PHE B 511 23.40 -26.91 26.82
CA PHE B 511 23.75 -25.50 26.88
C PHE B 511 22.54 -24.58 26.94
N SER B 512 21.37 -25.12 27.28
CA SER B 512 20.16 -24.32 27.44
C SER B 512 19.75 -24.27 28.90
N MET B 513 19.24 -23.11 29.31
CA MET B 513 18.83 -22.89 30.70
C MET B 513 17.37 -23.28 30.85
N ARG B 514 17.12 -24.31 31.65
CA ARG B 514 15.78 -24.85 31.86
C ARG B 514 15.35 -24.59 33.29
N SER B 515 14.11 -24.13 33.46
CA SER B 515 13.56 -23.90 34.79
C SER B 515 13.39 -25.23 35.53
N PHE B 516 13.67 -25.20 36.83
CA PHE B 516 13.60 -26.41 37.64
C PHE B 516 12.16 -26.78 37.93
N ILE B 517 11.78 -28.01 37.58
CA ILE B 517 10.45 -28.55 37.83
C ILE B 517 10.61 -29.87 38.56
N LYS B 518 9.88 -30.03 39.67
CA LYS B 518 9.94 -31.23 40.48
C LYS B 518 8.76 -32.13 40.17
N ILE B 519 9.05 -33.38 39.80
CA ILE B 519 8.03 -34.38 39.50
C ILE B 519 8.31 -35.61 40.36
N GLU B 520 7.29 -36.07 41.09
CA GLU B 520 7.43 -37.21 41.98
C GLU B 520 6.74 -38.47 41.48
N GLU B 521 5.83 -38.36 40.52
CA GLU B 521 5.16 -39.53 40.00
C GLU B 521 6.12 -40.41 39.20
N ASP B 522 5.91 -41.72 39.27
CA ASP B 522 6.79 -42.69 38.62
C ASP B 522 6.50 -42.70 37.13
N THR B 523 7.09 -41.71 36.44
CA THR B 523 6.99 -41.59 35.00
C THR B 523 8.39 -41.34 34.43
N TRP B 524 8.49 -41.24 33.11
CA TRP B 524 9.77 -40.97 32.48
C TRP B 524 10.20 -39.51 32.60
N GLN B 525 9.26 -38.62 32.93
CA GLN B 525 9.59 -37.19 33.02
C GLN B 525 10.56 -36.93 34.15
N LYS B 526 10.43 -37.64 35.28
CA LYS B 526 11.36 -37.40 36.39
C LYS B 526 12.77 -37.86 36.05
N TYR B 527 12.90 -39.01 35.40
CA TYR B 527 14.22 -39.48 34.98
C TYR B 527 14.82 -38.56 33.93
N TYR B 528 13.98 -38.01 33.04
CA TYR B 528 14.47 -37.05 32.06
C TYR B 528 14.95 -35.77 32.73
N LEU B 529 14.14 -35.22 33.63
CA LEU B 529 14.48 -33.98 34.31
C LEU B 529 15.67 -34.13 35.25
N GLU B 530 15.96 -35.37 35.70
CA GLU B 530 17.17 -35.59 36.46
C GLU B 530 18.42 -35.27 35.65
N GLY B 531 18.40 -35.60 34.36
CA GLY B 531 19.51 -35.29 33.47
C GLY B 531 19.42 -33.97 32.74
N VAL B 532 18.25 -33.34 32.74
CA VAL B 532 18.11 -32.03 32.08
C VAL B 532 18.94 -30.97 32.80
N SER B 533 19.05 -31.05 34.12
CA SER B 533 19.67 -30.00 34.92
C SER B 533 21.16 -29.82 34.65
N ASN B 534 21.81 -30.76 33.97
CA ASN B 534 23.23 -30.64 33.70
C ASN B 534 23.52 -29.48 32.76
N GLU B 535 24.66 -28.83 33.00
CA GLU B 535 25.14 -27.74 32.16
C GLU B 535 26.63 -27.96 31.89
N MET B 536 27.18 -27.14 31.00
CA MET B 536 28.54 -27.30 30.50
C MET B 536 29.39 -26.10 30.89
N TYR B 537 30.58 -26.35 31.43
CA TYR B 537 31.46 -25.30 31.93
C TYR B 537 32.89 -25.59 31.50
N THR B 538 33.74 -24.58 31.62
CA THR B 538 35.16 -24.69 31.37
C THR B 538 35.93 -24.28 32.62
N GLU B 539 37.04 -24.96 32.89
CA GLU B 539 37.82 -24.67 34.09
C GLU B 539 39.28 -25.04 33.86
N TYR B 540 40.17 -24.33 34.56
CA TYR B 540 41.60 -24.61 34.49
C TYR B 540 41.96 -25.69 35.51
N LEU B 541 42.64 -26.73 35.04
CA LEU B 541 43.02 -27.83 35.91
C LEU B 541 44.09 -27.39 36.90
N SER B 542 44.05 -27.97 38.10
CA SER B 542 45.02 -27.64 39.13
C SER B 542 46.39 -28.24 38.80
N SER B 543 47.41 -27.76 39.51
CA SER B 543 48.77 -28.23 39.30
C SER B 543 48.96 -29.66 39.77
N ALA B 544 48.05 -30.19 40.59
CA ALA B 544 48.17 -31.57 41.04
C ALA B 544 47.91 -32.57 39.93
N PHE B 545 47.21 -32.17 38.87
CA PHE B 545 46.90 -33.05 37.76
C PHE B 545 47.98 -33.10 36.68
N VAL B 546 49.03 -32.28 36.82
CA VAL B 546 50.07 -32.23 35.80
C VAL B 546 50.90 -33.51 35.87
N GLY B 547 51.16 -34.10 34.70
CA GLY B 547 51.91 -35.33 34.61
C GLY B 547 51.06 -36.58 34.65
N LEU B 548 49.76 -36.47 34.85
CA LEU B 548 48.86 -37.61 34.89
C LEU B 548 48.14 -37.78 33.56
N SER B 549 47.79 -39.02 33.24
CA SER B 549 47.08 -39.31 32.01
C SER B 549 45.64 -38.82 32.10
N PHE B 550 45.04 -38.60 30.92
CA PHE B 550 43.65 -38.14 30.86
C PHE B 550 42.66 -39.10 31.52
N PRO B 551 42.70 -40.42 31.28
CA PRO B 551 41.73 -41.29 31.99
C PRO B 551 41.84 -41.23 33.51
N THR B 552 43.05 -41.09 34.04
CA THR B 552 43.21 -41.02 35.49
C THR B 552 42.56 -39.76 36.05
N VAL B 553 42.80 -38.62 35.41
CA VAL B 553 42.21 -37.37 35.86
C VAL B 553 40.69 -37.41 35.70
N CYS B 554 40.19 -37.99 34.62
CA CYS B 554 38.75 -38.09 34.42
C CYS B 554 38.11 -38.97 35.49
N GLU B 555 38.75 -40.09 35.83
CA GLU B 555 38.22 -40.96 36.88
C GLU B 555 38.25 -40.27 38.24
N LEU B 556 39.33 -39.53 38.53
CA LEU B 556 39.39 -38.80 39.79
C LEU B 556 38.30 -37.72 39.85
N CYS B 557 38.04 -37.04 38.73
CA CYS B 557 36.99 -36.04 38.71
C CYS B 557 35.61 -36.66 38.88
N PHE B 558 35.38 -37.82 38.26
CA PHE B 558 34.06 -38.44 38.36
C PHE B 558 33.82 -39.04 39.75
N VAL B 559 34.82 -39.70 40.32
CA VAL B 559 34.62 -40.38 41.60
C VAL B 559 34.68 -39.40 42.77
N LYS B 560 35.73 -38.59 42.82
CA LYS B 560 35.92 -37.70 43.97
C LYS B 560 35.10 -36.43 43.83
N LEU B 561 35.33 -35.67 42.76
CA LEU B 561 34.69 -34.37 42.59
C LEU B 561 33.31 -34.47 41.95
N LYS B 562 32.90 -35.66 41.51
CA LYS B 562 31.60 -35.87 40.86
C LYS B 562 31.41 -34.95 39.66
N LEU B 563 32.44 -34.89 38.81
CA LEU B 563 32.40 -34.08 37.61
C LEU B 563 32.75 -34.94 36.40
N LEU B 564 32.02 -34.74 35.32
CA LEU B 564 32.26 -35.43 34.06
C LEU B 564 33.10 -34.53 33.17
N MET B 565 34.40 -34.83 33.06
CA MET B 565 35.34 -34.04 32.28
C MET B 565 35.43 -34.66 30.89
N ILE B 566 34.90 -33.95 29.90
CA ILE B 566 34.72 -34.51 28.56
C ILE B 566 35.97 -34.32 27.71
N ALA B 567 36.50 -33.09 27.64
CA ALA B 567 37.54 -32.75 26.69
C ALA B 567 38.56 -31.83 27.33
N ILE B 568 39.72 -31.74 26.71
CA ILE B 568 40.77 -30.82 27.13
C ILE B 568 41.17 -29.93 25.97
N GLU B 569 41.94 -28.89 26.26
CA GLU B 569 42.47 -27.99 25.25
C GLU B 569 44.00 -28.13 25.25
N TYR B 570 44.51 -28.97 24.35
CA TYR B 570 45.94 -29.19 24.25
C TYR B 570 46.58 -28.05 23.49
N LYS B 571 47.60 -27.45 24.09
CA LYS B 571 48.29 -26.29 23.53
C LYS B 571 49.70 -26.70 23.12
N SER B 572 50.00 -26.53 21.84
CA SER B 572 51.33 -26.78 21.30
C SER B 572 51.68 -25.68 20.33
N ALA B 573 52.82 -25.01 20.56
CA ALA B 573 53.20 -23.86 19.75
C ALA B 573 53.33 -24.22 18.28
N ASN B 574 53.62 -25.49 17.98
CA ASN B 574 53.68 -25.95 16.60
C ASN B 574 52.30 -25.91 15.95
N ARG B 575 51.26 -26.31 16.69
CA ARG B 575 49.92 -26.46 16.13
C ARG B 575 48.87 -25.65 16.90
N GLU B 576 49.28 -24.53 17.49
CA GLU B 576 48.40 -23.60 18.21
C GLU B 576 47.68 -24.36 19.31
N SER B 577 46.36 -24.23 19.45
CA SER B 577 45.61 -24.95 20.48
C SER B 577 44.49 -25.73 19.81
N ARG B 578 44.31 -26.98 20.23
CA ARG B 578 43.26 -27.82 19.68
C ARG B 578 42.52 -28.51 20.83
N ILE B 579 41.21 -28.63 20.67
CA ILE B 579 40.38 -29.31 21.65
C ILE B 579 40.42 -30.80 21.36
N LEU B 580 40.89 -31.58 22.32
CA LEU B 580 40.92 -33.03 22.21
C LEU B 580 39.75 -33.63 23.00
N ILE B 581 38.93 -34.40 22.30
CA ILE B 581 37.74 -35.03 22.88
C ILE B 581 38.15 -36.41 23.38
N ASN B 582 38.26 -36.56 24.71
CA ASN B 582 38.59 -37.81 25.38
C ASN B 582 39.87 -38.43 24.84
N PRO B 583 41.03 -37.82 25.07
CA PRO B 583 42.27 -38.40 24.56
C PRO B 583 42.64 -39.68 25.32
N GLY B 584 43.50 -40.46 24.69
CA GLY B 584 43.89 -41.75 25.24
C GLY B 584 44.85 -41.60 26.40
N ASN B 585 45.23 -42.76 26.96
CA ASN B 585 46.12 -42.80 28.11
C ASN B 585 47.55 -42.45 27.77
N HIS B 586 47.91 -42.40 26.48
CA HIS B 586 49.27 -42.04 26.09
C HIS B 586 49.56 -40.55 26.24
N LEU B 587 48.53 -39.74 26.49
CA LEU B 587 48.70 -38.29 26.61
C LEU B 587 48.62 -37.88 28.07
N LYS B 588 49.46 -36.93 28.46
CA LYS B 588 49.55 -36.46 29.83
C LYS B 588 49.14 -35.00 29.93
N ILE B 589 48.58 -34.63 31.08
CA ILE B 589 48.12 -33.27 31.29
C ILE B 589 49.32 -32.34 31.51
N GLN B 590 49.34 -31.24 30.76
CA GLN B 590 50.41 -30.25 30.87
C GLN B 590 50.01 -29.20 31.91
N GLU B 591 50.78 -28.11 31.96
CA GLU B 591 50.53 -27.03 32.91
C GLU B 591 49.54 -26.03 32.32
N GLY B 592 48.54 -25.68 33.11
CA GLY B 592 47.56 -24.68 32.70
C GLY B 592 46.72 -25.09 31.51
N THR B 593 46.20 -26.31 31.51
CA THR B 593 45.37 -26.82 30.42
C THR B 593 43.90 -26.63 30.76
N LEU B 594 43.15 -26.02 29.84
CA LEU B 594 41.73 -25.86 30.02
C LEU B 594 41.00 -27.19 29.83
N GLY B 595 39.97 -27.41 30.63
CA GLY B 595 39.18 -28.61 30.52
C GLY B 595 37.70 -28.30 30.55
N PHE B 596 36.93 -29.15 29.89
CA PHE B 596 35.49 -28.98 29.74
C PHE B 596 34.77 -29.98 30.64
N PHE B 597 33.84 -29.49 31.44
CA PHE B 597 33.16 -30.30 32.43
C PHE B 597 31.65 -30.19 32.23
N ILE B 598 30.95 -31.25 32.63
CA ILE B 598 29.49 -31.26 32.69
C ILE B 598 29.10 -31.38 34.16
N ALA B 599 28.36 -30.39 34.65
CA ALA B 599 28.03 -30.35 36.07
C ALA B 599 26.67 -29.69 36.25
N SER B 600 26.03 -30.02 37.38
CA SER B 600 24.72 -29.46 37.68
C SER B 600 24.79 -27.96 37.93
N ASP B 601 25.81 -27.51 38.65
CA ASP B 601 25.96 -26.10 39.00
C ASP B 601 27.40 -25.66 38.80
N ALA B 602 27.58 -24.35 38.60
CA ALA B 602 28.91 -23.79 38.36
C ALA B 602 29.75 -23.73 39.62
N LYS B 603 29.12 -23.76 40.81
CA LYS B 603 29.87 -23.68 42.05
C LYS B 603 30.72 -24.92 42.27
N GLU B 604 30.27 -26.08 41.78
CA GLU B 604 31.00 -27.33 41.95
C GLU B 604 32.00 -27.59 40.84
N VAL B 605 32.36 -26.57 40.07
CA VAL B 605 33.30 -26.73 38.96
C VAL B 605 34.69 -26.34 39.42
N LYS B 606 34.77 -25.43 40.39
CA LYS B 606 36.05 -24.96 40.91
C LYS B 606 36.80 -26.01 41.71
N ARG B 607 36.25 -27.21 41.86
CA ARG B 607 36.95 -28.29 42.55
C ARG B 607 38.22 -28.68 41.80
N ALA B 608 38.16 -28.71 40.47
CA ALA B 608 39.33 -29.08 39.67
C ALA B 608 40.44 -28.04 39.72
N PHE B 609 40.17 -26.85 40.24
CA PHE B 609 41.19 -25.83 40.38
C PHE B 609 41.84 -25.81 41.76
N PHE B 610 41.10 -26.21 42.79
CA PHE B 610 41.58 -26.20 44.17
C PHE B 610 41.66 -27.60 44.76
N TYR B 611 42.15 -28.56 43.97
CA TYR B 611 42.28 -29.94 44.41
C TYR B 611 43.76 -30.23 44.68
N CYS B 612 44.05 -30.68 45.91
CA CYS B 612 45.39 -31.08 46.29
C CYS B 612 45.31 -32.47 46.94
N LYS B 613 46.14 -33.39 46.45
CA LYS B 613 46.10 -34.76 46.96
C LYS B 613 46.57 -34.84 48.40
N ALA B 614 47.45 -33.92 48.82
CA ALA B 614 48.01 -33.99 50.16
C ALA B 614 46.97 -33.68 51.25
N CYS B 615 45.93 -32.91 50.91
CA CYS B 615 44.96 -32.47 51.91
C CYS B 615 43.51 -32.74 51.52
N HIS B 616 43.26 -33.43 50.40
CA HIS B 616 41.91 -33.71 49.97
C HIS B 616 41.66 -35.15 49.54
N ASP B 617 42.69 -35.99 49.47
CA ASP B 617 42.50 -37.38 49.06
C ASP B 617 41.69 -38.15 50.10
N ASP B 618 41.96 -37.90 51.38
CA ASP B 618 41.24 -38.61 52.45
C ASP B 618 39.79 -38.17 52.57
N ILE B 619 39.43 -37.02 52.03
CA ILE B 619 38.06 -36.52 52.14
C ILE B 619 37.16 -37.31 51.21
N THR B 620 36.04 -37.81 51.74
CA THR B 620 35.07 -38.58 50.97
C THR B 620 33.92 -37.73 50.45
N ASP B 621 33.31 -36.92 51.32
CA ASP B 621 32.20 -36.07 50.92
C ASP B 621 32.74 -34.95 50.02
N PRO B 622 32.25 -34.79 48.80
CA PRO B 622 32.76 -33.70 47.94
C PRO B 622 32.56 -32.31 48.53
N LYS B 623 31.45 -32.07 49.22
CA LYS B 623 31.18 -30.74 49.77
C LYS B 623 32.11 -30.39 50.92
N ARG B 624 32.78 -31.36 51.51
CA ARG B 624 33.70 -31.10 52.61
C ARG B 624 35.05 -30.59 52.13
N ILE B 625 35.38 -30.78 50.85
CA ILE B 625 36.67 -30.35 50.32
C ILE B 625 36.73 -28.83 50.29
N LYS B 626 37.75 -28.27 50.91
CA LYS B 626 37.97 -26.83 50.98
C LYS B 626 39.03 -26.43 49.96
N LYS B 627 39.37 -25.14 49.93
CA LYS B 627 40.36 -24.61 49.01
C LYS B 627 41.77 -24.61 49.60
N CYS B 628 42.06 -25.51 50.54
CA CYS B 628 43.39 -25.58 51.13
C CYS B 628 44.41 -26.07 50.12
N GLY B 629 45.59 -25.48 50.15
CA GLY B 629 46.66 -25.86 49.24
C GLY B 629 47.81 -26.53 49.93
N CYS B 630 47.98 -27.83 49.69
CA CYS B 630 49.07 -28.59 50.29
C CYS B 630 49.78 -29.47 49.26
N ASN B 682 49.59 -44.96 -3.68
CA ASN B 682 49.33 -45.24 -5.09
C ASN B 682 47.92 -44.83 -5.52
N VAL B 683 46.97 -44.93 -4.59
CA VAL B 683 45.60 -44.54 -4.84
C VAL B 683 45.14 -43.63 -3.70
N LYS B 684 44.37 -42.60 -4.03
CA LYS B 684 43.90 -41.63 -3.05
C LYS B 684 42.63 -42.15 -2.38
N LYS B 685 42.70 -42.37 -1.07
CA LYS B 685 41.55 -42.80 -0.29
C LYS B 685 41.05 -41.76 0.70
N TYR B 686 41.88 -40.78 1.05
CA TYR B 686 41.50 -39.70 1.95
C TYR B 686 41.85 -38.37 1.31
N ASP B 687 41.40 -37.29 1.95
CA ASP B 687 41.62 -35.96 1.41
C ASP B 687 43.04 -35.50 1.74
N SER B 688 43.34 -34.23 1.46
CA SER B 688 44.70 -33.72 1.64
C SER B 688 45.14 -33.76 3.09
N THR B 689 44.25 -33.36 4.01
CA THR B 689 44.59 -33.40 5.43
C THR B 689 44.40 -34.79 6.03
N GLY B 690 43.82 -35.73 5.30
CA GLY B 690 43.65 -37.09 5.78
C GLY B 690 42.70 -37.25 6.94
N MET B 691 41.60 -36.49 6.95
CA MET B 691 40.60 -36.58 8.00
C MET B 691 39.20 -36.83 7.46
N PHE B 692 39.06 -37.09 6.17
CA PHE B 692 37.77 -37.44 5.57
C PHE B 692 38.01 -38.45 4.45
N HIS B 693 37.07 -39.37 4.29
CA HIS B 693 37.14 -40.32 3.21
C HIS B 693 36.94 -39.61 1.87
N TRP B 694 37.75 -39.98 0.89
CA TRP B 694 37.76 -39.31 -0.41
C TRP B 694 37.77 -40.34 -1.52
N CYS B 695 37.14 -39.98 -2.63
CA CYS B 695 37.09 -40.84 -3.81
C CYS B 695 37.24 -39.98 -5.05
N ALA B 696 37.50 -40.64 -6.18
CA ALA B 696 37.63 -39.92 -7.44
C ALA B 696 36.30 -39.30 -7.82
N PRO B 697 36.31 -38.10 -8.42
CA PRO B 697 35.04 -37.47 -8.81
C PRO B 697 34.30 -38.29 -9.85
N LYS B 698 32.97 -38.31 -9.73
CA LYS B 698 32.13 -39.06 -10.64
C LYS B 698 30.95 -38.19 -11.08
N GLU B 699 30.46 -38.45 -12.28
CA GLU B 699 29.31 -37.73 -12.80
C GLU B 699 28.05 -38.15 -12.06
N ILE B 700 27.04 -37.26 -12.09
CA ILE B 700 25.79 -37.53 -11.39
C ILE B 700 25.03 -38.67 -12.06
N GLU B 701 25.29 -38.96 -13.33
CA GLU B 701 24.61 -40.06 -14.01
C GLU B 701 24.98 -41.42 -13.43
N LYS B 702 26.14 -41.54 -12.79
CA LYS B 702 26.58 -42.81 -12.23
C LYS B 702 25.95 -43.14 -10.89
N VAL B 703 25.29 -42.16 -10.25
CA VAL B 703 24.68 -42.40 -8.94
C VAL B 703 23.17 -42.33 -8.98
N ILE B 704 22.57 -41.87 -10.07
CA ILE B 704 21.11 -41.84 -10.17
C ILE B 704 20.58 -43.25 -10.35
N LEU B 705 19.63 -43.64 -9.51
CA LEU B 705 19.01 -44.95 -9.57
C LEU B 705 17.53 -44.80 -9.91
N THR B 706 17.03 -45.69 -10.78
CA THR B 706 15.61 -45.75 -11.03
C THR B 706 14.92 -46.54 -9.93
N ARG B 707 13.59 -46.46 -9.91
CA ARG B 707 12.82 -47.16 -8.88
C ARG B 707 13.02 -48.67 -8.97
N SER B 708 12.99 -49.22 -10.18
CA SER B 708 13.24 -50.64 -10.35
C SER B 708 14.67 -51.00 -9.98
N GLU B 709 15.63 -50.16 -10.37
CA GLU B 709 17.02 -50.42 -10.02
C GLU B 709 17.25 -50.32 -8.51
N ALA B 710 16.61 -49.35 -7.86
CA ALA B 710 16.74 -49.23 -6.40
C ALA B 710 16.08 -50.41 -5.70
N ALA B 711 14.95 -50.90 -6.23
CA ALA B 711 14.31 -52.07 -5.63
C ALA B 711 15.13 -53.34 -5.88
N MET B 712 15.88 -53.39 -6.97
CA MET B 712 16.69 -54.57 -7.27
C MET B 712 17.81 -54.74 -6.24
N THR B 713 18.53 -53.66 -5.96
CA THR B 713 19.55 -53.73 -4.93
C THR B 713 18.93 -53.72 -3.54
N VAL B 714 19.68 -54.24 -2.57
CA VAL B 714 19.21 -54.36 -1.20
C VAL B 714 20.02 -53.38 -0.35
N LEU B 715 19.32 -52.48 0.33
CA LEU B 715 19.94 -51.51 1.23
C LEU B 715 19.48 -51.80 2.65
N SER B 716 20.44 -52.02 3.54
CA SER B 716 20.15 -52.28 4.95
C SER B 716 21.15 -51.53 5.81
N GLY B 717 20.67 -50.95 6.90
CA GLY B 717 21.53 -50.16 7.76
C GLY B 717 22.10 -48.93 7.10
N HIS B 718 21.28 -48.20 6.36
CA HIS B 718 21.71 -47.02 5.62
C HIS B 718 20.97 -45.79 6.12
N VAL B 719 21.23 -44.65 5.47
CA VAL B 719 20.63 -43.37 5.82
C VAL B 719 19.86 -42.88 4.61
N VAL B 720 18.60 -42.51 4.83
CA VAL B 720 17.72 -42.00 3.77
C VAL B 720 17.42 -40.55 4.06
N VAL B 721 17.85 -39.66 3.17
CA VAL B 721 17.65 -38.22 3.33
C VAL B 721 16.57 -37.80 2.34
N CYS B 722 15.37 -37.53 2.85
CA CYS B 722 14.28 -36.98 2.07
C CYS B 722 14.39 -35.46 2.06
N ILE B 723 14.35 -34.88 0.86
CA ILE B 723 14.55 -33.45 0.67
C ILE B 723 13.35 -32.89 -0.08
N PHE B 724 12.77 -31.82 0.46
CA PHE B 724 11.70 -31.09 -0.22
C PHE B 724 12.27 -29.93 -1.01
N GLY B 725 13.18 -30.25 -1.94
CA GLY B 725 13.88 -29.25 -2.70
C GLY B 725 13.11 -28.79 -3.93
N ASP B 726 13.70 -27.81 -4.61
CA ASP B 726 13.12 -27.24 -5.82
C ASP B 726 14.25 -26.58 -6.61
N VAL B 727 14.01 -26.42 -7.92
CA VAL B 727 15.03 -25.84 -8.79
C VAL B 727 15.31 -24.39 -8.41
N SER B 728 14.30 -23.64 -7.98
CA SER B 728 14.47 -22.25 -7.60
C SER B 728 14.64 -22.05 -6.10
N SER B 729 14.68 -23.13 -5.33
CA SER B 729 14.80 -23.02 -3.88
C SER B 729 16.24 -22.70 -3.48
N ALA B 730 16.38 -22.17 -2.26
CA ALA B 730 17.70 -21.82 -1.74
C ALA B 730 18.46 -23.08 -1.35
N LEU B 731 19.78 -23.05 -1.57
CA LEU B 731 20.62 -24.18 -1.20
C LEU B 731 20.75 -24.26 0.31
N ILE B 732 20.78 -25.49 0.83
CA ILE B 732 20.93 -25.73 2.26
C ILE B 732 22.30 -26.28 2.62
N GLY B 733 23.16 -26.53 1.64
CA GLY B 733 24.50 -27.00 1.91
C GLY B 733 24.54 -28.42 2.45
N LEU B 734 24.17 -29.39 1.61
CA LEU B 734 24.10 -30.77 2.04
C LEU B 734 25.44 -31.37 2.42
N ARG B 735 26.55 -30.73 2.02
CA ARG B 735 27.87 -31.25 2.35
C ARG B 735 28.09 -31.30 3.86
N ASN B 736 27.54 -30.32 4.58
CA ASN B 736 27.65 -30.30 6.04
C ASN B 736 26.96 -31.51 6.68
N LEU B 737 26.08 -32.18 5.95
CA LEU B 737 25.49 -33.43 6.44
C LEU B 737 26.33 -34.65 6.09
N VAL B 738 27.09 -34.59 4.99
CA VAL B 738 27.82 -35.77 4.53
C VAL B 738 29.22 -35.86 5.14
N MET B 739 29.87 -34.72 5.39
CA MET B 739 31.23 -34.76 5.94
C MET B 739 31.31 -35.43 7.31
N PRO B 740 30.43 -35.14 8.30
CA PRO B 740 30.50 -35.91 9.55
C PRO B 740 30.26 -37.40 9.36
N LEU B 741 29.43 -37.78 8.39
CA LEU B 741 29.17 -39.19 8.13
C LEU B 741 30.25 -39.84 7.29
N ARG B 742 31.19 -39.07 6.74
CA ARG B 742 32.26 -39.60 5.91
C ARG B 742 33.64 -39.29 6.50
N ALA B 743 33.69 -39.10 7.81
CA ALA B 743 34.95 -38.81 8.47
C ALA B 743 35.88 -40.01 8.43
N SER B 744 37.19 -39.73 8.43
CA SER B 744 38.20 -40.78 8.40
C SER B 744 38.26 -41.58 9.70
N ASN B 745 37.60 -41.11 10.76
CA ASN B 745 37.58 -41.85 12.01
C ASN B 745 36.86 -43.19 11.89
N PHE B 746 36.00 -43.33 10.89
CA PHE B 746 35.29 -44.58 10.64
C PHE B 746 36.03 -45.41 9.60
N HIS B 747 35.89 -46.72 9.71
CA HIS B 747 36.41 -47.61 8.68
C HIS B 747 35.52 -47.57 7.44
N TYR B 748 36.04 -48.10 6.34
CA TYR B 748 35.27 -48.09 5.10
C TYR B 748 34.04 -48.98 5.20
N HIS B 749 34.16 -50.13 5.86
CA HIS B 749 33.02 -51.02 6.02
C HIS B 749 32.00 -50.49 7.02
N GLU B 750 32.41 -49.57 7.89
CA GLU B 750 31.49 -48.97 8.86
C GLU B 750 30.74 -47.78 8.31
N LEU B 751 31.07 -47.32 7.10
CA LEU B 751 30.38 -46.18 6.51
C LEU B 751 28.94 -46.56 6.15
N LYS B 752 28.03 -45.64 6.38
CA LYS B 752 26.62 -45.84 6.11
C LYS B 752 26.26 -45.26 4.76
N HIS B 753 25.57 -46.05 3.93
CA HIS B 753 25.15 -45.58 2.62
C HIS B 753 24.12 -44.46 2.76
N ILE B 754 24.27 -43.43 1.94
CA ILE B 754 23.40 -42.27 1.95
C ILE B 754 22.59 -42.26 0.65
N VAL B 755 21.27 -42.22 0.78
CA VAL B 755 20.36 -42.20 -0.36
C VAL B 755 19.53 -40.93 -0.28
N PHE B 756 19.67 -40.07 -1.28
CA PHE B 756 18.93 -38.81 -1.33
C PHE B 756 17.68 -38.99 -2.17
N VAL B 757 16.53 -38.75 -1.55
CA VAL B 757 15.23 -38.86 -2.21
C VAL B 757 14.67 -37.46 -2.35
N GLY B 758 14.54 -36.98 -3.59
CA GLY B 758 14.05 -35.65 -3.84
C GLY B 758 14.15 -35.32 -5.31
N SER B 759 13.86 -34.05 -5.62
CA SER B 759 13.94 -33.58 -6.99
C SER B 759 15.37 -33.57 -7.48
N ILE B 760 15.57 -34.06 -8.71
CA ILE B 760 16.91 -34.09 -9.28
C ILE B 760 17.35 -32.69 -9.72
N GLU B 761 16.39 -31.81 -10.02
CA GLU B 761 16.74 -30.45 -10.42
C GLU B 761 17.43 -29.70 -9.28
N TYR B 762 16.94 -29.87 -8.06
CA TYR B 762 17.61 -29.28 -6.91
C TYR B 762 18.94 -29.95 -6.62
N LEU B 763 18.98 -31.28 -6.75
CA LEU B 763 20.18 -32.02 -6.37
C LEU B 763 21.33 -31.84 -7.34
N LYS B 764 21.05 -31.47 -8.60
CA LYS B 764 22.14 -31.16 -9.52
C LYS B 764 22.88 -29.90 -9.12
N ARG B 765 22.19 -28.96 -8.46
CA ARG B 765 22.82 -27.73 -8.00
C ARG B 765 23.66 -27.93 -6.75
N GLU B 766 23.54 -29.09 -6.09
CA GLU B 766 24.34 -29.41 -4.92
C GLU B 766 25.39 -30.48 -5.17
N TRP B 767 25.39 -31.12 -6.34
CA TRP B 767 26.28 -32.25 -6.59
C TRP B 767 27.74 -31.82 -6.72
N GLU B 768 28.01 -30.54 -6.97
CA GLU B 768 29.39 -30.08 -7.12
C GLU B 768 30.18 -30.16 -5.82
N THR B 769 29.51 -30.28 -4.68
CA THR B 769 30.18 -30.42 -3.40
C THR B 769 29.96 -31.80 -2.77
N LEU B 770 29.32 -32.72 -3.47
CA LEU B 770 29.06 -34.05 -2.94
C LEU B 770 29.63 -35.19 -3.79
N HIS B 771 30.28 -34.88 -4.92
CA HIS B 771 30.74 -35.93 -5.82
C HIS B 771 32.08 -36.52 -5.42
N ASN B 772 32.70 -36.05 -4.34
CA ASN B 772 33.97 -36.57 -3.87
C ASN B 772 33.81 -37.54 -2.70
N PHE B 773 32.59 -37.97 -2.40
CA PHE B 773 32.35 -38.88 -1.30
C PHE B 773 32.02 -40.28 -1.82
N PRO B 774 32.47 -41.33 -1.12
CA PRO B 774 32.42 -42.68 -1.70
C PRO B 774 31.02 -43.22 -1.99
N LYS B 775 30.15 -43.30 -1.00
CA LYS B 775 28.88 -44.00 -1.12
C LYS B 775 27.72 -43.02 -0.97
N VAL B 776 27.31 -42.43 -2.09
CA VAL B 776 26.16 -41.54 -2.16
C VAL B 776 25.34 -41.92 -3.39
N SER B 777 24.04 -42.08 -3.22
CA SER B 777 23.15 -42.44 -4.33
C SER B 777 21.94 -41.52 -4.31
N ILE B 778 21.34 -41.36 -5.49
CA ILE B 778 20.23 -40.45 -5.70
C ILE B 778 19.05 -41.23 -6.28
N LEU B 779 17.87 -41.05 -5.69
CA LEU B 779 16.63 -41.55 -6.26
C LEU B 779 15.74 -40.36 -6.60
N PRO B 780 15.62 -40.00 -7.87
CA PRO B 780 14.72 -38.88 -8.24
C PRO B 780 13.28 -39.24 -7.94
N GLY B 781 12.58 -38.33 -7.27
CA GLY B 781 11.20 -38.59 -6.89
C GLY B 781 10.71 -37.60 -5.86
N THR B 782 9.69 -38.02 -5.11
CA THR B 782 9.07 -37.20 -4.09
C THR B 782 9.08 -37.96 -2.77
N PRO B 783 9.48 -37.32 -1.67
CA PRO B 783 9.44 -38.02 -0.37
C PRO B 783 8.05 -38.42 0.07
N LEU B 784 7.00 -37.78 -0.44
CA LEU B 784 5.63 -38.12 -0.06
C LEU B 784 5.10 -39.36 -0.77
N SER B 785 5.80 -39.85 -1.79
CA SER B 785 5.36 -41.03 -2.51
C SER B 785 5.82 -42.29 -1.78
N ARG B 786 4.88 -43.20 -1.54
CA ARG B 786 5.21 -44.42 -0.80
C ARG B 786 6.04 -45.39 -1.63
N ALA B 787 5.90 -45.34 -2.96
CA ALA B 787 6.67 -46.25 -3.82
C ALA B 787 8.16 -45.97 -3.72
N ASP B 788 8.54 -44.68 -3.71
CA ASP B 788 9.95 -44.33 -3.59
C ASP B 788 10.50 -44.75 -2.24
N LEU B 789 9.72 -44.57 -1.17
CA LEU B 789 10.17 -44.96 0.16
C LEU B 789 10.32 -46.49 0.26
N ARG B 790 9.40 -47.23 -0.38
CA ARG B 790 9.51 -48.69 -0.38
C ARG B 790 10.66 -49.16 -1.24
N ALA B 791 11.05 -48.38 -2.25
CA ALA B 791 12.15 -48.78 -3.13
C ALA B 791 13.49 -48.75 -2.40
N VAL B 792 13.67 -47.80 -1.48
CA VAL B 792 14.95 -47.62 -0.80
C VAL B 792 14.97 -48.42 0.50
N ASN B 793 13.94 -49.24 0.73
CA ASN B 793 13.82 -50.07 1.92
C ASN B 793 13.86 -49.22 3.19
N ILE B 794 12.84 -48.36 3.33
CA ILE B 794 12.77 -47.44 4.46
C ILE B 794 12.61 -48.16 5.78
N ASN B 795 12.13 -49.41 5.76
CA ASN B 795 11.97 -50.18 6.99
C ASN B 795 13.28 -50.80 7.47
N LEU B 796 14.35 -50.71 6.68
CA LEU B 796 15.64 -51.29 7.05
C LEU B 796 16.72 -50.24 7.28
N CYS B 797 16.43 -48.97 7.02
CA CYS B 797 17.44 -47.93 7.15
C CYS B 797 17.74 -47.65 8.63
N ASP B 798 18.96 -47.19 8.88
CA ASP B 798 19.34 -46.79 10.24
C ASP B 798 18.72 -45.46 10.64
N MET B 799 18.49 -44.57 9.68
CA MET B 799 17.91 -43.27 10.01
C MET B 799 17.29 -42.66 8.76
N CYS B 800 16.15 -42.00 8.95
CA CYS B 800 15.50 -41.21 7.92
C CYS B 800 15.49 -39.75 8.36
N VAL B 801 16.02 -38.87 7.51
CA VAL B 801 16.14 -37.45 7.80
C VAL B 801 15.28 -36.68 6.81
N ILE B 802 14.33 -35.91 7.31
CA ILE B 802 13.42 -35.13 6.49
C ILE B 802 13.84 -33.67 6.56
N LEU B 803 14.14 -33.08 5.40
CA LEU B 803 14.58 -31.69 5.34
C LEU B 803 13.73 -30.94 4.32
N SER B 804 13.51 -29.65 4.60
CA SER B 804 12.71 -28.80 3.74
C SER B 804 13.54 -27.62 3.25
N ALA B 805 13.33 -27.26 1.98
CA ALA B 805 14.04 -26.15 1.36
C ALA B 805 13.14 -25.00 0.94
N ASN B 806 11.83 -25.20 0.87
CA ASN B 806 10.89 -24.16 0.46
C ASN B 806 10.29 -23.46 1.68
N GLN B 807 11.15 -22.88 2.51
CA GLN B 807 10.69 -22.20 3.71
C GLN B 807 10.44 -20.71 3.49
N ASN B 808 11.17 -20.07 2.58
CA ASN B 808 11.01 -18.64 2.36
C ASN B 808 9.75 -18.30 1.56
N ASN B 809 9.23 -19.26 0.79
CA ASN B 809 8.07 -18.96 -0.06
C ASN B 809 6.80 -18.79 0.76
N ILE B 810 6.67 -19.53 1.85
CA ILE B 810 5.46 -19.47 2.67
C ILE B 810 5.50 -18.21 3.53
N ASP B 811 4.47 -17.37 3.41
CA ASP B 811 4.44 -16.13 4.17
C ASP B 811 4.14 -16.40 5.65
N ASP B 812 3.17 -17.26 5.93
CA ASP B 812 2.85 -17.60 7.31
C ASP B 812 3.94 -18.49 7.90
N THR B 813 4.43 -18.12 9.09
CA THR B 813 5.54 -18.84 9.67
C THR B 813 5.14 -20.20 10.23
N SER B 814 3.90 -20.35 10.70
CA SER B 814 3.47 -21.60 11.31
C SER B 814 3.15 -22.68 10.29
N LEU B 815 2.94 -22.31 9.03
CA LEU B 815 2.65 -23.27 7.97
C LEU B 815 3.89 -23.71 7.22
N GLN B 816 5.08 -23.31 7.68
CA GLN B 816 6.33 -23.69 7.02
C GLN B 816 6.71 -25.14 7.26
N ASP B 817 6.04 -25.84 8.17
CA ASP B 817 6.37 -27.21 8.53
C ASP B 817 5.34 -28.22 8.05
N LYS B 818 4.52 -27.85 7.05
CA LYS B 818 3.45 -28.73 6.61
C LYS B 818 3.99 -29.98 5.93
N GLU B 819 4.94 -29.81 5.00
CA GLU B 819 5.42 -30.95 4.23
C GLU B 819 6.21 -31.92 5.10
N CYS B 820 6.99 -31.41 6.05
CA CYS B 820 7.76 -32.30 6.92
C CYS B 820 6.84 -33.11 7.83
N ILE B 821 5.83 -32.47 8.41
CA ILE B 821 4.89 -33.17 9.27
C ILE B 821 4.09 -34.20 8.48
N LEU B 822 3.65 -33.83 7.27
CA LEU B 822 2.92 -34.78 6.43
C LEU B 822 3.80 -35.96 6.05
N ALA B 823 5.07 -35.72 5.73
CA ALA B 823 5.98 -36.82 5.40
C ALA B 823 6.20 -37.74 6.60
N SER B 824 6.36 -37.15 7.79
CA SER B 824 6.56 -37.96 8.99
C SER B 824 5.33 -38.82 9.28
N LEU B 825 4.14 -38.23 9.18
CA LEU B 825 2.91 -39.00 9.42
C LEU B 825 2.70 -40.05 8.35
N ASN B 826 3.08 -39.77 7.09
CA ASN B 826 2.97 -40.76 6.04
C ASN B 826 3.89 -41.95 6.29
N ILE B 827 5.13 -41.68 6.71
CA ILE B 827 6.07 -42.77 6.97
C ILE B 827 5.64 -43.58 8.18
N LYS B 828 5.14 -42.91 9.23
CA LYS B 828 4.74 -43.63 10.44
C LYS B 828 3.52 -44.52 10.23
N SER B 829 2.76 -44.32 9.15
CA SER B 829 1.54 -45.07 8.91
C SER B 829 1.71 -46.18 7.88
N MET B 830 2.90 -46.37 7.34
CA MET B 830 3.10 -47.38 6.32
C MET B 830 3.08 -48.78 6.94
N GLN B 831 2.78 -49.77 6.10
CA GLN B 831 2.71 -51.16 6.49
C GLN B 831 3.71 -51.98 5.67
N PHE B 832 4.37 -52.92 6.33
CA PHE B 832 5.36 -53.77 5.68
C PHE B 832 5.10 -55.23 6.05
N ASP B 833 5.51 -56.13 5.17
CA ASP B 833 5.32 -57.56 5.35
C ASP B 833 6.65 -58.29 5.20
N ASP B 834 6.63 -59.58 5.55
CA ASP B 834 7.83 -60.40 5.46
C ASP B 834 7.77 -61.34 4.27
N THR B 871 6.60 -54.63 11.07
CA THR B 871 5.41 -54.81 10.24
C THR B 871 4.67 -53.48 10.06
N THR B 872 5.16 -52.44 10.72
CA THR B 872 4.57 -51.12 10.63
C THR B 872 5.66 -50.07 10.76
N GLY B 873 5.36 -48.87 10.29
CA GLY B 873 6.32 -47.79 10.25
C GLY B 873 6.47 -46.97 11.51
N VAL B 874 5.79 -47.35 12.60
CA VAL B 874 5.89 -46.60 13.84
C VAL B 874 7.25 -46.79 14.50
N ASN B 875 7.95 -47.87 14.18
CA ASN B 875 9.25 -48.16 14.77
C ASN B 875 10.42 -47.66 13.93
N ILE B 876 10.15 -46.99 12.82
CA ILE B 876 11.22 -46.48 11.96
C ILE B 876 11.81 -45.23 12.61
N PRO B 877 13.13 -45.17 12.81
CA PRO B 877 13.73 -43.98 13.41
C PRO B 877 13.74 -42.82 12.42
N ILE B 878 13.16 -41.70 12.84
CA ILE B 878 12.97 -40.53 11.98
C ILE B 878 13.45 -39.29 12.72
N ILE B 879 14.19 -38.44 12.02
CA ILE B 879 14.56 -37.11 12.51
C ILE B 879 13.93 -36.09 11.59
N THR B 880 13.11 -35.20 12.16
CA THR B 880 12.39 -34.20 11.38
C THR B 880 12.85 -32.81 11.79
N GLU B 881 13.24 -32.00 10.81
CA GLU B 881 13.58 -30.61 11.05
C GLU B 881 12.31 -29.77 11.12
N LEU B 882 12.16 -29.01 12.19
CA LEU B 882 10.98 -28.19 12.39
C LEU B 882 11.39 -26.76 12.74
N VAL B 883 10.66 -25.80 12.20
CA VAL B 883 10.93 -24.39 12.46
C VAL B 883 10.26 -23.91 13.73
N ASN B 884 8.99 -24.23 13.90
CA ASN B 884 8.21 -23.80 15.05
C ASN B 884 8.19 -24.89 16.12
N ASP B 885 8.33 -24.46 17.38
CA ASP B 885 8.31 -25.41 18.49
C ASP B 885 6.92 -25.99 18.69
N THR B 886 5.88 -25.17 18.50
CA THR B 886 4.51 -25.61 18.74
C THR B 886 4.08 -26.73 17.81
N ASN B 887 4.78 -26.92 16.69
CA ASN B 887 4.48 -28.01 15.79
C ASN B 887 5.10 -29.34 16.21
N VAL B 888 6.04 -29.31 17.16
CA VAL B 888 6.75 -30.54 17.55
C VAL B 888 5.78 -31.56 18.13
N GLN B 889 4.82 -31.10 18.94
CA GLN B 889 3.84 -32.00 19.52
C GLN B 889 2.96 -32.66 18.46
N PHE B 890 2.95 -32.12 17.24
CA PHE B 890 2.21 -32.77 16.16
C PHE B 890 2.86 -34.08 15.71
N LEU B 891 4.08 -34.37 16.12
CA LEU B 891 4.74 -35.61 15.74
C LEU B 891 4.47 -36.76 16.69
N ASP B 892 3.63 -36.55 17.71
CA ASP B 892 3.29 -37.59 18.67
C ASP B 892 1.85 -38.03 18.41
N GLN B 893 1.69 -39.33 18.14
CA GLN B 893 0.35 -39.85 17.86
C GLN B 893 -0.55 -39.77 19.08
N ALA B 894 0.00 -39.98 20.27
CA ALA B 894 -0.77 -39.86 21.50
C ALA B 894 -1.27 -38.42 21.66
N ALA B 895 -2.44 -38.29 22.27
CA ALA B 895 -3.03 -36.97 22.48
C ALA B 895 -2.17 -36.13 23.40
N ALA B 896 -2.14 -34.84 23.14
CA ALA B 896 -1.31 -33.92 23.93
C ALA B 896 -1.82 -33.85 25.37
N ALA B 897 -0.94 -34.13 26.33
CA ALA B 897 -1.30 -34.02 27.73
C ALA B 897 -1.63 -32.58 28.10
N ASP B 898 -0.89 -31.63 27.55
CA ASP B 898 -1.13 -30.21 27.79
C ASP B 898 -0.59 -29.44 26.59
N PRO B 899 -1.43 -28.65 25.90
CA PRO B 899 -0.93 -27.85 24.78
C PRO B 899 0.07 -26.78 25.18
N ASP B 900 0.14 -26.43 26.46
CA ASP B 900 1.08 -25.44 26.97
C ASP B 900 2.40 -26.05 27.43
N THR B 901 2.62 -27.34 27.15
CA THR B 901 3.86 -27.99 27.52
C THR B 901 5.04 -27.35 26.79
N GLU B 902 6.11 -27.13 27.53
CA GLU B 902 7.31 -26.51 26.96
C GLU B 902 7.98 -27.45 25.96
N LEU B 903 8.83 -26.87 25.12
CA LEU B 903 9.45 -27.62 24.03
C LEU B 903 10.30 -28.79 24.54
N TYR B 904 11.08 -28.56 25.59
CA TYR B 904 12.00 -29.59 26.05
C TYR B 904 11.29 -30.74 26.76
N LEU B 905 10.06 -30.53 27.22
CA LEU B 905 9.32 -31.57 27.91
C LEU B 905 8.46 -32.42 26.98
N THR B 906 8.36 -32.07 25.70
CA THR B 906 7.57 -32.85 24.78
C THR B 906 8.25 -34.19 24.47
N GLN B 907 7.42 -35.21 24.21
CA GLN B 907 7.95 -36.53 23.89
C GLN B 907 8.80 -36.56 22.62
N PRO B 908 8.40 -35.95 21.48
CA PRO B 908 9.29 -35.99 20.31
C PRO B 908 10.66 -35.36 20.55
N PHE B 909 10.73 -34.28 21.34
CA PHE B 909 12.02 -33.64 21.58
C PHE B 909 12.86 -34.47 22.54
N ALA B 910 12.26 -35.00 23.60
CA ALA B 910 13.00 -35.80 24.57
C ALA B 910 13.48 -37.11 24.00
N CYS B 911 12.85 -37.62 22.95
CA CYS B 911 13.27 -38.85 22.31
C CYS B 911 14.27 -38.64 21.18
N GLY B 912 14.54 -37.38 20.83
CA GLY B 912 15.48 -37.09 19.76
C GLY B 912 14.94 -37.25 18.36
N THR B 913 13.64 -37.46 18.21
CA THR B 913 13.04 -37.64 16.90
C THR B 913 12.66 -36.33 16.22
N ALA B 914 12.81 -35.21 16.91
CA ALA B 914 12.52 -33.89 16.36
C ALA B 914 13.68 -32.95 16.66
N PHE B 915 14.02 -32.11 15.69
CA PHE B 915 15.09 -31.14 15.82
C PHE B 915 14.52 -29.76 15.55
N ALA B 916 14.30 -28.98 16.61
CA ALA B 916 13.85 -27.60 16.48
C ALA B 916 15.06 -26.70 16.29
N VAL B 917 15.02 -25.88 15.24
CA VAL B 917 16.15 -25.02 14.93
C VAL B 917 16.33 -23.91 15.96
N SER B 918 15.31 -23.65 16.77
CA SER B 918 15.39 -22.57 17.75
C SER B 918 16.49 -22.77 18.78
N VAL B 919 16.91 -24.03 18.99
CA VAL B 919 18.01 -24.28 19.93
C VAL B 919 19.29 -23.61 19.45
N LEU B 920 19.44 -23.44 18.14
CA LEU B 920 20.59 -22.69 17.62
C LEU B 920 20.55 -21.25 18.11
N ASP B 921 19.35 -20.65 18.16
CA ASP B 921 19.21 -19.31 18.72
C ASP B 921 19.60 -19.28 20.19
N SER B 922 19.50 -20.42 20.89
CA SER B 922 20.00 -20.49 22.25
C SER B 922 21.52 -20.56 22.28
N LEU B 923 22.13 -21.22 21.29
CA LEU B 923 23.57 -21.44 21.30
C LEU B 923 24.33 -20.13 21.29
N MET B 924 23.85 -19.14 20.50
CA MET B 924 24.45 -17.82 20.51
C MET B 924 24.51 -17.24 21.92
N SER B 925 23.42 -17.39 22.68
CA SER B 925 23.44 -16.96 24.07
C SER B 925 24.51 -17.69 24.86
N ALA B 926 24.58 -19.02 24.69
CA ALA B 926 25.62 -19.79 25.34
C ALA B 926 27.00 -19.39 24.84
N THR B 927 27.08 -18.84 23.62
CA THR B 927 28.35 -18.33 23.12
C THR B 927 28.73 -17.01 23.78
N TYR B 928 27.73 -16.19 24.15
CA TYR B 928 28.04 -14.88 24.70
C TYR B 928 28.67 -14.98 26.08
N PHE B 929 28.17 -15.88 26.92
CA PHE B 929 28.69 -16.04 28.26
C PHE B 929 29.91 -16.96 28.34
N ASN B 930 30.21 -17.68 27.27
CA ASN B 930 31.38 -18.56 27.24
C ASN B 930 31.70 -18.85 25.78
N ASP B 931 32.88 -18.42 25.32
CA ASP B 931 33.25 -18.58 23.92
C ASP B 931 33.82 -19.97 23.61
N ASN B 932 34.19 -20.75 24.62
CA ASN B 932 34.73 -22.08 24.38
C ASN B 932 33.65 -23.10 24.06
N ILE B 933 32.39 -22.82 24.42
CA ILE B 933 31.31 -23.76 24.16
C ILE B 933 31.12 -23.96 22.66
N LEU B 934 31.16 -22.87 21.90
CA LEU B 934 30.99 -22.96 20.45
C LEU B 934 32.12 -23.76 19.81
N THR B 935 33.35 -23.53 20.26
CA THR B 935 34.49 -24.25 19.71
C THR B 935 34.42 -25.74 20.04
N LEU B 936 34.02 -26.07 21.28
CA LEU B 936 33.86 -27.47 21.66
C LEU B 936 32.77 -28.15 20.84
N ILE B 937 31.64 -27.47 20.64
CA ILE B 937 30.56 -28.03 19.85
C ILE B 937 30.99 -28.21 18.39
N ARG B 938 31.75 -27.25 17.86
CA ARG B 938 32.22 -27.37 16.48
C ARG B 938 33.18 -28.54 16.32
N THR B 939 34.10 -28.73 17.27
CA THR B 939 35.07 -29.82 17.15
C THR B 939 34.48 -31.17 17.51
N LEU B 940 33.35 -31.22 18.21
CA LEU B 940 32.68 -32.48 18.51
C LEU B 940 31.67 -32.88 17.45
N VAL B 941 31.02 -31.90 16.82
CA VAL B 941 29.88 -32.17 15.96
C VAL B 941 30.23 -32.20 14.47
N THR B 942 31.07 -31.29 14.01
CA THR B 942 31.39 -31.18 12.58
C THR B 942 32.35 -32.25 12.11
N GLY B 943 32.69 -33.23 12.93
CA GLY B 943 33.61 -34.28 12.55
C GLY B 943 35.07 -33.96 12.75
N GLY B 944 35.39 -32.84 13.40
CA GLY B 944 36.78 -32.48 13.63
C GLY B 944 37.41 -31.59 12.58
N ALA B 945 36.63 -30.71 11.96
CA ALA B 945 37.19 -29.81 10.96
C ALA B 945 38.23 -28.88 11.59
N THR B 946 39.35 -28.71 10.89
CA THR B 946 40.46 -27.91 11.37
C THR B 946 40.57 -26.61 10.59
N PRO B 947 41.19 -25.58 11.18
CA PRO B 947 41.37 -24.31 10.45
C PRO B 947 42.20 -24.46 9.17
N GLU B 948 43.14 -25.40 9.14
CA GLU B 948 43.89 -25.68 7.92
C GLU B 948 42.95 -26.18 6.82
N LEU B 949 42.04 -27.08 7.18
CA LEU B 949 41.03 -27.54 6.24
C LEU B 949 40.12 -26.40 5.81
N GLU B 950 39.79 -25.50 6.75
CA GLU B 950 39.00 -24.32 6.40
C GLU B 950 39.71 -23.47 5.36
N ALA B 951 41.02 -23.25 5.54
CA ALA B 951 41.79 -22.45 4.58
C ALA B 951 41.87 -23.14 3.23
N LEU B 952 42.06 -24.46 3.22
CA LEU B 952 42.11 -25.19 1.96
C LEU B 952 40.78 -25.13 1.21
N ILE B 953 39.67 -25.29 1.94
CA ILE B 953 38.35 -25.21 1.32
C ILE B 953 38.09 -23.79 0.81
N ALA B 954 38.55 -22.78 1.56
CA ALA B 954 38.43 -21.40 1.09
C ALA B 954 39.22 -21.19 -0.19
N GLU B 955 40.42 -21.77 -0.27
CA GLU B 955 41.27 -21.58 -1.45
C GLU B 955 40.70 -22.27 -2.68
N GLU B 956 40.20 -23.50 -2.53
CA GLU B 956 39.82 -24.29 -3.69
C GLU B 956 38.31 -24.48 -3.87
N ASN B 957 37.50 -24.14 -2.87
CA ASN B 957 36.05 -24.32 -2.92
C ASN B 957 35.66 -25.78 -3.17
N ALA B 958 36.51 -26.71 -2.74
CA ALA B 958 36.28 -28.14 -2.93
C ALA B 958 37.21 -28.89 -1.99
N LEU B 959 37.09 -30.22 -1.99
CA LEU B 959 37.93 -31.10 -1.20
C LEU B 959 38.95 -31.76 -2.11
N ARG B 960 40.24 -31.65 -1.76
CA ARG B 960 41.32 -32.18 -2.57
C ARG B 960 41.87 -33.45 -1.94
N GLY B 961 41.93 -34.52 -2.74
CA GLY B 961 42.49 -35.76 -2.25
C GLY B 961 44.00 -35.73 -2.18
N GLY B 962 44.55 -36.77 -1.57
CA GLY B 962 45.99 -36.86 -1.42
C GLY B 962 46.41 -38.26 -1.03
N TYR B 963 47.66 -38.57 -1.32
CA TYR B 963 48.20 -39.88 -0.99
C TYR B 963 48.43 -40.02 0.51
N SER B 964 48.33 -41.24 1.00
CA SER B 964 48.45 -41.51 2.43
C SER B 964 49.91 -41.40 2.87
N THR B 965 50.12 -40.66 3.95
CA THR B 965 51.41 -40.50 4.59
C THR B 965 51.26 -40.83 6.07
N PRO B 966 52.34 -41.20 6.75
CA PRO B 966 52.23 -41.52 8.19
C PRO B 966 51.68 -40.39 9.03
N GLN B 967 51.94 -39.14 8.67
CA GLN B 967 51.36 -38.01 9.41
C GLN B 967 49.84 -37.99 9.27
N THR B 968 49.34 -38.19 8.05
CA THR B 968 47.88 -38.20 7.85
C THR B 968 47.24 -39.42 8.49
N LEU B 969 47.93 -40.56 8.46
CA LEU B 969 47.39 -41.74 9.12
C LEU B 969 47.36 -41.58 10.63
N ALA B 970 48.35 -40.87 11.19
CA ALA B 970 48.29 -40.53 12.61
C ALA B 970 47.19 -39.51 12.90
N ASN B 971 46.89 -38.65 11.93
CA ASN B 971 45.79 -37.69 12.07
C ASN B 971 44.43 -38.39 12.05
N ARG B 972 44.39 -39.65 11.59
CA ARG B 972 43.13 -40.37 11.51
C ARG B 972 42.60 -40.76 12.89
N ASP B 973 43.50 -40.96 13.86
CA ASP B 973 43.12 -41.44 15.18
C ASP B 973 42.39 -40.34 15.95
N ARG B 974 41.09 -40.53 16.16
CA ARG B 974 40.27 -39.61 16.94
C ARG B 974 39.29 -40.43 17.77
N CYS B 975 38.29 -39.77 18.32
CA CYS B 975 37.21 -40.43 19.05
C CYS B 975 35.88 -40.13 18.37
N ARG B 976 35.00 -41.12 18.38
CA ARG B 976 33.73 -41.05 17.67
C ARG B 976 32.57 -41.30 18.62
N VAL B 977 31.42 -40.72 18.29
CA VAL B 977 30.22 -40.88 19.10
C VAL B 977 29.53 -42.18 18.70
N ALA B 978 29.17 -42.99 19.70
CA ALA B 978 28.54 -44.27 19.44
C ALA B 978 27.56 -44.60 20.55
N GLN B 979 26.68 -45.55 20.27
CA GLN B 979 25.77 -46.12 21.25
C GLN B 979 26.05 -47.61 21.37
N LEU B 980 26.09 -48.10 22.61
CA LEU B 980 26.36 -49.51 22.86
C LEU B 980 25.24 -50.12 23.69
N ALA B 981 24.90 -51.37 23.39
CA ALA B 981 23.87 -52.10 24.09
C ALA B 981 24.50 -53.04 25.12
N LEU B 982 23.75 -53.30 26.20
CA LEU B 982 24.20 -54.16 27.28
C LEU B 982 23.61 -55.56 27.21
N LEU B 983 22.99 -55.92 26.07
CA LEU B 983 22.35 -57.23 25.96
C LEU B 983 23.38 -58.35 25.90
N ASP B 984 24.41 -58.18 25.07
CA ASP B 984 25.38 -59.25 24.88
C ASP B 984 26.83 -58.76 24.82
N GLY B 985 27.10 -57.52 25.22
CA GLY B 985 28.44 -57.01 25.20
C GLY B 985 29.26 -57.46 26.39
N PRO B 986 30.49 -56.95 26.51
CA PRO B 986 31.31 -57.28 27.68
C PRO B 986 30.74 -56.77 29.00
N PHE B 987 29.84 -55.79 28.96
CA PHE B 987 29.24 -55.22 30.15
C PHE B 987 27.85 -55.80 30.43
N ALA B 988 27.51 -56.92 29.81
CA ALA B 988 26.18 -57.51 29.98
C ALA B 988 25.95 -57.98 31.42
N ASP B 989 27.00 -58.46 32.09
CA ASP B 989 26.87 -58.93 33.46
C ASP B 989 26.63 -57.81 34.45
N LEU B 990 26.79 -56.55 34.04
CA LEU B 990 26.61 -55.41 34.94
C LEU B 990 25.33 -54.63 34.67
N GLY B 991 24.71 -54.80 33.49
CA GLY B 991 23.51 -54.06 33.17
C GLY B 991 22.27 -54.51 33.91
N ASP B 992 22.31 -55.66 34.58
CA ASP B 992 21.15 -56.17 35.32
C ASP B 992 21.27 -55.76 36.79
N GLY B 993 20.82 -54.53 37.06
CA GLY B 993 20.79 -54.01 38.40
C GLY B 993 22.05 -53.32 38.87
N GLY B 994 23.12 -53.33 38.08
CA GLY B 994 24.33 -52.66 38.47
C GLY B 994 24.21 -51.15 38.39
N CYS B 995 25.17 -50.48 39.01
CA CYS B 995 25.18 -49.02 39.02
C CYS B 995 25.95 -48.48 37.83
N TYR B 996 25.64 -47.23 37.48
CA TYR B 996 26.27 -46.58 36.33
C TYR B 996 27.74 -46.28 36.59
N GLY B 997 28.12 -46.06 37.85
CA GLY B 997 29.49 -45.71 38.16
C GLY B 997 30.48 -46.81 37.86
N ASP B 998 30.12 -48.06 38.17
CA ASP B 998 30.98 -49.19 37.83
C ASP B 998 31.15 -49.33 36.33
N LEU B 999 30.07 -49.13 35.58
CA LEU B 999 30.15 -49.19 34.12
C LEU B 999 31.07 -48.10 33.59
N PHE B 1000 30.94 -46.88 34.11
CA PHE B 1000 31.78 -45.78 33.66
C PHE B 1000 33.25 -46.06 33.97
N CYS B 1001 33.53 -46.53 35.19
CA CYS B 1001 34.91 -46.79 35.59
C CYS B 1001 35.52 -47.90 34.77
N LYS B 1002 34.78 -48.99 34.55
CA LYS B 1002 35.30 -50.10 33.76
C LYS B 1002 35.54 -49.70 32.31
N ALA B 1003 34.60 -48.95 31.73
CA ALA B 1003 34.78 -48.50 30.35
C ALA B 1003 35.96 -47.56 30.21
N LEU B 1004 36.16 -46.67 31.19
CA LEU B 1004 37.27 -45.73 31.11
C LEU B 1004 38.61 -46.43 31.32
N LYS B 1005 38.67 -47.37 32.25
CA LYS B 1005 39.95 -48.02 32.55
C LYS B 1005 40.34 -49.01 31.46
N THR B 1006 39.38 -49.81 30.98
CA THR B 1006 39.72 -50.91 30.09
C THR B 1006 39.88 -50.44 28.65
N TYR B 1007 38.82 -49.91 28.07
CA TYR B 1007 38.79 -49.56 26.64
C TYR B 1007 38.99 -48.07 26.40
N ASN B 1008 39.28 -47.29 27.45
CA ASN B 1008 39.40 -45.83 27.36
C ASN B 1008 38.15 -45.22 26.75
N MET B 1009 37.00 -45.67 27.25
CA MET B 1009 35.69 -45.29 26.72
C MET B 1009 34.99 -44.36 27.69
N LEU B 1010 34.45 -43.26 27.18
CA LEU B 1010 33.83 -42.22 27.99
C LEU B 1010 32.32 -42.28 27.83
N CYS B 1011 31.65 -42.86 28.82
CA CYS B 1011 30.20 -42.90 28.84
C CYS B 1011 29.65 -41.61 29.41
N PHE B 1012 28.67 -41.01 28.71
CA PHE B 1012 28.16 -39.71 29.15
C PHE B 1012 26.64 -39.61 29.03
N GLY B 1013 25.92 -40.72 28.93
CA GLY B 1013 24.48 -40.66 28.87
C GLY B 1013 23.80 -42.00 28.63
N ILE B 1014 22.53 -42.08 29.00
CA ILE B 1014 21.75 -43.32 28.88
C ILE B 1014 20.55 -43.06 27.99
N TYR B 1015 20.39 -43.89 26.96
CA TYR B 1015 19.22 -43.87 26.11
C TYR B 1015 18.32 -45.02 26.58
N ARG B 1016 17.23 -44.68 27.26
CA ARG B 1016 16.45 -45.63 28.03
C ARG B 1016 15.05 -45.75 27.46
N LEU B 1017 14.55 -46.99 27.40
CA LEU B 1017 13.21 -47.24 26.91
C LEU B 1017 12.17 -46.49 27.74
N ARG B 1018 11.19 -45.89 27.05
CA ARG B 1018 10.18 -45.09 27.73
C ARG B 1018 9.34 -45.94 28.68
N ASP B 1019 8.89 -47.10 28.22
CA ASP B 1019 8.10 -48.00 29.06
C ASP B 1019 8.97 -49.04 29.75
N ALA B 1020 9.99 -48.57 30.47
CA ALA B 1020 10.87 -49.45 31.22
C ALA B 1020 10.59 -49.46 32.71
N HIS B 1021 10.18 -48.32 33.28
CA HIS B 1021 9.82 -48.28 34.69
C HIS B 1021 8.47 -48.96 34.96
N LEU B 1022 7.62 -49.06 33.94
CA LEU B 1022 6.34 -49.73 34.12
C LEU B 1022 6.52 -51.23 34.29
N SER B 1023 5.75 -51.81 35.21
CA SER B 1023 5.83 -53.25 35.43
C SER B 1023 5.19 -54.02 34.29
N THR B 1024 4.10 -53.50 33.73
CA THR B 1024 3.42 -54.19 32.64
C THR B 1024 4.26 -54.12 31.36
N PRO B 1025 4.25 -55.17 30.55
CA PRO B 1025 4.98 -55.12 29.27
C PRO B 1025 4.32 -54.17 28.29
N SER B 1026 5.14 -53.66 27.36
CA SER B 1026 4.67 -52.74 26.34
C SER B 1026 5.43 -53.00 25.05
N GLN B 1027 4.82 -52.59 23.93
CA GLN B 1027 5.40 -52.75 22.61
C GLN B 1027 6.08 -51.48 22.11
N CYS B 1028 6.09 -50.42 22.90
CA CYS B 1028 6.70 -49.17 22.47
C CYS B 1028 8.22 -49.30 22.49
N THR B 1029 8.86 -48.89 21.40
CA THR B 1029 10.31 -48.93 21.28
C THR B 1029 10.94 -47.54 21.41
N LYS B 1030 10.15 -46.53 21.74
CA LYS B 1030 10.70 -45.18 21.90
C LYS B 1030 11.57 -45.10 23.15
N ARG B 1031 12.65 -44.34 23.05
CA ARG B 1031 13.59 -44.17 24.14
C ARG B 1031 13.84 -42.69 24.36
N TYR B 1032 14.11 -42.32 25.62
CA TYR B 1032 14.42 -40.95 26.00
C TYR B 1032 15.85 -40.88 26.52
N VAL B 1033 16.30 -39.65 26.76
CA VAL B 1033 17.69 -39.34 27.02
C VAL B 1033 17.85 -38.94 28.49
N ILE B 1034 18.82 -39.57 29.16
CA ILE B 1034 19.23 -39.20 30.51
C ILE B 1034 20.68 -38.76 30.41
N THR B 1035 20.95 -37.49 30.73
CA THR B 1035 22.27 -36.90 30.55
C THR B 1035 23.02 -36.92 31.88
N ASN B 1036 24.19 -37.56 31.88
CA ASN B 1036 25.10 -37.66 33.01
C ASN B 1036 24.39 -38.15 34.27
N PRO B 1037 24.03 -39.43 34.33
CA PRO B 1037 23.38 -39.95 35.54
C PRO B 1037 24.36 -40.03 36.69
N PRO B 1038 23.86 -40.03 37.94
CA PRO B 1038 24.76 -40.12 39.10
C PRO B 1038 25.45 -41.47 39.21
N TYR B 1039 26.34 -41.60 40.20
CA TYR B 1039 27.10 -42.84 40.37
C TYR B 1039 26.18 -44.01 40.75
N GLU B 1040 25.20 -43.76 41.60
CA GLU B 1040 24.32 -44.80 42.12
C GLU B 1040 23.12 -45.05 41.23
N PHE B 1041 23.11 -44.52 40.00
CA PHE B 1041 21.98 -44.73 39.10
C PHE B 1041 21.93 -46.19 38.66
N GLU B 1042 20.76 -46.80 38.79
CA GLU B 1042 20.58 -48.20 38.46
C GLU B 1042 20.51 -48.40 36.94
N LEU B 1043 20.82 -49.62 36.51
CA LEU B 1043 20.83 -49.97 35.10
C LEU B 1043 19.87 -51.13 34.83
N VAL B 1044 19.24 -51.09 33.67
CA VAL B 1044 18.38 -52.18 33.21
C VAL B 1044 18.99 -52.76 31.94
N PRO B 1045 18.79 -54.04 31.64
CA PRO B 1045 19.41 -54.62 30.43
C PRO B 1045 18.96 -54.00 29.13
N THR B 1046 17.75 -53.42 29.09
CA THR B 1046 17.25 -52.79 27.86
C THR B 1046 17.58 -51.29 27.88
N ASP B 1047 18.88 -51.02 27.83
CA ASP B 1047 19.39 -49.66 27.84
C ASP B 1047 20.49 -49.52 26.79
N LEU B 1048 20.68 -48.29 26.32
CA LEU B 1048 21.80 -47.97 25.45
C LEU B 1048 22.67 -46.94 26.15
N ILE B 1049 23.98 -47.01 25.90
CA ILE B 1049 24.95 -46.13 26.53
C ILE B 1049 25.60 -45.28 25.44
N PHE B 1050 25.51 -43.97 25.60
CA PHE B 1050 26.30 -43.06 24.78
C PHE B 1050 27.76 -43.16 25.17
N CYS B 1051 28.64 -43.14 24.17
CA CYS B 1051 30.06 -43.29 24.46
C CYS B 1051 30.88 -42.59 23.39
N LEU B 1052 32.11 -42.24 23.77
CA LEU B 1052 33.12 -41.72 22.86
C LEU B 1052 34.19 -42.80 22.72
N MET B 1053 34.17 -43.51 21.61
CA MET B 1053 35.05 -44.65 21.38
C MET B 1053 36.30 -44.22 20.63
N GLN B 1054 37.44 -44.75 21.06
CA GLN B 1054 38.71 -44.47 20.40
C GLN B 1054 38.80 -45.19 19.06
N PHE B 1055 39.61 -44.64 18.17
CA PHE B 1055 39.86 -45.30 16.89
C PHE B 1055 40.77 -46.52 17.10
N ASP B 1056 40.41 -47.62 16.45
CA ASP B 1056 41.16 -48.86 16.55
C ASP B 1056 41.52 -49.34 15.15
N SER B 1057 42.74 -49.84 15.00
CA SER B 1057 43.21 -50.34 13.72
C SER B 1057 43.38 -51.85 13.75
N GLN C 19 -58.08 37.64 28.72
CA GLN C 19 -58.07 38.85 27.92
C GLN C 19 -57.05 38.76 26.79
N ARG C 20 -56.37 37.63 26.71
CA ARG C 20 -55.36 37.38 25.69
C ARG C 20 -55.91 36.39 24.67
N MET C 21 -55.78 36.73 23.39
CA MET C 21 -56.35 35.96 22.30
C MET C 21 -55.34 35.06 21.59
N TRP C 22 -54.15 34.89 22.17
CA TRP C 22 -53.08 34.12 21.51
C TRP C 22 -53.48 32.69 21.25
N TRP C 23 -54.34 32.12 22.10
CA TRP C 23 -54.73 30.73 21.93
C TRP C 23 -55.49 30.51 20.63
N ALA C 24 -56.31 31.48 20.23
CA ALA C 24 -57.02 31.36 18.95
C ALA C 24 -56.05 31.35 17.78
N PHE C 25 -55.09 32.26 17.79
CA PHE C 25 -54.11 32.33 16.70
C PHE C 25 -53.29 31.05 16.62
N LEU C 26 -52.85 30.53 17.76
CA LEU C 26 -52.08 29.28 17.74
C LEU C 26 -52.94 28.11 17.28
N ALA C 27 -54.13 27.97 17.86
CA ALA C 27 -54.99 26.84 17.56
C ALA C 27 -55.47 26.84 16.13
N SER C 28 -55.55 28.02 15.49
CA SER C 28 -55.93 28.07 14.08
C SER C 28 -54.93 27.30 13.22
N SER C 29 -53.64 27.62 13.37
CA SER C 29 -52.61 26.89 12.64
C SER C 29 -52.56 25.42 13.07
N MET C 30 -52.72 25.17 14.37
CA MET C 30 -52.64 23.79 14.87
C MET C 30 -53.73 22.92 14.24
N VAL C 31 -54.97 23.40 14.19
CA VAL C 31 -56.03 22.62 13.58
C VAL C 31 -55.86 22.58 12.06
N THR C 32 -55.42 23.69 11.45
CA THR C 32 -55.21 23.71 10.01
C THR C 32 -54.21 22.64 9.57
N PHE C 33 -53.22 22.35 10.42
CA PHE C 33 -52.28 21.28 10.10
C PHE C 33 -52.84 19.91 10.48
N PHE C 34 -53.21 19.74 11.76
CA PHE C 34 -53.56 18.42 12.27
C PHE C 34 -54.84 17.88 11.64
N GLY C 35 -55.92 18.67 11.63
CA GLY C 35 -57.19 18.19 11.12
C GLY C 35 -57.12 17.89 9.63
N GLY C 36 -56.41 18.73 8.87
CA GLY C 36 -56.26 18.46 7.44
C GLY C 36 -55.45 17.19 7.19
N LEU C 37 -54.38 16.98 7.96
CA LEU C 37 -53.64 15.72 7.82
C LEU C 37 -54.51 14.54 8.19
N PHE C 38 -55.33 14.68 9.23
CA PHE C 38 -56.21 13.61 9.66
C PHE C 38 -57.25 13.28 8.61
N ILE C 39 -57.83 14.30 7.96
CA ILE C 39 -58.84 14.02 6.95
C ILE C 39 -58.20 13.45 5.69
N ILE C 40 -56.96 13.83 5.37
CA ILE C 40 -56.25 13.20 4.26
C ILE C 40 -56.04 11.71 4.54
N LEU C 41 -55.58 11.39 5.75
CA LEU C 41 -55.40 9.99 6.12
C LEU C 41 -56.73 9.25 6.12
N LEU C 42 -57.80 9.88 6.59
CA LEU C 42 -59.12 9.25 6.60
C LEU C 42 -59.61 8.98 5.19
N TRP C 43 -59.36 9.92 4.26
CA TRP C 43 -59.72 9.69 2.87
C TRP C 43 -58.94 8.52 2.28
N ARG C 44 -57.65 8.42 2.61
CA ARG C 44 -56.87 7.27 2.14
C ARG C 44 -57.40 5.96 2.71
N THR C 45 -57.80 5.96 3.98
CA THR C 45 -58.37 4.75 4.57
C THR C 45 -59.69 4.38 3.92
N LEU C 46 -60.54 5.37 3.61
CA LEU C 46 -61.78 5.08 2.92
C LEU C 46 -61.53 4.53 1.51
N LYS C 47 -60.53 5.08 0.83
CA LYS C 47 -60.18 4.57 -0.50
C LYS C 47 -59.67 3.13 -0.41
N TYR C 48 -58.87 2.83 0.62
CA TYR C 48 -58.39 1.47 0.82
C TYR C 48 -59.53 0.51 1.13
N LEU C 49 -60.49 0.95 1.97
CA LEU C 49 -61.61 0.09 2.33
C LEU C 49 -62.52 -0.16 1.14
N TRP C 50 -62.76 0.87 0.33
CA TRP C 50 -63.64 0.76 -0.83
C TRP C 50 -63.02 -0.11 -1.92
N TRP C 93 -61.09 17.38 -16.49
CA TRP C 93 -59.85 17.98 -16.93
C TRP C 93 -58.90 18.23 -15.75
N MET C 94 -59.00 17.36 -14.74
CA MET C 94 -58.14 17.48 -13.56
C MET C 94 -56.67 17.25 -13.93
N THR C 95 -56.42 16.28 -14.82
CA THR C 95 -55.05 16.00 -15.23
C THR C 95 -54.44 17.18 -15.97
N SER C 96 -55.23 17.84 -16.83
CA SER C 96 -54.73 18.96 -17.61
C SER C 96 -54.33 20.12 -16.71
N VAL C 97 -55.19 20.50 -15.77
CA VAL C 97 -54.86 21.61 -14.88
C VAL C 97 -53.74 21.22 -13.93
N LYS C 98 -53.67 19.95 -13.52
CA LYS C 98 -52.56 19.50 -12.69
C LYS C 98 -51.23 19.63 -13.42
N ASP C 99 -51.18 19.19 -14.68
CA ASP C 99 -49.95 19.33 -15.46
C ASP C 99 -49.62 20.79 -15.75
N TRP C 100 -50.64 21.63 -15.95
CA TRP C 100 -50.40 23.05 -16.16
C TRP C 100 -49.77 23.68 -14.92
N ALA C 101 -50.35 23.41 -13.74
CA ALA C 101 -49.79 23.93 -12.50
C ALA C 101 -48.40 23.36 -12.23
N GLY C 102 -48.15 22.13 -12.67
CA GLY C 102 -46.81 21.57 -12.53
C GLY C 102 -45.81 22.11 -13.54
N VAL C 103 -46.28 22.66 -14.66
CA VAL C 103 -45.34 23.16 -15.66
C VAL C 103 -45.06 24.65 -15.51
N MET C 104 -45.92 25.41 -14.80
CA MET C 104 -45.48 26.75 -14.40
C MET C 104 -44.26 26.68 -13.49
N ILE C 105 -44.33 25.87 -12.44
CA ILE C 105 -43.24 25.79 -11.47
C ILE C 105 -42.27 24.68 -11.89
N SER C 106 -41.05 25.09 -12.22
CA SER C 106 -40.00 24.15 -12.62
C SER C 106 -38.65 24.86 -12.47
N ALA C 107 -37.60 24.04 -12.42
CA ALA C 107 -36.25 24.61 -12.37
C ALA C 107 -35.83 25.13 -13.74
N GLN C 108 -36.38 24.58 -14.81
CA GLN C 108 -36.03 25.00 -16.17
C GLN C 108 -36.96 26.08 -16.70
N THR C 109 -38.22 26.11 -16.24
CA THR C 109 -39.17 27.09 -16.72
C THR C 109 -38.82 28.48 -16.19
N LEU C 110 -38.79 29.46 -17.09
CA LEU C 110 -38.49 30.84 -16.68
C LEU C 110 -39.56 31.39 -15.75
N THR C 111 -40.82 31.01 -15.97
CA THR C 111 -41.89 31.45 -15.08
C THR C 111 -41.68 30.94 -13.66
N GLY C 112 -41.28 29.67 -13.52
CA GLY C 112 -41.00 29.14 -12.19
C GLY C 112 -39.81 29.84 -11.54
N ARG C 113 -38.79 30.17 -12.34
CA ARG C 113 -37.61 30.85 -11.81
C ARG C 113 -37.98 32.23 -11.27
N VAL C 114 -38.71 33.02 -12.07
CA VAL C 114 -39.10 34.34 -11.60
C VAL C 114 -40.09 34.23 -10.44
N LEU C 115 -40.89 33.16 -10.40
CA LEU C 115 -41.83 32.97 -9.31
C LEU C 115 -41.10 32.70 -7.99
N VAL C 116 -40.09 31.83 -8.02
CA VAL C 116 -39.35 31.56 -6.79
C VAL C 116 -38.51 32.76 -6.38
N VAL C 117 -37.96 33.51 -7.33
CA VAL C 117 -37.24 34.73 -6.97
C VAL C 117 -38.17 35.74 -6.30
N LEU C 118 -39.38 35.90 -6.87
CA LEU C 118 -40.35 36.84 -6.29
C LEU C 118 -40.81 36.40 -4.91
N VAL C 119 -41.04 35.09 -4.73
CA VAL C 119 -41.49 34.64 -3.41
C VAL C 119 -40.36 34.77 -2.38
N PHE C 120 -39.11 34.59 -2.79
CA PHE C 120 -38.00 34.84 -1.88
C PHE C 120 -37.90 36.31 -1.52
N ALA C 121 -38.10 37.20 -2.49
CA ALA C 121 -38.07 38.64 -2.19
C ALA C 121 -39.18 39.03 -1.23
N LEU C 122 -40.38 38.49 -1.44
CA LEU C 122 -41.47 38.76 -0.51
C LEU C 122 -41.22 38.14 0.86
N SER C 123 -40.51 37.01 0.92
CA SER C 123 -40.12 36.44 2.19
C SER C 123 -39.16 37.36 2.94
N ILE C 124 -38.19 37.93 2.23
CA ILE C 124 -37.28 38.89 2.84
C ILE C 124 -38.04 40.11 3.33
N GLY C 125 -39.00 40.58 2.53
CA GLY C 125 -39.81 41.70 2.96
C GLY C 125 -40.62 41.41 4.22
N ALA C 126 -41.21 40.21 4.29
CA ALA C 126 -41.95 39.82 5.48
C ALA C 126 -41.03 39.72 6.69
N LEU C 127 -39.80 39.22 6.49
CA LEU C 127 -38.85 39.17 7.59
C LEU C 127 -38.49 40.57 8.09
N VAL C 128 -38.31 41.52 7.17
CA VAL C 128 -38.02 42.90 7.56
C VAL C 128 -39.21 43.51 8.31
N ILE C 129 -40.43 43.22 7.84
CA ILE C 129 -41.63 43.73 8.53
C ILE C 129 -41.73 43.15 9.93
N TYR C 130 -41.39 41.86 10.09
CA TYR C 130 -41.37 41.26 11.41
C TYR C 130 -40.30 41.91 12.30
N PHE C 131 -39.14 42.21 11.73
CA PHE C 131 -38.09 42.88 12.49
C PHE C 131 -38.55 44.24 12.98
N ILE C 132 -39.26 44.99 12.13
CA ILE C 132 -39.80 46.27 12.55
C ILE C 132 -40.87 46.10 13.62
N ASP C 133 -41.76 45.12 13.44
CA ASP C 133 -42.88 44.92 14.35
C ASP C 133 -42.47 44.31 15.68
N SER C 134 -41.26 43.75 15.79
CA SER C 134 -40.82 43.15 17.04
C SER C 134 -40.76 44.16 18.18
N SER C 135 -40.55 45.43 17.86
CA SER C 135 -40.49 46.45 18.92
C SER C 135 -41.85 46.68 19.56
N ASN C 136 -42.93 46.43 18.81
CA ASN C 136 -44.27 46.59 19.35
C ASN C 136 -44.57 45.50 20.38
N PRO C 137 -45.55 45.73 21.25
CA PRO C 137 -45.93 44.68 22.22
C PRO C 137 -46.45 43.43 21.52
N ILE C 138 -46.40 42.32 22.26
CA ILE C 138 -46.73 41.02 21.69
C ILE C 138 -48.18 40.97 21.24
N GLU C 139 -49.09 41.47 22.07
CA GLU C 139 -50.51 41.52 21.76
C GLU C 139 -50.96 42.98 21.72
N SER C 140 -51.62 43.36 20.62
CA SER C 140 -52.11 44.71 20.47
C SER C 140 -53.26 44.71 19.47
N CYS C 141 -54.04 45.79 19.50
CA CYS C 141 -55.15 45.98 18.58
C CYS C 141 -54.85 47.18 17.69
N GLN C 142 -55.06 47.01 16.39
CA GLN C 142 -54.78 48.06 15.42
C GLN C 142 -55.74 47.96 14.25
N ASN C 143 -56.30 49.09 13.84
CA ASN C 143 -57.28 49.11 12.76
C ASN C 143 -56.60 48.84 11.43
N PHE C 144 -57.29 48.06 10.57
CA PHE C 144 -56.77 47.78 9.24
C PHE C 144 -56.70 49.04 8.39
N TYR C 145 -57.73 49.88 8.44
CA TYR C 145 -57.75 51.08 7.61
C TYR C 145 -56.68 52.08 8.02
N LYS C 146 -56.46 52.23 9.33
CA LYS C 146 -55.47 53.19 9.80
C LYS C 146 -54.05 52.72 9.50
N ASP C 147 -53.77 51.44 9.71
CA ASP C 147 -52.43 50.91 9.53
C ASP C 147 -52.14 50.67 8.06
N PHE C 148 -50.87 50.78 7.69
CA PHE C 148 -50.41 50.54 6.33
C PHE C 148 -49.48 49.34 6.21
N THR C 149 -48.66 49.06 7.22
CA THR C 149 -47.76 47.92 7.15
C THR C 149 -48.51 46.59 7.13
N LEU C 150 -49.61 46.51 7.88
CA LEU C 150 -50.39 45.28 7.90
C LEU C 150 -51.05 45.01 6.55
N GLN C 151 -51.36 46.07 5.80
CA GLN C 151 -51.93 45.89 4.47
C GLN C 151 -50.94 45.20 3.54
N ILE C 152 -49.69 45.68 3.51
CA ILE C 152 -48.70 45.04 2.63
C ILE C 152 -48.29 43.68 3.19
N ASP C 153 -48.40 43.49 4.51
CA ASP C 153 -48.18 42.16 5.07
C ASP C 153 -49.20 41.17 4.55
N MET C 154 -50.49 41.56 4.53
CA MET C 154 -51.50 40.69 3.95
C MET C 154 -51.33 40.55 2.44
N ALA C 155 -50.81 41.59 1.78
CA ALA C 155 -50.54 41.50 0.34
C ALA C 155 -49.49 40.44 0.05
N PHE C 156 -48.46 40.36 0.90
CA PHE C 156 -47.49 39.27 0.77
C PHE C 156 -48.11 37.93 1.13
N ASN C 157 -48.95 37.91 2.16
CA ASN C 157 -49.50 36.66 2.68
C ASN C 157 -50.47 36.02 1.70
N VAL C 158 -51.26 36.82 0.98
CA VAL C 158 -52.18 36.25 -0.01
C VAL C 158 -51.41 35.66 -1.18
N PHE C 159 -50.29 36.29 -1.57
CA PHE C 159 -49.44 35.71 -2.59
C PHE C 159 -48.84 34.39 -2.12
N PHE C 160 -48.43 34.33 -0.85
CA PHE C 160 -47.94 33.06 -0.29
C PHE C 160 -49.03 32.00 -0.32
N LEU C 161 -50.27 32.38 0.00
CA LEU C 161 -51.38 31.42 -0.03
C LEU C 161 -51.65 30.92 -1.44
N LEU C 162 -51.63 31.82 -2.42
CA LEU C 162 -51.83 31.40 -3.81
C LEU C 162 -50.71 30.48 -4.28
N TYR C 163 -49.47 30.78 -3.92
CA TYR C 163 -48.35 29.92 -4.27
C TYR C 163 -48.49 28.55 -3.62
N PHE C 164 -48.91 28.52 -2.34
CA PHE C 164 -49.13 27.25 -1.66
C PHE C 164 -50.22 26.44 -2.34
N GLY C 165 -51.32 27.09 -2.73
CA GLY C 165 -52.38 26.37 -3.43
C GLY C 165 -51.92 25.85 -4.77
N LEU C 166 -51.10 26.62 -5.49
CA LEU C 166 -50.59 26.19 -6.78
C LEU C 166 -49.69 24.99 -6.63
N ARG C 167 -48.85 24.96 -5.58
CA ARG C 167 -48.07 23.76 -5.32
C ARG C 167 -48.94 22.59 -4.88
N PHE C 168 -50.01 22.87 -4.13
CA PHE C 168 -50.88 21.80 -3.63
C PHE C 168 -51.60 21.10 -4.78
N ILE C 169 -52.14 21.85 -5.73
CA ILE C 169 -52.83 21.22 -6.85
C ILE C 169 -51.85 20.49 -7.75
N ALA C 170 -50.62 20.95 -7.84
CA ALA C 170 -49.57 20.27 -8.61
C ALA C 170 -48.71 19.40 -7.69
N ALA C 171 -49.36 18.46 -7.01
CA ALA C 171 -48.68 17.55 -6.08
C ALA C 171 -49.05 16.11 -6.44
N ASN C 172 -48.03 15.28 -6.65
CA ASN C 172 -48.29 13.87 -6.94
C ASN C 172 -48.73 13.12 -5.70
N ASP C 173 -48.14 13.43 -4.54
CA ASP C 173 -48.53 12.83 -3.27
C ASP C 173 -48.82 13.96 -2.29
N LYS C 174 -50.01 13.95 -1.71
CA LYS C 174 -50.42 15.03 -0.82
C LYS C 174 -49.76 14.95 0.55
N LEU C 175 -49.43 13.75 1.02
CA LEU C 175 -48.85 13.60 2.35
C LEU C 175 -47.43 14.17 2.40
N TRP C 176 -46.59 13.80 1.43
CA TRP C 176 -45.21 14.27 1.43
C TRP C 176 -45.13 15.77 1.18
N PHE C 177 -46.02 16.30 0.33
CA PHE C 177 -46.10 17.75 0.17
C PHE C 177 -46.63 18.41 1.44
N TRP C 178 -47.51 17.74 2.17
CA TRP C 178 -48.09 18.30 3.38
C TRP C 178 -47.15 18.23 4.56
N LEU C 179 -46.07 17.45 4.46
CA LEU C 179 -45.07 17.33 5.52
C LEU C 179 -43.72 17.90 5.10
N GLU C 180 -43.71 19.06 4.45
CA GLU C 180 -42.49 19.79 4.16
C GLU C 180 -42.45 21.07 4.98
N VAL C 181 -41.24 21.63 5.10
CA VAL C 181 -41.05 22.79 5.97
C VAL C 181 -41.77 24.02 5.42
N ASN C 182 -41.80 24.17 4.09
CA ASN C 182 -42.45 25.33 3.49
C ASN C 182 -43.95 25.32 3.77
N SER C 183 -44.58 24.15 3.69
CA SER C 183 -46.00 24.04 4.01
C SER C 183 -46.26 24.39 5.46
N VAL C 184 -45.39 23.94 6.37
CA VAL C 184 -45.56 24.24 7.79
C VAL C 184 -45.43 25.74 8.04
N VAL C 185 -44.47 26.40 7.37
CA VAL C 185 -44.33 27.84 7.50
C VAL C 185 -45.58 28.55 6.99
N ASP C 186 -46.14 28.08 5.87
CA ASP C 186 -47.38 28.67 5.36
C ASP C 186 -48.53 28.48 6.34
N PHE C 187 -48.63 27.30 6.95
CA PHE C 187 -49.70 27.02 7.90
C PHE C 187 -49.57 27.90 9.14
N PHE C 188 -48.35 28.16 9.58
CA PHE C 188 -48.14 28.98 10.76
C PHE C 188 -48.05 30.46 10.45
N THR C 189 -48.14 30.85 9.17
CA THR C 189 -48.11 32.25 8.79
C THR C 189 -49.45 32.79 8.30
N VAL C 190 -50.13 32.10 7.40
CA VAL C 190 -51.31 32.68 6.73
C VAL C 190 -52.60 32.54 7.54
N PRO C 191 -52.92 31.39 8.13
CA PRO C 191 -54.11 31.33 9.00
C PRO C 191 -54.07 32.33 10.15
N PRO C 192 -52.93 32.54 10.83
CA PRO C 192 -52.94 33.57 11.87
C PRO C 192 -53.17 34.98 11.35
N VAL C 193 -52.72 35.33 10.14
CA VAL C 193 -52.99 36.68 9.67
C VAL C 193 -54.46 36.81 9.25
N PHE C 194 -55.07 35.73 8.74
CA PHE C 194 -56.51 35.76 8.54
C PHE C 194 -57.26 35.94 9.85
N VAL C 195 -56.83 35.26 10.91
CA VAL C 195 -57.46 35.42 12.21
C VAL C 195 -57.28 36.85 12.71
N SER C 196 -56.10 37.44 12.49
CA SER C 196 -55.85 38.81 12.92
C SER C 196 -56.74 39.80 12.18
N VAL C 197 -56.90 39.63 10.87
CA VAL C 197 -57.74 40.58 10.13
C VAL C 197 -59.21 40.35 10.45
N TYR C 198 -59.60 39.12 10.82
CA TYR C 198 -60.98 38.87 11.21
C TYR C 198 -61.30 39.49 12.58
N LEU C 199 -60.40 39.31 13.54
CA LEU C 199 -60.63 39.74 14.91
C LEU C 199 -60.16 41.16 15.17
N ASN C 200 -59.47 41.77 14.21
CA ASN C 200 -58.94 43.14 14.35
C ASN C 200 -58.01 43.26 15.57
N ARG C 201 -57.19 42.23 15.78
CA ARG C 201 -56.20 42.24 16.85
C ARG C 201 -54.94 41.52 16.36
N SER C 202 -53.78 42.05 16.73
CA SER C 202 -52.51 41.57 16.21
C SER C 202 -51.73 40.82 17.28
N TRP C 203 -51.13 39.70 16.89
CA TRP C 203 -50.24 38.92 17.74
C TRP C 203 -48.97 38.61 16.95
N LEU C 204 -47.82 38.68 17.62
CA LEU C 204 -46.55 38.49 16.94
C LEU C 204 -46.41 37.07 16.41
N GLY C 205 -46.64 36.08 17.26
CA GLY C 205 -46.71 34.70 16.81
C GLY C 205 -45.39 34.16 16.26
N LEU C 206 -45.52 33.27 15.28
CA LEU C 206 -44.37 32.59 14.67
C LEU C 206 -44.03 33.17 13.31
N ARG C 207 -44.11 34.50 13.15
CA ARG C 207 -43.80 35.15 11.89
C ARG C 207 -42.33 35.08 11.53
N PHE C 208 -41.46 34.68 12.47
CA PHE C 208 -40.04 34.57 12.19
C PHE C 208 -39.69 33.35 11.34
N LEU C 209 -40.59 32.36 11.27
CA LEU C 209 -40.33 31.14 10.53
C LEU C 209 -40.09 31.40 9.05
N ARG C 210 -40.57 32.53 8.53
CA ARG C 210 -40.32 32.90 7.15
C ARG C 210 -38.83 32.97 6.83
N ALA C 211 -37.99 33.21 7.85
CA ALA C 211 -36.55 33.24 7.65
C ALA C 211 -36.00 31.92 7.12
N LEU C 212 -36.72 30.82 7.31
CA LEU C 212 -36.27 29.54 6.75
C LEU C 212 -36.19 29.58 5.23
N ARG C 213 -36.88 30.52 4.58
CA ARG C 213 -36.76 30.68 3.14
C ARG C 213 -35.33 30.98 2.71
N LEU C 214 -34.50 31.52 3.62
CA LEU C 214 -33.09 31.74 3.31
C LEU C 214 -32.36 30.47 2.93
N ILE C 215 -32.87 29.30 3.31
CA ILE C 215 -32.24 28.04 2.92
C ILE C 215 -32.24 27.89 1.39
N GLN C 216 -33.21 28.49 0.71
CA GLN C 216 -33.24 28.42 -0.76
C GLN C 216 -32.33 29.43 -1.42
N PHE C 217 -31.67 30.31 -0.63
CA PHE C 217 -30.93 31.43 -1.19
C PHE C 217 -29.89 30.99 -2.22
N SER C 218 -29.13 29.94 -1.89
CA SER C 218 -28.08 29.47 -2.78
C SER C 218 -28.62 29.14 -4.16
N GLU C 219 -29.83 28.57 -4.21
CA GLU C 219 -30.42 28.21 -5.50
C GLU C 219 -30.58 29.44 -6.39
N ILE C 220 -30.99 30.57 -5.81
CA ILE C 220 -31.12 31.80 -6.58
C ILE C 220 -29.75 32.24 -7.08
N LEU C 221 -28.71 32.05 -6.27
CA LEU C 221 -27.36 32.38 -6.72
C LEU C 221 -26.91 31.48 -7.85
N GLN C 222 -27.55 30.33 -8.03
CA GLN C 222 -27.32 29.49 -9.20
C GLN C 222 -28.19 29.90 -10.39
N PHE C 223 -29.33 30.54 -10.14
CA PHE C 223 -30.20 30.96 -11.22
C PHE C 223 -29.64 32.17 -11.96
N LEU C 224 -29.05 33.11 -11.23
CA LEU C 224 -28.49 34.33 -11.81
C LEU C 224 -27.04 34.18 -12.22
N ASN C 225 -26.55 32.93 -12.34
CA ASN C 225 -25.19 32.62 -12.78
C ASN C 225 -24.13 33.22 -11.85
N ILE C 226 -24.49 33.55 -10.61
CA ILE C 226 -23.51 34.08 -9.67
C ILE C 226 -22.53 33.00 -9.23
N LEU C 227 -23.04 31.80 -8.93
CA LEU C 227 -22.23 30.69 -8.46
C LEU C 227 -22.06 29.67 -9.57
N LYS C 228 -20.82 29.22 -9.78
CA LYS C 228 -20.50 28.18 -10.74
C LYS C 228 -19.90 26.95 -10.09
N THR C 229 -18.93 27.12 -9.21
CA THR C 229 -18.28 25.98 -8.56
C THR C 229 -19.21 25.36 -7.52
N SER C 230 -19.22 24.03 -7.46
CA SER C 230 -20.06 23.33 -6.50
C SER C 230 -19.62 23.58 -5.07
N ASN C 231 -18.32 23.77 -4.84
CA ASN C 231 -17.83 24.05 -3.49
C ASN C 231 -18.41 25.35 -2.96
N SER C 232 -18.42 26.39 -3.80
CA SER C 232 -19.02 27.66 -3.38
C SER C 232 -20.52 27.50 -3.14
N ILE C 233 -21.19 26.70 -3.96
CA ILE C 233 -22.63 26.48 -3.80
C ILE C 233 -22.92 25.83 -2.45
N LYS C 234 -22.16 24.79 -2.10
CA LYS C 234 -22.42 24.11 -0.84
C LYS C 234 -21.97 24.94 0.35
N LEU C 235 -20.94 25.79 0.19
CA LEU C 235 -20.57 26.71 1.26
C LEU C 235 -21.68 27.73 1.51
N VAL C 236 -22.26 28.27 0.45
CA VAL C 236 -23.37 29.22 0.60
C VAL C 236 -24.57 28.53 1.22
N ASN C 237 -24.82 27.28 0.84
CA ASN C 237 -25.91 26.51 1.45
C ASN C 237 -25.69 26.32 2.94
N LEU C 238 -24.46 26.00 3.34
CA LEU C 238 -24.13 25.81 4.75
C LEU C 238 -24.34 27.11 5.53
N LEU C 239 -23.85 28.23 4.98
CA LEU C 239 -24.02 29.51 5.66
C LEU C 239 -25.49 29.90 5.76
N SER C 240 -26.27 29.63 4.71
CA SER C 240 -27.68 29.94 4.73
C SER C 240 -28.42 29.13 5.79
N ILE C 241 -28.09 27.83 5.89
CA ILE C 241 -28.71 26.98 6.91
C ILE C 241 -28.38 27.50 8.30
N PHE C 242 -27.10 27.83 8.52
CA PHE C 242 -26.68 28.30 9.84
C PHE C 242 -27.39 29.61 10.21
N ILE C 243 -27.45 30.55 9.27
CA ILE C 243 -28.06 31.85 9.54
C ILE C 243 -29.56 31.70 9.79
N SER C 244 -30.24 30.87 8.98
CA SER C 244 -31.66 30.67 9.15
C SER C 244 -31.97 30.02 10.50
N THR C 245 -31.19 29.01 10.90
CA THR C 245 -31.39 28.40 12.21
C THR C 245 -31.14 29.39 13.33
N TRP C 246 -30.09 30.20 13.21
CA TRP C 246 -29.78 31.21 14.21
C TRP C 246 -30.93 32.19 14.38
N LEU C 247 -31.43 32.73 13.26
CA LEU C 247 -32.50 33.73 13.33
C LEU C 247 -33.80 33.13 13.85
N THR C 248 -34.14 31.91 13.42
CA THR C 248 -35.37 31.28 13.87
C THR C 248 -35.32 31.00 15.37
N ALA C 249 -34.19 30.47 15.85
CA ALA C 249 -34.05 30.22 17.28
C ALA C 249 -34.11 31.50 18.09
N ALA C 250 -33.46 32.56 17.58
CA ALA C 250 -33.50 33.84 18.29
C ALA C 250 -34.91 34.40 18.37
N GLY C 251 -35.67 34.33 17.27
CA GLY C 251 -37.04 34.81 17.29
C GLY C 251 -37.93 33.99 18.21
N PHE C 252 -37.70 32.67 18.24
CA PHE C 252 -38.51 31.82 19.11
C PHE C 252 -38.23 32.09 20.58
N ILE C 253 -36.95 32.30 20.93
CA ILE C 253 -36.60 32.69 22.29
C ILE C 253 -37.20 34.05 22.62
N HIS C 254 -37.17 34.99 21.67
CA HIS C 254 -37.79 36.30 21.89
C HIS C 254 -39.27 36.16 22.22
N LEU C 255 -39.97 35.33 21.45
CA LEU C 255 -41.41 35.14 21.69
C LEU C 255 -41.66 34.54 23.06
N VAL C 256 -40.95 33.45 23.40
CA VAL C 256 -41.24 32.78 24.67
C VAL C 256 -40.84 33.64 25.87
N GLU C 257 -39.78 34.45 25.74
CA GLU C 257 -39.38 35.30 26.85
C GLU C 257 -40.29 36.50 27.02
N ASN C 258 -40.69 37.15 25.93
CA ASN C 258 -41.54 38.33 26.05
C ASN C 258 -42.97 37.96 26.39
N SER C 259 -43.44 36.79 25.98
CA SER C 259 -44.82 36.41 26.26
C SER C 259 -45.01 36.06 27.74
N GLY C 260 -44.11 35.28 28.31
CA GLY C 260 -44.25 34.83 29.68
C GLY C 260 -44.93 33.48 29.79
N ASP C 261 -44.83 32.90 30.97
CA ASP C 261 -45.41 31.58 31.21
C ASP C 261 -46.92 31.68 31.37
N PRO C 262 -47.69 30.88 30.63
CA PRO C 262 -49.16 30.95 30.75
C PRO C 262 -49.68 30.61 32.14
N TRP C 263 -49.06 29.65 32.82
CA TRP C 263 -49.56 29.21 34.13
C TRP C 263 -49.19 30.18 35.26
N GLU C 264 -48.30 31.14 35.00
CA GLU C 264 -47.98 32.17 35.97
C GLU C 264 -48.74 33.46 35.69
N ASN C 265 -49.77 33.41 34.84
CA ASN C 265 -50.58 34.57 34.44
C ASN C 265 -49.72 35.66 33.81
N PHE C 266 -48.68 35.26 33.08
CA PHE C 266 -47.83 36.16 32.29
C PHE C 266 -47.22 37.26 33.16
N GLN C 267 -46.81 36.90 34.39
CA GLN C 267 -46.21 37.85 35.30
C GLN C 267 -44.70 37.72 35.40
N ASN C 268 -44.11 36.69 34.81
CA ASN C 268 -42.67 36.49 34.83
C ASN C 268 -42.02 36.85 33.49
N ASN C 269 -42.68 37.69 32.70
CA ASN C 269 -42.13 38.11 31.41
C ASN C 269 -40.90 38.98 31.61
N GLN C 270 -39.95 38.86 30.68
CA GLN C 270 -38.71 39.61 30.72
C GLN C 270 -38.62 40.49 29.49
N ALA C 271 -38.41 41.79 29.71
CA ALA C 271 -38.25 42.73 28.60
C ALA C 271 -36.94 42.45 27.89
N LEU C 272 -37.02 41.87 26.69
CA LEU C 272 -35.82 41.41 25.99
C LEU C 272 -36.06 41.60 24.49
N THR C 273 -35.26 42.46 23.87
CA THR C 273 -35.43 42.76 22.46
C THR C 273 -34.96 41.58 21.59
N TYR C 274 -35.36 41.61 20.32
CA TYR C 274 -35.01 40.55 19.40
C TYR C 274 -33.50 40.46 19.19
N TRP C 275 -32.84 41.60 19.03
CA TRP C 275 -31.40 41.59 18.78
C TRP C 275 -30.62 41.13 20.01
N GLU C 276 -31.15 41.41 21.21
CA GLU C 276 -30.56 40.85 22.42
C GLU C 276 -30.68 39.33 22.44
N CYS C 277 -31.79 38.79 21.92
CA CYS C 277 -31.91 37.34 21.81
C CYS C 277 -30.95 36.78 20.76
N VAL C 278 -30.72 37.52 19.68
CA VAL C 278 -29.73 37.11 18.69
C VAL C 278 -28.35 37.04 19.33
N TYR C 279 -28.01 38.06 20.12
CA TYR C 279 -26.74 38.08 20.84
C TYR C 279 -26.65 36.92 21.82
N LEU C 280 -27.74 36.62 22.53
CA LEU C 280 -27.75 35.51 23.48
C LEU C 280 -27.54 34.18 22.76
N LEU C 281 -28.19 33.99 21.62
CA LEU C 281 -28.02 32.74 20.86
C LEU C 281 -26.59 32.59 20.36
N MET C 282 -25.97 33.69 19.90
CA MET C 282 -24.59 33.59 19.45
C MET C 282 -23.64 33.32 20.61
N VAL C 283 -23.88 33.93 21.76
CA VAL C 283 -23.04 33.66 22.94
C VAL C 283 -23.20 32.21 23.38
N THR C 284 -24.41 31.67 23.31
CA THR C 284 -24.65 30.29 23.70
C THR C 284 -23.99 29.31 22.74
N MET C 285 -24.14 29.55 21.43
CA MET C 285 -23.66 28.58 20.45
C MET C 285 -22.14 28.48 20.44
N SER C 286 -21.45 29.53 20.88
CA SER C 286 -20.00 29.51 20.96
C SER C 286 -19.48 28.95 22.28
N THR C 287 -20.39 28.52 23.17
CA THR C 287 -20.05 27.99 24.50
C THR C 287 -19.21 29.00 25.29
N VAL C 288 -19.59 30.27 25.22
CA VAL C 288 -18.95 31.31 26.02
C VAL C 288 -19.77 31.53 27.28
N GLY C 289 -21.03 31.94 27.11
CA GLY C 289 -21.95 32.07 28.21
C GLY C 289 -21.57 33.12 29.24
N TYR C 290 -21.66 34.40 28.85
CA TYR C 290 -21.38 35.47 29.80
C TYR C 290 -22.35 35.43 30.99
N GLY C 291 -23.63 35.20 30.71
CA GLY C 291 -24.64 35.28 31.74
C GLY C 291 -25.21 36.66 31.97
N ASP C 292 -24.79 37.66 31.19
CA ASP C 292 -25.39 38.99 31.30
C ASP C 292 -26.84 38.97 30.85
N VAL C 293 -27.16 38.19 29.82
CA VAL C 293 -28.54 37.97 29.39
C VAL C 293 -28.79 36.47 29.34
N TYR C 294 -29.96 36.05 29.80
CA TYR C 294 -30.32 34.64 29.82
C TYR C 294 -31.82 34.51 29.89
N ALA C 295 -32.30 33.28 29.70
CA ALA C 295 -33.73 32.98 29.75
C ALA C 295 -34.14 32.74 31.20
N LYS C 296 -35.17 33.46 31.64
CA LYS C 296 -35.65 33.34 33.01
C LYS C 296 -36.90 32.50 33.15
N THR C 297 -37.70 32.37 32.09
CA THR C 297 -38.93 31.59 32.17
C THR C 297 -38.63 30.10 32.06
N THR C 298 -39.61 29.29 32.49
CA THR C 298 -39.48 27.84 32.40
C THR C 298 -39.42 27.38 30.95
N LEU C 299 -40.33 27.90 30.11
CA LEU C 299 -40.31 27.54 28.70
C LEU C 299 -39.02 27.99 28.03
N GLY C 300 -38.53 29.18 28.37
CA GLY C 300 -37.29 29.65 27.79
C GLY C 300 -36.11 28.77 28.12
N ARG C 301 -36.01 28.33 29.38
CA ARG C 301 -34.92 27.46 29.78
C ARG C 301 -35.04 26.09 29.13
N LEU C 302 -36.25 25.55 29.04
CA LEU C 302 -36.45 24.27 28.37
C LEU C 302 -36.04 24.34 26.90
N PHE C 303 -36.46 25.40 26.22
CA PHE C 303 -36.10 25.57 24.81
C PHE C 303 -34.61 25.82 24.64
N MET C 304 -33.97 26.51 25.58
CA MET C 304 -32.52 26.67 25.52
C MET C 304 -31.80 25.33 25.65
N VAL C 305 -32.29 24.46 26.55
CA VAL C 305 -31.69 23.14 26.69
C VAL C 305 -31.83 22.36 25.38
N PHE C 306 -33.03 22.38 24.80
CA PHE C 306 -33.24 21.67 23.53
C PHE C 306 -32.39 22.26 22.41
N PHE C 307 -32.23 23.59 22.37
CA PHE C 307 -31.41 24.20 21.34
C PHE C 307 -29.94 23.84 21.52
N ILE C 308 -29.45 23.77 22.76
CA ILE C 308 -28.07 23.35 22.99
C ILE C 308 -27.86 21.92 22.50
N LEU C 309 -28.78 21.02 22.84
CA LEU C 309 -28.65 19.64 22.39
C LEU C 309 -28.70 19.53 20.87
N GLY C 310 -29.66 20.23 20.24
CA GLY C 310 -29.79 20.17 18.80
C GLY C 310 -28.60 20.79 18.08
N GLY C 311 -28.08 21.90 18.61
CA GLY C 311 -26.92 22.52 18.00
C GLY C 311 -25.68 21.66 18.10
N LEU C 312 -25.48 21.01 19.26
CA LEU C 312 -24.35 20.10 19.39
C LEU C 312 -24.47 18.93 18.41
N ALA C 313 -25.67 18.35 18.30
CA ALA C 313 -25.86 17.25 17.37
C ALA C 313 -25.65 17.68 15.92
N MET C 314 -26.17 18.85 15.55
CA MET C 314 -26.00 19.36 14.19
C MET C 314 -24.55 19.64 13.87
N PHE C 315 -23.82 20.25 14.81
CA PHE C 315 -22.41 20.52 14.57
C PHE C 315 -21.62 19.24 14.43
N ALA C 316 -21.89 18.25 15.28
CA ALA C 316 -21.21 16.96 15.17
C ALA C 316 -21.52 16.29 13.85
N SER C 317 -22.74 16.44 13.35
CA SER C 317 -23.08 15.84 12.06
C SER C 317 -22.44 16.60 10.90
N TYR C 318 -22.29 17.92 11.01
CA TYR C 318 -21.82 18.74 9.91
C TYR C 318 -20.31 18.98 9.90
N VAL C 319 -19.58 18.46 10.90
CA VAL C 319 -18.12 18.53 10.86
C VAL C 319 -17.52 17.97 9.57
N PRO C 320 -17.92 16.77 9.07
CA PRO C 320 -17.28 16.26 7.84
C PRO C 320 -17.42 17.16 6.63
N GLU C 321 -18.55 17.84 6.46
CA GLU C 321 -18.69 18.78 5.37
C GLU C 321 -17.78 19.98 5.54
N ILE C 322 -17.56 20.42 6.78
CA ILE C 322 -16.61 21.49 7.04
C ILE C 322 -15.20 21.04 6.65
N ILE C 323 -14.86 19.79 6.96
CA ILE C 323 -13.55 19.25 6.58
C ILE C 323 -13.41 19.21 5.06
N GLU C 324 -14.47 18.79 4.37
CA GLU C 324 -14.43 18.76 2.90
C GLU C 324 -14.27 20.16 2.32
N LEU C 325 -14.94 21.15 2.92
CA LEU C 325 -14.76 22.54 2.49
C LEU C 325 -13.31 22.99 2.70
N ILE C 326 -12.71 22.62 3.84
CA ILE C 326 -11.29 22.92 4.04
C ILE C 326 -10.44 22.18 3.04
N GLY C 327 -10.70 20.88 2.85
CA GLY C 327 -10.06 20.11 1.81
C GLY C 327 -8.61 19.81 2.10
N ASN C 328 -7.96 19.21 1.10
CA ASN C 328 -6.54 18.87 1.16
C ASN C 328 -5.76 19.91 0.37
N ARG C 329 -5.01 20.75 1.06
CA ARG C 329 -4.24 21.79 0.40
CA ARG C 329 -4.24 21.79 0.41
C ARG C 329 -3.06 21.18 -0.35
N LYS C 330 -2.84 21.64 -1.58
CA LYS C 330 -1.72 21.19 -2.38
C LYS C 330 -0.47 21.90 -1.88
N LYS C 331 0.47 21.14 -1.32
CA LYS C 331 1.62 21.75 -0.66
C LYS C 331 2.59 22.38 -1.64
N TYR C 332 2.82 21.72 -2.79
CA TYR C 332 3.83 22.17 -3.73
C TYR C 332 3.24 22.69 -5.03
N GLY C 333 1.93 22.96 -5.08
CA GLY C 333 1.36 23.64 -6.21
C GLY C 333 1.70 25.13 -6.20
N GLY C 334 1.65 25.72 -7.39
CA GLY C 334 1.92 27.14 -7.54
C GLY C 334 2.91 27.38 -8.64
N SER C 335 3.53 28.57 -8.61
CA SER C 335 4.48 28.97 -9.62
C SER C 335 5.66 29.68 -8.96
N TYR C 336 6.80 29.69 -9.65
CA TYR C 336 7.99 30.34 -9.16
C TYR C 336 7.88 31.85 -9.38
N SER C 337 8.25 32.63 -8.36
CA SER C 337 8.21 34.08 -8.41
C SER C 337 9.60 34.59 -8.76
N ALA C 338 9.76 35.11 -9.97
CA ALA C 338 11.06 35.59 -10.42
C ALA C 338 11.46 36.85 -9.67
N VAL C 339 12.76 36.98 -9.40
CA VAL C 339 13.32 38.13 -8.71
C VAL C 339 14.35 38.78 -9.62
N SER C 340 14.25 40.09 -9.80
CA SER C 340 15.18 40.82 -10.66
C SER C 340 16.59 40.76 -10.08
N GLY C 341 17.57 40.52 -10.95
CA GLY C 341 18.94 40.37 -10.50
C GLY C 341 19.22 39.09 -9.75
N ARG C 342 18.40 38.06 -9.95
CA ARG C 342 18.54 36.80 -9.23
C ARG C 342 18.30 35.67 -10.23
N LYS C 343 19.38 35.11 -10.75
CA LYS C 343 19.26 34.02 -11.71
C LYS C 343 18.77 32.76 -11.04
N HIS C 344 18.09 31.92 -11.82
CA HIS C 344 17.62 30.64 -11.32
C HIS C 344 17.83 29.57 -12.37
N ILE C 345 18.08 28.34 -11.90
CA ILE C 345 18.21 27.18 -12.76
C ILE C 345 17.15 26.16 -12.35
N VAL C 346 16.75 25.34 -13.30
CA VAL C 346 15.69 24.36 -13.12
C VAL C 346 16.29 22.96 -13.24
N VAL C 347 16.03 22.12 -12.25
CA VAL C 347 16.54 20.75 -12.20
C VAL C 347 15.35 19.80 -12.26
N CYS C 348 15.42 18.85 -13.20
CA CYS C 348 14.34 17.89 -13.42
C CYS C 348 14.96 16.53 -13.71
N GLY C 349 14.09 15.56 -13.98
CA GLY C 349 14.54 14.21 -14.27
C GLY C 349 14.29 13.24 -13.13
N HIS C 350 15.36 12.60 -12.65
CA HIS C 350 15.27 11.65 -11.54
C HIS C 350 15.50 12.41 -10.25
N ILE C 351 14.42 12.80 -9.60
CA ILE C 351 14.47 13.61 -8.38
C ILE C 351 14.18 12.67 -7.21
N THR C 352 15.24 12.13 -6.62
CA THR C 352 15.16 11.28 -5.44
C THR C 352 16.12 11.81 -4.38
N LEU C 353 16.18 11.10 -3.25
CA LEU C 353 16.93 11.60 -2.10
C LEU C 353 18.43 11.64 -2.40
N GLU C 354 18.98 10.54 -2.89
CA GLU C 354 20.43 10.47 -3.11
C GLU C 354 20.88 11.43 -4.22
N SER C 355 20.12 11.50 -5.31
CA SER C 355 20.50 12.37 -6.42
C SER C 355 20.46 13.84 -6.01
N VAL C 356 19.38 14.24 -5.32
CA VAL C 356 19.26 15.63 -4.87
C VAL C 356 20.33 15.96 -3.85
N SER C 357 20.60 15.03 -2.92
CA SER C 357 21.63 15.27 -1.91
C SER C 357 23.00 15.44 -2.55
N ASN C 358 23.35 14.57 -3.51
CA ASN C 358 24.64 14.70 -4.18
C ASN C 358 24.72 15.98 -4.99
N PHE C 359 23.64 16.34 -5.69
CA PHE C 359 23.66 17.54 -6.51
C PHE C 359 23.79 18.79 -5.65
N LEU C 360 23.10 18.83 -4.50
CA LEU C 360 23.21 19.98 -3.61
C LEU C 360 24.58 20.03 -2.93
N LYS C 361 25.16 18.87 -2.61
CA LYS C 361 26.50 18.85 -2.04
C LYS C 361 27.52 19.37 -3.05
N ALA C 362 27.38 18.99 -4.32
CA ALA C 362 28.32 19.44 -5.34
C ALA C 362 28.12 20.90 -5.70
N PHE C 363 26.86 21.36 -5.74
CA PHE C 363 26.54 22.70 -6.21
C PHE C 363 26.61 23.73 -5.09
N LEU C 364 25.82 23.53 -4.03
CA LEU C 364 25.80 24.43 -2.88
C LEU C 364 26.94 24.03 -1.95
N HIS C 365 28.10 24.67 -2.14
CA HIS C 365 29.29 24.38 -1.36
C HIS C 365 29.74 25.64 -0.64
N LYS C 366 30.32 25.45 0.55
CA LYS C 366 30.75 26.59 1.36
C LYS C 366 31.87 27.37 0.68
N ALA C 367 32.83 26.66 0.08
CA ALA C 367 33.95 27.31 -0.59
C ALA C 367 33.56 27.99 -1.89
N ARG C 368 32.35 27.76 -2.39
CA ARG C 368 31.90 28.41 -3.62
C ARG C 368 31.83 29.92 -3.42
N ASP C 369 32.25 30.64 -4.46
CA ASP C 369 32.23 32.09 -4.41
C ASP C 369 30.78 32.60 -4.44
N ASP C 370 30.60 33.89 -4.18
CA ASP C 370 29.26 34.47 -4.10
C ASP C 370 28.53 34.36 -5.43
N VAL C 371 27.52 33.49 -5.50
CA VAL C 371 26.78 33.24 -6.72
C VAL C 371 25.29 33.36 -6.43
N ASN C 372 24.58 34.13 -7.25
CA ASN C 372 23.15 34.36 -7.07
C ASN C 372 22.33 33.48 -7.99
N VAL C 373 22.39 32.17 -7.76
CA VAL C 373 21.63 31.19 -8.52
C VAL C 373 20.70 30.45 -7.56
N GLU C 374 19.41 30.44 -7.88
CA GLU C 374 18.41 29.72 -7.09
C GLU C 374 18.02 28.46 -7.83
N ILE C 375 17.99 27.33 -7.11
CA ILE C 375 17.69 26.03 -7.69
C ILE C 375 16.20 25.76 -7.53
N VAL C 376 15.55 25.38 -8.63
CA VAL C 376 14.13 25.06 -8.64
C VAL C 376 13.98 23.64 -9.17
N PHE C 377 13.50 22.74 -8.33
CA PHE C 377 13.28 21.36 -8.72
C PHE C 377 11.87 21.17 -9.26
N LEU C 378 11.76 20.40 -10.34
CA LEU C 378 10.47 20.12 -10.97
C LEU C 378 10.33 18.62 -11.15
N HIS C 379 9.36 18.03 -10.44
CA HIS C 379 9.12 16.59 -10.53
C HIS C 379 7.67 16.30 -10.19
N ASN C 380 7.12 15.27 -10.83
CA ASN C 380 5.71 14.95 -10.69
C ASN C 380 5.42 14.01 -9.51
N ILE C 381 6.45 13.50 -8.84
CA ILE C 381 6.27 12.58 -7.72
C ILE C 381 6.40 13.37 -6.42
N SER C 382 5.42 13.19 -5.53
CA SER C 382 5.43 13.90 -4.26
C SER C 382 6.58 13.41 -3.40
N PRO C 383 7.35 14.30 -2.79
CA PRO C 383 8.51 13.87 -1.99
C PRO C 383 8.10 13.20 -0.69
N ASN C 384 9.01 12.38 -0.17
CA ASN C 384 8.83 11.75 1.13
C ASN C 384 9.40 12.65 2.23
N LEU C 385 9.27 12.19 3.48
CA LEU C 385 9.53 13.05 4.64
C LEU C 385 11.00 13.48 4.70
N GLU C 386 11.92 12.54 4.46
CA GLU C 386 13.35 12.87 4.54
C GLU C 386 13.76 13.89 3.48
N LEU C 387 13.24 13.73 2.27
CA LEU C 387 13.60 14.66 1.20
C LEU C 387 12.94 16.03 1.41
N GLU C 388 11.73 16.03 2.00
CA GLU C 388 11.11 17.30 2.39
C GLU C 388 11.94 18.01 3.45
N ALA C 389 12.47 17.27 4.42
CA ALA C 389 13.37 17.85 5.41
C ALA C 389 14.63 18.38 4.74
N LEU C 390 15.13 17.66 3.73
CA LEU C 390 16.29 18.13 2.99
C LEU C 390 16.01 19.46 2.30
N PHE C 391 14.82 19.60 1.71
CA PHE C 391 14.45 20.90 1.14
C PHE C 391 14.33 21.98 2.21
N LYS C 392 13.75 21.63 3.37
CA LYS C 392 13.59 22.63 4.43
C LYS C 392 14.94 23.08 4.99
N ARG C 393 15.96 22.22 4.91
CA ARG C 393 17.30 22.63 5.31
C ARG C 393 17.84 23.75 4.43
N HIS C 394 17.47 23.77 3.15
CA HIS C 394 17.95 24.76 2.20
C HIS C 394 16.79 25.54 1.60
N PHE C 395 15.87 25.99 2.45
CA PHE C 395 14.69 26.71 1.97
C PHE C 395 15.02 28.10 1.46
N THR C 396 16.17 28.67 1.84
CA THR C 396 16.54 30.00 1.38
C THR C 396 17.14 30.01 -0.02
N GLN C 397 17.50 28.85 -0.56
CA GLN C 397 18.12 28.78 -1.88
C GLN C 397 17.48 27.75 -2.81
N VAL C 398 16.70 26.81 -2.31
CA VAL C 398 16.17 25.71 -3.11
C VAL C 398 14.66 25.69 -2.96
N GLU C 399 13.94 25.62 -4.08
CA GLU C 399 12.50 25.49 -4.10
C GLU C 399 12.11 24.25 -4.89
N PHE C 400 10.91 23.73 -4.61
CA PHE C 400 10.40 22.55 -5.26
C PHE C 400 8.97 22.80 -5.73
N TYR C 401 8.67 22.34 -6.94
CA TYR C 401 7.31 22.46 -7.48
C TYR C 401 6.92 21.15 -8.14
N GLN C 402 5.66 20.75 -7.93
CA GLN C 402 5.15 19.50 -8.49
C GLN C 402 4.62 19.77 -9.89
N GLY C 403 5.12 19.03 -10.86
CA GLY C 403 4.70 19.20 -12.24
C GLY C 403 5.48 18.27 -13.14
N SER C 404 5.18 18.36 -14.43
CA SER C 404 5.80 17.52 -15.44
C SER C 404 6.49 18.38 -16.48
N VAL C 405 7.68 17.95 -16.90
CA VAL C 405 8.41 18.66 -17.94
C VAL C 405 7.66 18.58 -19.27
N LEU C 406 7.04 17.43 -19.54
CA LEU C 406 6.31 17.23 -20.78
C LEU C 406 5.07 18.12 -20.89
N ASN C 407 4.60 18.70 -19.79
CA ASN C 407 3.45 19.58 -19.81
C ASN C 407 3.94 21.02 -19.96
N PRO C 408 3.58 21.72 -21.04
CA PRO C 408 4.05 23.10 -21.21
C PRO C 408 3.60 24.06 -20.11
N HIS C 409 2.43 23.80 -19.50
CA HIS C 409 1.95 24.68 -18.44
C HIS C 409 2.87 24.64 -17.23
N ASP C 410 3.36 23.45 -16.87
CA ASP C 410 4.29 23.34 -15.75
C ASP C 410 5.61 24.02 -16.07
N LEU C 411 6.04 23.96 -17.34
CA LEU C 411 7.22 24.72 -17.75
C LEU C 411 6.99 26.22 -17.63
N ALA C 412 5.77 26.67 -17.91
CA ALA C 412 5.44 28.09 -17.72
C ALA C 412 5.41 28.47 -16.25
N ARG C 413 5.05 27.53 -15.37
CA ARG C 413 5.01 27.82 -13.94
C ARG C 413 6.40 28.14 -13.39
N VAL C 414 7.41 27.39 -13.81
CA VAL C 414 8.75 27.52 -13.24
C VAL C 414 9.54 28.61 -13.94
N LYS C 415 8.90 29.32 -14.87
CA LYS C 415 9.52 30.39 -15.64
C LYS C 415 10.77 29.90 -16.38
N ILE C 416 10.56 28.87 -17.21
CA ILE C 416 11.66 28.29 -17.97
C ILE C 416 12.14 29.23 -19.06
N GLU C 417 11.35 30.25 -19.41
CA GLU C 417 11.75 31.21 -20.44
C GLU C 417 12.81 32.19 -19.95
N SER C 418 13.03 32.29 -18.63
CA SER C 418 14.02 33.19 -18.08
C SER C 418 15.07 32.45 -17.24
N ALA C 419 15.01 31.13 -17.20
CA ALA C 419 15.99 30.37 -16.45
C ALA C 419 17.36 30.40 -17.11
N ASP C 420 18.40 30.39 -16.29
CA ASP C 420 19.77 30.41 -16.82
C ASP C 420 20.08 29.13 -17.59
N ALA C 421 19.73 27.98 -17.02
CA ALA C 421 20.00 26.70 -17.66
C ALA C 421 19.05 25.65 -17.09
N CYS C 422 18.93 24.53 -17.79
CA CYS C 422 18.13 23.40 -17.35
C CYS C 422 19.03 22.19 -17.22
N LEU C 423 19.03 21.58 -16.03
CA LEU C 423 19.87 20.44 -15.72
C LEU C 423 19.00 19.21 -15.54
N ILE C 424 19.31 18.15 -16.28
CA ILE C 424 18.52 16.92 -16.29
C ILE C 424 19.37 15.78 -15.73
N LEU C 425 18.90 15.19 -14.64
CA LEU C 425 19.58 14.08 -13.98
C LEU C 425 18.97 12.76 -14.44
N ALA C 426 19.79 11.73 -14.52
CA ALA C 426 19.37 10.42 -14.98
C ALA C 426 19.25 9.44 -13.81
N ASN C 427 18.45 8.40 -14.03
CA ASN C 427 18.27 7.33 -13.05
C ASN C 427 19.38 6.31 -13.28
N LYS C 428 20.43 6.38 -12.47
CA LYS C 428 21.59 5.51 -12.66
C LYS C 428 21.29 4.06 -12.30
N TYR C 429 20.19 3.80 -11.60
CA TYR C 429 19.84 2.46 -11.13
C TYR C 429 18.49 2.08 -11.74
N CYS C 430 18.53 1.52 -12.94
CA CYS C 430 17.33 1.12 -13.65
C CYS C 430 17.60 -0.15 -14.43
N ALA C 431 16.53 -0.91 -14.70
CA ALA C 431 16.68 -2.15 -15.45
C ALA C 431 17.06 -1.90 -16.90
N ASP C 432 16.43 -0.92 -17.54
CA ASP C 432 16.68 -0.61 -18.95
C ASP C 432 17.24 0.80 -19.08
N PRO C 433 18.56 0.95 -19.28
CA PRO C 433 19.11 2.30 -19.49
C PRO C 433 18.58 2.98 -20.74
N ASP C 434 18.22 2.22 -21.77
CA ASP C 434 17.73 2.82 -23.02
C ASP C 434 16.42 3.56 -22.81
N ALA C 435 15.52 3.02 -21.98
CA ALA C 435 14.27 3.71 -21.70
C ALA C 435 14.50 5.01 -20.96
N GLU C 436 15.42 5.01 -20.00
CA GLU C 436 15.75 6.25 -19.28
C GLU C 436 16.37 7.27 -20.21
N ASP C 437 17.26 6.83 -21.11
CA ASP C 437 17.86 7.74 -22.08
C ASP C 437 16.80 8.33 -23.01
N ALA C 438 15.85 7.50 -23.46
CA ALA C 438 14.78 8.00 -24.32
C ALA C 438 13.90 9.00 -23.59
N SER C 439 13.61 8.74 -22.31
CA SER C 439 12.82 9.68 -21.52
C SER C 439 13.55 11.01 -21.36
N ASN C 440 14.86 10.96 -21.10
CA ASN C 440 15.63 12.20 -20.99
C ASN C 440 15.67 12.96 -22.32
N ILE C 441 15.79 12.23 -23.43
CA ILE C 441 15.77 12.87 -24.74
C ILE C 441 14.41 13.51 -25.01
N MET C 442 13.33 12.86 -24.59
CA MET C 442 11.99 13.45 -24.72
C MET C 442 11.87 14.71 -23.88
N ARG C 443 12.43 14.70 -22.67
CA ARG C 443 12.41 15.90 -21.84
C ARG C 443 13.18 17.04 -22.50
N VAL C 444 14.34 16.73 -23.09
CA VAL C 444 15.12 17.73 -23.81
C VAL C 444 14.32 18.28 -24.99
N ILE C 445 13.64 17.40 -25.72
CA ILE C 445 12.84 17.82 -26.87
C ILE C 445 11.71 18.74 -26.43
N SER C 446 11.03 18.40 -25.33
CA SER C 446 9.94 19.25 -24.83
C SER C 446 10.46 20.62 -24.40
N ILE C 447 11.58 20.65 -23.66
CA ILE C 447 12.13 21.91 -23.20
C ILE C 447 12.55 22.78 -24.38
N LYS C 448 13.21 22.19 -25.37
CA LYS C 448 13.63 22.96 -26.54
C LYS C 448 12.44 23.40 -27.39
N ASN C 449 11.36 22.61 -27.40
CA ASN C 449 10.16 23.02 -28.11
C ASN C 449 9.51 24.22 -27.45
N TYR C 450 9.49 24.25 -26.11
CA TYR C 450 8.94 25.42 -25.42
C TYR C 450 9.82 26.64 -25.64
N HIS C 451 11.14 26.49 -25.46
CA HIS C 451 12.08 27.61 -25.58
C HIS C 451 13.36 27.10 -26.23
N PRO C 452 13.58 27.41 -27.51
CA PRO C 452 14.75 26.85 -28.21
C PRO C 452 16.08 27.45 -27.77
N LYS C 453 16.08 28.60 -27.12
CA LYS C 453 17.33 29.30 -26.81
C LYS C 453 17.89 28.97 -25.44
N ILE C 454 17.26 28.06 -24.69
CA ILE C 454 17.72 27.75 -23.35
C ILE C 454 18.89 26.77 -23.41
N ARG C 455 19.82 26.92 -22.47
CA ARG C 455 20.96 26.02 -22.34
C ARG C 455 20.56 24.80 -21.52
N ILE C 456 20.96 23.62 -21.99
CA ILE C 456 20.58 22.35 -21.37
C ILE C 456 21.82 21.54 -21.09
N ILE C 457 21.95 21.06 -19.86
CA ILE C 457 22.98 20.09 -19.49
C ILE C 457 22.25 18.84 -19.01
N THR C 458 22.49 17.72 -19.69
CA THR C 458 21.76 16.50 -19.43
C THR C 458 22.70 15.36 -19.08
N GLN C 459 22.18 14.36 -18.39
CA GLN C 459 22.91 13.14 -18.08
C GLN C 459 22.45 12.02 -19.00
N MET C 460 23.39 11.29 -19.58
CA MET C 460 23.11 10.17 -20.46
C MET C 460 23.74 8.91 -19.89
N LEU C 461 22.98 7.82 -19.88
CA LEU C 461 23.49 6.58 -19.31
C LEU C 461 24.38 5.83 -20.31
N GLN C 462 23.87 5.60 -21.52
CA GLN C 462 24.60 4.87 -22.54
C GLN C 462 25.21 5.81 -23.55
N TYR C 463 26.37 5.42 -24.07
CA TYR C 463 27.13 6.28 -24.99
C TYR C 463 26.50 6.34 -26.37
N HIS C 464 25.84 5.28 -26.82
CA HIS C 464 25.27 5.24 -28.16
C HIS C 464 23.97 6.03 -28.28
N ASN C 465 23.38 6.46 -27.16
CA ASN C 465 22.10 7.16 -27.20
C ASN C 465 22.26 8.66 -27.39
N LYS C 466 23.40 9.24 -26.98
CA LYS C 466 23.58 10.68 -27.05
C LYS C 466 23.58 11.20 -28.49
N ALA C 467 23.82 10.32 -29.47
CA ALA C 467 23.73 10.73 -30.87
C ALA C 467 22.32 11.17 -31.23
N HIS C 468 21.31 10.65 -30.52
CA HIS C 468 19.95 11.12 -30.74
C HIS C 468 19.82 12.61 -30.47
N LEU C 469 20.64 13.16 -29.58
CA LEU C 469 20.62 14.59 -29.31
C LEU C 469 21.05 15.40 -30.52
N LEU C 470 21.77 14.79 -31.47
CA LEU C 470 22.11 15.48 -32.71
C LEU C 470 20.93 15.55 -33.68
N ASN C 471 19.86 14.80 -33.43
CA ASN C 471 18.68 14.84 -34.29
C ASN C 471 17.77 16.01 -33.98
N ILE C 472 17.95 16.68 -32.84
CA ILE C 472 17.15 17.85 -32.48
C ILE C 472 17.73 19.06 -33.20
N PRO C 473 16.93 19.76 -34.01
CA PRO C 473 17.48 20.91 -34.76
C PRO C 473 17.94 22.06 -33.88
N SER C 474 17.35 22.21 -32.70
CA SER C 474 17.70 23.32 -31.81
C SER C 474 18.77 22.97 -30.79
N TRP C 475 19.32 21.76 -30.84
CA TRP C 475 20.40 21.36 -29.94
C TRP C 475 21.71 21.94 -30.47
N ASN C 476 22.19 22.99 -29.84
CA ASN C 476 23.41 23.68 -30.26
C ASN C 476 24.51 23.39 -29.27
N TRP C 477 25.49 22.58 -29.69
CA TRP C 477 26.62 22.28 -28.81
C TRP C 477 27.56 23.47 -28.65
N LYS C 478 27.62 24.34 -29.66
CA LYS C 478 28.49 25.51 -29.59
C LYS C 478 27.95 26.58 -28.65
N GLU C 479 26.68 26.50 -28.26
CA GLU C 479 26.06 27.51 -27.40
C GLU C 479 25.95 27.07 -25.94
N GLY C 480 26.48 25.90 -25.60
CA GLY C 480 26.53 25.46 -24.21
C GLY C 480 25.70 24.24 -23.88
N ASP C 481 24.97 23.67 -24.83
CA ASP C 481 24.22 22.45 -24.56
C ASP C 481 25.18 21.27 -24.45
N ASP C 482 25.12 20.56 -23.33
CA ASP C 482 26.08 19.51 -23.05
C ASP C 482 25.38 18.24 -22.57
N ALA C 483 25.91 17.10 -22.98
CA ALA C 483 25.48 15.79 -22.50
C ALA C 483 26.66 15.13 -21.80
N ILE C 484 26.46 14.72 -20.55
CA ILE C 484 27.47 14.07 -19.75
C ILE C 484 27.15 12.58 -19.73
N CYS C 485 28.01 11.77 -20.33
CA CYS C 485 27.83 10.33 -20.35
C CYS C 485 28.52 9.74 -19.12
N LEU C 486 27.74 9.19 -18.21
CA LEU C 486 28.30 8.69 -16.95
C LEU C 486 29.22 7.50 -17.20
N ALA C 487 28.76 6.53 -18.00
CA ALA C 487 29.56 5.33 -18.25
C ALA C 487 30.85 5.67 -18.98
N GLU C 488 30.75 6.50 -20.03
CA GLU C 488 31.92 6.86 -20.81
C GLU C 488 32.97 7.57 -19.97
N LEU C 489 32.55 8.60 -19.23
CA LEU C 489 33.49 9.36 -18.40
C LEU C 489 34.07 8.50 -17.29
N LYS C 490 33.25 7.69 -16.64
CA LYS C 490 33.73 6.86 -15.53
C LYS C 490 34.74 5.82 -16.02
N LEU C 491 34.41 5.11 -17.10
CA LEU C 491 35.32 4.09 -17.60
C LEU C 491 36.57 4.72 -18.22
N GLY C 492 36.45 5.92 -18.78
CA GLY C 492 37.65 6.61 -19.24
C GLY C 492 38.56 7.00 -18.09
N PHE C 493 37.98 7.49 -16.99
CA PHE C 493 38.78 7.78 -15.81
C PHE C 493 39.48 6.53 -15.31
N ILE C 494 38.77 5.41 -15.28
CA ILE C 494 39.37 4.16 -14.83
C ILE C 494 40.49 3.72 -15.76
N ALA C 495 40.29 3.84 -17.08
CA ALA C 495 41.33 3.45 -18.03
C ALA C 495 42.55 4.34 -17.93
N GLN C 496 42.35 5.65 -17.79
CA GLN C 496 43.48 6.56 -17.63
C GLN C 496 44.23 6.31 -16.32
N SER C 497 43.50 5.89 -15.28
CA SER C 497 44.18 5.48 -14.05
C SER C 497 44.91 4.15 -14.22
N CYS C 498 44.41 3.29 -15.11
CA CYS C 498 45.15 2.08 -15.45
C CYS C 498 46.47 2.42 -16.13
N LEU C 499 46.45 3.41 -17.02
CA LEU C 499 47.69 3.87 -17.65
C LEU C 499 48.61 4.55 -16.64
N ALA C 500 48.04 5.33 -15.73
CA ALA C 500 48.82 6.04 -14.73
C ALA C 500 47.97 6.20 -13.48
N GLN C 501 48.31 5.45 -12.42
CA GLN C 501 47.48 5.41 -11.23
C GLN C 501 47.46 6.76 -10.51
N GLY C 502 46.31 7.09 -9.94
CA GLY C 502 46.13 8.35 -9.26
C GLY C 502 45.63 9.48 -10.13
N LEU C 503 45.48 9.26 -11.43
CA LEU C 503 45.02 10.33 -12.31
C LEU C 503 43.55 10.66 -12.06
N SER C 504 42.73 9.67 -11.72
CA SER C 504 41.33 9.93 -11.41
C SER C 504 41.19 10.82 -10.18
N THR C 505 42.00 10.58 -9.16
CA THR C 505 41.99 11.43 -7.97
C THR C 505 42.42 12.86 -8.32
N MET C 506 43.46 12.99 -9.13
CA MET C 506 43.94 14.31 -9.54
C MET C 506 42.86 15.07 -10.30
N LEU C 507 42.22 14.41 -11.25
CA LEU C 507 41.17 15.05 -12.03
C LEU C 507 39.97 15.42 -11.15
N ALA C 508 39.56 14.51 -10.26
CA ALA C 508 38.42 14.78 -9.39
C ALA C 508 38.70 15.95 -8.47
N ASN C 509 39.90 16.04 -7.91
CA ASN C 509 40.25 17.18 -7.08
C ASN C 509 40.50 18.43 -7.91
N LEU C 510 40.70 18.29 -9.22
CA LEU C 510 41.02 19.45 -10.04
C LEU C 510 39.81 20.34 -10.31
N PHE C 511 38.61 19.75 -10.47
CA PHE C 511 37.42 20.54 -10.75
C PHE C 511 36.41 20.50 -9.60
N SER C 512 36.84 20.10 -8.40
CA SER C 512 35.98 20.10 -7.23
C SER C 512 36.43 21.17 -6.25
N MET C 513 35.46 21.79 -5.59
CA MET C 513 35.73 22.87 -4.64
C MET C 513 35.91 22.27 -3.26
N ARG C 514 37.11 22.41 -2.71
CA ARG C 514 37.46 21.83 -1.42
C ARG C 514 37.70 22.96 -0.42
N SER C 515 37.15 22.80 0.79
CA SER C 515 37.37 23.78 1.84
C SER C 515 38.83 23.77 2.29
N PHE C 516 39.35 24.96 2.57
CA PHE C 516 40.75 25.09 2.95
C PHE C 516 40.97 24.62 4.38
N ILE C 517 41.89 23.67 4.56
CA ILE C 517 42.25 23.14 5.87
C ILE C 517 43.76 23.25 6.02
N LYS C 518 44.21 23.81 7.13
CA LYS C 518 45.63 24.00 7.40
C LYS C 518 46.13 22.92 8.33
N ILE C 519 47.17 22.20 7.90
CA ILE C 519 47.80 21.14 8.68
C ILE C 519 49.29 21.43 8.76
N GLU C 520 49.83 21.44 9.98
CA GLU C 520 51.24 21.75 10.22
C GLU C 520 52.07 20.55 10.62
N GLU C 521 51.45 19.45 11.04
CA GLU C 521 52.21 18.26 11.42
C GLU C 521 52.84 17.62 10.20
N ASP C 522 54.03 17.05 10.41
CA ASP C 522 54.80 16.45 9.32
C ASP C 522 54.18 15.10 8.95
N THR C 523 53.12 15.18 8.15
CA THR C 523 52.42 14.01 7.64
C THR C 523 52.21 14.18 6.13
N TRP C 524 51.62 13.17 5.50
CA TRP C 524 51.35 13.26 4.07
C TRP C 524 50.14 14.13 3.76
N GLN C 525 49.30 14.42 4.76
CA GLN C 525 48.10 15.22 4.53
C GLN C 525 48.45 16.64 4.11
N LYS C 526 49.51 17.22 4.68
CA LYS C 526 49.87 18.58 4.31
C LYS C 526 50.39 18.66 2.87
N TYR C 527 51.21 17.69 2.47
CA TYR C 527 51.69 17.65 1.09
C TYR C 527 50.53 17.41 0.12
N TYR C 528 49.56 16.59 0.52
CA TYR C 528 48.39 16.36 -0.32
C TYR C 528 47.56 17.64 -0.46
N LEU C 529 47.27 18.30 0.67
CA LEU C 529 46.47 19.51 0.65
C LEU C 529 47.16 20.67 -0.03
N GLU C 530 48.49 20.63 -0.14
CA GLU C 530 49.19 21.64 -0.92
C GLU C 530 48.78 21.57 -2.39
N GLY C 531 48.58 20.35 -2.91
CA GLY C 531 48.17 20.18 -4.29
C GLY C 531 46.67 20.13 -4.50
N VAL C 532 45.91 19.95 -3.41
CA VAL C 532 44.45 19.91 -3.53
C VAL C 532 43.90 21.26 -3.99
N SER C 533 44.51 22.36 -3.53
CA SER C 533 43.97 23.70 -3.74
C SER C 533 43.93 24.11 -5.20
N ASN C 534 44.62 23.40 -6.09
CA ASN C 534 44.64 23.78 -7.51
C ASN C 534 43.26 23.61 -8.14
N GLU C 535 42.95 24.51 -9.07
CA GLU C 535 41.72 24.46 -9.85
C GLU C 535 42.05 24.70 -11.31
N MET C 536 41.05 24.54 -12.17
CA MET C 536 41.24 24.59 -13.62
C MET C 536 40.43 25.74 -14.20
N TYR C 537 41.07 26.53 -15.06
CA TYR C 537 40.44 27.71 -15.64
C TYR C 537 40.77 27.80 -17.12
N THR C 538 40.05 28.65 -17.82
CA THR C 538 40.28 28.95 -19.22
C THR C 538 40.52 30.44 -19.40
N GLU C 539 41.42 30.81 -20.30
CA GLU C 539 41.74 32.21 -20.50
C GLU C 539 42.23 32.43 -21.93
N TYR C 540 42.01 33.64 -22.44
CA TYR C 540 42.47 34.02 -23.77
C TYR C 540 43.89 34.54 -23.69
N LEU C 541 44.77 33.98 -24.52
CA LEU C 541 46.17 34.39 -24.51
C LEU C 541 46.32 35.80 -25.07
N SER C 542 47.31 36.52 -24.54
CA SER C 542 47.56 37.87 -24.99
C SER C 542 48.20 37.88 -26.38
N SER C 543 48.21 39.06 -27.00
CA SER C 543 48.78 39.21 -28.33
C SER C 543 50.29 39.07 -28.33
N ALA C 544 50.94 39.17 -27.17
CA ALA C 544 52.39 39.01 -27.11
C ALA C 544 52.82 37.58 -27.35
N PHE C 545 51.94 36.60 -27.16
CA PHE C 545 52.26 35.20 -27.35
C PHE C 545 52.06 34.72 -28.78
N VAL C 546 51.53 35.58 -29.66
CA VAL C 546 51.27 35.16 -31.03
C VAL C 546 52.58 35.00 -31.79
N GLY C 547 52.70 33.88 -32.51
CA GLY C 547 53.92 33.58 -33.25
C GLY C 547 54.93 32.76 -32.48
N LEU C 548 54.70 32.47 -31.21
CA LEU C 548 55.61 31.69 -30.40
C LEU C 548 55.13 30.24 -30.30
N SER C 549 56.07 29.32 -30.14
CA SER C 549 55.74 27.91 -30.00
C SER C 549 55.09 27.64 -28.65
N PHE C 550 54.34 26.54 -28.59
CA PHE C 550 53.68 26.15 -27.35
C PHE C 550 54.64 25.90 -26.19
N PRO C 551 55.75 25.17 -26.34
CA PRO C 551 56.66 25.01 -25.18
C PRO C 551 57.20 26.33 -24.65
N THR C 552 57.50 27.29 -25.53
CA THR C 552 58.01 28.57 -25.06
C THR C 552 56.97 29.31 -24.22
N VAL C 553 55.72 29.35 -24.69
CA VAL C 553 54.67 30.02 -23.94
C VAL C 553 54.40 29.30 -22.63
N CYS C 554 54.43 27.97 -22.64
CA CYS C 554 54.21 27.21 -21.41
C CYS C 554 55.32 27.48 -20.40
N GLU C 555 56.57 27.53 -20.86
CA GLU C 555 57.68 27.82 -19.95
C GLU C 555 57.58 29.24 -19.40
N LEU C 556 57.20 30.21 -20.24
CA LEU C 556 57.03 31.58 -19.76
C LEU C 556 55.90 31.66 -18.73
N CYS C 557 54.81 30.92 -18.95
CA CYS C 557 53.72 30.92 -18.00
C CYS C 557 54.12 30.28 -16.68
N PHE C 558 54.90 29.20 -16.74
CA PHE C 558 55.29 28.50 -15.51
C PHE C 558 56.31 29.29 -14.72
N VAL C 559 57.31 29.88 -15.40
CA VAL C 559 58.39 30.56 -14.70
C VAL C 559 57.96 31.95 -14.25
N LYS C 560 57.42 32.75 -15.17
CA LYS C 560 57.09 34.14 -14.85
C LYS C 560 55.75 34.24 -14.14
N LEU C 561 54.68 33.77 -14.79
CA LEU C 561 53.33 33.92 -14.26
C LEU C 561 52.95 32.83 -13.27
N LYS C 562 53.79 31.81 -13.10
CA LYS C 562 53.52 30.69 -12.19
C LYS C 562 52.19 30.02 -12.51
N LEU C 563 51.97 29.74 -13.79
CA LEU C 563 50.77 29.07 -14.25
C LEU C 563 51.14 27.86 -15.09
N LEU C 564 50.41 26.77 -14.87
CA LEU C 564 50.60 25.53 -15.62
C LEU C 564 49.57 25.51 -16.75
N MET C 565 50.01 25.79 -17.97
CA MET C 565 49.15 25.84 -19.14
C MET C 565 49.19 24.47 -19.82
N ILE C 566 48.07 23.75 -19.73
CA ILE C 566 48.03 22.35 -20.15
C ILE C 566 47.73 22.21 -21.63
N ALA C 567 46.67 22.87 -22.12
CA ALA C 567 46.18 22.62 -23.47
C ALA C 567 45.74 23.93 -24.10
N ILE C 568 45.61 23.89 -25.43
CA ILE C 568 45.11 25.04 -26.19
C ILE C 568 43.92 24.60 -27.02
N GLU C 569 43.22 25.59 -27.58
CA GLU C 569 42.09 25.33 -28.48
C GLU C 569 42.47 25.87 -29.86
N TYR C 570 42.95 24.97 -30.72
CA TYR C 570 43.36 25.35 -32.07
C TYR C 570 42.11 25.49 -32.95
N LYS C 571 41.96 26.66 -33.56
CA LYS C 571 40.79 26.97 -34.39
C LYS C 571 41.22 27.04 -35.84
N SER C 572 40.78 26.08 -36.64
CA SER C 572 41.01 26.06 -38.08
C SER C 572 39.68 25.90 -38.78
N ALA C 573 39.34 26.87 -39.65
CA ALA C 573 38.03 26.87 -40.30
C ALA C 573 37.80 25.61 -41.11
N ASN C 574 38.89 24.97 -41.56
CA ASN C 574 38.76 23.69 -42.26
C ASN C 574 38.21 22.60 -41.35
N ARG C 575 38.69 22.54 -40.10
CA ARG C 575 38.36 21.45 -39.19
C ARG C 575 37.81 21.96 -37.87
N GLU C 576 37.09 23.09 -37.91
CA GLU C 576 36.39 23.68 -36.75
C GLU C 576 37.42 23.96 -35.65
N SER C 577 37.08 23.73 -34.39
CA SER C 577 37.98 23.97 -33.27
C SER C 577 38.24 22.66 -32.54
N ARG C 578 39.50 22.39 -32.27
CA ARG C 578 39.90 21.17 -31.57
C ARG C 578 40.83 21.51 -30.43
N ILE C 579 40.66 20.83 -29.31
CA ILE C 579 41.55 21.03 -28.17
C ILE C 579 42.79 20.16 -28.35
N LEU C 580 43.96 20.80 -28.30
CA LEU C 580 45.24 20.12 -28.41
C LEU C 580 45.89 20.07 -27.04
N ILE C 581 46.20 18.86 -26.59
CA ILE C 581 46.80 18.61 -25.28
C ILE C 581 48.31 18.61 -25.45
N ASN C 582 48.97 19.68 -25.00
CA ASN C 582 50.42 19.84 -25.02
C ASN C 582 50.98 19.63 -26.43
N PRO C 583 50.72 20.52 -27.38
CA PRO C 583 51.25 20.34 -28.72
C PRO C 583 52.75 20.56 -28.77
N GLY C 584 53.37 20.04 -29.82
CA GLY C 584 54.81 20.11 -29.96
C GLY C 584 55.29 21.49 -30.36
N ASN C 585 56.61 21.60 -30.48
CA ASN C 585 57.24 22.88 -30.81
C ASN C 585 57.02 23.29 -32.24
N HIS C 586 56.54 22.40 -33.11
CA HIS C 586 56.28 22.74 -34.50
C HIS C 586 55.04 23.61 -34.68
N LEU C 587 54.22 23.76 -33.64
CA LEU C 587 52.99 24.53 -33.71
C LEU C 587 53.18 25.87 -33.02
N LYS C 588 52.59 26.91 -33.61
CA LYS C 588 52.72 28.27 -33.11
C LYS C 588 51.35 28.81 -32.68
N ILE C 589 51.38 29.69 -31.69
CA ILE C 589 50.15 30.27 -31.16
C ILE C 589 49.59 31.29 -32.13
N GLN C 590 48.30 31.15 -32.46
CA GLN C 590 47.63 32.06 -33.36
C GLN C 590 47.00 33.21 -32.56
N GLU C 591 46.16 34.00 -33.22
CA GLU C 591 45.51 35.14 -32.58
C GLU C 591 44.21 34.70 -31.92
N GLY C 592 44.03 35.09 -30.66
CA GLY C 592 42.81 34.80 -29.93
C GLY C 592 42.57 33.33 -29.67
N THR C 593 43.60 32.63 -29.22
CA THR C 593 43.51 31.20 -28.92
C THR C 593 43.23 30.99 -27.45
N LEU C 594 42.20 30.20 -27.15
CA LEU C 594 41.88 29.86 -25.76
C LEU C 594 42.91 28.87 -25.22
N GLY C 595 43.26 29.05 -23.95
CA GLY C 595 44.18 28.15 -23.29
C GLY C 595 43.65 27.74 -21.93
N PHE C 596 44.03 26.53 -21.52
CA PHE C 596 43.59 25.93 -20.27
C PHE C 596 44.73 25.97 -19.27
N PHE C 597 44.44 26.48 -18.07
CA PHE C 597 45.46 26.69 -17.04
C PHE C 597 45.03 26.00 -15.75
N ILE C 598 46.04 25.62 -14.97
CA ILE C 598 45.83 25.09 -13.62
C ILE C 598 46.45 26.10 -12.65
N ALA C 599 45.62 26.64 -11.76
CA ALA C 599 46.07 27.70 -10.87
C ALA C 599 45.33 27.60 -9.55
N SER C 600 45.96 28.14 -8.50
CA SER C 600 45.35 28.12 -7.18
C SER C 600 44.10 28.98 -7.11
N ASP C 601 44.13 30.16 -7.74
CA ASP C 601 43.01 31.08 -7.71
C ASP C 601 42.77 31.66 -9.09
N ALA C 602 41.54 32.11 -9.31
CA ALA C 602 41.15 32.66 -10.60
C ALA C 602 41.72 34.05 -10.85
N LYS C 603 42.10 34.77 -9.78
CA LYS C 603 42.63 36.12 -9.95
C LYS C 603 43.98 36.11 -10.65
N GLU C 604 44.77 35.05 -10.47
CA GLU C 604 46.09 34.94 -11.06
C GLU C 604 46.07 34.30 -12.44
N VAL C 605 44.90 34.23 -13.08
CA VAL C 605 44.77 33.61 -14.40
C VAL C 605 44.82 34.69 -15.46
N LYS C 606 44.38 35.90 -15.12
CA LYS C 606 44.36 37.02 -16.05
C LYS C 606 45.75 37.52 -16.42
N ARG C 607 46.81 36.93 -15.88
CA ARG C 607 48.16 37.32 -16.24
C ARG C 607 48.43 37.03 -17.71
N ALA C 608 47.94 35.89 -18.22
CA ALA C 608 48.15 35.53 -19.61
C ALA C 608 47.42 36.43 -20.58
N PHE C 609 46.49 37.26 -20.11
CA PHE C 609 45.78 38.19 -20.96
C PHE C 609 46.41 39.58 -20.97
N PHE C 610 47.05 39.98 -19.87
CA PHE C 610 47.65 41.30 -19.74
C PHE C 610 49.16 41.23 -19.58
N TYR C 611 49.81 40.37 -20.38
CA TYR C 611 51.25 40.21 -20.33
C TYR C 611 51.86 40.87 -21.56
N CYS C 612 52.79 41.80 -21.32
CA CYS C 612 53.52 42.47 -22.38
C CYS C 612 55.02 42.38 -22.07
N LYS C 613 55.80 41.91 -23.04
CA LYS C 613 57.24 41.74 -22.81
C LYS C 613 57.95 43.09 -22.63
N ALA C 614 57.42 44.14 -23.24
CA ALA C 614 58.08 45.44 -23.19
C ALA C 614 58.06 46.05 -21.79
N CYS C 615 57.05 45.70 -20.98
CA CYS C 615 56.89 46.33 -19.67
C CYS C 615 56.74 45.34 -18.52
N HIS C 616 56.90 44.04 -18.77
CA HIS C 616 56.77 43.04 -17.72
C HIS C 616 57.86 42.00 -17.70
N ASP C 617 58.77 41.98 -18.68
CA ASP C 617 59.84 40.99 -18.70
C ASP C 617 60.81 41.21 -17.54
N ASP C 618 61.12 42.47 -17.24
CA ASP C 618 62.06 42.77 -16.16
C ASP C 618 61.48 42.49 -14.78
N ILE C 619 60.16 42.40 -14.66
CA ILE C 619 59.53 42.17 -13.36
C ILE C 619 59.74 40.73 -12.95
N THR C 620 60.21 40.53 -11.71
CA THR C 620 60.46 39.20 -11.17
C THR C 620 59.29 38.69 -10.32
N ASP C 621 58.80 39.50 -9.40
CA ASP C 621 57.68 39.10 -8.55
C ASP C 621 56.41 39.05 -9.39
N PRO C 622 55.72 37.92 -9.46
CA PRO C 622 54.48 37.87 -10.26
C PRO C 622 53.41 38.86 -9.82
N LYS C 623 53.28 39.10 -8.51
CA LYS C 623 52.25 40.00 -8.02
C LYS C 623 52.52 41.46 -8.37
N ARG C 624 53.74 41.79 -8.75
CA ARG C 624 54.07 43.16 -9.12
C ARG C 624 53.65 43.49 -10.55
N ILE C 625 53.38 42.49 -11.38
CA ILE C 625 52.99 42.73 -12.77
C ILE C 625 51.62 43.37 -12.81
N LYS C 626 51.51 44.51 -13.48
CA LYS C 626 50.27 45.25 -13.62
C LYS C 626 49.69 44.99 -15.01
N LYS C 627 48.56 45.64 -15.31
CA LYS C 627 47.89 45.49 -16.59
C LYS C 627 48.34 46.51 -17.62
N CYS C 628 49.57 47.01 -17.50
CA CYS C 628 50.08 47.99 -18.46
C CYS C 628 50.31 47.33 -19.82
N GLY C 629 49.96 48.07 -20.88
CA GLY C 629 50.14 47.56 -22.23
C GLY C 629 51.21 48.31 -23.00
N CYS C 630 52.31 47.62 -23.28
CA CYS C 630 53.42 48.22 -24.03
C CYS C 630 53.93 47.27 -25.11
N ASN C 682 47.46 -2.84 -47.26
CA ASN C 682 47.13 -4.21 -47.62
C ASN C 682 46.36 -4.93 -46.51
N VAL C 683 46.65 -4.58 -45.26
CA VAL C 683 45.98 -5.14 -44.11
C VAL C 683 45.52 -4.00 -43.21
N LYS C 684 44.33 -4.13 -42.63
CA LYS C 684 43.77 -3.10 -41.78
C LYS C 684 44.28 -3.26 -40.35
N LYS C 685 45.00 -2.25 -39.87
CA LYS C 685 45.50 -2.24 -38.50
C LYS C 685 44.86 -1.17 -37.63
N TYR C 686 44.24 -0.15 -38.22
CA TYR C 686 43.55 0.90 -37.49
C TYR C 686 42.15 1.06 -38.05
N ASP C 687 41.34 1.86 -37.35
CA ASP C 687 39.96 2.07 -37.76
C ASP C 687 39.90 3.08 -38.90
N SER C 688 38.69 3.50 -39.27
CA SER C 688 38.52 4.37 -40.43
C SER C 688 39.19 5.73 -40.23
N THR C 689 39.04 6.30 -39.03
CA THR C 689 39.68 7.58 -38.75
C THR C 689 41.14 7.42 -38.34
N GLY C 690 41.62 6.20 -38.13
CA GLY C 690 43.01 5.97 -37.80
C GLY C 690 43.45 6.49 -36.45
N MET C 691 42.58 6.39 -35.44
CA MET C 691 42.91 6.83 -34.10
C MET C 691 42.70 5.75 -33.05
N PHE C 692 42.43 4.51 -33.47
CA PHE C 692 42.30 3.39 -32.55
C PHE C 692 42.81 2.14 -33.25
N HIS C 693 43.43 1.25 -32.46
CA HIS C 693 43.89 -0.01 -33.01
C HIS C 693 42.70 -0.89 -33.37
N TRP C 694 42.78 -1.54 -34.53
CA TRP C 694 41.67 -2.32 -35.06
C TRP C 694 42.18 -3.67 -35.55
N CYS C 695 41.32 -4.68 -35.44
CA CYS C 695 41.63 -6.02 -35.89
C CYS C 695 40.39 -6.62 -36.54
N ALA C 696 40.60 -7.72 -37.25
CA ALA C 696 39.49 -8.40 -37.89
C ALA C 696 38.55 -8.97 -36.83
N PRO C 697 37.23 -8.96 -37.06
CA PRO C 697 36.31 -9.49 -36.07
C PRO C 697 36.52 -10.98 -35.85
N LYS C 698 36.37 -11.41 -34.59
CA LYS C 698 36.57 -12.79 -34.21
C LYS C 698 35.42 -13.24 -33.31
N GLU C 699 35.11 -14.53 -33.37
CA GLU C 699 34.06 -15.09 -32.53
C GLU C 699 34.53 -15.14 -31.08
N ILE C 700 33.54 -15.18 -30.17
CA ILE C 700 33.85 -15.20 -28.75
C ILE C 700 34.51 -16.53 -28.34
N GLU C 701 34.32 -17.60 -29.12
CA GLU C 701 34.94 -18.87 -28.80
C GLU C 701 36.46 -18.82 -28.92
N LYS C 702 37.01 -17.90 -29.71
CA LYS C 702 38.44 -17.81 -29.89
C LYS C 702 39.15 -17.09 -28.76
N VAL C 703 38.42 -16.41 -27.87
CA VAL C 703 39.04 -15.66 -26.78
C VAL C 703 38.72 -16.25 -25.41
N ILE C 704 37.78 -17.19 -25.32
CA ILE C 704 37.48 -17.81 -24.04
C ILE C 704 38.61 -18.76 -23.65
N LEU C 705 39.12 -18.59 -22.45
CA LEU C 705 40.20 -19.43 -21.92
C LEU C 705 39.68 -20.22 -20.72
N THR C 706 40.06 -21.49 -20.66
CA THR C 706 39.79 -22.28 -19.47
C THR C 706 40.82 -21.96 -18.39
N ARG C 707 40.54 -22.43 -17.17
CA ARG C 707 41.44 -22.16 -16.05
C ARG C 707 42.81 -22.79 -16.29
N SER C 708 42.84 -24.03 -16.78
CA SER C 708 44.11 -24.68 -17.09
C SER C 708 44.81 -23.97 -18.25
N GLU C 709 44.06 -23.57 -19.27
CA GLU C 709 44.65 -22.85 -20.39
C GLU C 709 45.19 -21.49 -19.97
N ALA C 710 44.45 -20.78 -19.11
CA ALA C 710 44.93 -19.49 -18.61
C ALA C 710 46.17 -19.66 -17.74
N ALA C 711 46.22 -20.74 -16.94
CA ALA C 711 47.40 -20.98 -16.12
C ALA C 711 48.59 -21.40 -16.99
N MET C 712 48.34 -22.04 -18.13
CA MET C 712 49.43 -22.46 -19.01
C MET C 712 50.16 -21.27 -19.59
N THR C 713 49.42 -20.30 -20.12
CA THR C 713 50.04 -19.09 -20.62
C THR C 713 50.47 -18.18 -19.48
N VAL C 714 51.44 -17.32 -19.75
CA VAL C 714 52.00 -16.41 -18.76
C VAL C 714 51.58 -14.99 -19.13
N LEU C 715 50.91 -14.32 -18.20
CA LEU C 715 50.47 -12.94 -18.37
C LEU C 715 51.20 -12.07 -17.37
N SER C 716 51.92 -11.06 -17.86
CA SER C 716 52.64 -10.13 -17.02
C SER C 716 52.46 -8.72 -17.56
N GLY C 717 52.26 -7.77 -16.66
CA GLY C 717 52.04 -6.40 -17.07
C GLY C 717 50.75 -6.21 -17.86
N HIS C 718 49.67 -6.82 -17.39
CA HIS C 718 48.38 -6.77 -18.08
C HIS C 718 47.34 -6.12 -17.18
N VAL C 719 46.10 -6.08 -17.67
CA VAL C 719 44.98 -5.49 -16.96
C VAL C 719 43.93 -6.57 -16.75
N VAL C 720 43.48 -6.72 -15.51
CA VAL C 720 42.46 -7.71 -15.15
C VAL C 720 41.21 -6.98 -14.73
N VAL C 721 40.12 -7.18 -15.48
CA VAL C 721 38.85 -6.52 -15.21
C VAL C 721 37.91 -7.57 -14.64
N CYS C 722 37.67 -7.50 -13.33
CA CYS C 722 36.69 -8.33 -12.66
C CYS C 722 35.32 -7.66 -12.74
N ILE C 723 34.32 -8.42 -13.20
CA ILE C 723 32.99 -7.90 -13.44
C ILE C 723 31.99 -8.73 -12.65
N PHE C 724 31.14 -8.07 -11.89
CA PHE C 724 30.04 -8.73 -11.18
C PHE C 724 28.77 -8.68 -12.01
N GLY C 725 28.85 -9.22 -13.23
CA GLY C 725 27.76 -9.16 -14.17
C GLY C 725 26.75 -10.28 -13.98
N ASP C 726 25.68 -10.20 -14.78
CA ASP C 726 24.60 -11.18 -14.75
C ASP C 726 23.89 -11.12 -16.10
N VAL C 727 23.19 -12.21 -16.42
CA VAL C 727 22.49 -12.29 -17.71
C VAL C 727 21.37 -11.26 -17.79
N SER C 728 20.70 -10.99 -16.68
CA SER C 728 19.60 -10.02 -16.64
C SER C 728 20.03 -8.64 -16.18
N SER C 729 21.32 -8.45 -15.91
CA SER C 729 21.80 -7.16 -15.41
C SER C 729 21.90 -6.14 -16.54
N ALA C 730 21.93 -4.87 -16.16
CA ALA C 730 22.02 -3.79 -17.12
C ALA C 730 23.44 -3.69 -17.68
N LEU C 731 23.54 -3.37 -18.97
CA LEU C 731 24.84 -3.21 -19.60
C LEU C 731 25.52 -1.95 -19.10
N ILE C 732 26.84 -2.03 -18.91
CA ILE C 732 27.63 -0.89 -18.46
C ILE C 732 28.50 -0.30 -19.56
N GLY C 733 28.48 -0.88 -20.76
CA GLY C 733 29.24 -0.34 -21.87
C GLY C 733 30.74 -0.48 -21.70
N LEU C 734 31.24 -1.72 -21.73
CA LEU C 734 32.65 -1.98 -21.50
C LEU C 734 33.55 -1.39 -22.57
N ARG C 735 33.00 -1.03 -23.74
CA ARG C 735 33.81 -0.47 -24.81
C ARG C 735 34.48 0.83 -24.38
N ASN C 736 33.78 1.63 -23.56
CA ASN C 736 34.35 2.87 -23.05
C ASN C 736 35.57 2.63 -22.17
N LEU C 737 35.76 1.41 -21.69
CA LEU C 737 36.98 1.06 -20.97
C LEU C 737 38.09 0.59 -21.90
N VAL C 738 37.74 0.00 -23.04
CA VAL C 738 38.74 -0.59 -23.92
C VAL C 738 39.29 0.40 -24.93
N MET C 739 38.47 1.34 -25.41
CA MET C 739 38.93 2.30 -26.41
C MET C 739 40.08 3.18 -25.92
N PRO C 740 40.07 3.77 -24.71
CA PRO C 740 41.26 4.51 -24.26
C PRO C 740 42.50 3.63 -24.14
N LEU C 741 42.33 2.36 -23.80
CA LEU C 741 43.47 1.45 -23.69
C LEU C 741 43.92 0.91 -25.04
N ARG C 742 43.15 1.13 -26.10
CA ARG C 742 43.48 0.64 -27.44
C ARG C 742 43.65 1.78 -28.44
N ALA C 743 44.00 2.96 -27.93
CA ALA C 743 44.19 4.12 -28.80
C ALA C 743 45.42 3.94 -29.68
N SER C 744 45.38 4.56 -30.87
CA SER C 744 46.48 4.47 -31.81
C SER C 744 47.72 5.24 -31.34
N ASN C 745 47.60 6.05 -30.28
CA ASN C 745 48.74 6.77 -29.76
C ASN C 745 49.80 5.83 -29.17
N PHE C 746 49.42 4.61 -28.80
CA PHE C 746 50.34 3.61 -28.29
C PHE C 746 50.80 2.71 -29.41
N HIS C 747 52.01 2.16 -29.24
CA HIS C 747 52.50 1.15 -30.16
C HIS C 747 51.83 -0.20 -29.87
N TYR C 748 51.97 -1.13 -30.81
CA TYR C 748 51.36 -2.45 -30.63
C TYR C 748 52.01 -3.20 -29.49
N HIS C 749 53.33 -3.09 -29.34
CA HIS C 749 54.02 -3.77 -28.24
C HIS C 749 53.76 -3.12 -26.90
N GLU C 750 53.32 -1.86 -26.89
CA GLU C 750 53.00 -1.17 -25.64
C GLU C 750 51.57 -1.41 -25.17
N LEU C 751 50.75 -2.09 -25.97
CA LEU C 751 49.38 -2.36 -25.57
C LEU C 751 49.35 -3.36 -24.42
N LYS C 752 48.45 -3.13 -23.48
CA LYS C 752 48.31 -3.98 -22.31
C LYS C 752 47.19 -4.99 -22.54
N HIS C 753 47.48 -6.27 -22.28
CA HIS C 753 46.48 -7.31 -22.43
C HIS C 753 45.34 -7.12 -21.43
N ILE C 754 44.12 -7.30 -21.88
CA ILE C 754 42.93 -7.15 -21.06
C ILE C 754 42.28 -8.51 -20.88
N VAL C 755 42.08 -8.90 -19.63
CA VAL C 755 41.48 -10.19 -19.28
C VAL C 755 40.22 -9.91 -18.47
N PHE C 756 39.07 -10.31 -19.00
CA PHE C 756 37.79 -10.11 -18.33
C PHE C 756 37.43 -11.36 -17.54
N VAL C 757 37.27 -11.19 -16.23
CA VAL C 757 36.90 -12.28 -15.33
C VAL C 757 35.47 -12.02 -14.86
N GLY C 758 34.55 -12.88 -15.27
CA GLY C 758 33.16 -12.72 -14.89
C GLY C 758 32.30 -13.74 -15.61
N SER C 759 31.00 -13.58 -15.44
CA SER C 759 30.04 -14.48 -16.08
C SER C 759 30.08 -14.34 -17.59
N ILE C 760 30.09 -15.47 -18.29
CA ILE C 760 30.10 -15.43 -19.75
C ILE C 760 28.74 -15.03 -20.30
N GLU C 761 27.66 -15.29 -19.55
CA GLU C 761 26.33 -14.91 -20.01
C GLU C 761 26.20 -13.40 -20.15
N TYR C 762 26.75 -12.65 -19.20
CA TYR C 762 26.76 -11.20 -19.31
C TYR C 762 27.71 -10.73 -20.41
N LEU C 763 28.87 -11.39 -20.53
CA LEU C 763 29.89 -10.92 -21.47
C LEU C 763 29.52 -11.20 -22.92
N LYS C 764 28.67 -12.19 -23.18
CA LYS C 764 28.21 -12.40 -24.56
C LYS C 764 27.33 -11.25 -25.04
N ARG C 765 26.62 -10.59 -24.13
CA ARG C 765 25.79 -9.45 -24.49
C ARG C 765 26.59 -8.18 -24.72
N GLU C 766 27.89 -8.17 -24.37
CA GLU C 766 28.75 -7.03 -24.60
C GLU C 766 29.80 -7.28 -25.68
N TRP C 767 29.92 -8.51 -26.18
CA TRP C 767 31.00 -8.85 -27.11
C TRP C 767 30.79 -8.22 -28.48
N GLU C 768 29.58 -7.78 -28.81
CA GLU C 768 29.33 -7.19 -30.13
C GLU C 768 30.04 -5.84 -30.30
N THR C 769 30.48 -5.21 -29.22
CA THR C 769 31.21 -3.96 -29.29
C THR C 769 32.67 -4.11 -28.85
N LEU C 770 33.13 -5.32 -28.57
CA LEU C 770 34.50 -5.54 -28.14
C LEU C 770 35.29 -6.50 -29.03
N HIS C 771 34.69 -7.04 -30.08
CA HIS C 771 35.35 -8.05 -30.89
C HIS C 771 36.28 -7.46 -31.95
N ASN C 772 36.37 -6.13 -32.05
CA ASN C 772 37.23 -5.48 -33.02
C ASN C 772 38.53 -4.98 -32.41
N PHE C 773 38.84 -5.39 -31.17
CA PHE C 773 40.05 -4.95 -30.51
C PHE C 773 41.07 -6.09 -30.45
N PRO C 774 42.37 -5.79 -30.58
CA PRO C 774 43.36 -6.85 -30.80
C PRO C 774 43.51 -7.86 -29.66
N LYS C 775 43.82 -7.40 -28.46
CA LYS C 775 44.21 -8.28 -27.36
C LYS C 775 43.18 -8.20 -26.23
N VAL C 776 42.15 -9.03 -26.32
CA VAL C 776 41.13 -9.15 -25.28
C VAL C 776 40.86 -10.64 -25.06
N SER C 777 40.86 -11.07 -23.81
CA SER C 777 40.61 -12.46 -23.47
C SER C 777 39.58 -12.55 -22.35
N ILE C 778 38.88 -13.67 -22.29
CA ILE C 778 37.79 -13.89 -21.35
C ILE C 778 38.09 -15.14 -20.54
N LEU C 779 37.97 -15.04 -19.22
CA LEU C 779 37.99 -16.20 -18.33
C LEU C 779 36.63 -16.32 -17.65
N PRO C 780 35.79 -17.26 -18.07
CA PRO C 780 34.49 -17.44 -17.40
C PRO C 780 34.69 -17.91 -15.97
N GLY C 781 34.04 -17.21 -15.04
CA GLY C 781 34.19 -17.55 -13.63
C GLY C 781 33.61 -16.48 -12.74
N THR C 782 34.12 -16.44 -11.51
CA THR C 782 33.65 -15.49 -10.50
C THR C 782 34.86 -14.72 -9.97
N PRO C 783 34.78 -13.40 -9.86
CA PRO C 783 35.90 -12.63 -9.29
C PRO C 783 36.21 -12.98 -7.85
N LEU C 784 35.26 -13.53 -7.10
CA LEU C 784 35.49 -13.88 -5.70
C LEU C 784 36.25 -15.19 -5.54
N SER C 785 36.42 -15.97 -6.61
CA SER C 785 37.14 -17.23 -6.52
C SER C 785 38.63 -16.98 -6.66
N ARG C 786 39.41 -17.53 -5.72
CA ARG C 786 40.85 -17.30 -5.73
C ARG C 786 41.54 -18.07 -6.84
N ALA C 787 40.96 -19.20 -7.26
CA ALA C 787 41.58 -19.99 -8.33
C ALA C 787 41.61 -19.22 -9.64
N ASP C 788 40.51 -18.53 -9.97
CA ASP C 788 40.46 -17.74 -11.19
C ASP C 788 41.46 -16.58 -11.14
N LEU C 789 41.58 -15.93 -9.98
CA LEU C 789 42.53 -14.84 -9.84
C LEU C 789 43.97 -15.34 -9.94
N ARG C 790 44.24 -16.53 -9.41
CA ARG C 790 45.58 -17.09 -9.53
C ARG C 790 45.87 -17.56 -10.94
N ALA C 791 44.83 -17.91 -11.69
CA ALA C 791 45.04 -18.38 -13.06
C ALA C 791 45.51 -17.25 -13.98
N VAL C 792 45.04 -16.03 -13.74
CA VAL C 792 45.34 -14.90 -14.62
C VAL C 792 46.57 -14.15 -14.11
N ASN C 793 47.24 -14.71 -13.09
CA ASN C 793 48.43 -14.13 -12.50
C ASN C 793 48.16 -12.71 -11.99
N ILE C 794 47.27 -12.63 -11.00
CA ILE C 794 46.86 -11.34 -10.44
C ILE C 794 48.00 -10.61 -9.76
N ASN C 795 49.05 -11.34 -9.35
CA ASN C 795 50.20 -10.71 -8.70
C ASN C 795 51.16 -10.07 -9.70
N LEU C 796 50.95 -10.27 -11.00
CA LEU C 796 51.82 -9.72 -12.03
C LEU C 796 51.14 -8.68 -12.90
N CYS C 797 49.84 -8.47 -12.73
CA CYS C 797 49.11 -7.53 -13.58
C CYS C 797 49.47 -6.09 -13.22
N ASP C 798 49.35 -5.21 -14.22
CA ASP C 798 49.58 -3.79 -13.99
C ASP C 798 48.42 -3.14 -13.24
N MET C 799 47.21 -3.64 -13.42
CA MET C 799 46.07 -3.05 -12.73
C MET C 799 44.92 -4.05 -12.69
N CYS C 800 44.22 -4.06 -11.56
CA CYS C 800 42.99 -4.83 -11.39
C CYS C 800 41.83 -3.86 -11.18
N VAL C 801 40.79 -3.98 -12.00
CA VAL C 801 39.63 -3.10 -11.96
C VAL C 801 38.41 -3.92 -11.59
N ILE C 802 37.76 -3.55 -10.50
CA ILE C 802 36.58 -4.25 -10.01
C ILE C 802 35.35 -3.42 -10.34
N LEU C 803 34.42 -4.00 -11.09
CA LEU C 803 33.20 -3.31 -11.50
C LEU C 803 31.99 -4.16 -11.14
N SER C 804 30.90 -3.47 -10.79
CA SER C 804 29.65 -4.12 -10.40
C SER C 804 28.54 -3.72 -11.35
N ALA C 805 27.69 -4.69 -11.69
CA ALA C 805 26.55 -4.46 -12.57
C ALA C 805 25.20 -4.67 -11.91
N ASN C 806 25.14 -5.31 -10.75
CA ASN C 806 23.88 -5.58 -10.06
C ASN C 806 23.62 -4.51 -8.99
N GLN C 807 23.56 -3.25 -9.42
CA GLN C 807 23.33 -2.16 -8.48
C GLN C 807 21.85 -1.81 -8.33
N ASN C 808 21.04 -2.01 -9.37
CA ASN C 808 19.63 -1.65 -9.29
C ASN C 808 18.81 -2.65 -8.48
N ASN C 809 19.29 -3.89 -8.34
CA ASN C 809 18.51 -4.91 -7.64
C ASN C 809 18.45 -4.65 -6.14
N ILE C 810 19.53 -4.11 -5.57
CA ILE C 810 19.60 -3.88 -4.14
C ILE C 810 18.79 -2.63 -3.80
N ASP C 811 17.81 -2.78 -2.90
CA ASP C 811 16.97 -1.64 -2.53
C ASP C 811 17.75 -0.66 -1.65
N ASP C 812 18.49 -1.15 -0.66
CA ASP C 812 19.27 -0.28 0.20
C ASP C 812 20.48 0.25 -0.56
N THR C 813 20.69 1.56 -0.51
CA THR C 813 21.75 2.18 -1.28
C THR C 813 23.14 1.91 -0.70
N SER C 814 23.24 1.75 0.62
CA SER C 814 24.55 1.57 1.25
C SER C 814 25.08 0.15 1.10
N LEU C 815 24.22 -0.81 0.77
CA LEU C 815 24.63 -2.20 0.57
C LEU C 815 24.95 -2.52 -0.88
N GLN C 816 24.96 -1.52 -1.76
CA GLN C 816 25.25 -1.73 -3.17
C GLN C 816 26.72 -2.01 -3.44
N ASP C 817 27.60 -1.81 -2.45
CA ASP C 817 29.03 -1.95 -2.63
C ASP C 817 29.59 -3.17 -1.91
N LYS C 818 28.74 -4.16 -1.58
CA LYS C 818 29.20 -5.30 -0.80
C LYS C 818 30.15 -6.17 -1.60
N GLU C 819 29.79 -6.50 -2.85
CA GLU C 819 30.60 -7.43 -3.62
C GLU C 819 31.95 -6.82 -3.99
N CYS C 820 31.99 -5.53 -4.29
CA CYS C 820 33.26 -4.89 -4.64
C CYS C 820 34.20 -4.83 -3.44
N ILE C 821 33.67 -4.47 -2.27
CA ILE C 821 34.49 -4.42 -1.06
C ILE C 821 34.98 -5.81 -0.68
N LEU C 822 34.11 -6.82 -0.79
CA LEU C 822 34.53 -8.18 -0.49
C LEU C 822 35.60 -8.66 -1.46
N ALA C 823 35.47 -8.33 -2.74
CA ALA C 823 36.48 -8.71 -3.72
C ALA C 823 37.81 -8.04 -3.43
N SER C 824 37.77 -6.74 -3.08
CA SER C 824 39.00 -6.02 -2.77
C SER C 824 39.70 -6.62 -1.54
N LEU C 825 38.92 -6.91 -0.49
CA LEU C 825 39.51 -7.51 0.71
C LEU C 825 40.02 -8.91 0.44
N ASN C 826 39.35 -9.67 -0.43
CA ASN C 826 39.82 -11.00 -0.78
C ASN C 826 41.14 -10.94 -1.53
N ILE C 827 41.26 -10.01 -2.47
CA ILE C 827 42.50 -9.89 -3.24
C ILE C 827 43.64 -9.40 -2.36
N LYS C 828 43.36 -8.45 -1.46
CA LYS C 828 44.41 -7.91 -0.60
C LYS C 828 44.94 -8.92 0.41
N SER C 829 44.21 -10.01 0.66
CA SER C 829 44.60 -11.00 1.65
C SER C 829 45.24 -12.24 1.06
N MET C 830 45.39 -12.31 -0.26
CA MET C 830 45.96 -13.50 -0.88
C MET C 830 47.46 -13.58 -0.63
N GLN C 831 47.98 -14.81 -0.72
CA GLN C 831 49.39 -15.09 -0.51
C GLN C 831 49.97 -15.73 -1.77
N PHE C 832 51.19 -15.33 -2.12
CA PHE C 832 51.87 -15.84 -3.29
C PHE C 832 53.29 -16.24 -2.92
N ASP C 833 53.84 -17.19 -3.68
CA ASP C 833 55.17 -17.71 -3.45
C ASP C 833 55.99 -17.63 -4.73
N ASP C 834 57.30 -17.89 -4.59
CA ASP C 834 58.21 -17.85 -5.73
C ASP C 834 58.59 -19.25 -6.18
N THR C 871 54.94 -11.29 -2.18
CA THR C 871 54.58 -12.51 -1.45
C THR C 871 53.19 -12.38 -0.84
N THR C 872 52.59 -11.21 -1.00
CA THR C 872 51.25 -10.96 -0.47
C THR C 872 50.53 -9.99 -1.40
N GLY C 873 49.20 -9.99 -1.30
CA GLY C 873 48.37 -9.20 -2.17
C GLY C 873 48.14 -7.77 -1.77
N VAL C 874 48.79 -7.29 -0.70
CA VAL C 874 48.61 -5.91 -0.27
C VAL C 874 49.26 -4.93 -1.23
N ASN C 875 50.23 -5.38 -2.02
CA ASN C 875 50.93 -4.51 -2.96
C ASN C 875 50.35 -4.54 -4.36
N ILE C 876 49.26 -5.28 -4.56
CA ILE C 876 48.64 -5.37 -5.89
C ILE C 876 47.85 -4.08 -6.14
N PRO C 877 48.09 -3.38 -7.25
CA PRO C 877 47.34 -2.15 -7.53
C PRO C 877 45.90 -2.48 -7.94
N ILE C 878 44.96 -1.89 -7.22
CA ILE C 878 43.53 -2.18 -7.39
C ILE C 878 42.77 -0.86 -7.49
N ILE C 879 41.85 -0.79 -8.44
CA ILE C 879 40.90 0.31 -8.55
C ILE C 879 39.51 -0.26 -8.35
N THR C 880 38.79 0.26 -7.36
CA THR C 880 37.46 -0.23 -7.02
C THR C 880 36.43 0.86 -7.24
N GLU C 881 35.38 0.54 -7.99
CA GLU C 881 34.27 1.46 -8.17
C GLU C 881 33.33 1.37 -6.98
N LEU C 882 33.03 2.52 -6.38
CA LEU C 882 32.16 2.58 -5.21
C LEU C 882 31.08 3.63 -5.43
N VAL C 883 29.87 3.31 -4.97
CA VAL C 883 28.74 4.21 -5.10
C VAL C 883 28.68 5.20 -3.94
N ASN C 884 28.86 4.71 -2.72
CA ASN C 884 28.77 5.53 -1.53
C ASN C 884 30.16 5.96 -1.07
N ASP C 885 30.29 7.23 -0.69
CA ASP C 885 31.57 7.73 -0.22
C ASP C 885 31.95 7.13 1.13
N THR C 886 30.96 6.91 2.00
CA THR C 886 31.23 6.40 3.34
C THR C 886 31.81 5.00 3.32
N ASN C 887 31.67 4.26 2.22
CA ASN C 887 32.27 2.94 2.10
C ASN C 887 33.73 2.97 1.70
N VAL C 888 34.24 4.13 1.24
CA VAL C 888 35.61 4.20 0.74
C VAL C 888 36.60 3.88 1.85
N GLN C 889 36.35 4.37 3.06
CA GLN C 889 37.22 4.09 4.18
C GLN C 889 37.26 2.61 4.53
N PHE C 890 36.30 1.82 4.04
CA PHE C 890 36.36 0.38 4.25
C PHE C 890 37.47 -0.30 3.46
N LEU C 891 38.11 0.40 2.52
CA LEU C 891 39.19 -0.18 1.74
C LEU C 891 40.56 0.02 2.38
N ASP C 892 40.63 0.62 3.56
CA ASP C 892 41.88 0.85 4.26
C ASP C 892 41.95 -0.09 5.45
N GLN C 893 43.01 -0.92 5.49
CA GLN C 893 43.15 -1.88 6.58
C GLN C 893 43.39 -1.16 7.91
N ALA C 894 44.14 -0.06 7.89
CA ALA C 894 44.36 0.71 9.10
C ALA C 894 43.05 1.28 9.62
N ALA C 895 42.94 1.34 10.96
CA ALA C 895 41.72 1.83 11.58
C ALA C 895 41.50 3.30 11.23
N ALA C 896 40.22 3.67 11.09
CA ALA C 896 39.86 5.03 10.75
C ALA C 896 40.21 5.99 11.89
N ALA C 897 41.03 6.99 11.58
CA ALA C 897 41.39 7.99 12.58
C ALA C 897 40.16 8.79 13.01
N ASP C 898 39.22 9.00 12.08
CA ASP C 898 37.99 9.69 12.37
C ASP C 898 36.99 9.20 11.33
N PRO C 899 35.84 8.65 11.74
CA PRO C 899 34.82 8.23 10.77
C PRO C 899 34.09 9.39 10.10
N ASP C 900 34.39 10.64 10.47
CA ASP C 900 33.75 11.81 9.89
C ASP C 900 34.65 12.54 8.91
N THR C 901 35.78 11.95 8.52
CA THR C 901 36.64 12.58 7.53
C THR C 901 35.96 12.65 6.18
N GLU C 902 36.25 13.72 5.45
CA GLU C 902 35.65 13.93 4.14
C GLU C 902 36.22 12.94 3.14
N LEU C 903 35.53 12.80 2.00
CA LEU C 903 35.90 11.81 1.00
C LEU C 903 37.29 12.06 0.44
N TYR C 904 37.63 13.32 0.16
CA TYR C 904 38.91 13.62 -0.48
C TYR C 904 40.09 13.43 0.46
N LEU C 905 39.87 13.43 1.77
CA LEU C 905 40.95 13.28 2.73
C LEU C 905 41.23 11.82 3.11
N THR C 906 40.41 10.88 2.66
CA THR C 906 40.63 9.48 2.98
C THR C 906 41.84 8.94 2.22
N GLN C 907 42.52 7.98 2.84
CA GLN C 907 43.68 7.36 2.21
C GLN C 907 43.36 6.63 0.90
N PRO C 908 42.31 5.80 0.79
CA PRO C 908 42.03 5.17 -0.51
C PRO C 908 41.79 6.16 -1.63
N PHE C 909 41.12 7.28 -1.35
CA PHE C 909 40.84 8.25 -2.42
C PHE C 909 42.10 9.01 -2.79
N ALA C 910 42.90 9.41 -1.80
CA ALA C 910 44.11 10.17 -2.08
C ALA C 910 45.17 9.34 -2.79
N CYS C 911 45.13 8.01 -2.65
CA CYS C 911 46.06 7.13 -3.31
C CYS C 911 45.59 6.68 -4.70
N GLY C 912 44.36 7.02 -5.08
CA GLY C 912 43.84 6.63 -6.37
C GLY C 912 43.35 5.21 -6.47
N THR C 913 43.28 4.49 -5.35
CA THR C 913 42.83 3.10 -5.34
C THR C 913 41.32 2.96 -5.27
N ALA C 914 40.59 4.06 -5.11
CA ALA C 914 39.13 4.03 -5.05
C ALA C 914 38.58 5.12 -5.97
N PHE C 915 37.50 4.80 -6.67
CA PHE C 915 36.84 5.73 -7.58
C PHE C 915 35.39 5.88 -7.15
N ALA C 916 35.06 6.99 -6.50
CA ALA C 916 33.69 7.28 -6.12
C ALA C 916 32.99 7.97 -7.28
N VAL C 917 31.83 7.44 -7.68
CA VAL C 917 31.11 7.99 -8.83
C VAL C 917 30.53 9.37 -8.54
N SER C 918 30.44 9.76 -7.27
CA SER C 918 29.85 11.04 -6.90
C SER C 918 30.63 12.22 -7.48
N VAL C 919 31.91 12.03 -7.80
CA VAL C 919 32.68 13.12 -8.41
C VAL C 919 32.10 13.50 -9.76
N LEU C 920 31.46 12.55 -10.44
CA LEU C 920 30.77 12.88 -11.69
C LEU C 920 29.65 13.87 -11.43
N ASP C 921 28.92 13.71 -10.31
CA ASP C 921 27.90 14.67 -9.93
C ASP C 921 28.51 16.05 -9.67
N SER C 922 29.79 16.10 -9.30
CA SER C 922 30.47 17.38 -9.19
C SER C 922 30.79 17.96 -10.56
N LEU C 923 31.10 17.10 -11.54
CA LEU C 923 31.54 17.58 -12.85
C LEU C 923 30.47 18.41 -13.52
N MET C 924 29.21 17.99 -13.40
CA MET C 924 28.09 18.79 -13.93
C MET C 924 28.13 20.20 -13.37
N SER C 925 28.39 20.35 -12.08
CA SER C 925 28.52 21.68 -11.50
C SER C 925 29.67 22.43 -12.17
N ALA C 926 30.82 21.76 -12.31
CA ALA C 926 31.95 22.37 -13.01
C ALA C 926 31.61 22.67 -14.46
N THR C 927 30.65 21.93 -15.03
CA THR C 927 30.21 22.21 -16.38
C THR C 927 29.33 23.46 -16.43
N TYR C 928 28.56 23.72 -15.36
CA TYR C 928 27.63 24.84 -15.40
C TYR C 928 28.36 26.18 -15.39
N PHE C 929 29.42 26.31 -14.60
CA PHE C 929 30.18 27.54 -14.51
C PHE C 929 31.23 27.68 -15.60
N ASN C 930 31.53 26.61 -16.33
CA ASN C 930 32.50 26.67 -17.42
C ASN C 930 32.25 25.47 -18.33
N ASP C 931 31.87 25.73 -19.59
CA ASP C 931 31.54 24.66 -20.51
C ASP C 931 32.77 24.04 -21.18
N ASN C 932 33.93 24.68 -21.10
CA ASN C 932 35.14 24.14 -21.72
C ASN C 932 35.76 23.03 -20.88
N ILE C 933 35.43 22.96 -19.59
CA ILE C 933 36.02 21.93 -18.72
C ILE C 933 35.58 20.54 -19.18
N LEU C 934 34.31 20.38 -19.51
CA LEU C 934 33.81 19.09 -19.96
C LEU C 934 34.47 18.67 -21.27
N THR C 935 34.63 19.61 -22.21
CA THR C 935 35.26 19.29 -23.48
C THR C 935 36.71 18.91 -23.29
N LEU C 936 37.44 19.63 -22.43
CA LEU C 936 38.83 19.29 -22.15
C LEU C 936 38.95 17.92 -21.50
N ILE C 937 38.07 17.61 -20.56
CA ILE C 937 38.11 16.31 -19.91
C ILE C 937 37.77 15.20 -20.91
N ARG C 938 36.81 15.45 -21.81
CA ARG C 938 36.47 14.45 -22.81
C ARG C 938 37.63 14.19 -23.76
N THR C 939 38.31 15.25 -24.21
CA THR C 939 39.40 15.06 -25.16
C THR C 939 40.68 14.57 -24.49
N LEU C 940 40.81 14.69 -23.17
CA LEU C 940 41.97 14.16 -22.46
C LEU C 940 41.75 12.72 -21.98
N VAL C 941 40.52 12.36 -21.65
CA VAL C 941 40.25 11.11 -20.96
C VAL C 941 39.76 10.01 -21.91
N THR C 942 38.88 10.33 -22.85
CA THR C 942 38.29 9.32 -23.73
C THR C 942 39.23 8.85 -24.83
N GLY C 943 40.50 9.25 -24.79
CA GLY C 943 41.45 8.85 -25.81
C GLY C 943 41.47 9.71 -27.06
N GLY C 944 40.74 10.82 -27.06
CA GLY C 944 40.73 11.71 -28.20
C GLY C 944 39.63 11.45 -29.21
N ALA C 945 38.46 11.02 -28.75
CA ALA C 945 37.34 10.80 -29.66
C ALA C 945 36.92 12.10 -30.32
N THR C 946 36.68 12.03 -31.63
CA THR C 946 36.33 13.19 -32.44
C THR C 946 34.86 13.14 -32.84
N PRO C 947 34.25 14.30 -33.15
CA PRO C 947 32.85 14.29 -33.60
C PRO C 947 32.63 13.50 -34.88
N GLU C 948 33.62 13.44 -35.76
CA GLU C 948 33.52 12.60 -36.95
C GLU C 948 33.40 11.13 -36.57
N LEU C 949 34.21 10.70 -35.61
CA LEU C 949 34.10 9.33 -35.09
C LEU C 949 32.75 9.12 -34.42
N GLU C 950 32.24 10.14 -33.72
CA GLU C 950 30.91 10.04 -33.12
C GLU C 950 29.84 9.82 -34.20
N ALA C 951 29.93 10.56 -35.31
CA ALA C 951 28.97 10.40 -36.38
C ALA C 951 29.07 9.04 -37.04
N LEU C 952 30.30 8.55 -37.23
CA LEU C 952 30.48 7.22 -37.82
C LEU C 952 29.92 6.13 -36.92
N ILE C 953 30.17 6.23 -35.62
CA ILE C 953 29.64 5.25 -34.67
C ILE C 953 28.11 5.32 -34.62
N ALA C 954 27.56 6.54 -34.71
CA ALA C 954 26.11 6.68 -34.79
C ALA C 954 25.55 6.02 -36.03
N GLU C 955 26.24 6.18 -37.16
CA GLU C 955 25.75 5.62 -38.42
C GLU C 955 25.80 4.10 -38.43
N GLU C 956 26.90 3.51 -37.93
CA GLU C 956 27.10 2.08 -38.08
C GLU C 956 26.96 1.27 -36.79
N ASN C 957 26.92 1.92 -35.63
CA ASN C 957 26.82 1.25 -34.33
C ASN C 957 27.98 0.28 -34.11
N ALA C 958 29.12 0.57 -34.72
CA ALA C 958 30.32 -0.28 -34.61
C ALA C 958 31.52 0.54 -35.07
N LEU C 959 32.70 -0.06 -34.98
CA LEU C 959 33.94 0.54 -35.43
C LEU C 959 34.35 -0.10 -36.74
N ARG C 960 34.60 0.73 -37.76
CA ARG C 960 34.94 0.27 -39.09
C ARG C 960 36.43 0.46 -39.35
N GLY C 961 37.10 -0.62 -39.75
CA GLY C 961 38.51 -0.53 -40.07
C GLY C 961 38.75 0.13 -41.42
N GLY C 962 40.02 0.40 -41.69
CA GLY C 962 40.40 1.04 -42.93
C GLY C 962 41.89 0.94 -43.16
N TYR C 963 42.27 1.05 -44.43
CA TYR C 963 43.67 0.98 -44.80
C TYR C 963 44.41 2.24 -44.39
N SER C 964 45.70 2.10 -44.11
CA SER C 964 46.51 3.20 -43.63
C SER C 964 46.82 4.17 -44.76
N THR C 965 46.60 5.45 -44.50
CA THR C 965 46.91 6.54 -45.40
C THR C 965 47.76 7.56 -44.65
N PRO C 966 48.54 8.38 -45.36
CA PRO C 966 49.36 9.38 -44.66
C PRO C 966 48.58 10.34 -43.78
N GLN C 967 47.34 10.67 -44.15
CA GLN C 967 46.51 11.52 -43.31
C GLN C 967 46.19 10.83 -41.98
N THR C 968 45.81 9.56 -42.04
CA THR C 968 45.51 8.83 -40.80
C THR C 968 46.76 8.59 -39.97
N LEU C 969 47.89 8.36 -40.62
CA LEU C 969 49.15 8.20 -39.88
C LEU C 969 49.56 9.50 -39.21
N ALA C 970 49.30 10.64 -39.86
CA ALA C 970 49.53 11.92 -39.22
C ALA C 970 48.54 12.16 -38.08
N ASN C 971 47.34 11.61 -38.20
CA ASN C 971 46.34 11.71 -37.13
C ASN C 971 46.74 10.87 -35.91
N ARG C 972 47.70 9.96 -36.08
CA ARG C 972 48.12 9.10 -34.98
C ARG C 972 48.92 9.87 -33.94
N ASP C 973 49.62 10.92 -34.35
CA ASP C 973 50.51 11.67 -33.46
C ASP C 973 49.69 12.48 -32.46
N ARG C 974 49.73 12.07 -31.19
CA ARG C 974 49.06 12.78 -30.11
C ARG C 974 49.98 12.75 -28.88
N CYS C 975 49.42 13.08 -27.73
CA CYS C 975 50.12 13.01 -26.46
C CYS C 975 49.38 12.07 -25.52
N ARG C 976 50.15 11.29 -24.75
CA ARG C 976 49.59 10.26 -23.89
C ARG C 976 50.00 10.49 -22.45
N VAL C 977 49.16 10.03 -21.53
CA VAL C 977 49.42 10.15 -20.10
C VAL C 977 50.33 9.02 -19.66
N ALA C 978 51.40 9.37 -18.93
CA ALA C 978 52.35 8.37 -18.48
C ALA C 978 52.92 8.77 -17.13
N GLN C 979 53.53 7.80 -16.45
CA GLN C 979 54.28 8.02 -15.23
C GLN C 979 55.73 7.60 -15.46
N LEU C 980 56.65 8.44 -14.99
CA LEU C 980 58.08 8.15 -15.14
C LEU C 980 58.77 8.14 -13.79
N ALA C 981 59.73 7.24 -13.63
CA ALA C 981 60.50 7.11 -12.41
C ALA C 981 61.85 7.81 -12.56
N LEU C 982 62.38 8.30 -11.44
CA LEU C 982 63.65 9.00 -11.41
C LEU C 982 64.79 8.12 -10.92
N LEU C 983 64.59 6.80 -10.84
CA LEU C 983 65.62 5.92 -10.33
C LEU C 983 66.79 5.80 -11.30
N ASP C 984 66.48 5.57 -12.58
CA ASP C 984 67.54 5.34 -13.56
C ASP C 984 67.30 6.06 -14.89
N GLY C 985 66.38 7.01 -14.95
CA GLY C 985 66.12 7.73 -16.17
C GLY C 985 67.13 8.83 -16.42
N PRO C 986 66.91 9.62 -17.48
CA PRO C 986 67.81 10.76 -17.74
C PRO C 986 67.75 11.83 -16.67
N PHE C 987 66.70 11.86 -15.86
CA PHE C 987 66.55 12.85 -14.81
C PHE C 987 66.95 12.31 -13.44
N ALA C 988 67.68 11.19 -13.40
CA ALA C 988 68.05 10.58 -12.12
C ALA C 988 69.00 11.46 -11.33
N ASP C 989 69.88 12.22 -12.00
CA ASP C 989 70.82 13.09 -11.32
C ASP C 989 70.13 14.30 -10.68
N LEU C 990 68.87 14.55 -10.98
CA LEU C 990 68.15 15.70 -10.42
C LEU C 990 67.13 15.31 -9.36
N GLY C 991 66.74 14.04 -9.29
CA GLY C 991 65.73 13.62 -8.32
C GLY C 991 66.23 13.57 -6.89
N ASP C 992 67.53 13.65 -6.67
CA ASP C 992 68.10 13.59 -5.31
C ASP C 992 68.31 15.02 -4.80
N GLY C 993 67.23 15.58 -4.26
CA GLY C 993 67.27 16.90 -3.66
C GLY C 993 67.03 18.05 -4.60
N GLY C 994 66.91 17.81 -5.90
CA GLY C 994 66.65 18.89 -6.84
C GLY C 994 65.23 19.40 -6.74
N CYS C 995 65.01 20.56 -7.34
CA CYS C 995 63.70 21.19 -7.32
C CYS C 995 62.87 20.73 -8.51
N TYR C 996 61.54 20.85 -8.35
CA TYR C 996 60.62 20.42 -9.40
C TYR C 996 60.69 21.32 -10.62
N GLY C 997 61.03 22.60 -10.43
CA GLY C 997 61.06 23.52 -11.54
C GLY C 997 62.10 23.18 -12.60
N ASP C 998 63.30 22.78 -12.16
CA ASP C 998 64.33 22.37 -13.09
C ASP C 998 63.90 21.14 -13.88
N LEU C 999 63.27 20.18 -13.21
CA LEU C 999 62.76 19.00 -13.88
C LEU C 999 61.72 19.37 -14.94
N PHE C 1000 60.78 20.26 -14.57
CA PHE C 1000 59.75 20.68 -15.51
C PHE C 1000 60.37 21.38 -16.72
N CYS C 1001 61.31 22.30 -16.48
CA CYS C 1001 61.92 23.04 -17.56
C CYS C 1001 62.72 22.13 -18.48
N LYS C 1002 63.50 21.20 -17.91
CA LYS C 1002 64.29 20.30 -18.73
C LYS C 1002 63.40 19.37 -19.55
N ALA C 1003 62.33 18.84 -18.94
CA ALA C 1003 61.43 17.96 -19.66
C ALA C 1003 60.71 18.71 -20.78
N LEU C 1004 60.31 19.96 -20.54
CA LEU C 1004 59.61 20.72 -21.57
C LEU C 1004 60.55 21.10 -22.70
N LYS C 1005 61.78 21.50 -22.38
CA LYS C 1005 62.69 21.96 -23.43
C LYS C 1005 63.23 20.80 -24.25
N THR C 1006 63.61 19.70 -23.61
CA THR C 1006 64.33 18.64 -24.31
C THR C 1006 63.38 17.70 -25.03
N TYR C 1007 62.47 17.05 -24.29
CA TYR C 1007 61.61 16.02 -24.86
C TYR C 1007 60.19 16.52 -25.11
N ASN C 1008 59.94 17.82 -24.94
CA ASN C 1008 58.60 18.41 -25.07
C ASN C 1008 57.61 17.68 -24.17
N MET C 1009 58.02 17.46 -22.92
CA MET C 1009 57.26 16.68 -21.95
C MET C 1009 56.68 17.61 -20.89
N LEU C 1010 55.39 17.43 -20.60
CA LEU C 1010 54.66 18.30 -19.69
C LEU C 1010 54.41 17.57 -18.38
N CYS C 1011 55.21 17.88 -17.37
CA CYS C 1011 55.02 17.31 -16.04
C CYS C 1011 53.98 18.12 -15.28
N PHE C 1012 53.01 17.42 -14.68
CA PHE C 1012 51.91 18.12 -14.01
C PHE C 1012 51.52 17.47 -12.68
N GLY C 1013 52.38 16.66 -12.08
CA GLY C 1013 52.07 16.08 -10.80
C GLY C 1013 53.08 15.06 -10.30
N ILE C 1014 53.09 14.84 -8.99
CA ILE C 1014 54.04 13.93 -8.35
C ILE C 1014 53.26 12.84 -7.63
N TYR C 1015 53.59 11.58 -7.92
CA TYR C 1015 53.06 10.43 -7.21
C TYR C 1015 54.13 9.99 -6.22
N ARG C 1016 53.90 10.29 -4.94
CA ARG C 1016 54.94 10.22 -3.92
C ARG C 1016 54.61 9.16 -2.89
N LEU C 1017 55.62 8.40 -2.48
CA LEU C 1017 55.44 7.37 -1.47
C LEU C 1017 54.91 7.97 -0.17
N ARG C 1018 53.94 7.28 0.44
CA ARG C 1018 53.31 7.79 1.65
C ARG C 1018 54.31 7.89 2.80
N ASP C 1019 55.11 6.85 3.00
CA ASP C 1019 56.13 6.86 4.05
C ASP C 1019 57.48 7.32 3.53
N ALA C 1020 57.50 8.50 2.92
CA ALA C 1020 58.73 9.10 2.42
C ALA C 1020 59.27 10.21 3.30
N HIS C 1021 58.39 11.00 3.92
CA HIS C 1021 58.86 12.03 4.84
C HIS C 1021 59.34 11.45 6.16
N LEU C 1022 58.91 10.24 6.51
CA LEU C 1022 59.37 9.62 7.74
C LEU C 1022 60.83 9.19 7.62
N SER C 1023 61.59 9.41 8.70
CA SER C 1023 62.99 9.02 8.70
C SER C 1023 63.14 7.51 8.79
N THR C 1024 62.28 6.86 9.56
CA THR C 1024 62.37 5.40 9.71
C THR C 1024 61.95 4.71 8.41
N PRO C 1025 62.59 3.59 8.07
CA PRO C 1025 62.17 2.84 6.88
C PRO C 1025 60.81 2.18 7.07
N SER C 1026 60.13 1.95 5.95
CA SER C 1026 58.82 1.32 5.97
C SER C 1026 58.68 0.44 4.73
N GLN C 1027 57.78 -0.55 4.84
CA GLN C 1027 57.51 -1.47 3.75
C GLN C 1027 56.27 -1.09 2.94
N CYS C 1028 55.61 0.01 3.28
CA CYS C 1028 54.42 0.41 2.56
C CYS C 1028 54.78 0.96 1.18
N THR C 1029 54.09 0.48 0.16
CA THR C 1029 54.32 0.92 -1.22
C THR C 1029 53.21 1.85 -1.71
N LYS C 1030 52.30 2.25 -0.84
CA LYS C 1030 51.22 3.16 -1.25
C LYS C 1030 51.78 4.55 -1.52
N ARG C 1031 51.23 5.21 -2.54
CA ARG C 1031 51.64 6.54 -2.93
C ARG C 1031 50.42 7.44 -3.05
N TYR C 1032 50.62 8.72 -2.75
CA TYR C 1032 49.58 9.73 -2.86
C TYR C 1032 49.95 10.74 -3.94
N VAL C 1033 49.00 11.63 -4.23
CA VAL C 1033 49.04 12.51 -5.39
C VAL C 1033 49.28 13.94 -4.91
N ILE C 1034 50.26 14.60 -5.52
CA ILE C 1034 50.51 16.03 -5.32
C ILE C 1034 50.32 16.69 -6.68
N THR C 1035 49.33 17.58 -6.77
CA THR C 1035 48.94 18.19 -8.03
C THR C 1035 49.60 19.57 -8.16
N ASN C 1036 50.38 19.74 -9.24
CA ASN C 1036 51.05 20.99 -9.59
C ASN C 1036 51.86 21.54 -8.43
N PRO C 1037 52.99 20.92 -8.09
CA PRO C 1037 53.82 21.44 -7.00
C PRO C 1037 54.50 22.73 -7.41
N PRO C 1038 54.90 23.57 -6.44
CA PRO C 1038 55.58 24.82 -6.78
C PRO C 1038 56.96 24.62 -7.38
N TYR C 1039 57.61 25.72 -7.77
CA TYR C 1039 58.93 25.63 -8.41
C TYR C 1039 59.98 25.10 -7.44
N GLU C 1040 59.92 25.53 -6.18
CA GLU C 1040 60.93 25.18 -5.19
C GLU C 1040 60.61 23.87 -4.47
N PHE C 1041 59.66 23.08 -4.97
CA PHE C 1041 59.31 21.82 -4.32
C PHE C 1041 60.45 20.83 -4.48
N GLU C 1042 60.87 20.23 -3.37
CA GLU C 1042 61.99 19.30 -3.37
C GLU C 1042 61.57 17.94 -3.94
N LEU C 1043 62.55 17.19 -4.42
CA LEU C 1043 62.33 15.89 -5.03
C LEU C 1043 63.12 14.82 -4.28
N VAL C 1044 62.53 13.64 -4.19
CA VAL C 1044 63.21 12.47 -3.62
C VAL C 1044 63.34 11.42 -4.71
N PRO C 1045 64.35 10.56 -4.67
CA PRO C 1045 64.52 9.56 -5.75
C PRO C 1045 63.36 8.57 -5.87
N THR C 1046 62.64 8.32 -4.78
CA THR C 1046 61.50 7.38 -4.83
C THR C 1046 60.21 8.15 -5.10
N ASP C 1047 60.15 8.73 -6.29
CA ASP C 1047 59.01 9.50 -6.74
C ASP C 1047 58.65 9.12 -8.17
N LEU C 1048 57.38 9.32 -8.53
CA LEU C 1048 56.93 9.17 -9.90
C LEU C 1048 56.42 10.51 -10.39
N ILE C 1049 56.59 10.78 -11.68
CA ILE C 1049 56.20 12.04 -12.28
C ILE C 1049 55.12 11.75 -13.31
N PHE C 1050 53.97 12.40 -13.15
CA PHE C 1050 52.95 12.41 -14.19
C PHE C 1050 53.43 13.26 -15.36
N CYS C 1051 53.17 12.78 -16.58
CA CYS C 1051 53.65 13.50 -17.75
C CYS C 1051 52.74 13.22 -18.93
N LEU C 1052 52.77 14.15 -19.88
CA LEU C 1052 52.12 14.01 -21.18
C LEU C 1052 53.21 13.86 -22.22
N MET C 1053 53.42 12.63 -22.69
CA MET C 1053 54.51 12.31 -23.59
C MET C 1053 54.03 12.35 -25.04
N GLN C 1054 54.86 12.92 -25.90
CA GLN C 1054 54.56 12.99 -27.32
C GLN C 1054 54.72 11.62 -27.96
N PHE C 1055 54.00 11.43 -29.07
CA PHE C 1055 54.15 10.21 -29.84
C PHE C 1055 55.48 10.21 -30.59
N ASP C 1056 56.17 9.08 -30.56
CA ASP C 1056 57.46 8.92 -31.22
C ASP C 1056 57.41 7.70 -32.13
N SER C 1057 58.01 7.84 -33.31
CA SER C 1057 58.03 6.75 -34.28
C SER C 1057 59.45 6.21 -34.44
N GLN D 19 -32.50 17.09 65.31
CA GLN D 19 -33.92 16.94 65.00
C GLN D 19 -34.11 16.37 63.60
N ARG D 20 -33.00 16.09 62.92
CA ARG D 20 -33.00 15.53 61.58
C ARG D 20 -32.59 14.07 61.63
N MET D 21 -33.37 13.21 60.99
CA MET D 21 -33.19 11.77 61.04
C MET D 21 -32.48 11.20 59.82
N TRP D 22 -31.91 12.06 58.96
CA TRP D 22 -31.30 11.61 57.72
C TRP D 22 -30.16 10.63 57.95
N TRP D 23 -29.45 10.76 59.08
CA TRP D 23 -28.32 9.89 59.34
C TRP D 23 -28.74 8.44 59.48
N ALA D 24 -29.92 8.19 60.08
CA ALA D 24 -30.41 6.83 60.20
C ALA D 24 -30.70 6.23 58.82
N PHE D 25 -31.37 6.99 57.96
CA PHE D 25 -31.69 6.49 56.62
C PHE D 25 -30.43 6.21 55.82
N LEU D 26 -29.44 7.10 55.88
CA LEU D 26 -28.19 6.87 55.16
C LEU D 26 -27.45 5.66 55.74
N ALA D 27 -27.29 5.63 57.06
CA ALA D 27 -26.52 4.57 57.70
C ALA D 27 -27.16 3.20 57.53
N SER D 28 -28.48 3.15 57.36
CA SER D 28 -29.13 1.86 57.12
C SER D 28 -28.61 1.22 55.84
N SER D 29 -28.62 1.96 54.74
CA SER D 29 -28.08 1.45 53.49
C SER D 29 -26.58 1.21 53.59
N MET D 30 -25.87 2.11 54.28
CA MET D 30 -24.42 1.98 54.40
C MET D 30 -24.05 0.68 55.11
N VAL D 31 -24.70 0.36 56.22
CA VAL D 31 -24.41 -0.88 56.92
C VAL D 31 -24.92 -2.07 56.13
N THR D 32 -26.09 -1.95 55.48
CA THR D 32 -26.64 -3.04 54.69
C THR D 32 -25.67 -3.45 53.59
N PHE D 33 -24.92 -2.51 53.04
CA PHE D 33 -23.92 -2.87 52.03
C PHE D 33 -22.62 -3.34 52.68
N PHE D 34 -22.03 -2.50 53.54
CA PHE D 34 -20.69 -2.77 54.06
C PHE D 34 -20.65 -4.00 54.95
N GLY D 35 -21.56 -4.09 55.94
CA GLY D 35 -21.53 -5.20 56.88
C GLY D 35 -21.82 -6.53 56.19
N GLY D 36 -22.75 -6.53 55.23
CA GLY D 36 -23.04 -7.75 54.50
C GLY D 36 -21.85 -8.18 53.64
N LEU D 37 -21.19 -7.23 52.98
CA LEU D 37 -19.97 -7.58 52.23
C LEU D 37 -18.90 -8.12 53.17
N PHE D 38 -18.76 -7.51 54.35
CA PHE D 38 -17.76 -7.95 55.31
C PHE D 38 -18.05 -9.36 55.81
N ILE D 39 -19.32 -9.68 56.09
CA ILE D 39 -19.62 -11.02 56.57
C ILE D 39 -19.49 -12.06 55.46
N ILE D 40 -19.75 -11.66 54.21
CA ILE D 40 -19.49 -12.59 53.10
C ILE D 40 -18.00 -12.89 53.00
N LEU D 41 -17.16 -11.84 53.08
CA LEU D 41 -15.72 -12.07 53.05
C LEU D 41 -15.26 -12.89 54.23
N LEU D 42 -15.84 -12.65 55.41
CA LEU D 42 -15.47 -13.41 56.61
C LEU D 42 -15.86 -14.88 56.46
N TRP D 43 -17.02 -15.15 55.86
CA TRP D 43 -17.42 -16.53 55.61
C TRP D 43 -16.46 -17.20 54.64
N ARG D 44 -16.02 -16.48 53.60
CA ARG D 44 -15.04 -17.05 52.68
C ARG D 44 -13.71 -17.34 53.38
N THR D 45 -13.28 -16.43 54.27
CA THR D 45 -12.04 -16.68 55.01
C THR D 45 -12.18 -17.88 55.95
N LEU D 46 -13.33 -18.04 56.59
CA LEU D 46 -13.54 -19.22 57.44
C LEU D 46 -13.55 -20.50 56.62
N LYS D 47 -14.15 -20.45 55.42
CA LYS D 47 -14.14 -21.63 54.55
C LYS D 47 -12.72 -21.95 54.09
N TYR D 48 -11.92 -20.93 53.80
CA TYR D 48 -10.53 -21.15 53.42
C TYR D 48 -9.73 -21.73 54.58
N LEU D 49 -9.95 -21.23 55.80
CA LEU D 49 -9.21 -21.73 56.96
C LEU D 49 -9.60 -23.16 57.29
N TRP D 50 -10.89 -23.49 57.18
CA TRP D 50 -11.38 -24.82 57.50
C TRP D 50 -10.91 -25.84 56.46
N TRP D 93 -32.10 -29.75 48.90
CA TRP D 93 -32.61 -29.37 47.58
C TRP D 93 -32.23 -27.95 47.23
N MET D 94 -31.07 -27.51 47.73
CA MET D 94 -30.59 -26.16 47.43
C MET D 94 -30.28 -26.00 45.95
N THR D 95 -29.70 -27.03 45.33
CA THR D 95 -29.38 -26.95 43.91
C THR D 95 -30.65 -26.86 43.07
N SER D 96 -31.70 -27.58 43.44
CA SER D 96 -32.93 -27.56 42.66
C SER D 96 -33.59 -26.18 42.69
N VAL D 97 -33.71 -25.58 43.87
CA VAL D 97 -34.31 -24.26 43.97
C VAL D 97 -33.41 -23.21 43.33
N LYS D 98 -32.08 -23.38 43.42
CA LYS D 98 -31.18 -22.45 42.75
C LYS D 98 -31.36 -22.49 41.24
N ASP D 99 -31.45 -23.69 40.66
CA ASP D 99 -31.66 -23.81 39.22
C ASP D 99 -33.04 -23.30 38.82
N TRP D 100 -34.05 -23.50 39.68
CA TRP D 100 -35.38 -22.98 39.39
C TRP D 100 -35.37 -21.45 39.35
N ALA D 101 -34.77 -20.82 40.37
CA ALA D 101 -34.66 -19.36 40.38
C ALA D 101 -33.83 -18.86 39.22
N GLY D 102 -32.83 -19.63 38.79
CA GLY D 102 -32.05 -19.25 37.62
C GLY D 102 -32.77 -19.45 36.30
N VAL D 103 -33.78 -20.33 36.27
CA VAL D 103 -34.47 -20.59 35.01
C VAL D 103 -35.72 -19.72 34.84
N MET D 104 -36.27 -19.15 35.93
CA MET D 104 -37.25 -18.09 35.72
C MET D 104 -36.65 -16.91 34.99
N ILE D 105 -35.51 -16.40 35.47
CA ILE D 105 -34.89 -15.22 34.89
C ILE D 105 -33.90 -15.66 33.82
N SER D 106 -34.18 -15.29 32.57
CA SER D 106 -33.33 -15.61 31.44
C SER D 106 -33.67 -14.68 30.29
N ALA D 107 -32.75 -14.56 29.34
CA ALA D 107 -33.02 -13.78 28.14
C ALA D 107 -33.97 -14.51 27.20
N GLN D 108 -33.98 -15.84 27.24
CA GLN D 108 -34.83 -16.64 26.37
C GLN D 108 -36.16 -16.99 27.02
N THR D 109 -36.20 -17.09 28.34
CA THR D 109 -37.44 -17.44 29.02
C THR D 109 -38.43 -16.29 28.93
N LEU D 110 -39.67 -16.60 28.57
CA LEU D 110 -40.71 -15.58 28.47
C LEU D 110 -41.02 -14.97 29.84
N THR D 111 -40.98 -15.81 30.89
CA THR D 111 -41.21 -15.31 32.24
C THR D 111 -40.16 -14.27 32.63
N GLY D 112 -38.89 -14.53 32.32
CA GLY D 112 -37.85 -13.56 32.60
C GLY D 112 -38.03 -12.27 31.80
N ARG D 113 -38.47 -12.40 30.55
CA ARG D 113 -38.69 -11.22 29.71
C ARG D 113 -39.79 -10.34 30.29
N VAL D 114 -40.94 -10.94 30.62
CA VAL D 114 -42.02 -10.14 31.20
C VAL D 114 -41.63 -9.63 32.58
N LEU D 115 -40.79 -10.36 33.30
CA LEU D 115 -40.34 -9.90 34.61
C LEU D 115 -39.47 -8.65 34.49
N VAL D 116 -38.53 -8.64 33.55
CA VAL D 116 -37.67 -7.46 33.40
C VAL D 116 -38.47 -6.29 32.82
N VAL D 117 -39.43 -6.55 31.94
CA VAL D 117 -40.29 -5.48 31.45
C VAL D 117 -41.09 -4.86 32.59
N LEU D 118 -41.65 -5.72 33.46
CA LEU D 118 -42.45 -5.22 34.58
C LEU D 118 -41.58 -4.44 35.57
N VAL D 119 -40.36 -4.93 35.85
CA VAL D 119 -39.51 -4.21 36.80
C VAL D 119 -39.05 -2.89 36.21
N PHE D 120 -38.85 -2.82 34.89
CA PHE D 120 -38.54 -1.53 34.26
C PHE D 120 -39.72 -0.58 34.34
N ALA D 121 -40.94 -1.08 34.13
CA ALA D 121 -42.12 -0.22 34.25
C ALA D 121 -42.28 0.31 35.66
N LEU D 122 -42.07 -0.55 36.67
CA LEU D 122 -42.13 -0.09 38.05
C LEU D 122 -41.00 0.87 38.37
N SER D 123 -39.84 0.72 37.74
CA SER D 123 -38.76 1.68 37.92
C SER D 123 -39.14 3.05 37.37
N ILE D 124 -39.78 3.07 36.20
CA ILE D 124 -40.27 4.33 35.63
C ILE D 124 -41.31 4.95 36.55
N GLY D 125 -42.21 4.12 37.10
CA GLY D 125 -43.19 4.63 38.03
C GLY D 125 -42.57 5.23 39.28
N ALA D 126 -41.55 4.56 39.83
CA ALA D 126 -40.85 5.10 40.99
C ALA D 126 -40.15 6.40 40.66
N LEU D 127 -39.58 6.50 39.46
CA LEU D 127 -38.94 7.75 39.04
C LEU D 127 -39.97 8.88 38.95
N VAL D 128 -41.15 8.59 38.41
CA VAL D 128 -42.20 9.60 38.34
C VAL D 128 -42.66 10.02 39.74
N ILE D 129 -42.78 9.05 40.65
CA ILE D 129 -43.17 9.36 42.03
C ILE D 129 -42.12 10.23 42.70
N TYR D 130 -40.83 9.95 42.43
CA TYR D 130 -39.76 10.80 42.96
C TYR D 130 -39.84 12.21 42.37
N PHE D 131 -40.15 12.31 41.08
CA PHE D 131 -40.29 13.63 40.45
C PHE D 131 -41.41 14.42 41.10
N ILE D 132 -42.52 13.77 41.40
CA ILE D 132 -43.63 14.45 42.09
C ILE D 132 -43.22 14.84 43.50
N ASP D 133 -42.55 13.94 44.22
CA ASP D 133 -42.19 14.16 45.62
C ASP D 133 -41.06 15.17 45.79
N SER D 134 -40.32 15.48 44.73
CA SER D 134 -39.21 16.43 44.85
C SER D 134 -39.67 17.82 45.27
N SER D 135 -40.92 18.17 44.97
CA SER D 135 -41.43 19.49 45.37
C SER D 135 -41.62 19.59 46.88
N ASN D 136 -41.84 18.46 47.55
CA ASN D 136 -42.01 18.44 48.99
C ASN D 136 -40.67 18.72 49.67
N PRO D 137 -40.69 19.16 50.93
CA PRO D 137 -39.44 19.36 51.67
C PRO D 137 -38.65 18.07 51.83
N ILE D 138 -37.35 18.23 52.08
CA ILE D 138 -36.43 17.09 52.11
C ILE D 138 -36.81 16.14 53.24
N GLU D 139 -37.09 16.69 54.43
CA GLU D 139 -37.49 15.90 55.59
C GLU D 139 -38.90 16.30 56.01
N SER D 140 -39.77 15.32 56.16
CA SER D 140 -41.15 15.57 56.56
C SER D 140 -41.72 14.30 57.18
N CYS D 141 -42.81 14.47 57.92
CA CYS D 141 -43.53 13.38 58.55
C CYS D 141 -44.91 13.26 57.92
N GLN D 142 -45.30 12.04 57.57
CA GLN D 142 -46.58 11.80 56.93
C GLN D 142 -47.08 10.42 57.32
N ASN D 143 -48.37 10.34 57.66
CA ASN D 143 -48.96 9.09 58.10
C ASN D 143 -49.12 8.14 56.92
N PHE D 144 -48.87 6.85 57.18
CA PHE D 144 -49.03 5.83 56.15
C PHE D 144 -50.50 5.69 55.74
N TYR D 145 -51.41 5.69 56.72
CA TYR D 145 -52.82 5.49 56.41
C TYR D 145 -53.39 6.67 55.63
N LYS D 146 -52.99 7.89 55.97
CA LYS D 146 -53.51 9.07 55.27
C LYS D 146 -52.97 9.17 53.85
N ASP D 147 -51.68 8.92 53.68
CA ASP D 147 -51.05 9.05 52.37
C ASP D 147 -51.37 7.85 51.49
N PHE D 148 -51.39 8.09 50.18
CA PHE D 148 -51.63 7.04 49.19
C PHE D 148 -50.44 6.79 48.28
N THR D 149 -49.65 7.82 47.95
CA THR D 149 -48.50 7.63 47.07
C THR D 149 -47.43 6.77 47.74
N LEU D 150 -47.24 6.94 49.05
CA LEU D 150 -46.24 6.14 49.75
C LEU D 150 -46.62 4.66 49.79
N GLN D 151 -47.94 4.36 49.78
CA GLN D 151 -48.38 2.98 49.73
C GLN D 151 -47.95 2.30 48.43
N ILE D 152 -48.20 2.96 47.29
CA ILE D 152 -47.80 2.35 46.02
C ILE D 152 -46.28 2.39 45.86
N ASP D 153 -45.61 3.35 46.51
CA ASP D 153 -44.15 3.35 46.52
C ASP D 153 -43.62 2.11 47.22
N MET D 154 -44.19 1.77 48.38
CA MET D 154 -43.79 0.53 49.04
C MET D 154 -44.21 -0.69 48.26
N ALA D 155 -45.33 -0.60 47.53
CA ALA D 155 -45.76 -1.72 46.68
C ALA D 155 -44.73 -2.00 45.59
N PHE D 156 -44.17 -0.94 45.00
CA PHE D 156 -43.08 -1.14 44.05
C PHE D 156 -41.83 -1.65 44.75
N ASN D 157 -41.55 -1.13 45.95
CA ASN D 157 -40.30 -1.45 46.63
C ASN D 157 -40.25 -2.89 47.10
N VAL D 158 -41.39 -3.45 47.54
CA VAL D 158 -41.40 -4.84 47.96
C VAL D 158 -41.20 -5.77 46.75
N PHE D 159 -41.74 -5.38 45.58
CA PHE D 159 -41.47 -6.14 44.37
C PHE D 159 -39.99 -6.08 44.01
N PHE D 160 -39.38 -4.91 44.16
CA PHE D 160 -37.93 -4.80 43.93
C PHE D 160 -37.15 -5.68 44.89
N LEU D 161 -37.58 -5.73 46.16
CA LEU D 161 -36.90 -6.58 47.14
C LEU D 161 -37.03 -8.06 46.79
N LEU D 162 -38.23 -8.48 46.37
CA LEU D 162 -38.42 -9.88 45.97
C LEU D 162 -37.58 -10.22 44.74
N TYR D 163 -37.52 -9.32 43.77
CA TYR D 163 -36.68 -9.54 42.60
C TYR D 163 -35.20 -9.63 42.98
N PHE D 164 -34.77 -8.76 43.89
CA PHE D 164 -33.38 -8.81 44.36
C PHE D 164 -33.08 -10.13 45.06
N GLY D 165 -34.00 -10.60 45.89
CA GLY D 165 -33.80 -11.89 46.55
C GLY D 165 -33.77 -13.04 45.57
N LEU D 166 -34.62 -12.98 44.55
CA LEU D 166 -34.64 -14.03 43.53
C LEU D 166 -33.33 -14.06 42.75
N ARG D 167 -32.78 -12.89 42.44
CA ARG D 167 -31.45 -12.88 41.81
C ARG D 167 -30.36 -13.34 42.77
N PHE D 168 -30.50 -13.01 44.06
CA PHE D 168 -29.48 -13.40 45.04
C PHE D 168 -29.40 -14.91 45.20
N ILE D 169 -30.55 -15.58 45.31
CA ILE D 169 -30.52 -17.03 45.46
C ILE D 169 -30.03 -17.71 44.19
N ALA D 170 -30.29 -17.10 43.03
CA ALA D 170 -29.79 -17.63 41.76
C ALA D 170 -28.51 -16.92 41.34
N ALA D 171 -27.50 -16.99 42.21
CA ALA D 171 -26.21 -16.35 41.96
C ALA D 171 -25.10 -17.38 42.12
N ASN D 172 -24.27 -17.53 41.08
CA ASN D 172 -23.14 -18.45 41.18
C ASN D 172 -22.06 -17.91 42.10
N ASP D 173 -21.80 -16.61 42.05
CA ASP D 173 -20.82 -15.96 42.92
C ASP D 173 -21.52 -14.79 43.61
N LYS D 174 -21.47 -14.78 44.94
CA LYS D 174 -22.18 -13.75 45.69
C LYS D 174 -21.47 -12.40 45.67
N LEU D 175 -20.14 -12.39 45.55
CA LEU D 175 -19.40 -11.13 45.56
C LEU D 175 -19.66 -10.31 44.31
N TRP D 176 -19.57 -10.95 43.14
CA TRP D 176 -19.77 -10.22 41.88
C TRP D 176 -21.22 -9.76 41.74
N PHE D 177 -22.17 -10.58 42.20
CA PHE D 177 -23.55 -10.13 42.23
C PHE D 177 -23.75 -9.01 43.24
N TRP D 178 -23.00 -9.03 44.34
CA TRP D 178 -23.13 -8.03 45.38
C TRP D 178 -22.46 -6.71 45.01
N LEU D 179 -21.62 -6.71 43.98
CA LEU D 179 -20.93 -5.51 43.52
C LEU D 179 -21.38 -5.09 42.12
N GLU D 180 -22.68 -5.13 41.88
CA GLU D 180 -23.26 -4.60 40.65
C GLU D 180 -24.11 -3.39 40.96
N VAL D 181 -24.38 -2.58 39.93
CA VAL D 181 -25.06 -1.30 40.13
C VAL D 181 -26.50 -1.52 40.57
N ASN D 182 -27.16 -2.55 40.05
CA ASN D 182 -28.55 -2.82 40.41
C ASN D 182 -28.68 -3.17 41.89
N SER D 183 -27.74 -3.96 42.40
CA SER D 183 -27.75 -4.30 43.83
C SER D 183 -27.56 -3.06 44.68
N VAL D 184 -26.66 -2.16 44.26
CA VAL D 184 -26.41 -0.93 45.01
C VAL D 184 -27.65 -0.05 45.02
N VAL D 185 -28.34 0.05 43.87
CA VAL D 185 -29.59 0.81 43.82
C VAL D 185 -30.63 0.21 44.76
N ASP D 186 -30.73 -1.13 44.80
CA ASP D 186 -31.66 -1.77 45.71
C ASP D 186 -31.30 -1.49 47.17
N PHE D 187 -30.01 -1.52 47.49
CA PHE D 187 -29.56 -1.27 48.86
C PHE D 187 -29.87 0.17 49.27
N PHE D 188 -29.73 1.11 48.35
CA PHE D 188 -29.98 2.51 48.66
C PHE D 188 -31.44 2.90 48.47
N THR D 189 -32.29 1.98 48.03
CA THR D 189 -33.71 2.27 47.86
C THR D 189 -34.61 1.58 48.89
N VAL D 190 -34.44 0.28 49.12
CA VAL D 190 -35.42 -0.47 49.91
C VAL D 190 -35.18 -0.36 51.43
N PRO D 191 -33.96 -0.48 51.94
CA PRO D 191 -33.76 -0.25 53.39
C PRO D 191 -34.21 1.13 53.85
N PRO D 192 -33.96 2.22 53.09
CA PRO D 192 -34.50 3.50 53.56
C PRO D 192 -36.02 3.58 53.57
N VAL D 193 -36.73 2.90 52.66
CA VAL D 193 -38.18 2.97 52.73
C VAL D 193 -38.70 2.12 53.88
N PHE D 194 -38.00 1.02 54.21
CA PHE D 194 -38.35 0.30 55.44
C PHE D 194 -38.14 1.18 56.68
N VAL D 195 -37.03 1.93 56.71
CA VAL D 195 -36.78 2.83 57.84
C VAL D 195 -37.86 3.90 57.90
N SER D 196 -38.28 4.42 56.74
CA SER D 196 -39.32 5.44 56.71
C SER D 196 -40.65 4.92 57.23
N VAL D 197 -41.04 3.70 56.83
CA VAL D 197 -42.31 3.17 57.29
C VAL D 197 -42.22 2.76 58.76
N TYR D 198 -41.03 2.41 59.25
CA TYR D 198 -40.88 2.10 60.67
C TYR D 198 -40.96 3.35 61.53
N LEU D 199 -40.27 4.41 61.11
CA LEU D 199 -40.17 5.63 61.90
C LEU D 199 -41.27 6.63 61.61
N ASN D 200 -42.09 6.36 60.59
CA ASN D 200 -43.20 7.26 60.18
C ASN D 200 -42.68 8.66 59.85
N ARG D 201 -41.54 8.72 59.17
CA ARG D 201 -40.96 9.98 58.72
C ARG D 201 -40.30 9.75 57.36
N SER D 202 -40.43 10.73 56.47
CA SER D 202 -40.00 10.60 55.09
C SER D 202 -38.78 11.46 54.82
N TRP D 203 -37.83 10.90 54.08
CA TRP D 203 -36.64 11.61 53.63
C TRP D 203 -36.45 11.31 52.14
N LEU D 204 -36.07 12.35 51.38
CA LEU D 204 -35.95 12.20 49.93
C LEU D 204 -34.85 11.21 49.57
N GLY D 205 -33.66 11.41 50.12
CA GLY D 205 -32.58 10.45 49.97
C GLY D 205 -32.10 10.27 48.54
N LEU D 206 -31.71 9.04 48.23
CA LEU D 206 -31.14 8.69 46.93
C LEU D 206 -32.13 7.94 46.06
N ARG D 207 -33.41 8.34 46.09
CA ARG D 207 -34.43 7.69 45.28
C ARG D 207 -34.27 7.93 43.79
N PHE D 208 -33.40 8.87 43.39
CA PHE D 208 -33.18 9.14 41.98
C PHE D 208 -32.35 8.07 41.30
N LEU D 209 -31.62 7.25 42.07
CA LEU D 209 -30.75 6.22 41.50
C LEU D 209 -31.52 5.21 40.67
N ARG D 210 -32.83 5.07 40.90
CA ARG D 210 -33.67 4.19 40.11
C ARG D 210 -33.60 4.53 38.63
N ALA D 211 -33.29 5.79 38.29
CA ALA D 211 -33.16 6.20 36.89
C ALA D 211 -32.08 5.41 36.16
N LEU D 212 -31.12 4.83 36.88
CA LEU D 212 -30.11 4.01 36.21
C LEU D 212 -30.72 2.80 35.50
N ARG D 213 -31.94 2.40 35.87
CA ARG D 213 -32.62 1.33 35.16
C ARG D 213 -32.82 1.65 33.69
N LEU D 214 -32.81 2.94 33.33
CA LEU D 214 -32.92 3.33 31.92
C LEU D 214 -31.79 2.76 31.07
N ILE D 215 -30.66 2.38 31.69
CA ILE D 215 -29.57 1.77 30.93
C ILE D 215 -30.03 0.47 30.29
N GLN D 216 -30.99 -0.23 30.90
CA GLN D 216 -31.50 -1.47 30.33
C GLN D 216 -32.53 -1.24 29.22
N PHE D 217 -32.91 0.02 28.97
CA PHE D 217 -34.03 0.33 28.07
C PHE D 217 -33.86 -0.30 26.70
N SER D 218 -32.65 -0.19 26.12
CA SER D 218 -32.40 -0.71 24.79
C SER D 218 -32.72 -2.19 24.70
N GLU D 219 -32.42 -2.94 25.77
CA GLU D 219 -32.69 -4.38 25.76
C GLU D 219 -34.18 -4.65 25.56
N ILE D 220 -35.05 -3.85 26.19
CA ILE D 220 -36.48 -4.03 26.00
C ILE D 220 -36.85 -3.73 24.55
N LEU D 221 -36.20 -2.74 23.95
CA LEU D 221 -36.45 -2.45 22.54
C LEU D 221 -35.99 -3.59 21.64
N GLN D 222 -35.12 -4.47 22.13
CA GLN D 222 -34.78 -5.69 21.42
C GLN D 222 -35.75 -6.82 21.72
N PHE D 223 -36.42 -6.79 22.88
CA PHE D 223 -37.36 -7.84 23.22
C PHE D 223 -38.66 -7.72 22.42
N LEU D 224 -39.13 -6.50 22.20
CA LEU D 224 -40.37 -6.26 21.47
C LEU D 224 -40.16 -6.10 19.97
N ASN D 225 -39.00 -6.53 19.47
CA ASN D 225 -38.66 -6.50 18.04
C ASN D 225 -38.67 -5.08 17.47
N ILE D 226 -38.54 -4.06 18.32
CA ILE D 226 -38.50 -2.68 17.83
C ILE D 226 -37.19 -2.40 17.11
N LEU D 227 -36.08 -2.86 17.68
CA LEU D 227 -34.75 -2.62 17.12
C LEU D 227 -34.22 -3.90 16.49
N LYS D 228 -33.69 -3.77 15.27
CA LYS D 228 -33.07 -4.89 14.56
C LYS D 228 -31.61 -4.64 14.27
N THR D 229 -31.26 -3.46 13.76
CA THR D 229 -29.88 -3.16 13.42
C THR D 229 -29.06 -2.92 14.70
N SER D 230 -27.83 -3.44 14.70
CA SER D 230 -26.96 -3.26 15.86
C SER D 230 -26.56 -1.81 16.07
N ASN D 231 -26.42 -1.04 14.98
CA ASN D 231 -26.08 0.37 15.10
C ASN D 231 -27.15 1.13 15.87
N SER D 232 -28.42 0.87 15.55
CA SER D 232 -29.51 1.51 16.28
C SER D 232 -29.52 1.07 17.74
N ILE D 233 -29.22 -0.20 18.00
CA ILE D 233 -29.19 -0.71 19.37
C ILE D 233 -28.13 0.02 20.18
N LYS D 234 -26.93 0.16 19.63
CA LYS D 234 -25.86 0.81 20.38
C LYS D 234 -26.08 2.31 20.47
N LEU D 235 -26.74 2.93 19.49
CA LEU D 235 -27.11 4.34 19.61
C LEU D 235 -28.11 4.55 20.74
N VAL D 236 -29.11 3.67 20.84
CA VAL D 236 -30.10 3.78 21.91
C VAL D 236 -29.43 3.53 23.26
N ASN D 237 -28.47 2.60 23.31
CA ASN D 237 -27.72 2.36 24.54
C ASN D 237 -26.93 3.59 24.96
N LEU D 238 -26.29 4.26 24.00
CA LEU D 238 -25.52 5.46 24.29
C LEU D 238 -26.43 6.57 24.82
N LEU D 239 -27.57 6.78 24.16
CA LEU D 239 -28.50 7.81 24.62
C LEU D 239 -29.06 7.49 26.01
N SER D 240 -29.35 6.21 26.27
CA SER D 240 -29.85 5.82 27.57
C SER D 240 -28.82 6.06 28.66
N ILE D 241 -27.55 5.72 28.40
CA ILE D 241 -26.49 5.97 29.37
C ILE D 241 -26.36 7.45 29.65
N PHE D 242 -26.37 8.27 28.59
CA PHE D 242 -26.22 9.72 28.77
C PHE D 242 -27.39 10.29 29.58
N ILE D 243 -28.61 9.89 29.26
CA ILE D 243 -29.78 10.42 29.95
C ILE D 243 -29.80 9.97 31.41
N SER D 244 -29.47 8.71 31.68
CA SER D 244 -29.45 8.22 33.05
C SER D 244 -28.39 8.94 33.88
N THR D 245 -27.19 9.15 33.32
CA THR D 245 -26.16 9.89 34.03
C THR D 245 -26.59 11.32 34.30
N TRP D 246 -27.20 11.97 33.30
CA TRP D 246 -27.68 13.34 33.45
C TRP D 246 -28.69 13.44 34.58
N LEU D 247 -29.69 12.56 34.58
CA LEU D 247 -30.76 12.62 35.59
C LEU D 247 -30.21 12.30 36.98
N THR D 248 -29.33 11.30 37.09
CA THR D 248 -28.78 10.94 38.39
C THR D 248 -27.94 12.07 38.97
N ALA D 249 -27.09 12.69 38.12
CA ALA D 249 -26.29 13.81 38.60
C ALA D 249 -27.16 14.98 39.00
N ALA D 250 -28.21 15.27 38.22
CA ALA D 250 -29.10 16.36 38.56
C ALA D 250 -29.81 16.12 39.90
N GLY D 251 -30.29 14.89 40.12
CA GLY D 251 -30.93 14.59 41.39
C GLY D 251 -29.98 14.66 42.56
N PHE D 252 -28.74 14.23 42.36
CA PHE D 252 -27.75 14.26 43.44
C PHE D 252 -27.39 15.70 43.80
N ILE D 253 -27.24 16.56 42.79
CA ILE D 253 -27.01 17.99 43.05
C ILE D 253 -28.21 18.60 43.75
N HIS D 254 -29.42 18.22 43.34
CA HIS D 254 -30.62 18.71 44.01
C HIS D 254 -30.61 18.36 45.49
N LEU D 255 -30.27 17.10 45.80
CA LEU D 255 -30.24 16.67 47.20
C LEU D 255 -29.20 17.45 47.99
N VAL D 256 -27.98 17.55 47.46
CA VAL D 256 -26.92 18.19 48.25
C VAL D 256 -27.18 19.69 48.40
N GLU D 257 -27.78 20.33 47.40
CA GLU D 257 -28.06 21.76 47.51
C GLU D 257 -29.23 22.05 48.43
N ASN D 258 -30.31 21.26 48.35
CA ASN D 258 -31.47 21.54 49.19
C ASN D 258 -31.24 21.11 50.62
N SER D 259 -30.41 20.10 50.86
CA SER D 259 -30.17 19.65 52.22
C SER D 259 -29.33 20.64 53.01
N GLY D 260 -28.25 21.13 52.41
CA GLY D 260 -27.34 22.02 53.10
C GLY D 260 -26.18 21.27 53.75
N ASP D 261 -25.17 22.05 54.15
CA ASP D 261 -23.98 21.46 54.75
C ASP D 261 -24.25 21.06 56.20
N PRO D 262 -23.94 19.81 56.57
CA PRO D 262 -24.20 19.38 57.96
C PRO D 262 -23.44 20.18 59.01
N TRP D 263 -22.20 20.57 58.71
CA TRP D 263 -21.37 21.27 59.70
C TRP D 263 -21.76 22.75 59.85
N GLU D 264 -22.58 23.28 58.96
CA GLU D 264 -23.10 24.63 59.09
C GLU D 264 -24.50 24.65 59.68
N ASN D 265 -24.95 23.53 60.26
CA ASN D 265 -26.28 23.38 60.84
C ASN D 265 -27.38 23.66 59.82
N PHE D 266 -27.12 23.29 58.56
CA PHE D 266 -28.10 23.35 57.47
C PHE D 266 -28.67 24.75 57.30
N GLN D 267 -27.81 25.77 57.43
CA GLN D 267 -28.22 27.15 57.28
C GLN D 267 -27.82 27.76 55.94
N ASN D 268 -27.01 27.07 55.15
CA ASN D 268 -26.59 27.54 53.84
C ASN D 268 -27.33 26.85 52.70
N ASN D 269 -28.50 26.29 52.98
CA ASN D 269 -29.29 25.62 51.95
C ASN D 269 -29.80 26.63 50.93
N GLN D 270 -29.90 26.18 49.68
CA GLN D 270 -30.36 27.01 48.58
C GLN D 270 -31.62 26.40 48.00
N ALA D 271 -32.69 27.20 47.92
CA ALA D 271 -33.94 26.74 47.33
C ALA D 271 -33.75 26.55 45.83
N LEU D 272 -33.72 25.29 45.40
CA LEU D 272 -33.37 24.97 44.01
C LEU D 272 -34.15 23.74 43.60
N THR D 273 -35.04 23.90 42.64
CA THR D 273 -35.89 22.80 42.20
C THR D 273 -35.09 21.78 41.39
N TYR D 274 -35.68 20.59 41.22
CA TYR D 274 -35.00 19.52 40.50
C TYR D 274 -34.76 19.88 39.04
N TRP D 275 -35.75 20.49 38.38
CA TRP D 275 -35.60 20.83 36.97
C TRP D 275 -34.59 21.95 36.78
N GLU D 276 -34.47 22.86 37.76
CA GLU D 276 -33.39 23.84 37.72
C GLU D 276 -32.02 23.17 37.81
N CYS D 277 -31.90 22.10 38.60
CA CYS D 277 -30.66 21.34 38.63
C CYS D 277 -30.41 20.62 37.32
N VAL D 278 -31.46 20.11 36.68
CA VAL D 278 -31.31 19.50 35.35
C VAL D 278 -30.77 20.53 34.37
N TYR D 279 -31.34 21.74 34.40
CA TYR D 279 -30.85 22.83 33.56
C TYR D 279 -29.40 23.17 33.88
N LEU D 280 -29.04 23.19 35.16
CA LEU D 280 -27.67 23.50 35.56
C LEU D 280 -26.68 22.47 35.04
N LEU D 281 -27.02 21.18 35.16
CA LEU D 281 -26.13 20.13 34.65
C LEU D 281 -26.00 20.19 33.13
N MET D 282 -27.10 20.52 32.43
CA MET D 282 -26.99 20.64 30.97
C MET D 282 -26.14 21.84 30.58
N VAL D 283 -26.26 22.96 31.30
CA VAL D 283 -25.43 24.13 31.00
C VAL D 283 -23.96 23.82 31.30
N THR D 284 -23.70 23.08 32.37
CA THR D 284 -22.33 22.73 32.73
C THR D 284 -21.70 21.78 31.71
N MET D 285 -22.44 20.74 31.31
CA MET D 285 -21.86 19.71 30.45
C MET D 285 -21.52 20.25 29.06
N SER D 286 -22.21 21.30 28.62
CA SER D 286 -21.92 21.93 27.34
C SER D 286 -20.81 22.98 27.43
N THR D 287 -20.23 23.18 28.62
CA THR D 287 -19.19 24.19 28.86
C THR D 287 -19.66 25.58 28.44
N VAL D 288 -20.91 25.92 28.78
CA VAL D 288 -21.43 27.26 28.54
C VAL D 288 -21.28 28.07 29.82
N GLY D 289 -21.92 27.61 30.89
CA GLY D 289 -21.75 28.22 32.20
C GLY D 289 -22.26 29.65 32.29
N TYR D 290 -23.58 29.84 32.23
CA TYR D 290 -24.14 31.17 32.39
C TYR D 290 -23.80 31.76 33.76
N GLY D 291 -23.92 30.95 34.81
CA GLY D 291 -23.74 31.43 36.15
C GLY D 291 -25.00 31.99 36.79
N ASP D 292 -26.15 31.92 36.10
CA ASP D 292 -27.40 32.34 36.70
C ASP D 292 -27.80 31.40 37.84
N VAL D 293 -27.54 30.11 37.69
CA VAL D 293 -27.74 29.13 38.75
C VAL D 293 -26.43 28.36 38.94
N TYR D 294 -26.07 28.11 40.19
CA TYR D 294 -24.83 27.40 40.49
C TYR D 294 -24.93 26.83 41.90
N ALA D 295 -23.97 25.97 42.23
CA ALA D 295 -23.92 25.35 43.54
C ALA D 295 -23.20 26.27 44.52
N LYS D 296 -23.85 26.54 45.65
CA LYS D 296 -23.29 27.43 46.67
C LYS D 296 -22.67 26.71 47.84
N THR D 297 -23.10 25.48 48.13
CA THR D 297 -22.56 24.74 49.26
C THR D 297 -21.20 24.14 48.93
N THR D 298 -20.46 23.78 49.98
CA THR D 298 -19.15 23.15 49.80
C THR D 298 -19.29 21.79 49.14
N LEU D 299 -20.23 20.96 49.62
CA LEU D 299 -20.45 19.66 49.01
C LEU D 299 -20.90 19.80 47.57
N GLY D 300 -21.78 20.76 47.28
CA GLY D 300 -22.23 20.95 45.92
C GLY D 300 -21.11 21.31 44.98
N ARG D 301 -20.21 22.21 45.40
CA ARG D 301 -19.07 22.59 44.56
C ARG D 301 -18.10 21.42 44.37
N LEU D 302 -17.85 20.66 45.44
CA LEU D 302 -16.98 19.50 45.32
C LEU D 302 -17.55 18.48 44.33
N PHE D 303 -18.85 18.20 44.45
CA PHE D 303 -19.47 17.25 43.53
C PHE D 303 -19.53 17.79 42.11
N MET D 304 -19.69 19.10 41.94
CA MET D 304 -19.63 19.67 40.59
C MET D 304 -18.25 19.50 39.98
N VAL D 305 -17.19 19.68 40.78
CA VAL D 305 -15.83 19.47 40.28
C VAL D 305 -15.65 18.01 39.84
N PHE D 306 -16.10 17.08 40.69
CA PHE D 306 -15.97 15.66 40.34
C PHE D 306 -16.81 15.32 39.11
N PHE D 307 -18.00 15.90 38.97
CA PHE D 307 -18.82 15.63 37.80
C PHE D 307 -18.19 16.19 36.54
N ILE D 308 -17.56 17.37 36.61
CA ILE D 308 -16.87 17.91 35.45
C ILE D 308 -15.73 16.99 35.03
N LEU D 309 -14.93 16.54 35.99
CA LEU D 309 -13.82 15.64 35.67
C LEU D 309 -14.32 14.33 35.08
N GLY D 310 -15.35 13.73 35.69
CA GLY D 310 -15.87 12.48 35.21
C GLY D 310 -16.52 12.59 33.85
N GLY D 311 -17.24 13.69 33.61
CA GLY D 311 -17.85 13.90 32.30
C GLY D 311 -16.83 14.10 31.20
N LEU D 312 -15.76 14.86 31.50
CA LEU D 312 -14.70 15.02 30.51
C LEU D 312 -14.04 13.67 30.20
N ALA D 313 -13.76 12.88 31.24
CA ALA D 313 -13.15 11.58 31.00
C ALA D 313 -14.07 10.65 30.21
N MET D 314 -15.36 10.64 30.54
CA MET D 314 -16.31 9.79 29.84
C MET D 314 -16.45 10.21 28.39
N PHE D 315 -16.52 11.52 28.13
CA PHE D 315 -16.64 11.98 26.74
C PHE D 315 -15.39 11.64 25.94
N ALA D 316 -14.21 11.81 26.54
CA ALA D 316 -12.98 11.45 25.86
C ALA D 316 -12.92 9.95 25.57
N SER D 317 -13.46 9.14 26.47
CA SER D 317 -13.47 7.70 26.24
C SER D 317 -14.50 7.30 25.18
N TYR D 318 -15.63 8.01 25.12
CA TYR D 318 -16.73 7.63 24.24
C TYR D 318 -16.69 8.30 22.87
N VAL D 319 -15.72 9.18 22.61
CA VAL D 319 -15.57 9.74 21.27
C VAL D 319 -15.46 8.67 20.18
N PRO D 320 -14.63 7.61 20.32
CA PRO D 320 -14.53 6.63 19.21
C PRO D 320 -15.84 5.97 18.85
N GLU D 321 -16.71 5.68 19.83
CA GLU D 321 -18.01 5.11 19.51
C GLU D 321 -18.89 6.11 18.76
N ILE D 322 -18.77 7.40 19.09
CA ILE D 322 -19.49 8.42 18.34
C ILE D 322 -19.00 8.45 16.90
N ILE D 323 -17.69 8.32 16.70
CA ILE D 323 -17.13 8.28 15.35
C ILE D 323 -17.66 7.07 14.59
N GLU D 324 -17.72 5.92 15.25
CA GLU D 324 -18.25 4.71 14.60
C GLU D 324 -19.72 4.89 14.23
N LEU D 325 -20.50 5.53 15.11
CA LEU D 325 -21.89 5.84 14.78
C LEU D 325 -21.99 6.75 13.57
N ILE D 326 -21.11 7.76 13.48
CA ILE D 326 -21.08 8.61 12.30
C ILE D 326 -20.66 7.80 11.08
N GLY D 327 -19.60 7.00 11.22
CA GLY D 327 -19.21 6.07 10.18
C GLY D 327 -18.58 6.74 8.97
N ASN D 328 -18.29 5.91 7.97
CA ASN D 328 -17.72 6.37 6.71
C ASN D 328 -18.84 6.44 5.68
N ARG D 329 -19.23 7.66 5.32
CA ARG D 329 -20.30 7.84 4.35
CA ARG D 329 -20.30 7.86 4.34
C ARG D 329 -19.85 7.42 2.96
N LYS D 330 -20.71 6.69 2.26
CA LYS D 330 -20.44 6.28 0.88
C LYS D 330 -20.69 7.47 -0.03
N LYS D 331 -19.63 7.96 -0.66
CA LYS D 331 -19.73 9.21 -1.42
C LYS D 331 -20.53 9.03 -2.71
N TYR D 332 -20.34 7.92 -3.41
CA TYR D 332 -20.95 7.71 -4.70
C TYR D 332 -22.03 6.64 -4.71
N GLY D 333 -22.48 6.19 -3.53
CA GLY D 333 -23.63 5.33 -3.48
C GLY D 333 -24.92 6.08 -3.74
N GLY D 334 -25.92 5.36 -4.23
CA GLY D 334 -27.22 5.94 -4.51
C GLY D 334 -27.71 5.52 -5.87
N SER D 335 -28.70 6.26 -6.38
CA SER D 335 -29.31 5.97 -7.67
C SER D 335 -29.50 7.26 -8.44
N TYR D 336 -29.56 7.13 -9.76
CA TYR D 336 -29.78 8.27 -10.64
C TYR D 336 -31.25 8.69 -10.60
N SER D 337 -31.49 9.99 -10.50
CA SER D 337 -32.84 10.54 -10.46
C SER D 337 -33.21 11.01 -11.87
N ALA D 338 -34.12 10.29 -12.51
CA ALA D 338 -34.53 10.62 -13.87
C ALA D 338 -35.31 11.93 -13.90
N VAL D 339 -35.12 12.69 -14.97
CA VAL D 339 -35.81 13.97 -15.17
C VAL D 339 -36.58 13.88 -16.48
N SER D 340 -37.85 14.24 -16.44
CA SER D 340 -38.69 14.20 -17.63
C SER D 340 -38.18 15.20 -18.67
N GLY D 341 -38.15 14.76 -19.92
CA GLY D 341 -37.63 15.59 -20.99
C GLY D 341 -36.13 15.78 -20.94
N ARG D 342 -35.41 14.87 -20.30
CA ARG D 342 -33.95 14.99 -20.15
C ARG D 342 -33.36 13.60 -20.37
N LYS D 343 -32.86 13.35 -21.58
CA LYS D 343 -32.27 12.06 -21.88
C LYS D 343 -30.93 11.88 -21.17
N HIS D 344 -30.59 10.63 -20.89
CA HIS D 344 -29.31 10.32 -20.27
C HIS D 344 -28.71 9.09 -20.93
N ILE D 345 -27.38 9.06 -20.98
CA ILE D 345 -26.64 7.91 -21.47
C ILE D 345 -25.73 7.42 -20.34
N VAL D 346 -25.42 6.13 -20.39
CA VAL D 346 -24.63 5.47 -19.37
C VAL D 346 -23.31 5.01 -19.99
N VAL D 347 -22.20 5.37 -19.34
CA VAL D 347 -20.86 5.03 -19.81
C VAL D 347 -20.21 4.13 -18.78
N CYS D 348 -19.71 2.99 -19.24
CA CYS D 348 -19.09 1.99 -18.37
C CYS D 348 -17.87 1.41 -19.07
N GLY D 349 -17.23 0.46 -18.40
CA GLY D 349 -16.05 -0.18 -18.96
C GLY D 349 -14.77 0.25 -18.27
N HIS D 350 -13.83 0.80 -19.05
CA HIS D 350 -12.55 1.27 -18.52
C HIS D 350 -12.70 2.74 -18.18
N ILE D 351 -12.98 3.03 -16.92
CA ILE D 351 -13.24 4.39 -16.45
C ILE D 351 -11.98 4.83 -15.70
N THR D 352 -11.09 5.50 -16.44
CA THR D 352 -9.88 6.09 -15.87
C THR D 352 -9.79 7.55 -16.30
N LEU D 353 -8.70 8.21 -15.88
CA LEU D 353 -8.58 9.65 -16.09
C LEU D 353 -8.49 10.00 -17.58
N GLU D 354 -7.59 9.34 -18.30
CA GLU D 354 -7.38 9.69 -19.71
C GLU D 354 -8.60 9.36 -20.56
N SER D 355 -9.22 8.20 -20.33
CA SER D 355 -10.37 7.80 -21.13
C SER D 355 -11.55 8.73 -20.89
N VAL D 356 -11.82 9.05 -19.62
CA VAL D 356 -12.93 9.96 -19.30
C VAL D 356 -12.66 11.35 -19.84
N SER D 357 -11.41 11.83 -19.72
CA SER D 357 -11.07 13.15 -20.23
C SER D 357 -11.25 13.22 -21.74
N ASN D 358 -10.77 12.21 -22.47
CA ASN D 358 -10.94 12.20 -23.91
C ASN D 358 -12.40 12.10 -24.31
N PHE D 359 -13.18 11.26 -23.61
CA PHE D 359 -14.58 11.11 -23.95
C PHE D 359 -15.36 12.39 -23.69
N LEU D 360 -15.07 13.08 -22.59
CA LEU D 360 -15.75 14.34 -22.30
C LEU D 360 -15.31 15.45 -23.26
N LYS D 361 -14.04 15.44 -23.67
CA LYS D 361 -13.58 16.42 -24.65
C LYS D 361 -14.27 16.20 -26.00
N ALA D 362 -14.44 14.95 -26.40
CA ALA D 362 -15.09 14.66 -27.67
C ALA D 362 -16.59 14.90 -27.61
N PHE D 363 -17.23 14.57 -26.49
CA PHE D 363 -18.68 14.63 -26.37
C PHE D 363 -19.16 16.01 -25.95
N LEU D 364 -18.71 16.49 -24.80
CA LEU D 364 -19.08 17.81 -24.28
C LEU D 364 -18.18 18.84 -24.94
N HIS D 365 -18.64 19.40 -26.06
CA HIS D 365 -17.88 20.37 -26.82
C HIS D 365 -18.67 21.67 -26.91
N LYS D 366 -17.94 22.79 -26.95
CA LYS D 366 -18.60 24.10 -26.98
C LYS D 366 -19.38 24.30 -28.27
N ALA D 367 -18.82 23.88 -29.40
CA ALA D 367 -19.47 24.02 -30.70
C ALA D 367 -20.66 23.10 -30.87
N ARG D 368 -20.84 22.12 -29.98
CA ARG D 368 -21.98 21.21 -30.07
C ARG D 368 -23.29 21.98 -29.90
N ASP D 369 -24.29 21.60 -30.70
CA ASP D 369 -25.58 22.23 -30.65
C ASP D 369 -26.28 21.86 -29.34
N ASP D 370 -27.38 22.55 -29.05
CA ASP D 370 -28.10 22.35 -27.79
C ASP D 370 -28.64 20.92 -27.68
N VAL D 371 -28.04 20.11 -26.81
CA VAL D 371 -28.41 18.72 -26.65
C VAL D 371 -28.64 18.44 -25.17
N ASN D 372 -29.78 17.81 -24.86
CA ASN D 372 -30.14 17.51 -23.47
C ASN D 372 -29.83 16.06 -23.12
N VAL D 373 -28.55 15.74 -23.11
CA VAL D 373 -28.08 14.40 -22.74
C VAL D 373 -27.18 14.52 -21.52
N GLU D 374 -27.51 13.76 -20.48
CA GLU D 374 -26.72 13.72 -19.25
C GLU D 374 -25.91 12.42 -19.22
N ILE D 375 -24.63 12.54 -18.91
CA ILE D 375 -23.72 11.40 -18.90
C ILE D 375 -23.65 10.84 -17.48
N VAL D 376 -23.83 9.53 -17.36
CA VAL D 376 -23.79 8.85 -16.07
C VAL D 376 -22.72 7.75 -16.18
N PHE D 377 -21.66 7.89 -15.40
CA PHE D 377 -20.59 6.89 -15.39
C PHE D 377 -20.87 5.83 -14.33
N LEU D 378 -20.60 4.58 -14.69
CA LEU D 378 -20.80 3.45 -13.79
C LEU D 378 -19.52 2.63 -13.76
N HIS D 379 -18.88 2.58 -12.60
CA HIS D 379 -17.65 1.81 -12.44
C HIS D 379 -17.49 1.41 -10.98
N ASN D 380 -16.89 0.24 -10.76
CA ASN D 380 -16.77 -0.32 -9.43
C ASN D 380 -15.51 0.14 -8.69
N ILE D 381 -14.62 0.88 -9.35
CA ILE D 381 -13.39 1.35 -8.74
C ILE D 381 -13.58 2.79 -8.29
N SER D 382 -13.23 3.07 -7.04
CA SER D 382 -13.38 4.42 -6.50
C SER D 382 -12.41 5.36 -7.20
N PRO D 383 -12.86 6.53 -7.63
CA PRO D 383 -11.97 7.45 -8.36
C PRO D 383 -10.93 8.08 -7.45
N ASN D 384 -9.83 8.52 -8.08
CA ASN D 384 -8.79 9.25 -7.38
C ASN D 384 -9.08 10.75 -7.41
N LEU D 385 -8.20 11.54 -6.79
CA LEU D 385 -8.51 12.95 -6.54
C LEU D 385 -8.62 13.75 -7.84
N GLU D 386 -7.71 13.52 -8.79
CA GLU D 386 -7.75 14.27 -10.04
C GLU D 386 -9.01 13.98 -10.84
N LEU D 387 -9.42 12.72 -10.88
CA LEU D 387 -10.62 12.37 -11.64
C LEU D 387 -11.89 12.86 -10.92
N GLU D 388 -11.87 12.88 -9.59
CA GLU D 388 -12.96 13.49 -8.84
C GLU D 388 -13.06 14.98 -9.14
N ALA D 389 -11.92 15.68 -9.23
CA ALA D 389 -11.93 17.08 -9.63
C ALA D 389 -12.46 17.24 -11.04
N LEU D 390 -12.12 16.30 -11.93
CA LEU D 390 -12.64 16.34 -13.29
C LEU D 390 -14.16 16.22 -13.30
N PHE D 391 -14.71 15.33 -12.46
CA PHE D 391 -16.17 15.27 -12.34
C PHE D 391 -16.75 16.55 -11.77
N LYS D 392 -16.09 17.14 -10.76
CA LYS D 392 -16.60 18.37 -10.15
C LYS D 392 -16.58 19.53 -11.15
N ARG D 393 -15.67 19.50 -12.12
CA ARG D 393 -15.67 20.52 -13.16
C ARG D 393 -16.95 20.47 -14.00
N HIS D 394 -17.49 19.28 -14.21
CA HIS D 394 -18.70 19.10 -15.03
C HIS D 394 -19.83 18.50 -14.22
N PHE D 395 -20.06 19.02 -13.01
CA PHE D 395 -21.08 18.47 -12.14
C PHE D 395 -22.49 18.77 -12.62
N THR D 396 -22.67 19.75 -13.50
CA THR D 396 -23.99 20.08 -14.01
C THR D 396 -24.44 19.17 -15.14
N GLN D 397 -23.55 18.37 -15.71
CA GLN D 397 -23.89 17.50 -16.82
C GLN D 397 -23.43 16.06 -16.65
N VAL D 398 -22.50 15.77 -15.74
CA VAL D 398 -21.90 14.45 -15.61
C VAL D 398 -22.07 13.98 -14.17
N GLU D 399 -22.56 12.76 -13.99
CA GLU D 399 -22.69 12.14 -12.69
C GLU D 399 -21.92 10.81 -12.68
N PHE D 400 -21.54 10.37 -11.49
CA PHE D 400 -20.81 9.13 -11.30
C PHE D 400 -21.45 8.30 -10.21
N TYR D 401 -21.55 7.00 -10.43
CA TYR D 401 -22.08 6.09 -9.43
C TYR D 401 -21.22 4.84 -9.37
N GLN D 402 -20.98 4.36 -8.15
CA GLN D 402 -20.14 3.19 -7.93
C GLN D 402 -21.01 1.94 -8.02
N GLY D 403 -20.63 1.03 -8.90
CA GLY D 403 -21.39 -0.19 -9.09
C GLY D 403 -20.78 -1.03 -10.20
N SER D 404 -21.41 -2.16 -10.46
CA SER D 404 -20.93 -3.11 -11.46
C SER D 404 -22.00 -3.35 -12.51
N VAL D 405 -21.58 -3.41 -13.77
CA VAL D 405 -22.50 -3.69 -14.86
C VAL D 405 -23.06 -5.10 -14.74
N LEU D 406 -22.23 -6.04 -14.28
CA LEU D 406 -22.65 -7.43 -14.15
C LEU D 406 -23.70 -7.63 -13.05
N ASN D 407 -23.88 -6.65 -12.16
CA ASN D 407 -24.88 -6.74 -11.12
C ASN D 407 -26.16 -6.08 -11.60
N PRO D 408 -27.27 -6.80 -11.70
CA PRO D 408 -28.52 -6.17 -12.18
C PRO D 408 -29.03 -5.04 -11.30
N HIS D 409 -28.75 -5.10 -9.99
CA HIS D 409 -29.20 -4.03 -9.09
C HIS D 409 -28.54 -2.70 -9.44
N ASP D 410 -27.25 -2.72 -9.76
CA ASP D 410 -26.57 -1.50 -10.14
C ASP D 410 -27.09 -0.96 -11.47
N LEU D 411 -27.47 -1.87 -12.38
CA LEU D 411 -28.13 -1.43 -13.61
C LEU D 411 -29.47 -0.80 -13.32
N ALA D 412 -30.19 -1.31 -12.32
CA ALA D 412 -31.46 -0.68 -11.92
C ALA D 412 -31.24 0.68 -11.28
N ARG D 413 -30.11 0.87 -10.60
CA ARG D 413 -29.83 2.16 -9.96
C ARG D 413 -29.67 3.27 -10.98
N VAL D 414 -28.99 3.00 -12.10
CA VAL D 414 -28.66 4.04 -13.08
C VAL D 414 -29.80 4.22 -14.07
N LYS D 415 -30.91 3.50 -13.86
CA LYS D 415 -32.09 3.56 -14.73
C LYS D 415 -31.72 3.22 -16.17
N ILE D 416 -31.13 2.04 -16.35
CA ILE D 416 -30.73 1.58 -17.67
C ILE D 416 -31.94 1.26 -18.55
N GLU D 417 -33.12 1.10 -17.97
CA GLU D 417 -34.32 0.81 -18.74
C GLU D 417 -34.86 2.03 -19.47
N SER D 418 -34.39 3.24 -19.14
CA SER D 418 -34.83 4.46 -19.79
C SER D 418 -33.67 5.24 -20.41
N ALA D 419 -32.46 4.69 -20.36
CA ALA D 419 -31.32 5.37 -20.94
C ALA D 419 -31.40 5.36 -22.46
N ASP D 420 -30.88 6.43 -23.08
CA ASP D 420 -30.88 6.53 -24.53
C ASP D 420 -29.97 5.48 -25.15
N ALA D 421 -28.76 5.33 -24.62
CA ALA D 421 -27.80 4.37 -25.14
C ALA D 421 -26.79 4.04 -24.06
N CYS D 422 -26.07 2.95 -24.26
CA CYS D 422 -24.99 2.53 -23.37
C CYS D 422 -23.69 2.48 -24.14
N LEU D 423 -22.69 3.19 -23.66
CA LEU D 423 -21.40 3.29 -24.32
C LEU D 423 -20.34 2.60 -23.47
N ILE D 424 -19.62 1.65 -24.07
CA ILE D 424 -18.64 0.83 -23.38
C ILE D 424 -17.26 1.14 -23.93
N LEU D 425 -16.37 1.61 -23.06
CA LEU D 425 -15.00 1.93 -23.41
C LEU D 425 -14.08 0.77 -23.05
N ALA D 426 -13.05 0.59 -23.87
CA ALA D 426 -12.10 -0.50 -23.70
C ALA D 426 -10.79 0.00 -23.12
N ASN D 427 -10.05 -0.92 -22.49
CA ASN D 427 -8.72 -0.63 -21.95
C ASN D 427 -7.71 -0.82 -23.06
N LYS D 428 -7.29 0.29 -23.68
CA LYS D 428 -6.39 0.21 -24.81
C LYS D 428 -4.98 -0.22 -24.42
N TYR D 429 -4.65 -0.18 -23.12
CA TYR D 429 -3.30 -0.49 -22.64
C TYR D 429 -3.42 -1.66 -21.67
N CYS D 430 -3.38 -2.88 -22.22
CA CYS D 430 -3.49 -4.09 -21.43
C CYS D 430 -2.58 -5.16 -22.02
N ALA D 431 -2.18 -6.10 -21.17
CA ALA D 431 -1.31 -7.19 -21.62
C ALA D 431 -2.04 -8.13 -22.58
N ASP D 432 -3.28 -8.48 -22.25
CA ASP D 432 -4.06 -9.42 -23.07
C ASP D 432 -5.30 -8.73 -23.62
N PRO D 433 -5.30 -8.32 -24.89
CA PRO D 433 -6.52 -7.72 -25.46
C PRO D 433 -7.71 -8.66 -25.49
N ASP D 434 -7.47 -9.97 -25.59
CA ASP D 434 -8.58 -10.92 -25.67
C ASP D 434 -9.39 -10.95 -24.39
N ALA D 435 -8.73 -10.84 -23.23
CA ALA D 435 -9.44 -10.80 -21.97
C ALA D 435 -10.30 -9.55 -21.85
N GLU D 436 -9.78 -8.41 -22.28
CA GLU D 436 -10.57 -7.18 -22.26
C GLU D 436 -11.76 -7.27 -23.20
N ASP D 437 -11.55 -7.85 -24.39
CA ASP D 437 -12.66 -8.04 -25.32
C ASP D 437 -13.73 -8.96 -24.75
N ALA D 438 -13.30 -10.05 -24.08
CA ALA D 438 -14.26 -10.96 -23.46
C ALA D 438 -15.03 -10.27 -22.34
N SER D 439 -14.35 -9.44 -21.55
CA SER D 439 -15.03 -8.70 -20.49
C SER D 439 -16.05 -7.74 -21.06
N ASN D 440 -15.70 -7.04 -22.14
CA ASN D 440 -16.65 -6.13 -22.78
C ASN D 440 -17.84 -6.89 -23.36
N ILE D 441 -17.60 -8.06 -23.94
CA ILE D 441 -18.69 -8.88 -24.46
C ILE D 441 -19.60 -9.35 -23.33
N MET D 442 -19.01 -9.70 -22.18
CA MET D 442 -19.82 -10.07 -21.01
C MET D 442 -20.66 -8.90 -20.53
N ARG D 443 -20.10 -7.69 -20.53
CA ARG D 443 -20.86 -6.51 -20.15
C ARG D 443 -22.03 -6.28 -21.11
N VAL D 444 -21.79 -6.45 -22.42
CA VAL D 444 -22.85 -6.33 -23.41
C VAL D 444 -23.93 -7.37 -23.16
N ILE D 445 -23.53 -8.60 -22.87
CA ILE D 445 -24.48 -9.68 -22.61
C ILE D 445 -25.33 -9.36 -21.39
N SER D 446 -24.71 -8.87 -20.32
CA SER D 446 -25.46 -8.52 -19.11
C SER D 446 -26.45 -7.39 -19.38
N ILE D 447 -26.01 -6.34 -20.09
CA ILE D 447 -26.89 -5.21 -20.38
C ILE D 447 -28.07 -5.66 -21.24
N LYS D 448 -27.80 -6.47 -22.26
CA LYS D 448 -28.89 -6.94 -23.12
C LYS D 448 -29.80 -7.91 -22.39
N ASN D 449 -29.27 -8.67 -21.42
CA ASN D 449 -30.11 -9.55 -20.62
C ASN D 449 -31.05 -8.75 -19.73
N TYR D 450 -30.57 -7.64 -19.16
CA TYR D 450 -31.45 -6.80 -18.36
C TYR D 450 -32.50 -6.12 -19.23
N HIS D 451 -32.08 -5.54 -20.36
CA HIS D 451 -32.99 -4.80 -21.25
C HIS D 451 -32.57 -5.05 -22.68
N PRO D 452 -33.31 -5.90 -23.41
CA PRO D 452 -32.89 -6.25 -24.77
C PRO D 452 -33.04 -5.13 -25.79
N LYS D 453 -33.83 -4.11 -25.50
CA LYS D 453 -34.15 -3.08 -26.50
C LYS D 453 -33.22 -1.88 -26.44
N ILE D 454 -32.22 -1.88 -25.56
CA ILE D 454 -31.33 -0.73 -25.44
C ILE D 454 -30.28 -0.74 -26.54
N ARG D 455 -29.90 0.45 -26.99
CA ARG D 455 -28.85 0.61 -27.98
C ARG D 455 -27.49 0.61 -27.29
N ILE D 456 -26.53 -0.11 -27.87
CA ILE D 456 -25.21 -0.28 -27.28
C ILE D 456 -24.16 0.09 -28.31
N ILE D 457 -23.23 0.95 -27.92
CA ILE D 457 -22.03 1.24 -28.71
C ILE D 457 -20.82 0.83 -27.88
N THR D 458 -20.05 -0.12 -28.38
CA THR D 458 -18.95 -0.71 -27.63
C THR D 458 -17.63 -0.52 -28.37
N GLN D 459 -16.54 -0.56 -27.61
CA GLN D 459 -15.19 -0.54 -28.18
C GLN D 459 -14.60 -1.95 -28.14
N MET D 460 -14.01 -2.37 -29.26
CA MET D 460 -13.38 -3.67 -29.38
C MET D 460 -11.92 -3.49 -29.73
N LEU D 461 -11.04 -4.23 -29.06
CA LEU D 461 -9.61 -4.10 -29.31
C LEU D 461 -9.19 -4.89 -30.54
N GLN D 462 -9.53 -6.17 -30.59
CA GLN D 462 -9.13 -7.04 -31.69
C GLN D 462 -10.28 -7.23 -32.66
N TYR D 463 -9.92 -7.39 -33.94
CA TYR D 463 -10.94 -7.49 -34.99
C TYR D 463 -11.64 -8.83 -34.99
N HIS D 464 -10.94 -9.90 -34.59
CA HIS D 464 -11.53 -11.24 -34.64
C HIS D 464 -12.50 -11.50 -33.49
N ASN D 465 -12.56 -10.63 -32.48
CA ASN D 465 -13.43 -10.86 -31.33
C ASN D 465 -14.83 -10.33 -31.53
N LYS D 466 -15.01 -9.31 -32.37
CA LYS D 466 -16.32 -8.70 -32.56
C LYS D 466 -17.35 -9.66 -33.15
N ALA D 467 -16.89 -10.74 -33.79
CA ALA D 467 -17.81 -11.74 -34.29
C ALA D 467 -18.58 -12.40 -33.15
N HIS D 468 -18.01 -12.43 -31.94
CA HIS D 468 -18.73 -12.94 -30.79
C HIS D 468 -20.01 -12.14 -30.54
N LEU D 469 -20.03 -10.86 -30.91
CA LEU D 469 -21.23 -10.05 -30.75
C LEU D 469 -22.36 -10.54 -31.63
N LEU D 470 -22.06 -11.30 -32.70
CA LEU D 470 -23.11 -11.90 -33.51
C LEU D 470 -23.74 -13.12 -32.84
N ASN D 471 -23.13 -13.64 -31.78
CA ASN D 471 -23.70 -14.79 -31.06
C ASN D 471 -24.79 -14.38 -30.09
N ILE D 472 -24.92 -13.10 -29.77
CA ILE D 472 -25.97 -12.62 -28.88
C ILE D 472 -27.26 -12.49 -29.68
N PRO D 473 -28.34 -13.16 -29.29
CA PRO D 473 -29.58 -13.09 -30.08
C PRO D 473 -30.21 -11.70 -30.11
N SER D 474 -29.99 -10.89 -29.08
CA SER D 474 -30.60 -9.57 -29.01
C SER D 474 -29.71 -8.46 -29.57
N TRP D 475 -28.54 -8.79 -30.10
CA TRP D 475 -27.65 -7.81 -30.71
C TRP D 475 -28.16 -7.50 -32.12
N ASN D 476 -28.80 -6.35 -32.28
CA ASN D 476 -29.39 -5.95 -33.55
C ASN D 476 -28.56 -4.82 -34.14
N TRP D 477 -27.83 -5.13 -35.22
CA TRP D 477 -27.03 -4.11 -35.88
C TRP D 477 -27.90 -3.11 -36.65
N LYS D 478 -29.07 -3.56 -37.12
CA LYS D 478 -29.96 -2.67 -37.85
C LYS D 478 -30.66 -1.65 -36.95
N GLU D 479 -30.64 -1.84 -35.64
CA GLU D 479 -31.32 -0.96 -34.71
C GLU D 479 -30.38 0.01 -34.01
N GLY D 480 -29.10 0.00 -34.36
CA GLY D 480 -28.16 0.98 -33.83
C GLY D 480 -27.06 0.42 -32.96
N ASP D 481 -27.03 -0.88 -32.70
CA ASP D 481 -25.94 -1.45 -31.92
C ASP D 481 -24.67 -1.50 -32.77
N ASP D 482 -23.60 -0.90 -32.26
CA ASP D 482 -22.38 -0.74 -33.02
C ASP D 482 -21.16 -1.15 -32.20
N ALA D 483 -20.19 -1.75 -32.89
CA ALA D 483 -18.88 -2.06 -32.32
C ALA D 483 -17.82 -1.32 -33.10
N ILE D 484 -17.01 -0.55 -32.40
CA ILE D 484 -15.93 0.23 -33.00
C ILE D 484 -14.62 -0.51 -32.71
N CYS D 485 -13.98 -1.01 -33.75
CA CYS D 485 -12.71 -1.70 -33.61
C CYS D 485 -11.59 -0.68 -33.76
N LEU D 486 -10.86 -0.45 -32.67
CA LEU D 486 -9.83 0.58 -32.65
C LEU D 486 -8.69 0.25 -33.61
N ALA D 487 -8.20 -0.99 -33.55
CA ALA D 487 -7.07 -1.40 -34.40
C ALA D 487 -7.46 -1.38 -35.86
N GLU D 488 -8.64 -1.92 -36.20
CA GLU D 488 -9.08 -1.96 -37.59
C GLU D 488 -9.23 -0.56 -38.17
N LEU D 489 -9.95 0.32 -37.47
CA LEU D 489 -10.16 1.67 -37.97
C LEU D 489 -8.86 2.45 -38.05
N LYS D 490 -8.00 2.33 -37.04
CA LYS D 490 -6.74 3.07 -37.03
C LYS D 490 -5.83 2.63 -38.16
N LEU D 491 -5.65 1.31 -38.33
CA LEU D 491 -4.77 0.83 -39.38
C LEU D 491 -5.37 1.06 -40.76
N GLY D 492 -6.70 1.05 -40.87
CA GLY D 492 -7.31 1.43 -42.13
C GLY D 492 -7.08 2.88 -42.48
N PHE D 493 -7.18 3.78 -41.49
CA PHE D 493 -6.86 5.18 -41.71
C PHE D 493 -5.42 5.33 -42.17
N ILE D 494 -4.51 4.61 -41.52
CA ILE D 494 -3.10 4.69 -41.90
C ILE D 494 -2.87 4.16 -43.32
N ALA D 495 -3.53 3.06 -43.68
CA ALA D 495 -3.38 2.51 -45.03
C ALA D 495 -3.95 3.44 -46.08
N GLN D 496 -5.11 4.03 -45.82
CA GLN D 496 -5.69 4.97 -46.77
C GLN D 496 -4.84 6.23 -46.90
N SER D 497 -4.17 6.64 -45.82
CA SER D 497 -3.21 7.74 -45.92
C SER D 497 -1.96 7.31 -46.68
N CYS D 498 -1.60 6.03 -46.61
CA CYS D 498 -0.51 5.53 -47.44
C CYS D 498 -0.87 5.62 -48.92
N LEU D 499 -2.12 5.29 -49.26
CA LEU D 499 -2.57 5.45 -50.64
C LEU D 499 -2.65 6.91 -51.04
N ALA D 500 -3.10 7.77 -50.13
CA ALA D 500 -3.23 9.19 -50.42
C ALA D 500 -3.02 9.96 -49.12
N GLN D 501 -1.88 10.65 -49.00
CA GLN D 501 -1.52 11.29 -47.75
C GLN D 501 -2.47 12.44 -47.42
N GLY D 502 -2.73 12.60 -46.12
CA GLY D 502 -3.64 13.62 -45.66
C GLY D 502 -5.09 13.19 -45.55
N LEU D 503 -5.42 11.97 -45.96
CA LEU D 503 -6.80 11.52 -45.89
C LEU D 503 -7.24 11.30 -44.44
N SER D 504 -6.33 10.85 -43.58
CA SER D 504 -6.69 10.67 -42.17
C SER D 504 -7.05 12.01 -41.52
N THR D 505 -6.30 13.06 -41.83
CA THR D 505 -6.62 14.38 -41.31
C THR D 505 -7.97 14.86 -41.82
N MET D 506 -8.24 14.66 -43.11
CA MET D 506 -9.52 15.06 -43.70
C MET D 506 -10.68 14.33 -43.02
N LEU D 507 -10.55 13.03 -42.84
CA LEU D 507 -11.60 12.25 -42.20
C LEU D 507 -11.79 12.66 -40.74
N ALA D 508 -10.69 12.86 -40.01
CA ALA D 508 -10.79 13.25 -38.61
C ALA D 508 -11.46 14.60 -38.46
N ASN D 509 -11.11 15.57 -39.32
CA ASN D 509 -11.77 16.86 -39.28
C ASN D 509 -13.18 16.82 -39.82
N LEU D 510 -13.54 15.75 -40.55
CA LEU D 510 -14.85 15.67 -41.17
C LEU D 510 -15.95 15.36 -40.17
N PHE D 511 -15.68 14.52 -39.17
CA PHE D 511 -16.70 14.16 -38.18
C PHE D 511 -16.39 14.71 -36.79
N SER D 512 -15.50 15.70 -36.69
CA SER D 512 -15.18 16.32 -35.42
C SER D 512 -15.70 17.75 -35.41
N MET D 513 -16.16 18.17 -34.24
CA MET D 513 -16.72 19.51 -34.07
C MET D 513 -15.62 20.47 -33.66
N ARG D 514 -15.33 21.45 -34.52
CA ARG D 514 -14.25 22.40 -34.31
C ARG D 514 -14.85 23.79 -34.09
N SER D 515 -14.33 24.50 -33.09
CA SER D 515 -14.78 25.86 -32.83
C SER D 515 -14.36 26.78 -33.97
N PHE D 516 -15.24 27.72 -34.32
CA PHE D 516 -14.99 28.63 -35.43
C PHE D 516 -13.97 29.69 -35.03
N ILE D 517 -12.89 29.79 -35.81
CA ILE D 517 -11.84 30.78 -35.60
C ILE D 517 -11.64 31.53 -36.91
N LYS D 518 -11.64 32.86 -36.85
CA LYS D 518 -11.48 33.70 -38.02
C LYS D 518 -10.05 34.20 -38.11
N ILE D 519 -9.41 33.95 -39.25
CA ILE D 519 -8.04 34.38 -39.50
C ILE D 519 -8.02 35.15 -40.82
N GLU D 520 -7.47 36.36 -40.80
CA GLU D 520 -7.44 37.22 -41.97
C GLU D 520 -6.05 37.38 -42.58
N GLU D 521 -4.99 37.02 -41.85
CA GLU D 521 -3.64 37.12 -42.40
C GLU D 521 -3.43 36.09 -43.50
N ASP D 522 -2.64 36.48 -44.50
CA ASP D 522 -2.39 35.64 -45.67
C ASP D 522 -1.41 34.53 -45.27
N THR D 523 -1.96 33.49 -44.64
CA THR D 523 -1.21 32.31 -44.24
C THR D 523 -1.99 31.07 -44.67
N TRP D 524 -1.42 29.89 -44.41
CA TRP D 524 -2.09 28.65 -44.76
C TRP D 524 -3.21 28.30 -43.78
N GLN D 525 -3.21 28.92 -42.60
CA GLN D 525 -4.23 28.59 -41.59
C GLN D 525 -5.62 28.98 -42.07
N LYS D 526 -5.75 30.11 -42.78
CA LYS D 526 -7.08 30.51 -43.24
C LYS D 526 -7.61 29.57 -44.31
N TYR D 527 -6.75 29.14 -45.24
CA TYR D 527 -7.18 28.17 -46.25
C TYR D 527 -7.52 26.83 -45.61
N TYR D 528 -6.77 26.44 -44.57
CA TYR D 528 -7.09 25.21 -43.86
C TYR D 528 -8.44 25.32 -43.15
N LEU D 529 -8.64 26.40 -42.40
CA LEU D 529 -9.89 26.58 -41.66
C LEU D 529 -11.09 26.78 -42.56
N GLU D 530 -10.87 27.18 -43.82
CA GLU D 530 -11.98 27.22 -44.77
C GLU D 530 -12.55 25.83 -45.00
N GLY D 531 -11.68 24.82 -45.06
CA GLY D 531 -12.12 23.46 -45.26
C GLY D 531 -12.40 22.69 -43.98
N VAL D 532 -11.94 23.21 -42.84
CA VAL D 532 -12.19 22.54 -41.57
C VAL D 532 -13.68 22.52 -41.24
N SER D 533 -14.40 23.59 -41.59
CA SER D 533 -15.79 23.77 -41.16
C SER D 533 -16.75 22.72 -41.73
N ASN D 534 -16.33 21.97 -42.74
CA ASN D 534 -17.21 20.97 -43.34
C ASN D 534 -17.53 19.84 -42.36
N GLU D 535 -18.76 19.34 -42.45
CA GLU D 535 -19.21 18.21 -41.66
C GLU D 535 -19.95 17.24 -42.57
N MET D 536 -20.29 16.08 -42.02
CA MET D 536 -20.86 14.97 -42.79
C MET D 536 -22.26 14.67 -42.28
N TYR D 537 -23.22 14.54 -43.21
CA TYR D 537 -24.61 14.32 -42.86
C TYR D 537 -25.21 13.27 -43.78
N THR D 538 -26.38 12.77 -43.40
CA THR D 538 -27.15 11.83 -44.20
C THR D 538 -28.53 12.40 -44.46
N GLU D 539 -29.06 12.17 -45.65
CA GLU D 539 -30.36 12.70 -46.02
C GLU D 539 -31.04 11.81 -47.04
N TYR D 540 -32.37 11.82 -47.03
CA TYR D 540 -33.15 11.06 -48.00
C TYR D 540 -33.37 11.89 -49.26
N LEU D 541 -33.03 11.32 -50.41
CA LEU D 541 -33.17 12.03 -51.67
C LEU D 541 -34.64 12.22 -52.03
N SER D 542 -34.93 13.34 -52.69
CA SER D 542 -36.29 13.64 -53.09
C SER D 542 -36.73 12.74 -54.25
N SER D 543 -38.04 12.73 -54.49
CA SER D 543 -38.60 11.92 -55.56
C SER D 543 -38.22 12.44 -56.94
N ALA D 544 -37.77 13.68 -57.05
CA ALA D 544 -37.36 14.22 -58.34
C ALA D 544 -36.08 13.59 -58.85
N PHE D 545 -35.27 13.00 -57.98
CA PHE D 545 -34.02 12.38 -58.37
C PHE D 545 -34.17 10.92 -58.79
N VAL D 546 -35.37 10.36 -58.68
CA VAL D 546 -35.57 8.94 -59.02
C VAL D 546 -35.49 8.76 -60.52
N GLY D 547 -34.74 7.75 -60.95
CA GLY D 547 -34.56 7.49 -62.37
C GLY D 547 -33.35 8.16 -62.99
N LEU D 548 -32.64 9.00 -62.25
CA LEU D 548 -31.45 9.69 -62.74
C LEU D 548 -30.19 8.97 -62.29
N SER D 549 -29.14 9.08 -63.09
CA SER D 549 -27.86 8.47 -62.75
C SER D 549 -27.21 9.22 -61.60
N PHE D 550 -26.29 8.51 -60.92
CA PHE D 550 -25.57 9.12 -59.80
C PHE D 550 -24.74 10.34 -60.19
N PRO D 551 -23.95 10.34 -61.28
CA PRO D 551 -23.21 11.57 -61.62
C PRO D 551 -24.11 12.77 -61.88
N THR D 552 -25.28 12.57 -62.48
CA THR D 552 -26.18 13.69 -62.75
C THR D 552 -26.69 14.29 -61.44
N VAL D 553 -27.11 13.44 -60.50
CA VAL D 553 -27.60 13.93 -59.22
C VAL D 553 -26.49 14.60 -58.44
N CYS D 554 -25.28 14.05 -58.49
CA CYS D 554 -24.15 14.66 -57.79
C CYS D 554 -23.82 16.03 -58.37
N GLU D 555 -23.84 16.15 -59.70
CA GLU D 555 -23.57 17.45 -60.32
C GLU D 555 -24.66 18.46 -59.99
N LEU D 556 -25.93 18.02 -59.97
CA LEU D 556 -27.00 18.93 -59.60
C LEU D 556 -26.87 19.38 -58.14
N CYS D 557 -26.47 18.47 -57.25
CA CYS D 557 -26.28 18.83 -55.86
C CYS D 557 -25.12 19.80 -55.69
N PHE D 558 -24.03 19.59 -56.44
CA PHE D 558 -22.86 20.46 -56.29
C PHE D 558 -23.11 21.83 -56.88
N VAL D 559 -23.74 21.91 -58.06
CA VAL D 559 -23.91 23.19 -58.74
C VAL D 559 -25.07 23.97 -58.14
N LYS D 560 -26.24 23.34 -58.02
CA LYS D 560 -27.42 24.06 -57.57
C LYS D 560 -27.46 24.17 -56.04
N LEU D 561 -27.46 23.04 -55.36
CA LEU D 561 -27.62 23.02 -53.90
C LEU D 561 -26.31 23.22 -53.16
N LYS D 562 -25.17 23.26 -53.87
CA LYS D 562 -23.85 23.43 -53.26
C LYS D 562 -23.58 22.37 -52.20
N LEU D 563 -23.86 21.12 -52.54
CA LEU D 563 -23.63 20.00 -51.65
C LEU D 563 -22.79 18.95 -52.35
N LEU D 564 -21.83 18.39 -51.62
CA LEU D 564 -20.97 17.32 -52.12
C LEU D 564 -21.56 15.99 -51.65
N MET D 565 -22.21 15.27 -52.56
CA MET D 565 -22.85 14.00 -52.27
C MET D 565 -21.86 12.88 -52.60
N ILE D 566 -21.36 12.22 -51.56
CA ILE D 566 -20.26 11.27 -51.72
C ILE D 566 -20.75 9.88 -52.07
N ALA D 567 -21.70 9.36 -51.30
CA ALA D 567 -22.08 7.96 -51.42
C ALA D 567 -23.59 7.81 -51.28
N ILE D 568 -24.09 6.66 -51.70
CA ILE D 568 -25.50 6.32 -51.55
C ILE D 568 -25.63 4.99 -50.82
N GLU D 569 -26.85 4.68 -50.40
CA GLU D 569 -27.15 3.40 -49.76
C GLU D 569 -28.11 2.63 -50.67
N TYR D 570 -27.56 1.73 -51.48
CA TYR D 570 -28.35 0.94 -52.40
C TYR D 570 -29.01 -0.20 -51.64
N LYS D 571 -30.33 -0.28 -51.73
CA LYS D 571 -31.12 -1.28 -51.03
C LYS D 571 -31.68 -2.28 -52.04
N SER D 572 -31.23 -3.53 -51.93
CA SER D 572 -31.74 -4.61 -52.77
C SER D 572 -32.06 -5.79 -51.87
N ALA D 573 -33.32 -6.24 -51.90
CA ALA D 573 -33.76 -7.30 -50.99
C ALA D 573 -32.96 -8.58 -51.18
N ASN D 574 -32.38 -8.77 -52.37
CA ASN D 574 -31.50 -9.91 -52.60
C ASN D 574 -30.24 -9.84 -51.74
N ARG D 575 -29.65 -8.65 -51.61
CA ARG D 575 -28.37 -8.48 -50.94
C ARG D 575 -28.42 -7.39 -49.88
N GLU D 576 -29.58 -7.26 -49.22
CA GLU D 576 -29.80 -6.34 -48.09
C GLU D 576 -29.47 -4.91 -48.54
N SER D 577 -28.80 -4.12 -47.72
CA SER D 577 -28.44 -2.74 -48.05
C SER D 577 -26.93 -2.59 -48.00
N ARG D 578 -26.37 -1.95 -49.03
CA ARG D 578 -24.93 -1.74 -49.10
C ARG D 578 -24.65 -0.30 -49.49
N ILE D 579 -23.61 0.27 -48.88
CA ILE D 579 -23.22 1.64 -49.20
C ILE D 579 -22.30 1.61 -50.41
N LEU D 580 -22.67 2.35 -51.44
CA LEU D 580 -21.88 2.47 -52.67
C LEU D 580 -21.20 3.84 -52.68
N ILE D 581 -19.87 3.82 -52.79
CA ILE D 581 -19.05 5.02 -52.79
C ILE D 581 -18.87 5.45 -54.24
N ASN D 582 -19.56 6.53 -54.63
CA ASN D 582 -19.47 7.13 -55.97
C ASN D 582 -19.73 6.10 -57.06
N PRO D 583 -20.95 5.60 -57.20
CA PRO D 583 -21.22 4.62 -58.26
C PRO D 583 -21.19 5.25 -59.64
N GLY D 584 -21.03 4.41 -60.64
CA GLY D 584 -20.91 4.86 -62.01
C GLY D 584 -22.24 5.32 -62.59
N ASN D 585 -22.18 5.77 -63.84
CA ASN D 585 -23.36 6.28 -64.53
C ASN D 585 -24.34 5.18 -64.92
N HIS D 586 -23.93 3.91 -64.86
CA HIS D 586 -24.82 2.81 -65.20
C HIS D 586 -25.88 2.55 -64.13
N LEU D 587 -25.74 3.16 -62.96
CA LEU D 587 -26.67 2.95 -61.85
C LEU D 587 -27.60 4.14 -61.71
N LYS D 588 -28.86 3.87 -61.40
CA LYS D 588 -29.88 4.90 -61.30
C LYS D 588 -30.42 4.97 -59.87
N ILE D 589 -30.84 6.16 -59.47
CA ILE D 589 -31.36 6.36 -58.12
C ILE D 589 -32.75 5.77 -58.00
N GLN D 590 -32.96 4.95 -56.97
CA GLN D 590 -34.26 4.33 -56.72
C GLN D 590 -35.08 5.23 -55.80
N GLU D 591 -36.19 4.70 -55.30
CA GLU D 591 -37.08 5.45 -54.43
C GLU D 591 -36.64 5.32 -52.98
N GLY D 592 -36.55 6.44 -52.29
CA GLY D 592 -36.20 6.45 -50.87
C GLY D 592 -34.80 5.96 -50.57
N THR D 593 -33.81 6.43 -51.32
CA THR D 593 -32.43 6.03 -51.14
C THR D 593 -31.70 7.06 -50.28
N LEU D 594 -31.04 6.58 -49.23
CA LEU D 594 -30.25 7.44 -48.37
C LEU D 594 -28.97 7.87 -49.08
N GLY D 595 -28.58 9.12 -48.86
CA GLY D 595 -27.36 9.64 -49.44
C GLY D 595 -26.55 10.39 -48.40
N PHE D 596 -25.23 10.37 -48.60
CA PHE D 596 -24.28 10.98 -47.69
C PHE D 596 -23.73 12.26 -48.30
N PHE D 597 -23.79 13.35 -47.54
CA PHE D 597 -23.41 14.67 -48.02
C PHE D 597 -22.35 15.27 -47.11
N ILE D 598 -21.54 16.15 -47.70
CA ILE D 598 -20.58 16.96 -46.95
C ILE D 598 -21.01 18.41 -47.10
N ALA D 599 -21.29 19.05 -45.97
CA ALA D 599 -21.84 20.40 -45.99
C ALA D 599 -21.35 21.16 -44.76
N SER D 600 -21.34 22.49 -44.88
CA SER D 600 -20.90 23.33 -43.78
C SER D 600 -21.87 23.27 -42.61
N ASP D 601 -23.17 23.26 -42.88
CA ASP D 601 -24.19 23.25 -41.84
C ASP D 601 -25.28 22.26 -42.19
N ALA D 602 -25.98 21.80 -41.15
CA ALA D 602 -27.04 20.80 -41.34
C ALA D 602 -28.30 21.41 -41.93
N LYS D 603 -28.48 22.74 -41.82
CA LYS D 603 -29.68 23.37 -42.36
C LYS D 603 -29.73 23.31 -43.87
N GLU D 604 -28.57 23.31 -44.53
CA GLU D 604 -28.48 23.29 -45.98
C GLU D 604 -28.43 21.87 -46.53
N VAL D 605 -28.81 20.87 -45.75
CA VAL D 605 -28.78 19.48 -46.19
C VAL D 605 -30.17 19.08 -46.67
N LYS D 606 -31.20 19.70 -46.11
CA LYS D 606 -32.58 19.39 -46.46
C LYS D 606 -32.95 19.84 -47.87
N ARG D 607 -32.03 20.44 -48.61
CA ARG D 607 -32.31 20.83 -49.99
C ARG D 607 -32.57 19.60 -50.85
N ALA D 608 -31.81 18.52 -50.63
CA ALA D 608 -31.98 17.30 -51.42
C ALA D 608 -33.31 16.59 -51.13
N PHE D 609 -34.02 16.98 -50.08
CA PHE D 609 -35.31 16.40 -49.78
C PHE D 609 -36.47 17.22 -50.33
N PHE D 610 -36.31 18.53 -50.45
CA PHE D 610 -37.36 19.42 -50.92
C PHE D 610 -36.99 20.10 -52.23
N TYR D 611 -36.40 19.33 -53.16
CA TYR D 611 -36.00 19.86 -54.46
C TYR D 611 -36.98 19.36 -55.52
N CYS D 612 -37.58 20.31 -56.25
CA CYS D 612 -38.48 19.99 -57.35
C CYS D 612 -38.04 20.79 -58.57
N LYS D 613 -37.86 20.10 -59.70
CA LYS D 613 -37.38 20.77 -60.90
C LYS D 613 -38.41 21.75 -61.45
N ALA D 614 -39.70 21.48 -61.21
CA ALA D 614 -40.74 22.33 -61.79
C ALA D 614 -40.77 23.72 -61.16
N CYS D 615 -40.30 23.87 -59.92
CA CYS D 615 -40.39 25.14 -59.22
C CYS D 615 -39.07 25.61 -58.62
N HIS D 616 -37.96 24.92 -58.89
CA HIS D 616 -36.68 25.32 -58.34
C HIS D 616 -35.53 25.32 -59.34
N ASP D 617 -35.76 24.84 -60.57
CA ASP D 617 -34.68 24.84 -61.57
C ASP D 617 -34.28 26.25 -61.97
N ASP D 618 -35.26 27.15 -62.10
CA ASP D 618 -34.96 28.52 -62.51
C ASP D 618 -34.27 29.31 -61.40
N ILE D 619 -34.35 28.86 -60.15
CA ILE D 619 -33.75 29.59 -59.05
C ILE D 619 -32.24 29.41 -59.08
N THR D 620 -31.50 30.53 -59.00
CA THR D 620 -30.04 30.51 -59.02
C THR D 620 -29.44 30.54 -57.62
N ASP D 621 -29.91 31.45 -56.77
CA ASP D 621 -29.39 31.56 -55.40
C ASP D 621 -29.89 30.35 -54.60
N PRO D 622 -28.99 29.56 -54.01
CA PRO D 622 -29.46 28.40 -53.22
C PRO D 622 -30.36 28.77 -52.05
N LYS D 623 -30.10 29.90 -51.39
CA LYS D 623 -30.89 30.28 -50.23
C LYS D 623 -32.30 30.70 -50.60
N ARG D 624 -32.56 31.00 -51.87
CA ARG D 624 -33.89 31.41 -52.30
C ARG D 624 -34.81 30.21 -52.51
N ILE D 625 -34.27 28.99 -52.62
CA ILE D 625 -35.09 27.81 -52.85
C ILE D 625 -35.91 27.51 -51.60
N LYS D 626 -37.22 27.40 -51.77
CA LYS D 626 -38.15 27.12 -50.70
C LYS D 626 -38.54 25.64 -50.74
N LYS D 627 -39.43 25.23 -49.84
CA LYS D 627 -39.89 23.86 -49.75
C LYS D 627 -41.15 23.61 -50.59
N CYS D 628 -41.37 24.40 -51.65
CA CYS D 628 -42.53 24.21 -52.50
C CYS D 628 -42.43 22.90 -53.28
N GLY D 629 -43.56 22.21 -53.40
CA GLY D 629 -43.60 20.96 -54.12
C GLY D 629 -44.39 21.04 -55.41
N CYS D 630 -43.70 20.96 -56.54
CA CYS D 630 -44.35 21.01 -57.84
C CYS D 630 -43.83 19.92 -58.77
N ASN D 682 -7.98 -21.81 -62.88
CA ASN D 682 -6.93 -22.80 -62.76
C ASN D 682 -5.97 -22.49 -61.61
N VAL D 683 -5.76 -21.20 -61.35
CA VAL D 683 -4.92 -20.75 -60.25
C VAL D 683 -5.68 -19.71 -59.45
N LYS D 684 -5.52 -19.75 -58.14
CA LYS D 684 -6.22 -18.83 -57.24
C LYS D 684 -5.45 -17.53 -57.12
N LYS D 685 -6.05 -16.43 -57.56
CA LYS D 685 -5.46 -15.10 -57.44
C LYS D 685 -6.19 -14.19 -56.48
N TYR D 686 -7.45 -14.48 -56.15
CA TYR D 686 -8.23 -13.70 -55.20
C TYR D 686 -8.83 -14.64 -54.16
N ASP D 687 -9.41 -14.04 -53.13
CA ASP D 687 -9.99 -14.81 -52.03
C ASP D 687 -11.35 -15.36 -52.45
N SER D 688 -12.08 -15.95 -51.49
CA SER D 688 -13.34 -16.60 -51.81
C SER D 688 -14.38 -15.60 -52.30
N THR D 689 -14.47 -14.44 -51.66
CA THR D 689 -15.41 -13.42 -52.11
C THR D 689 -14.87 -12.59 -53.27
N GLY D 690 -13.61 -12.75 -53.64
CA GLY D 690 -13.04 -12.04 -54.77
C GLY D 690 -12.92 -10.55 -54.59
N MET D 691 -12.58 -10.09 -53.39
CA MET D 691 -12.40 -8.67 -53.12
C MET D 691 -11.05 -8.35 -52.51
N PHE D 692 -10.13 -9.31 -52.45
CA PHE D 692 -8.78 -9.08 -51.97
C PHE D 692 -7.83 -9.98 -52.74
N HIS D 693 -6.62 -9.47 -52.99
CA HIS D 693 -5.61 -10.28 -53.66
C HIS D 693 -5.15 -11.40 -52.73
N TRP D 694 -5.00 -12.59 -53.30
CA TRP D 694 -4.68 -13.79 -52.53
C TRP D 694 -3.56 -14.56 -53.21
N CYS D 695 -2.74 -15.22 -52.41
CA CYS D 695 -1.64 -16.04 -52.90
C CYS D 695 -1.55 -17.29 -52.05
N ALA D 696 -0.80 -18.26 -52.55
CA ALA D 696 -0.60 -19.51 -51.81
C ALA D 696 0.17 -19.23 -50.53
N PRO D 697 -0.15 -19.92 -49.43
CA PRO D 697 0.58 -19.69 -48.18
C PRO D 697 2.05 -20.05 -48.31
N LYS D 698 2.89 -19.24 -47.65
CA LYS D 698 4.33 -19.44 -47.69
C LYS D 698 4.89 -19.34 -46.28
N GLU D 699 5.99 -20.04 -46.04
CA GLU D 699 6.66 -19.99 -44.75
C GLU D 699 7.34 -18.64 -44.57
N ILE D 700 7.57 -18.29 -43.29
CA ILE D 700 8.19 -17.00 -42.98
C ILE D 700 9.65 -16.98 -43.43
N GLU D 701 10.29 -18.14 -43.60
CA GLU D 701 11.67 -18.17 -44.05
C GLU D 701 11.83 -17.66 -45.48
N LYS D 702 10.78 -17.71 -46.29
CA LYS D 702 10.85 -17.27 -47.67
C LYS D 702 10.75 -15.77 -47.83
N VAL D 703 10.35 -15.04 -46.79
CA VAL D 703 10.21 -13.59 -46.88
C VAL D 703 11.21 -12.84 -46.03
N ILE D 704 11.95 -13.52 -45.15
CA ILE D 704 12.96 -12.84 -44.35
C ILE D 704 14.15 -12.49 -45.23
N LEU D 705 14.56 -11.22 -45.19
CA LEU D 705 15.69 -10.74 -45.95
C LEU D 705 16.79 -10.28 -45.00
N THR D 706 18.04 -10.60 -45.34
CA THR D 706 19.17 -10.06 -44.61
C THR D 706 19.46 -8.65 -45.09
N ARG D 707 20.31 -7.94 -44.34
CA ARG D 707 20.66 -6.57 -44.69
C ARG D 707 21.36 -6.50 -46.04
N SER D 708 22.30 -7.41 -46.29
CA SER D 708 22.97 -7.46 -47.58
C SER D 708 21.99 -7.84 -48.69
N GLU D 709 21.11 -8.80 -48.43
CA GLU D 709 20.12 -9.20 -49.42
C GLU D 709 19.14 -8.07 -49.71
N ALA D 710 18.72 -7.35 -48.67
CA ALA D 710 17.81 -6.21 -48.88
C ALA D 710 18.50 -5.09 -49.64
N ALA D 711 19.79 -4.87 -49.37
CA ALA D 711 20.53 -3.84 -50.11
C ALA D 711 20.77 -4.27 -51.56
N MET D 712 20.86 -5.57 -51.82
CA MET D 712 21.09 -6.05 -53.18
C MET D 712 19.89 -5.76 -54.07
N THR D 713 18.69 -6.07 -53.60
CA THR D 713 17.50 -5.73 -54.35
C THR D 713 17.19 -4.24 -54.26
N VAL D 714 16.45 -3.74 -55.24
CA VAL D 714 16.11 -2.33 -55.32
C VAL D 714 14.61 -2.19 -55.06
N LEU D 715 14.26 -1.40 -54.06
CA LEU D 715 12.87 -1.13 -53.72
C LEU D 715 12.58 0.35 -53.95
N SER D 716 11.59 0.63 -54.79
CA SER D 716 11.19 2.00 -55.08
C SER D 716 9.67 2.07 -55.13
N GLY D 717 9.12 3.14 -54.56
CA GLY D 717 7.68 3.29 -54.50
C GLY D 717 7.00 2.24 -53.66
N HIS D 718 7.55 1.93 -52.49
CA HIS D 718 7.03 0.89 -51.60
C HIS D 718 6.62 1.50 -50.27
N VAL D 719 6.19 0.64 -49.36
CA VAL D 719 5.75 1.05 -48.03
C VAL D 719 6.64 0.36 -47.01
N VAL D 720 7.18 1.14 -46.08
CA VAL D 720 8.06 0.62 -45.03
C VAL D 720 7.34 0.79 -43.70
N VAL D 721 7.06 -0.32 -43.02
CA VAL D 721 6.37 -0.32 -41.74
C VAL D 721 7.39 -0.65 -40.66
N CYS D 722 7.78 0.37 -39.90
CA CYS D 722 8.65 0.20 -38.74
C CYS D 722 7.79 -0.11 -37.53
N ILE D 723 8.12 -1.19 -36.82
CA ILE D 723 7.34 -1.68 -35.70
C ILE D 723 8.24 -1.77 -34.48
N PHE D 724 7.80 -1.19 -33.37
CA PHE D 724 8.49 -1.31 -32.09
C PHE D 724 7.91 -2.46 -31.28
N GLY D 725 7.95 -3.66 -31.87
CA GLY D 725 7.35 -4.83 -31.27
C GLY D 725 8.27 -5.53 -30.29
N ASP D 726 7.72 -6.56 -29.66
CA ASP D 726 8.44 -7.36 -28.68
C ASP D 726 7.75 -8.72 -28.59
N VAL D 727 8.51 -9.72 -28.11
CA VAL D 727 7.97 -11.07 -28.01
C VAL D 727 6.81 -11.14 -27.01
N SER D 728 6.89 -10.37 -25.93
CA SER D 728 5.84 -10.35 -24.91
C SER D 728 4.85 -9.23 -25.08
N SER D 729 4.98 -8.43 -26.14
CA SER D 729 4.09 -7.30 -26.35
C SER D 729 2.74 -7.76 -26.89
N ALA D 730 1.74 -6.90 -26.74
CA ALA D 730 0.40 -7.20 -27.21
C ALA D 730 0.33 -7.08 -28.73
N LEU D 731 -0.45 -7.96 -29.35
CA LEU D 731 -0.63 -7.91 -30.79
C LEU D 731 -1.47 -6.71 -31.20
N ILE D 732 -1.10 -6.08 -32.31
CA ILE D 732 -1.83 -4.93 -32.82
C ILE D 732 -2.66 -5.25 -34.05
N GLY D 733 -2.59 -6.49 -34.56
CA GLY D 733 -3.39 -6.88 -35.69
C GLY D 733 -2.96 -6.23 -36.99
N LEU D 734 -1.76 -6.58 -37.47
CA LEU D 734 -1.21 -5.96 -38.66
C LEU D 734 -2.01 -6.25 -39.92
N ARG D 735 -2.87 -7.27 -39.91
CA ARG D 735 -3.67 -7.59 -41.08
C ARG D 735 -4.57 -6.44 -41.49
N ASN D 736 -5.09 -5.71 -40.51
CA ASN D 736 -5.93 -4.55 -40.79
C ASN D 736 -5.18 -3.45 -41.54
N LEU D 737 -3.85 -3.50 -41.53
CA LEU D 737 -3.06 -2.58 -42.34
C LEU D 737 -2.80 -3.12 -43.74
N VAL D 738 -2.77 -4.44 -43.90
CA VAL D 738 -2.40 -5.02 -45.19
C VAL D 738 -3.61 -5.23 -46.10
N MET D 739 -4.78 -5.54 -45.54
CA MET D 739 -5.97 -5.78 -46.36
C MET D 739 -6.39 -4.57 -47.19
N PRO D 740 -6.46 -3.34 -46.66
CA PRO D 740 -6.75 -2.20 -47.55
C PRO D 740 -5.71 -1.99 -48.63
N LEU D 741 -4.45 -2.31 -48.36
CA LEU D 741 -3.40 -2.16 -49.37
C LEU D 741 -3.35 -3.33 -50.34
N ARG D 742 -4.10 -4.40 -50.08
CA ARG D 742 -4.12 -5.59 -50.94
C ARG D 742 -5.51 -5.85 -51.51
N ALA D 743 -6.33 -4.81 -51.59
CA ALA D 743 -7.68 -4.96 -52.11
C ALA D 743 -7.66 -5.29 -53.60
N SER D 744 -8.69 -6.02 -54.05
CA SER D 744 -8.79 -6.41 -55.44
C SER D 744 -9.10 -5.22 -56.36
N ASN D 745 -9.45 -4.07 -55.80
CA ASN D 745 -9.70 -2.89 -56.62
C ASN D 745 -8.46 -2.39 -57.34
N PHE D 746 -7.28 -2.75 -56.84
CA PHE D 746 -6.01 -2.40 -57.48
C PHE D 746 -5.54 -3.53 -58.39
N HIS D 747 -4.81 -3.15 -59.43
CA HIS D 747 -4.17 -4.14 -60.27
C HIS D 747 -2.94 -4.71 -59.57
N TYR D 748 -2.44 -5.83 -60.10
CA TYR D 748 -1.28 -6.47 -59.50
C TYR D 748 -0.04 -5.59 -59.61
N HIS D 749 0.14 -4.92 -60.75
CA HIS D 749 1.29 -4.05 -60.92
C HIS D 749 1.18 -2.76 -60.12
N GLU D 750 -0.03 -2.39 -59.70
CA GLU D 750 -0.23 -1.20 -58.88
C GLU D 750 -0.06 -1.46 -57.39
N LEU D 751 0.11 -2.72 -56.98
CA LEU D 751 0.29 -3.03 -55.57
C LEU D 751 1.64 -2.52 -55.08
N LYS D 752 1.65 -1.99 -53.87
CA LYS D 752 2.85 -1.45 -53.27
C LYS D 752 3.49 -2.49 -52.36
N HIS D 753 4.80 -2.69 -52.53
CA HIS D 753 5.52 -3.64 -51.70
C HIS D 753 5.55 -3.17 -50.25
N ILE D 754 5.34 -4.10 -49.33
CA ILE D 754 5.32 -3.82 -47.90
C ILE D 754 6.54 -4.49 -47.26
N VAL D 755 7.34 -3.70 -46.56
CA VAL D 755 8.54 -4.18 -45.88
C VAL D 755 8.40 -3.88 -44.40
N PHE D 756 8.36 -4.93 -43.59
CA PHE D 756 8.22 -4.79 -42.15
C PHE D 756 9.61 -4.79 -41.50
N VAL D 757 9.94 -3.72 -40.80
CA VAL D 757 11.21 -3.58 -40.11
C VAL D 757 10.93 -3.62 -38.61
N GLY D 758 11.42 -4.67 -37.95
CA GLY D 758 11.18 -4.84 -36.53
C GLY D 758 11.71 -6.18 -36.06
N SER D 759 11.40 -6.49 -34.80
CA SER D 759 11.82 -7.75 -34.22
C SER D 759 11.10 -8.92 -34.88
N ILE D 760 11.86 -9.96 -35.20
CA ILE D 760 11.27 -11.14 -35.82
C ILE D 760 10.47 -11.96 -34.80
N GLU D 761 10.82 -11.85 -33.51
CA GLU D 761 10.08 -12.59 -32.50
C GLU D 761 8.63 -12.12 -32.42
N TYR D 762 8.41 -10.81 -32.50
CA TYR D 762 7.05 -10.29 -32.54
C TYR D 762 6.36 -10.64 -33.85
N LEU D 763 7.09 -10.56 -34.96
CA LEU D 763 6.47 -10.74 -36.28
C LEU D 763 6.10 -12.19 -36.56
N LYS D 764 6.76 -13.16 -35.90
CA LYS D 764 6.34 -14.55 -36.06
C LYS D 764 4.98 -14.80 -35.45
N ARG D 765 4.61 -14.04 -34.41
CA ARG D 765 3.29 -14.18 -33.79
C ARG D 765 2.19 -13.54 -34.60
N GLU D 766 2.52 -12.74 -35.62
CA GLU D 766 1.54 -12.13 -36.50
C GLU D 766 1.53 -12.71 -37.90
N TRP D 767 2.46 -13.60 -38.24
CA TRP D 767 2.59 -14.09 -39.61
C TRP D 767 1.45 -15.03 -39.99
N GLU D 768 0.73 -15.59 -39.02
CA GLU D 768 -0.36 -16.51 -39.33
C GLU D 768 -1.53 -15.82 -40.02
N THR D 769 -1.61 -14.50 -39.96
CA THR D 769 -2.66 -13.74 -40.64
C THR D 769 -2.12 -12.89 -41.78
N LEU D 770 -0.83 -12.99 -42.10
CA LEU D 770 -0.23 -12.20 -43.17
C LEU D 770 0.41 -13.03 -44.27
N HIS D 771 0.40 -14.35 -44.17
CA HIS D 771 1.11 -15.19 -45.14
C HIS D 771 0.31 -15.46 -46.41
N ASN D 772 -0.92 -14.95 -46.51
CA ASN D 772 -1.75 -15.14 -47.69
C ASN D 772 -1.75 -13.92 -48.61
N PHE D 773 -0.86 -12.97 -48.38
CA PHE D 773 -0.79 -11.77 -49.20
C PHE D 773 0.43 -11.81 -50.11
N PRO D 774 0.32 -11.28 -51.35
CA PRO D 774 1.36 -11.53 -52.36
C PRO D 774 2.74 -10.96 -52.03
N LYS D 775 2.84 -9.66 -51.80
CA LYS D 775 4.13 -8.98 -51.71
C LYS D 775 4.32 -8.41 -50.30
N VAL D 776 4.88 -9.22 -49.42
CA VAL D 776 5.22 -8.82 -48.06
C VAL D 776 6.61 -9.37 -47.74
N SER D 777 7.49 -8.51 -47.23
CA SER D 777 8.85 -8.92 -46.88
C SER D 777 9.18 -8.42 -45.49
N ILE D 778 10.12 -9.12 -44.84
CA ILE D 778 10.50 -8.86 -43.46
C ILE D 778 12.00 -8.60 -43.41
N LEU D 779 12.40 -7.52 -42.74
CA LEU D 779 13.80 -7.26 -42.42
C LEU D 779 13.95 -7.28 -40.90
N PRO D 780 14.50 -8.34 -40.32
CA PRO D 780 14.71 -8.35 -38.86
C PRO D 780 15.71 -7.29 -38.45
N GLY D 781 15.37 -6.51 -37.44
CA GLY D 781 16.23 -5.44 -37.00
C GLY D 781 15.51 -4.47 -36.09
N THR D 782 16.02 -3.24 -36.04
CA THR D 782 15.48 -2.19 -35.19
C THR D 782 15.19 -0.97 -36.05
N PRO D 783 14.01 -0.36 -35.91
CA PRO D 783 13.72 0.86 -36.68
C PRO D 783 14.65 2.02 -36.37
N LEU D 784 15.28 2.03 -35.20
CA LEU D 784 16.18 3.13 -34.83
C LEU D 784 17.55 3.01 -35.47
N SER D 785 17.88 1.88 -36.08
CA SER D 785 19.17 1.68 -36.72
C SER D 785 19.13 2.25 -38.13
N ARG D 786 20.11 3.09 -38.45
CA ARG D 786 20.14 3.73 -39.76
C ARG D 786 20.53 2.76 -40.87
N ALA D 787 21.29 1.72 -40.54
CA ALA D 787 21.69 0.74 -41.55
C ALA D 787 20.49 0.00 -42.11
N ASP D 788 19.55 -0.40 -41.24
CA ASP D 788 18.36 -1.09 -41.70
C ASP D 788 17.49 -0.19 -42.56
N LEU D 789 17.37 1.09 -42.18
CA LEU D 789 16.59 2.03 -42.97
C LEU D 789 17.23 2.28 -44.33
N ARG D 790 18.56 2.35 -44.37
CA ARG D 790 19.26 2.52 -45.65
C ARG D 790 19.17 1.27 -46.50
N ALA D 791 19.03 0.11 -45.89
CA ALA D 791 18.96 -1.14 -46.65
C ALA D 791 17.66 -1.24 -47.44
N VAL D 792 16.56 -0.72 -46.89
CA VAL D 792 15.25 -0.84 -47.53
C VAL D 792 14.97 0.36 -48.42
N ASN D 793 15.98 1.22 -48.60
CA ASN D 793 15.88 2.42 -49.43
C ASN D 793 14.74 3.32 -48.95
N ILE D 794 14.91 3.83 -47.73
CA ILE D 794 13.88 4.67 -47.10
C ILE D 794 13.69 5.98 -47.85
N ASN D 795 14.67 6.41 -48.63
CA ASN D 795 14.53 7.65 -49.41
C ASN D 795 13.72 7.46 -50.68
N LEU D 796 13.37 6.23 -51.03
CA LEU D 796 12.61 5.95 -52.25
C LEU D 796 11.22 5.41 -51.97
N CYS D 797 10.88 5.14 -50.72
CA CYS D 797 9.59 4.56 -50.40
C CYS D 797 8.47 5.59 -50.56
N ASP D 798 7.27 5.09 -50.86
CA ASP D 798 6.10 5.97 -50.94
C ASP D 798 5.61 6.41 -49.57
N MET D 799 5.80 5.59 -48.55
CA MET D 799 5.35 5.95 -47.22
C MET D 799 6.09 5.13 -46.17
N CYS D 800 6.42 5.79 -45.06
CA CYS D 800 6.98 5.14 -43.88
C CYS D 800 5.99 5.27 -42.73
N VAL D 801 5.62 4.15 -42.13
CA VAL D 801 4.64 4.10 -41.05
C VAL D 801 5.34 3.59 -39.80
N ILE D 802 5.31 4.39 -38.74
CA ILE D 802 5.95 4.05 -37.48
C ILE D 802 4.87 3.66 -36.49
N LEU D 803 4.96 2.44 -35.95
CA LEU D 803 3.97 1.93 -35.01
C LEU D 803 4.68 1.40 -33.77
N SER D 804 4.01 1.54 -32.63
CA SER D 804 4.54 1.11 -31.35
C SER D 804 3.63 0.07 -30.72
N ALA D 805 4.24 -0.95 -30.10
CA ALA D 805 3.50 -2.00 -29.43
C ALA D 805 3.73 -2.08 -27.93
N ASN D 806 4.76 -1.41 -27.40
CA ASN D 806 5.06 -1.43 -25.98
C ASN D 806 4.46 -0.21 -25.28
N GLN D 807 3.14 -0.06 -25.39
CA GLN D 807 2.48 1.08 -24.77
C GLN D 807 1.99 0.79 -23.36
N ASN D 808 1.62 -0.45 -23.05
CA ASN D 808 1.11 -0.78 -21.73
C ASN D 808 2.19 -0.85 -20.67
N ASN D 809 3.45 -1.07 -21.06
CA ASN D 809 4.52 -1.22 -20.08
C ASN D 809 4.85 0.09 -19.40
N ILE D 810 4.76 1.20 -20.13
CA ILE D 810 5.12 2.52 -19.58
C ILE D 810 3.98 3.00 -18.69
N ASP D 811 4.30 3.30 -17.43
CA ASP D 811 3.27 3.76 -16.50
C ASP D 811 2.84 5.19 -16.82
N ASP D 812 3.80 6.07 -17.08
CA ASP D 812 3.47 7.44 -17.43
C ASP D 812 2.89 7.52 -18.84
N THR D 813 1.76 8.19 -18.99
CA THR D 813 1.07 8.22 -20.26
C THR D 813 1.77 9.11 -21.28
N SER D 814 2.44 10.18 -20.83
CA SER D 814 3.06 11.12 -21.76
C SER D 814 4.37 10.61 -22.33
N LEU D 815 4.98 9.60 -21.70
CA LEU D 815 6.23 9.02 -22.18
C LEU D 815 6.02 7.81 -23.08
N GLN D 816 4.76 7.51 -23.43
CA GLN D 816 4.46 6.37 -24.29
C GLN D 816 4.84 6.60 -25.74
N ASP D 817 5.18 7.83 -26.12
CA ASP D 817 5.48 8.17 -27.51
C ASP D 817 6.96 8.47 -27.73
N LYS D 818 7.84 8.00 -26.83
CA LYS D 818 9.25 8.35 -26.94
C LYS D 818 9.90 7.68 -28.16
N GLU D 819 9.65 6.39 -28.36
CA GLU D 819 10.34 5.68 -29.43
C GLU D 819 9.85 6.14 -30.80
N CYS D 820 8.57 6.45 -30.94
CA CYS D 820 8.06 6.92 -32.23
C CYS D 820 8.63 8.29 -32.58
N ILE D 821 8.67 9.20 -31.61
CA ILE D 821 9.22 10.53 -31.85
C ILE D 821 10.71 10.45 -32.16
N LEU D 822 11.44 9.60 -31.42
CA LEU D 822 12.87 9.44 -31.70
C LEU D 822 13.09 8.85 -33.08
N ALA D 823 12.28 7.88 -33.50
CA ALA D 823 12.41 7.31 -34.83
C ALA D 823 12.12 8.34 -35.91
N SER D 824 11.08 9.16 -35.71
CA SER D 824 10.75 10.19 -36.69
C SER D 824 11.88 11.22 -36.81
N LEU D 825 12.42 11.66 -35.67
CA LEU D 825 13.52 12.62 -35.72
C LEU D 825 14.78 12.00 -36.31
N ASN D 826 15.03 10.71 -36.07
CA ASN D 826 16.17 10.05 -36.67
C ASN D 826 16.04 9.96 -38.19
N ILE D 827 14.85 9.63 -38.67
CA ILE D 827 14.64 9.52 -40.12
C ILE D 827 14.73 10.89 -40.77
N LYS D 828 14.17 11.92 -40.13
CA LYS D 828 14.18 13.26 -40.71
C LYS D 828 15.58 13.87 -40.79
N SER D 829 16.55 13.34 -40.04
CA SER D 829 17.89 13.89 -40.00
C SER D 829 18.90 13.12 -40.85
N MET D 830 18.46 12.07 -41.54
CA MET D 830 19.40 11.28 -42.33
C MET D 830 19.82 12.02 -43.58
N GLN D 831 20.98 11.63 -44.11
CA GLN D 831 21.55 12.23 -45.31
C GLN D 831 21.73 11.15 -46.38
N PHE D 832 21.44 11.50 -47.63
CA PHE D 832 21.55 10.59 -48.74
C PHE D 832 22.30 11.26 -49.88
N ASP D 833 22.95 10.46 -50.71
CA ASP D 833 23.73 10.94 -51.83
C ASP D 833 23.30 10.23 -53.11
N ASP D 834 23.80 10.74 -54.24
CA ASP D 834 23.47 10.17 -55.55
C ASP D 834 24.62 9.36 -56.10
N THR D 871 18.36 14.58 -51.00
CA THR D 871 19.68 14.53 -50.38
C THR D 871 19.58 14.56 -48.86
N THR D 872 18.36 14.69 -48.37
CA THR D 872 18.12 14.71 -46.93
C THR D 872 16.76 14.08 -46.64
N GLY D 873 16.58 13.65 -45.40
CA GLY D 873 15.39 12.95 -44.99
C GLY D 873 14.21 13.79 -44.59
N VAL D 874 14.31 15.12 -44.74
CA VAL D 874 13.19 15.99 -44.37
C VAL D 874 12.03 15.86 -45.35
N ASN D 875 12.29 15.39 -46.56
CA ASN D 875 11.25 15.25 -47.58
C ASN D 875 10.64 13.86 -47.63
N ILE D 876 11.05 12.96 -46.74
CA ILE D 876 10.52 11.60 -46.73
C ILE D 876 9.12 11.63 -46.10
N PRO D 877 8.10 11.11 -46.78
CA PRO D 877 6.75 11.11 -46.19
C PRO D 877 6.65 10.08 -45.06
N ILE D 878 6.24 10.55 -43.89
CA ILE D 878 6.21 9.75 -42.67
C ILE D 878 4.86 9.92 -42.00
N ILE D 879 4.27 8.81 -41.57
CA ILE D 879 3.08 8.82 -40.73
C ILE D 879 3.45 8.21 -39.39
N THR D 880 3.23 8.97 -38.31
CA THR D 880 3.60 8.53 -36.97
C THR D 880 2.35 8.41 -36.11
N GLU D 881 2.19 7.26 -35.48
CA GLU D 881 1.09 7.07 -34.53
C GLU D 881 1.48 7.65 -33.18
N LEU D 882 0.63 8.51 -32.64
CA LEU D 882 0.88 9.16 -31.36
C LEU D 882 -0.33 9.00 -30.46
N VAL D 883 -0.06 8.78 -29.17
CA VAL D 883 -1.11 8.63 -28.18
C VAL D 883 -1.57 9.97 -27.63
N ASN D 884 -0.62 10.83 -27.29
CA ASN D 884 -0.92 12.13 -26.70
C ASN D 884 -0.91 13.22 -27.76
N ASP D 885 -1.89 14.11 -27.71
CA ASP D 885 -1.96 15.20 -28.66
C ASP D 885 -0.82 16.19 -28.45
N THR D 886 -0.45 16.44 -27.20
CA THR D 886 0.57 17.44 -26.89
C THR D 886 1.94 17.06 -27.44
N ASN D 887 2.15 15.79 -27.79
CA ASN D 887 3.41 15.36 -28.40
C ASN D 887 3.45 15.61 -29.90
N VAL D 888 2.31 15.91 -30.53
CA VAL D 888 2.28 16.06 -31.98
C VAL D 888 3.16 17.22 -32.42
N GLN D 889 3.14 18.32 -31.68
CA GLN D 889 3.98 19.47 -32.02
C GLN D 889 5.46 19.14 -31.92
N PHE D 890 5.83 18.04 -31.27
CA PHE D 890 7.23 17.63 -31.26
C PHE D 890 7.71 17.12 -32.61
N LEU D 891 6.81 16.89 -33.57
CA LEU D 891 7.22 16.42 -34.89
C LEU D 891 7.52 17.55 -35.85
N ASP D 892 7.44 18.80 -35.42
CA ASP D 892 7.71 19.95 -36.27
C ASP D 892 9.05 20.55 -35.85
N GLN D 893 9.98 20.64 -36.80
CA GLN D 893 11.30 21.19 -36.51
C GLN D 893 11.22 22.67 -36.15
N ALA D 894 10.34 23.42 -36.82
CA ALA D 894 10.15 24.82 -36.50
C ALA D 894 9.64 24.99 -35.08
N ALA D 895 10.05 26.08 -34.44
CA ALA D 895 9.64 26.34 -33.07
C ALA D 895 8.13 26.55 -32.99
N ALA D 896 7.55 26.10 -31.87
CA ALA D 896 6.11 26.21 -31.69
C ALA D 896 5.68 27.66 -31.58
N ALA D 897 4.72 28.05 -32.42
CA ALA D 897 4.18 29.41 -32.36
C ALA D 897 3.49 29.66 -31.02
N ASP D 898 2.78 28.65 -30.51
CA ASP D 898 2.14 28.73 -29.20
C ASP D 898 1.96 27.30 -28.68
N PRO D 899 2.47 27.00 -27.49
CA PRO D 899 2.27 25.66 -26.91
C PRO D 899 0.82 25.35 -26.58
N ASP D 900 -0.07 26.34 -26.60
CA ASP D 900 -1.49 26.13 -26.33
C ASP D 900 -2.29 25.92 -27.61
N THR D 901 -1.62 25.74 -28.74
CA THR D 901 -2.31 25.50 -30.00
C THR D 901 -3.07 24.17 -29.95
N GLU D 902 -4.30 24.19 -30.45
CA GLU D 902 -5.12 23.00 -30.46
C GLU D 902 -4.56 21.96 -31.44
N LEU D 903 -5.01 20.72 -31.25
CA LEU D 903 -4.46 19.60 -32.02
C LEU D 903 -4.68 19.77 -33.53
N TYR D 904 -5.88 20.21 -33.92
CA TYR D 904 -6.20 20.28 -35.34
C TYR D 904 -5.48 21.42 -36.04
N LEU D 905 -5.01 22.42 -35.30
CA LEU D 905 -4.33 23.55 -35.90
C LEU D 905 -2.82 23.36 -36.02
N THR D 906 -2.26 22.28 -35.46
CA THR D 906 -0.84 22.05 -35.55
C THR D 906 -0.44 21.65 -36.97
N GLN D 907 0.79 22.03 -37.35
CA GLN D 907 1.29 21.70 -38.67
C GLN D 907 1.40 20.20 -38.93
N PRO D 908 1.94 19.35 -38.03
CA PRO D 908 1.97 17.91 -38.33
C PRO D 908 0.60 17.30 -38.55
N PHE D 909 -0.43 17.75 -37.82
CA PHE D 909 -1.76 17.18 -38.00
C PHE D 909 -2.39 17.67 -39.29
N ALA D 910 -2.26 18.96 -39.59
CA ALA D 910 -2.85 19.52 -40.81
C ALA D 910 -2.20 18.98 -42.07
N CYS D 911 -0.95 18.53 -41.99
CA CYS D 911 -0.25 17.97 -43.13
C CYS D 911 -0.45 16.47 -43.28
N GLY D 912 -1.11 15.83 -42.32
CA GLY D 912 -1.34 14.40 -42.39
C GLY D 912 -0.16 13.53 -42.01
N THR D 913 0.91 14.12 -41.48
CA THR D 913 2.09 13.37 -41.10
C THR D 913 2.01 12.79 -39.70
N ALA D 914 0.96 13.10 -38.95
CA ALA D 914 0.76 12.58 -37.60
C ALA D 914 -0.67 12.08 -37.47
N PHE D 915 -0.83 10.96 -36.78
CA PHE D 915 -2.13 10.34 -36.55
C PHE D 915 -2.33 10.19 -35.05
N ALA D 916 -3.14 11.08 -34.46
CA ALA D 916 -3.49 10.99 -33.05
C ALA D 916 -4.67 10.05 -32.90
N VAL D 917 -4.53 9.05 -32.01
CA VAL D 917 -5.59 8.06 -31.83
C VAL D 917 -6.82 8.65 -31.17
N SER D 918 -6.70 9.83 -30.55
CA SER D 918 -7.82 10.43 -29.84
C SER D 918 -9.00 10.75 -30.77
N VAL D 919 -8.74 10.90 -32.07
CA VAL D 919 -9.83 11.16 -33.01
C VAL D 919 -10.80 9.98 -33.04
N LEU D 920 -10.31 8.77 -32.76
CA LEU D 920 -11.20 7.62 -32.65
C LEU D 920 -12.18 7.82 -31.50
N ASP D 921 -11.72 8.39 -30.38
CA ASP D 921 -12.61 8.72 -29.28
C ASP D 921 -13.66 9.74 -29.70
N SER D 922 -13.36 10.56 -30.71
CA SER D 922 -14.37 11.45 -31.26
C SER D 922 -15.37 10.69 -32.12
N LEU D 923 -14.92 9.65 -32.82
CA LEU D 923 -15.78 8.94 -33.76
C LEU D 923 -16.98 8.33 -33.06
N MET D 924 -16.76 7.76 -31.86
CA MET D 924 -17.86 7.24 -31.06
C MET D 924 -18.94 8.29 -30.84
N SER D 925 -18.52 9.52 -30.53
CA SER D 925 -19.49 10.61 -30.40
C SER D 925 -20.23 10.83 -31.70
N ALA D 926 -19.49 10.86 -32.82
CA ALA D 926 -20.13 10.98 -34.13
C ALA D 926 -21.01 9.77 -34.43
N THR D 927 -20.72 8.63 -33.80
CA THR D 927 -21.58 7.46 -33.95
C THR D 927 -22.87 7.61 -33.16
N TYR D 928 -22.82 8.30 -32.01
CA TYR D 928 -24.00 8.39 -31.16
C TYR D 928 -25.09 9.23 -31.81
N PHE D 929 -24.72 10.35 -32.44
CA PHE D 929 -25.70 11.22 -33.07
C PHE D 929 -26.07 10.80 -34.48
N ASN D 930 -25.33 9.86 -35.07
CA ASN D 930 -25.65 9.36 -36.40
C ASN D 930 -24.95 8.02 -36.57
N ASP D 931 -25.74 6.95 -36.75
CA ASP D 931 -25.17 5.61 -36.85
C ASP D 931 -24.67 5.28 -38.26
N ASN D 932 -25.04 6.06 -39.27
CA ASN D 932 -24.58 5.78 -40.63
C ASN D 932 -23.15 6.25 -40.87
N ILE D 933 -22.64 7.15 -40.03
CA ILE D 933 -21.28 7.66 -40.21
C ILE D 933 -20.26 6.53 -40.03
N LEU D 934 -20.46 5.70 -39.01
CA LEU D 934 -19.54 4.60 -38.77
C LEU D 934 -19.56 3.59 -39.92
N THR D 935 -20.75 3.28 -40.43
CA THR D 935 -20.85 2.34 -41.55
C THR D 935 -20.18 2.90 -42.81
N LEU D 936 -20.39 4.19 -43.09
CA LEU D 936 -19.76 4.81 -44.24
C LEU D 936 -18.24 4.81 -44.10
N ILE D 937 -17.73 5.13 -42.91
CA ILE D 937 -16.29 5.12 -42.70
C ILE D 937 -15.74 3.71 -42.82
N ARG D 938 -16.46 2.71 -42.32
CA ARG D 938 -15.99 1.33 -42.44
C ARG D 938 -15.95 0.88 -43.90
N THR D 939 -16.97 1.23 -44.68
CA THR D 939 -16.98 0.80 -46.08
C THR D 939 -16.08 1.63 -46.97
N LEU D 940 -15.65 2.82 -46.53
CA LEU D 940 -14.69 3.62 -47.29
C LEU D 940 -13.24 3.32 -46.93
N VAL D 941 -12.99 2.95 -45.68
CA VAL D 941 -11.63 2.88 -45.16
C VAL D 941 -11.08 1.46 -45.11
N THR D 942 -11.89 0.48 -44.71
CA THR D 942 -11.41 -0.88 -44.55
C THR D 942 -11.25 -1.63 -45.87
N GLY D 943 -11.39 -0.95 -47.00
CA GLY D 943 -11.27 -1.59 -48.30
C GLY D 943 -12.53 -2.24 -48.82
N GLY D 944 -13.66 -2.04 -48.16
CA GLY D 944 -14.91 -2.62 -48.62
C GLY D 944 -15.25 -3.97 -48.04
N ALA D 945 -14.87 -4.23 -46.79
CA ALA D 945 -15.20 -5.50 -46.16
C ALA D 945 -16.70 -5.66 -46.02
N THR D 946 -17.18 -6.86 -46.35
CA THR D 946 -18.60 -7.17 -46.35
C THR D 946 -18.95 -8.09 -45.18
N PRO D 947 -20.21 -8.08 -44.74
CA PRO D 947 -20.62 -9.00 -43.66
C PRO D 947 -20.43 -10.47 -44.00
N GLU D 948 -20.56 -10.84 -45.27
CA GLU D 948 -20.28 -12.20 -45.69
C GLU D 948 -18.82 -12.56 -45.45
N LEU D 949 -17.92 -11.63 -45.78
CA LEU D 949 -16.50 -11.83 -45.49
C LEU D 949 -16.26 -11.88 -43.99
N GLU D 950 -17.00 -11.08 -43.21
CA GLU D 950 -16.91 -11.14 -41.76
C GLU D 950 -17.29 -12.52 -41.24
N ALA D 951 -18.37 -13.09 -41.77
CA ALA D 951 -18.81 -14.42 -41.35
C ALA D 951 -17.80 -15.48 -41.74
N LEU D 952 -17.23 -15.38 -42.95
CA LEU D 952 -16.23 -16.35 -43.37
C LEU D 952 -14.97 -16.28 -42.50
N ILE D 953 -14.52 -15.07 -42.18
CA ILE D 953 -13.35 -14.92 -41.32
C ILE D 953 -13.66 -15.43 -39.91
N ALA D 954 -14.88 -15.20 -39.43
CA ALA D 954 -15.27 -15.76 -38.14
C ALA D 954 -15.25 -17.28 -38.16
N GLU D 955 -15.71 -17.87 -39.26
CA GLU D 955 -15.77 -19.33 -39.35
C GLU D 955 -14.39 -19.96 -39.42
N GLU D 956 -13.48 -19.37 -40.22
CA GLU D 956 -12.21 -20.02 -40.49
C GLU D 956 -11.00 -19.36 -39.83
N ASN D 957 -11.15 -18.14 -39.30
CA ASN D 957 -10.04 -17.39 -38.68
C ASN D 957 -8.90 -17.17 -39.65
N ALA D 958 -9.21 -17.11 -40.94
CA ALA D 958 -8.20 -16.92 -42.00
C ALA D 958 -8.93 -16.49 -43.26
N LEU D 959 -8.16 -16.22 -44.31
CA LEU D 959 -8.68 -15.86 -45.61
C LEU D 959 -8.54 -17.05 -46.55
N ARG D 960 -9.64 -17.44 -47.19
CA ARG D 960 -9.68 -18.60 -48.06
C ARG D 960 -9.71 -18.15 -49.51
N GLY D 961 -8.78 -18.68 -50.30
CA GLY D 961 -8.76 -18.37 -51.72
C GLY D 961 -9.83 -19.11 -52.49
N GLY D 962 -9.97 -18.72 -53.75
CA GLY D 962 -10.97 -19.33 -54.60
C GLY D 962 -10.73 -18.99 -56.06
N TYR D 963 -11.26 -19.85 -56.93
CA TYR D 963 -11.11 -19.64 -58.36
C TYR D 963 -11.98 -18.48 -58.84
N SER D 964 -11.53 -17.83 -59.90
CA SER D 964 -12.21 -16.65 -60.42
C SER D 964 -13.48 -17.05 -61.15
N THR D 965 -14.58 -16.38 -60.83
CA THR D 965 -15.87 -16.55 -61.47
C THR D 965 -16.37 -15.17 -61.91
N PRO D 966 -17.25 -15.11 -62.90
CA PRO D 966 -17.76 -13.80 -63.35
C PRO D 966 -18.41 -12.99 -62.26
N GLN D 967 -19.06 -13.63 -61.27
CA GLN D 967 -19.64 -12.89 -60.16
C GLN D 967 -18.55 -12.21 -59.33
N THR D 968 -17.48 -12.94 -59.03
CA THR D 968 -16.39 -12.35 -58.24
C THR D 968 -15.65 -11.28 -59.04
N LEU D 969 -15.50 -11.48 -60.34
CA LEU D 969 -14.87 -10.45 -61.18
C LEU D 969 -15.72 -9.20 -61.26
N ALA D 970 -17.05 -9.35 -61.27
CA ALA D 970 -17.93 -8.20 -61.19
C ALA D 970 -17.87 -7.54 -59.82
N ASN D 971 -17.61 -8.33 -58.78
CA ASN D 971 -17.45 -7.80 -57.43
C ASN D 971 -16.15 -7.00 -57.30
N ARG D 972 -15.23 -7.15 -58.25
CA ARG D 972 -13.96 -6.44 -58.19
C ARG D 972 -14.12 -4.95 -58.47
N ASP D 973 -15.13 -4.58 -59.27
CA ASP D 973 -15.31 -3.20 -59.69
C ASP D 973 -15.79 -2.35 -58.51
N ARG D 974 -14.92 -1.46 -58.03
CA ARG D 974 -15.26 -0.53 -56.96
C ARG D 974 -14.60 0.81 -57.28
N CYS D 975 -14.56 1.69 -56.29
CA CYS D 975 -13.88 2.97 -56.40
C CYS D 975 -12.77 3.05 -55.34
N ARG D 976 -11.66 3.68 -55.71
CA ARG D 976 -10.48 3.74 -54.88
C ARG D 976 -10.06 5.18 -54.64
N VAL D 977 -9.43 5.41 -53.50
CA VAL D 977 -8.95 6.74 -53.14
C VAL D 977 -7.59 6.98 -53.80
N ALA D 978 -7.45 8.13 -54.47
CA ALA D 978 -6.22 8.45 -55.15
C ALA D 978 -5.96 9.95 -55.11
N GLN D 979 -4.73 10.33 -55.40
CA GLN D 979 -4.33 11.71 -55.56
C GLN D 979 -3.80 11.91 -56.98
N LEU D 980 -4.22 13.00 -57.61
CA LEU D 980 -3.79 13.30 -58.97
C LEU D 980 -3.15 14.68 -59.04
N ALA D 981 -2.11 14.80 -59.86
CA ALA D 981 -1.40 16.04 -60.04
C ALA D 981 -1.87 16.73 -61.33
N LEU D 982 -1.79 18.06 -61.33
CA LEU D 982 -2.21 18.87 -62.47
C LEU D 982 -1.04 19.34 -63.31
N LEU D 983 0.16 18.77 -63.11
CA LEU D 983 1.32 19.22 -63.85
C LEU D 983 1.25 18.82 -65.32
N ASP D 984 0.91 17.55 -65.58
CA ASP D 984 0.91 17.05 -66.95
C ASP D 984 -0.29 16.17 -67.28
N GLY D 985 -1.33 16.17 -66.45
CA GLY D 985 -2.50 15.36 -66.72
C GLY D 985 -3.43 16.01 -67.72
N PRO D 986 -4.59 15.38 -67.95
CA PRO D 986 -5.58 15.99 -68.85
C PRO D 986 -6.15 17.30 -68.34
N PHE D 987 -6.03 17.58 -67.05
CA PHE D 987 -6.55 18.81 -66.46
C PHE D 987 -5.46 19.86 -66.26
N ALA D 988 -4.31 19.69 -66.91
CA ALA D 988 -3.20 20.63 -66.74
C ALA D 988 -3.54 22.02 -67.25
N ASP D 989 -4.36 22.12 -68.32
CA ASP D 989 -4.72 23.41 -68.88
C ASP D 989 -5.68 24.19 -67.97
N LEU D 990 -6.23 23.55 -66.94
CA LEU D 990 -7.17 24.22 -66.04
C LEU D 990 -6.57 24.54 -64.67
N GLY D 991 -5.46 23.91 -64.31
CA GLY D 991 -4.87 24.15 -63.00
C GLY D 991 -4.18 25.49 -62.85
N ASP D 992 -3.97 26.21 -63.95
CA ASP D 992 -3.30 27.52 -63.90
C ASP D 992 -4.36 28.61 -63.85
N GLY D 993 -4.83 28.88 -62.63
CA GLY D 993 -5.79 29.94 -62.40
C GLY D 993 -7.24 29.56 -62.56
N GLY D 994 -7.54 28.34 -63.00
CA GLY D 994 -8.92 27.93 -63.13
C GLY D 994 -9.59 27.68 -61.80
N CYS D 995 -10.91 27.58 -61.83
CA CYS D 995 -11.69 27.36 -60.62
C CYS D 995 -11.87 25.87 -60.37
N TYR D 996 -12.12 25.54 -59.10
CA TYR D 996 -12.29 24.14 -58.70
C TYR D 996 -13.57 23.55 -59.26
N GLY D 997 -14.59 24.37 -59.48
CA GLY D 997 -15.87 23.85 -59.95
C GLY D 997 -15.80 23.25 -61.34
N ASP D 998 -15.06 23.90 -62.25
CA ASP D 998 -14.89 23.35 -63.59
C ASP D 998 -14.14 22.03 -63.54
N LEU D 999 -13.12 21.93 -62.70
CA LEU D 999 -12.39 20.68 -62.54
C LEU D 999 -13.30 19.58 -62.03
N PHE D 1000 -14.12 19.89 -61.01
CA PHE D 1000 -15.03 18.89 -60.46
C PHE D 1000 -16.04 18.43 -61.51
N CYS D 1001 -16.62 19.39 -62.25
CA CYS D 1001 -17.62 19.03 -63.25
C CYS D 1001 -17.02 18.21 -64.37
N LYS D 1002 -15.83 18.58 -64.86
CA LYS D 1002 -15.19 17.84 -65.93
C LYS D 1002 -14.81 16.43 -65.48
N ALA D 1003 -14.27 16.30 -64.26
CA ALA D 1003 -13.90 14.99 -63.76
C ALA D 1003 -15.12 14.11 -63.56
N LEU D 1004 -16.23 14.68 -63.08
CA LEU D 1004 -17.43 13.88 -62.86
C LEU D 1004 -18.07 13.47 -64.18
N LYS D 1005 -18.11 14.37 -65.16
CA LYS D 1005 -18.78 14.05 -66.42
C LYS D 1005 -17.96 13.10 -67.27
N THR D 1006 -16.65 13.33 -67.36
CA THR D 1006 -15.84 12.58 -68.32
C THR D 1006 -15.44 11.21 -67.76
N TYR D 1007 -14.70 11.20 -66.66
CA TYR D 1007 -14.12 9.97 -66.12
C TYR D 1007 -14.90 9.42 -64.93
N ASN D 1008 -16.06 10.01 -64.61
CA ASN D 1008 -16.86 9.64 -63.44
C ASN D 1008 -16.01 9.69 -62.17
N MET D 1009 -15.26 10.79 -62.03
CA MET D 1009 -14.30 10.97 -60.94
C MET D 1009 -14.83 11.99 -59.96
N LEU D 1010 -14.77 11.67 -58.67
CA LEU D 1010 -15.33 12.50 -57.61
C LEU D 1010 -14.18 13.17 -56.85
N CYS D 1011 -13.95 14.45 -57.15
CA CYS D 1011 -12.95 15.23 -56.43
C CYS D 1011 -13.56 15.79 -55.16
N PHE D 1012 -12.86 15.61 -54.03
CA PHE D 1012 -13.40 16.05 -52.75
C PHE D 1012 -12.37 16.72 -51.85
N GLY D 1013 -11.26 17.19 -52.39
CA GLY D 1013 -10.29 17.89 -51.58
C GLY D 1013 -9.00 18.25 -52.30
N ILE D 1014 -8.30 19.24 -51.77
CA ILE D 1014 -7.07 19.75 -52.38
C ILE D 1014 -5.93 19.59 -51.39
N TYR D 1015 -4.84 18.95 -51.83
CA TYR D 1015 -3.62 18.84 -51.06
C TYR D 1015 -2.65 19.89 -51.63
N ARG D 1016 -2.47 20.97 -50.89
CA ARG D 1016 -1.84 22.18 -51.41
C ARG D 1016 -0.53 22.46 -50.69
N LEU D 1017 0.48 22.87 -51.45
CA LEU D 1017 1.78 23.20 -50.88
C LEU D 1017 1.65 24.31 -49.85
N ARG D 1018 2.35 24.15 -48.73
CA ARG D 1018 2.26 25.12 -47.64
C ARG D 1018 2.78 26.49 -48.07
N ASP D 1019 3.93 26.53 -48.73
CA ASP D 1019 4.49 27.79 -49.21
C ASP D 1019 4.09 28.08 -50.65
N ALA D 1020 2.78 28.07 -50.90
CA ALA D 1020 2.25 28.38 -52.22
C ALA D 1020 1.68 29.79 -52.33
N HIS D 1021 1.05 30.29 -51.26
CA HIS D 1021 0.54 31.66 -51.28
C HIS D 1021 1.67 32.69 -51.18
N LEU D 1022 2.83 32.30 -50.65
CA LEU D 1022 3.95 33.22 -50.57
C LEU D 1022 4.51 33.51 -51.96
N SER D 1023 4.86 34.78 -52.19
CA SER D 1023 5.44 35.16 -53.48
C SER D 1023 6.87 34.65 -53.60
N THR D 1024 7.63 34.68 -52.50
CA THR D 1024 9.02 34.22 -52.54
C THR D 1024 9.08 32.71 -52.71
N PRO D 1025 10.07 32.20 -53.45
CA PRO D 1025 10.21 30.74 -53.58
C PRO D 1025 10.67 30.11 -52.27
N SER D 1026 10.33 28.83 -52.13
CA SER D 1026 10.70 28.07 -50.94
C SER D 1026 11.00 26.63 -51.33
N GLN D 1027 11.79 25.96 -50.49
CA GLN D 1027 12.16 24.57 -50.71
C GLN D 1027 11.30 23.59 -49.92
N CYS D 1028 10.32 24.08 -49.16
CA CYS D 1028 9.48 23.19 -48.37
C CYS D 1028 8.51 22.44 -49.27
N THR D 1029 8.44 21.12 -49.08
CA THR D 1029 7.54 20.27 -49.85
C THR D 1029 6.33 19.83 -49.04
N LYS D 1030 6.15 20.36 -47.84
CA LYS D 1030 5.00 19.99 -47.02
C LYS D 1030 3.72 20.56 -47.61
N ARG D 1031 2.64 19.79 -47.53
CA ARG D 1031 1.35 20.19 -48.05
C ARG D 1031 0.28 20.00 -46.98
N TYR D 1032 -0.73 20.86 -47.02
CA TYR D 1032 -1.86 20.80 -46.10
C TYR D 1032 -3.13 20.47 -46.88
N VAL D 1033 -4.21 20.24 -46.11
CA VAL D 1033 -5.45 19.67 -46.62
C VAL D 1033 -6.53 20.75 -46.62
N ILE D 1034 -7.20 20.91 -47.76
CA ILE D 1034 -8.37 21.77 -47.88
C ILE D 1034 -9.53 20.86 -48.27
N THR D 1035 -10.54 20.78 -47.39
CA THR D 1035 -11.64 19.85 -47.55
C THR D 1035 -12.83 20.57 -48.18
N ASN D 1036 -13.28 20.05 -49.34
CA ASN D 1036 -14.44 20.55 -50.07
C ASN D 1036 -14.36 22.05 -50.32
N PRO D 1037 -13.48 22.50 -51.22
CA PRO D 1037 -13.40 23.94 -51.51
C PRO D 1037 -14.60 24.40 -52.28
N PRO D 1038 -14.93 25.70 -52.23
CA PRO D 1038 -16.09 26.21 -52.97
C PRO D 1038 -15.91 26.16 -54.48
N TYR D 1039 -16.97 26.55 -55.21
CA TYR D 1039 -16.91 26.50 -56.67
C TYR D 1039 -15.88 27.48 -57.23
N GLU D 1040 -15.79 28.67 -56.65
CA GLU D 1040 -14.93 29.72 -57.15
C GLU D 1040 -13.52 29.65 -56.58
N PHE D 1041 -13.15 28.54 -55.94
CA PHE D 1041 -11.81 28.41 -55.37
C PHE D 1041 -10.78 28.30 -56.49
N GLU D 1042 -9.74 29.12 -56.42
CA GLU D 1042 -8.72 29.16 -57.44
C GLU D 1042 -7.77 27.96 -57.32
N LEU D 1043 -7.12 27.63 -58.43
CA LEU D 1043 -6.21 26.50 -58.50
C LEU D 1043 -4.82 26.97 -58.93
N VAL D 1044 -3.81 26.32 -58.36
CA VAL D 1044 -2.41 26.56 -58.76
C VAL D 1044 -1.86 25.27 -59.35
N PRO D 1045 -0.90 25.33 -60.26
CA PRO D 1045 -0.38 24.09 -60.88
C PRO D 1045 0.27 23.14 -59.90
N THR D 1046 0.81 23.64 -58.79
CA THR D 1046 1.46 22.77 -57.79
C THR D 1046 0.44 22.38 -56.72
N ASP D 1047 -0.55 21.61 -57.15
CA ASP D 1047 -1.61 21.13 -56.29
C ASP D 1047 -1.88 19.65 -56.56
N LEU D 1048 -2.40 18.96 -55.56
CA LEU D 1048 -2.87 17.59 -55.72
C LEU D 1048 -4.37 17.56 -55.44
N ILE D 1049 -5.08 16.68 -56.14
CA ILE D 1049 -6.52 16.56 -56.01
C ILE D 1049 -6.84 15.18 -55.46
N PHE D 1050 -7.55 15.14 -54.35
CA PHE D 1050 -8.12 13.90 -53.85
C PHE D 1050 -9.27 13.47 -54.77
N CYS D 1051 -9.35 12.17 -55.05
CA CYS D 1051 -10.38 11.70 -55.96
C CYS D 1051 -10.74 10.26 -55.62
N LEU D 1052 -11.94 9.88 -56.04
CA LEU D 1052 -12.42 8.51 -55.98
C LEU D 1052 -12.51 8.00 -57.42
N MET D 1053 -11.54 7.19 -57.81
CA MET D 1053 -11.42 6.73 -59.19
C MET D 1053 -12.10 5.37 -59.36
N GLN D 1054 -12.81 5.22 -60.47
CA GLN D 1054 -13.47 3.96 -60.78
C GLN D 1054 -12.44 2.91 -61.21
N PHE D 1055 -12.82 1.65 -61.03
CA PHE D 1055 -11.98 0.56 -61.50
C PHE D 1055 -12.07 0.46 -63.03
N ASP D 1056 -10.91 0.27 -63.66
CA ASP D 1056 -10.82 0.16 -65.11
C ASP D 1056 -10.08 -1.12 -65.46
N SER D 1057 -10.56 -1.80 -66.49
CA SER D 1057 -9.95 -3.04 -66.94
C SER D 1057 -9.29 -2.86 -68.30
K K E . -20.74 33.29 33.21
K K F . -19.31 31.00 30.93
K K G . -18.02 28.92 28.83
K K H . -16.55 26.56 26.48
K K I . -22.20 35.61 35.53
P POV J . -8.69 48.69 39.54
C1 POV J . -6.62 49.26 38.00
C2 POV J . -6.33 49.71 36.58
C3 POV J . -6.82 48.76 35.50
C210 POV J . 1.02 43.44 30.14
C310 POV J . -2.01 40.39 29.29
O11 POV J . -7.94 48.78 38.11
C211 POV J . 2.46 43.42 29.77
C311 POV J . -1.67 41.22 28.06
O12 POV J . -9.84 49.83 39.27
C212 POV J . 3.12 42.09 30.16
C312 POV J . -0.43 40.71 27.34
O13 POV J . -9.36 47.34 39.61
C313 POV J . -0.12 41.45 26.04
O14 POV J . -7.79 49.15 40.64
C21 POV J . -4.04 49.02 36.16
O21 POV J . -4.94 49.99 36.32
C22 POV J . -3.26 49.23 34.90
O22 POV J . -3.89 48.10 36.92
C23 POV J . -1.80 48.80 34.96
C24 POV J . -1.64 47.29 34.81
C25 POV J . -2.11 46.74 33.46
C26 POV J . -0.96 46.47 32.51
C27 POV J . 0.13 45.62 33.13
C28 POV J . 1.11 45.04 32.11
C29 POV J . 0.45 44.14 31.13
C31 POV J . -6.72 46.46 35.01
O31 POV J . -6.63 47.42 35.93
C32 POV J . -6.63 45.10 35.65
O32 POV J . -6.87 46.68 33.84
C33 POV J . -6.83 43.94 34.68
C34 POV J . -5.55 43.58 33.96
C35 POV J . -5.73 42.50 32.91
C36 POV J . -4.42 41.81 32.52
C37 POV J . -3.42 42.74 31.84
C38 POV J . -3.17 42.37 30.38
C39 POV J . -3.23 40.88 30.07
P POV K . -18.62 28.89 53.15
C1 POV K . -16.66 27.23 53.79
C2 POV K . -15.14 27.13 53.68
C3 POV K . -14.61 27.15 52.25
C210 POV K . -10.52 17.73 48.68
C310 POV K . -11.40 19.18 44.67
O11 POV K . -17.15 28.23 52.91
C211 POV K . -9.95 16.40 49.06
C311 POV K . -9.91 19.22 44.93
O12 POV K . -18.11 30.42 53.53
C212 POV K . -10.72 15.25 48.38
C312 POV K . -9.25 17.86 44.70
O13 POV K . -19.30 28.92 51.82
C313 POV K . -7.73 17.88 44.87
O14 POV K . -19.29 28.29 54.35
C21 POV K . -14.66 24.76 53.80
O21 POV K . -14.59 25.99 54.33
C22 POV K . -13.30 24.12 53.77
O22 POV K . -15.68 24.24 53.44
C23 POV K . -13.28 22.61 53.99
C24 POV K . -13.71 21.84 52.76
C25 POV K . -12.77 22.02 51.57
C26 POV K . -11.82 20.84 51.38
C27 POV K . -12.54 19.50 51.36
C28 POV K . -11.67 18.36 50.85
C29 POV K . -11.24 18.55 49.43
C31 POV K . -15.05 26.11 50.19
O31 POV K . -15.49 26.44 51.40
C32 POV K . -16.12 25.46 49.39
O32 POV K . -13.93 26.34 49.81
C33 POV K . -15.74 25.14 47.95
C34 POV K . -15.00 23.82 47.85
C35 POV K . -14.49 23.52 46.44
C36 POV K . -14.18 22.03 46.23
C37 POV K . -13.03 21.51 47.09
C38 POV K . -11.81 21.11 46.27
C39 POV K . -12.11 20.50 44.91
P POV L . 5.61 16.58 25.12
C1 POV L . 6.60 18.47 26.69
C2 POV L . 6.00 19.82 27.12
C3 POV L . 5.22 20.49 26.01
C210 POV L . 1.76 27.82 32.26
O11 POV L . 6.04 18.12 25.44
C211 POV L . 1.50 26.39 32.65
O12 POV L . 5.96 16.59 23.50
C212 POV L . 0.01 26.08 32.71
O13 POV L . 6.61 15.69 25.81
C213 POV L . -0.68 26.57 33.97
O14 POV L . 4.15 16.38 25.31
C214 POV L . -2.08 25.97 34.13
C215 POV L . -2.91 26.64 35.22
C21 POV L . 6.88 21.39 28.68
O21 POV L . 7.01 20.74 27.52
C22 POV L . 7.79 22.59 28.74
O22 POV L . 6.12 21.04 29.54
C23 POV L . 7.07 23.92 28.92
C24 POV L . 6.68 24.15 30.38
C25 POV L . 5.50 25.10 30.53
C26 POV L . 5.82 26.53 30.09
C27 POV L . 4.64 27.48 30.27
C28 POV L . 4.24 27.65 31.73
C29 POV L . 2.92 28.35 31.87
C31 POV L . 5.10 22.85 26.07
O31 POV L . 4.65 21.68 26.53
C32 POV L . 4.25 23.99 26.58
O32 POV L . 6.05 22.95 25.34
C33 POV L . 4.59 25.34 25.98
C34 POV L . 3.93 26.46 26.76
P POV M . 12.73 21.01 18.35
C1 POV M . 10.28 20.87 19.31
C2 POV M . 9.14 21.78 19.80
C3 POV M . 7.78 21.40 19.27
O11 POV M . 11.42 21.66 19.06
O12 POV M . 13.55 20.58 19.72
O13 POV M . 13.52 22.06 17.62
O14 POV M . 12.29 19.75 17.66
C31 POV M . 6.00 22.70 20.11
O31 POV M . 6.97 22.57 19.22
C32 POV M . 5.05 23.80 19.69
O32 POV M . 5.89 22.03 21.10
C33 POV M . 3.86 23.99 20.60
C34 POV M . 2.94 25.08 20.06
C35 POV M . 1.61 25.18 20.81
C36 POV M . 0.76 26.35 20.32
C37 POV M . -0.61 26.42 20.96
C38 POV M . -1.36 27.70 20.61
P POV N . 0.04 -2.86 36.59
C1 POV N . -2.08 -1.40 37.15
C2 POV N . -2.52 -0.27 38.08
C3 POV N . -2.57 -0.68 39.53
C210 POV N . -1.94 9.96 41.30
O11 POV N . -0.81 -1.87 37.55
C211 POV N . -1.69 11.42 41.27
O12 POV N . -0.31 -4.27 37.37
C212 POV N . -1.59 12.01 42.68
O13 POV N . 1.48 -2.54 36.82
C213 POV N . -2.80 11.70 43.56
O14 POV N . -0.52 -2.90 35.21
C21 POV N . -3.93 1.30 36.97
O21 POV N . -3.82 0.21 37.75
C22 POV N . -3.76 2.56 37.78
O22 POV N . -4.15 1.25 35.79
C23 POV N . -3.92 3.83 36.98
C24 POV N . -3.86 5.07 37.87
C25 POV N . -5.03 5.17 38.84
C26 POV N . -4.66 5.91 40.12
C27 POV N . -4.32 7.38 39.91
C28 POV N . -2.98 7.76 40.53
C29 POV N . -2.74 9.24 40.50
C31 POV N . -2.40 1.23 40.92
O31 POV N . -3.17 0.37 40.28
C32 POV N . -3.22 2.16 41.77
O32 POV N . -1.20 1.24 40.83
C33 POV N . -2.47 3.37 42.28
C34 POV N . -3.36 4.22 43.18
C35 POV N . -2.71 5.51 43.67
C210 POV O . -4.28 14.16 58.02
C211 POV O . -4.34 13.40 56.73
C212 POV O . -3.18 13.75 55.81
C213 POV O . -3.08 12.83 54.59
C21 POV O . -8.60 22.85 63.90
O21 POV O . -8.18 23.88 64.38
C22 POV O . -7.86 21.56 63.84
O22 POV O . -9.80 22.74 63.32
C23 POV O . -7.77 20.94 62.45
C24 POV O . -6.97 19.64 62.46
C25 POV O . -6.81 19.02 61.08
C26 POV O . -5.97 17.75 61.10
C27 POV O . -5.83 17.08 59.74
C28 POV O . -5.15 15.72 59.83
C29 POV O . -5.22 14.96 58.54
P POV P . 14.64 19.84 34.46
C1 POV P . 13.15 20.92 32.57
C2 POV P . 12.98 22.30 31.93
C3 POV P . 14.23 23.16 32.05
O11 POV P . 13.80 21.06 33.81
O12 POV P . 13.87 19.78 35.93
O13 POV P . 14.27 18.60 33.69
O14 POV P . 16.07 20.21 34.68
C21 POV P . 11.42 24.10 31.93
O21 POV P . 11.93 23.04 32.54
C22 POV P . 11.12 25.18 32.94
O22 POV P . 11.24 24.19 30.74
C23 POV P . 10.29 26.35 32.43
C24 POV P . 9.55 27.02 33.58
C25 POV P . 9.33 28.51 33.38
C26 POV P . 8.74 29.18 34.61
C27 POV P . 8.50 30.67 34.45
C28 POV P . 7.95 31.32 35.71
C29 POV P . 7.70 32.79 35.52
C31 POV P . 14.74 25.03 33.40
O31 POV P . 14.18 23.84 33.30
C32 POV P . 14.32 25.71 34.67
O32 POV P . 15.48 25.50 32.57
C33 POV P . 14.31 27.23 34.61
C34 POV P . 13.67 27.84 35.85
C35 POV P . 13.49 29.34 35.77
C36 POV P . 12.92 29.93 37.05
C37 POV P . 12.77 31.45 37.02
C38 POV P . 12.31 32.03 38.35
C39 POV P . 12.22 33.55 38.36
C1 CLR Q . 2.21 38.75 47.43
C2 CLR Q . 2.84 39.52 48.58
C3 CLR Q . 2.44 40.99 48.65
C4 CLR Q . 2.07 41.54 47.27
C5 CLR Q . 2.78 40.81 46.16
C6 CLR Q . 3.69 41.42 45.40
C7 CLR Q . 4.64 40.73 44.49
C8 CLR Q . 4.23 39.29 44.15
C9 CLR Q . 3.68 38.59 45.40
C10 CLR Q . 2.47 39.33 46.02
C11 CLR Q . 3.41 37.11 45.12
C12 CLR Q . 4.59 36.38 44.49
C13 CLR Q . 5.09 37.07 43.21
C14 CLR Q . 5.41 38.51 43.62
C15 CLR Q . 6.18 39.07 42.42
C16 CLR Q . 7.06 37.88 42.00
C17 CLR Q . 6.46 36.60 42.65
C18 CLR Q . 4.04 37.02 42.11
C19 CLR Q . 1.20 39.18 45.16
C20 CLR Q . 6.55 35.39 41.70
C21 CLR Q . 6.20 34.05 42.34
C22 CLR Q . 7.97 35.30 41.10
C23 CLR Q . 8.13 34.31 39.95
C24 CLR Q . 9.06 33.15 40.29
C25 CLR Q . 8.39 31.78 40.41
C26 CLR Q . 8.93 30.82 39.35
C27 CLR Q . 8.55 31.17 41.80
O1 CLR Q . 1.36 41.11 49.56
C01 AJP R . 4.26 31.86 38.19
C02 AJP R . 3.70 30.45 38.23
C03 AJP R . 4.55 29.51 39.06
C04 AJP R . 4.04 28.07 38.99
C05 AJP R . 3.83 27.61 37.57
C06 AJP R . 3.16 26.24 37.41
C07 AJP R . 3.87 25.64 36.18
C08 AJP R . 4.86 26.72 35.75
O09 AJP R . 5.09 27.48 36.95
C10 AJP R . 6.15 26.03 35.30
C11 AJP R . 5.73 24.57 35.17
C12 AJP R . 4.73 24.35 36.33
C13 AJP R . 4.00 23.03 36.05
C14 AJP R . 4.97 21.86 35.90
C15 AJP R . 6.06 22.10 34.85
C16 AJP R . 6.78 23.44 35.07
C17 AJP R . 7.79 23.70 33.95
C18 AJP R . 8.76 22.55 33.75
C19 AJP R . 8.00 21.24 33.51
C20 AJP R . 7.05 20.91 34.68
C21 AJP R . 6.28 19.63 34.30
C22 AJP R . 6.75 18.86 33.07
C23 AJP R . 8.27 18.73 33.01
C24 AJP R . 8.95 20.08 33.17
O25 AJP R . 8.70 17.83 34.06
C26 AJP R . 9.57 16.81 33.65
C27 AJP R . 9.59 15.74 34.73
C28 AJP R . 9.19 14.39 34.15
C29 AJP R . 10.04 14.07 32.93
C30 AJP R . 10.00 15.22 31.92
O31 AJP R . 9.14 16.26 32.41
C32 AJP R . 9.45 14.82 30.57
O33 AJP R . 8.13 14.30 30.68
O34 AJP R . 9.52 12.88 32.32
C35 AJP R . 10.27 11.70 32.44
C36 AJP R . 11.13 11.55 31.20
C37 AJP R . 12.49 10.98 31.56
C38 AJP R . 12.40 9.91 32.64
C39 AJP R . 11.71 10.47 33.88
O40 AJP R . 11.09 11.73 33.59
C41 AJP R . 12.67 10.73 35.03
O42 AJP R . 13.33 9.53 35.42
O43 AJP R . 11.69 8.78 32.17
O44 AJP R . 13.34 12.04 32.03
O54 AJP R . 10.49 10.64 30.30
O77 AJP R . 7.81 14.40 33.79
O78 AJP R . 10.89 15.66 35.32
O79 AJP R . 6.22 19.39 31.84
C80 AJP R . 7.83 20.67 35.99
C81 AJP R . 5.43 24.30 37.70
O82 AJP R . 7.24 26.34 36.15
C83 AJP R . 1.64 26.27 37.33
O84 AJP R . 3.03 28.55 36.86
C85 AJP R . 3.55 29.88 36.84
C01 AJP S . 6.64 42.50 36.36
C02 AJP S . 5.56 42.30 35.30
C03 AJP S . 5.44 43.50 34.38
C04 AJP S . 4.06 44.16 34.48
C05 AJP S . 3.66 44.38 35.92
C06 AJP S . 2.26 44.96 36.12
C07 AJP S . 2.42 45.87 37.36
C08 AJP S . 3.91 45.73 37.72
O09 AJP S . 4.53 45.36 36.48
C10 AJP S . 4.42 47.11 38.17
C11 AJP S . 3.13 47.90 38.38
C12 AJP S . 2.18 47.40 37.25
C13 AJP S . 0.77 47.87 37.60
C14 AJP S . 0.71 49.39 37.79
C15 AJP S . 1.71 49.90 38.83
C16 AJP S . 3.14 49.43 38.52
C17 AJP S . 4.10 49.88 39.62
C18 AJP S . 4.03 51.39 39.89
C19 AJP S . 2.60 51.80 40.22
C20 AJP S . 1.63 51.44 39.06
C21 AJP S . 0.22 51.83 39.53
C22 AJP S . 0.08 53.28 40.00
C23 AJP S . 1.09 53.58 41.09
C24 AJP S . 2.50 53.26 40.64
O25 AJP S . 0.98 54.97 41.47
C26 AJP S . 0.52 55.21 42.78
C27 AJP S . 1.26 56.42 43.32
C28 AJP S . 0.73 56.76 44.71
C29 AJP S . -0.79 56.91 44.68
C30 AJP S . -1.43 55.67 44.07
O31 AJP S . -0.87 55.44 42.76
C32 AJP S . -2.93 55.79 43.90
O33 AJP S . -3.26 56.80 42.96
O34 AJP S . -1.09 58.05 43.87
C35 AJP S . -1.60 59.19 44.50
C36 AJP S . -0.80 60.41 44.04
C37 AJP S . -1.10 60.75 42.59
C38 AJP S . -2.46 60.27 42.11
C39 AJP S . -3.43 60.25 43.29
O40 AJP S . -3.00 59.31 44.29
C41 AJP S . -4.83 59.87 42.89
O42 AJP S . -4.87 58.57 42.33
O43 AJP S . -2.96 61.11 41.10
O44 AJP S . -0.10 60.12 41.77
O54 AJP S . -1.08 61.54 44.87
O77 AJP S . 1.34 57.96 45.19
O78 AJP S . 2.65 56.16 43.39
O79 AJP S . -1.25 53.54 40.45
C80 AJP S . 1.98 52.23 37.79
C81 AJP S . 2.60 47.94 35.87
O82 AJP S . 5.38 47.64 37.27
C83 AJP S . 1.15 43.93 36.25
O84 AJP S . 3.73 43.17 36.67
C85 AJP S . 4.21 42.04 35.95
C01 AJP T . 10.82 41.29 41.52
C02 AJP T . 9.40 41.71 41.13
C03 AJP T . 9.40 43.00 40.32
C04 AJP T . 9.29 44.22 41.23
C05 AJP T . 8.00 44.20 42.05
C06 AJP T . 6.86 45.07 41.51
C07 AJP T . 6.22 45.62 42.80
C08 AJP T . 7.02 44.98 43.93
O09 AJP T . 8.29 44.71 43.33
C10 AJP T . 7.16 46.00 45.06
C11 AJP T . 6.18 47.11 44.66
C12 AJP T . 6.26 47.15 43.11
C13 AJP T . 5.06 47.96 42.63
C14 AJP T . 5.05 49.37 43.23
C15 AJP T . 5.11 49.36 44.76
C16 AJP T . 6.26 48.50 45.30
C17 AJP T . 6.22 48.43 46.83
C18 AJP T . 6.19 49.82 47.47
C19 AJP T . 5.03 50.64 46.93
C20 AJP T . 5.11 50.79 45.38
C21 AJP T . 3.85 51.57 44.94
C22 AJP T . 3.69 52.92 45.65
C23 AJP T . 3.66 52.74 47.16
C24 AJP T . 4.88 51.99 47.64
O25 AJP T . 3.60 54.05 47.79
C26 AJP T . 4.67 54.91 47.53
C27 AJP T . 4.11 56.28 47.17
C28 AJP T . 4.68 57.34 48.10
C29 AJP T . 6.20 57.25 48.15
C30 AJP T . 6.65 55.84 48.50
O31 AJP T . 5.49 55.01 48.69
C32 AJP T . 7.45 55.77 49.77
O33 AJP T . 7.85 54.42 50.06
O34 AJP T . 6.66 58.16 49.15
O77 AJP T . 4.14 57.18 49.41
O78 AJP T . 4.43 56.59 45.82
O79 AJP T . 2.49 53.56 45.20
C80 AJP T . 6.36 51.58 44.98
C81 AJP T . 7.58 47.78 42.62
O82 AJP T . 8.52 46.38 45.26
C83 AJP T . 5.90 44.35 40.57
O84 AJP T . 7.51 42.87 42.14
C85 AJP T . 8.53 41.89 42.36
C01 AJP U . 15.97 42.50 43.56
C02 AJP U . 14.54 42.45 44.08
C03 AJP U . 13.68 43.57 43.51
C04 AJP U . 13.68 44.79 44.44
C05 AJP U . 13.12 44.45 45.81
C06 AJP U . 11.65 44.79 46.04
C07 AJP U . 11.60 45.19 47.52
C08 AJP U . 13.06 45.08 47.97
O09 AJP U . 13.83 45.22 46.78
C10 AJP U . 13.35 46.24 48.93
C11 AJP U . 11.95 46.78 49.27
C12 AJP U . 11.16 46.62 47.93
C13 AJP U . 9.68 46.78 48.28
C14 AJP U . 9.39 48.11 48.98
C15 AJP U . 10.25 48.34 50.23
C16 AJP U . 11.75 48.15 49.93
C17 AJP U . 12.58 48.28 51.21
C18 AJP U . 12.28 49.58 51.97
C19 AJP U . 10.79 49.70 52.26
C20 AJP U . 9.95 49.67 50.96
C21 AJP U . 8.47 49.75 51.37
C22 AJP U . 8.13 50.94 52.27
C23 AJP U . 9.01 50.96 53.51
C24 AJP U . 10.47 50.92 53.15
O25 AJP U . 8.70 52.13 54.29
C26 AJP U . 9.20 53.35 53.79
C27 AJP U . 8.04 54.35 53.72
C28 AJP U . 7.53 54.73 55.11
C29 AJP U . 8.64 54.71 56.15
C30 AJP U . 10.01 54.90 55.51
O31 AJP U . 10.27 53.82 54.59
C32 AJP U . 11.14 54.92 56.51
O33 AJP U . 12.40 55.06 55.86
O34 AJP U . 8.59 53.48 56.88
O77 AJP U . 6.48 53.84 55.50
O78 AJP U . 8.39 55.50 52.97
O79 AJP U . 6.75 50.91 52.63
C80 AJP U . 10.29 50.88 50.06
C81 AJP U . 11.58 47.67 46.88
O82 AJP U . 14.29 47.17 48.38
C83 AJP U . 10.67 43.69 45.64
O84 AJP U . 13.29 43.07 46.08
C85 AJP U . 14.52 42.52 45.59
C01 AJP V . 19.16 35.59 54.16
C02 AJP V . 19.92 36.37 53.10
C03 AJP V . 20.81 37.45 53.70
C04 AJP V . 20.36 38.85 53.28
C05 AJP V . 18.88 39.04 53.43
C06 AJP V . 18.32 40.39 52.96
C07 AJP V . 17.20 40.68 53.98
C08 AJP V . 17.22 39.47 54.92
O09 AJP V . 18.55 38.98 54.81
C10 AJP V . 16.93 39.96 56.34
C11 AJP V . 16.46 41.40 56.13
C12 AJP V . 17.31 41.92 54.93
C13 AJP V . 16.64 43.20 54.43
C14 AJP V . 16.52 44.25 55.54
C15 AJP V . 15.81 43.73 56.81
C16 AJP V . 16.41 42.40 57.30
C17 AJP V . 15.61 41.86 58.48
C18 AJP V . 15.47 42.88 59.60
C19 AJP V . 14.86 44.17 59.08
C20 AJP V . 15.69 44.78 57.94
C21 AJP V . 14.94 46.03 57.44
C22 AJP V . 14.65 47.05 58.54
C23 AJP V . 13.87 46.41 59.68
C24 AJP V . 14.57 45.18 60.21
O25 AJP V . 13.74 47.39 60.74
C26 AJP V . 12.43 47.85 60.98
C27 AJP V . 12.27 48.04 62.49
C28 AJP V . 10.90 48.61 62.80
C29 AJP V . 10.66 49.88 61.97
C30 AJP V . 10.90 49.62 60.50
O31 AJP V . 12.23 49.08 60.31
C32 AJP V . 10.82 50.86 59.65
O33 AJP V . 11.79 51.83 60.04
O34 AJP V . 11.60 50.87 62.44
O77 AJP V . 10.79 48.91 64.19
O78 AJP V . 12.42 46.78 63.15
O79 AJP V . 13.93 48.16 58.00
C80 AJP V . 17.09 45.21 58.45
C81 AJP V . 18.76 42.19 55.33
O82 AJP V . 18.05 39.76 57.20
C83 AJP V . 17.89 40.45 51.50
O84 AJP V . 18.15 38.03 52.73
C85 AJP V . 18.96 37.02 52.12
C01 AJP W . 5.31 11.00 58.90
C02 AJP W . 4.71 11.28 57.52
C03 AJP W . 4.87 12.72 57.10
C04 AJP W . 3.53 13.43 56.94
C05 AJP W . 2.61 13.16 58.11
C06 AJP W . 1.20 13.77 58.00
C07 AJP W . 0.86 14.12 59.46
C08 AJP W . 2.13 13.75 60.24
O09 AJP W . 3.16 13.78 59.26
C10 AJP W . 2.37 14.81 61.31
C11 AJP W . 1.03 15.57 61.34
C12 AJP W . 0.57 15.59 59.87
C13 AJP W . -0.91 16.00 59.86
C14 AJP W . -1.13 17.34 60.58
C15 AJP W . -0.55 17.39 62.00
C16 AJP W . 0.92 16.94 62.04
C17 AJP W . 1.43 16.89 63.48
C18 AJP W . 1.21 18.22 64.21
C19 AJP W . -0.26 18.62 64.17
C20 AJP W . -0.77 18.75 62.72
C21 AJP W . -2.28 19.07 62.80
C22 AJP W . -2.59 20.31 63.64
C23 AJP W . -2.03 20.18 65.05
C24 AJP W . -0.55 19.86 65.02
O25 AJP W . -2.25 21.43 65.74
C26 AJP W . -2.56 21.32 67.11
C27 AJP W . -1.98 22.53 67.83
C28 AJP W . -2.38 22.50 69.30
C29 AJP W . -3.89 22.35 69.44
C30 AJP W . -4.38 21.15 68.65
O31 AJP W . -3.97 21.27 67.28
C32 AJP W . -5.89 20.99 68.65
O33 AJP W . -6.39 20.85 69.97
O34 AJP W . -4.49 23.54 68.90
C35 AJP W . -5.15 24.40 69.81
C36 AJP W . -5.03 25.82 69.29
C37 AJP W . -5.83 26.77 70.19
C38 AJP W . -7.26 26.29 70.37
C39 AJP W . -7.24 24.84 70.85
O40 AJP W . -6.51 24.03 69.92
C41 AJP W . -8.63 24.24 70.96
O42 AJP W . -8.57 22.89 71.40
O43 AJP W . -7.93 27.09 71.33
O44 AJP W . -5.88 28.06 69.54
O54 AJP W . -3.66 26.22 69.35
C55 AJP W . -2.97 26.32 68.12
C56 AJP W . -3.38 27.61 67.42
C57 AJP W . -2.27 28.65 67.49
C58 AJP W . -1.60 28.64 68.86
C59 AJP W . -0.93 27.29 69.07
O60 AJP W . -1.55 26.25 68.29
C61 AJP W . -0.92 26.84 70.52
O62 AJP W . 0.40 26.50 70.94
O63 AJP W . -2.55 28.90 69.89
O64 AJP W . -2.88 29.94 67.31
O76 AJP W . -3.72 27.34 66.07
O77 AJP W . -1.94 23.69 69.95
O78 AJP W . -0.57 22.54 67.70
O79 AJP W . -4.00 20.53 63.68
C80 AJP W . -0.05 19.89 61.99
C81 AJP W . 1.40 16.58 59.02
O82 AJP W . 3.54 15.56 61.06
C83 AJP W . 0.17 12.88 57.31
O84 AJP W . 2.44 11.77 58.34
C85 AJP W . 3.24 10.92 57.49
C01 AJP X . -4.86 15.52 51.19
C02 AJP X . -6.04 15.31 52.15
C03 AJP X . -7.30 15.99 51.65
C04 AJP X . -7.42 17.42 52.18
C05 AJP X . -7.46 17.45 53.69
C06 AJP X . -8.85 17.60 54.32
C07 AJP X . -8.59 18.44 55.58
C08 AJP X . -7.08 18.72 55.52
O09 AJP X . -6.75 18.59 54.14
C10 AJP X . -6.84 20.15 56.00
C11 AJP X . -8.18 20.55 56.63
C12 AJP X . -9.24 19.85 55.73
C13 AJP X . -10.56 19.88 56.51
C14 AJP X . -10.98 21.31 56.89
C15 AJP X . -9.88 22.07 57.64
C16 AJP X . -8.52 22.01 56.93
C17 AJP X . -7.44 22.70 57.76
C18 AJP X . -7.82 24.12 58.16
C19 AJP X . -9.16 24.13 58.89
C20 AJP X . -10.29 23.52 58.04
C21 AJP X . -11.56 23.50 58.91
C22 AJP X . -11.94 24.88 59.49
C23 AJP X . -10.79 25.48 60.26
C24 AJP X . -9.52 25.52 59.44
O25 AJP X . -11.11 26.83 60.73
C26 AJP X . -11.92 27.63 59.90
C27 AJP X . -12.39 28.82 60.71
C28 AJP X . -11.91 30.11 60.06
C29 AJP X . -12.36 30.18 58.61
C30 AJP X . -12.00 28.89 57.88
O31 AJP X . -11.22 28.06 58.74
C32 AJP X . -11.19 29.11 56.62
O33 AJP X . -10.94 27.88 55.95
O34 AJP X . -11.67 31.28 57.99
O77 AJP X . -10.49 30.20 60.14
O78 AJP X . -13.81 28.83 60.79
O79 AJP X . -13.08 24.72 60.33
C80 AJP X . -10.55 24.38 56.78
C81 AJP X . -9.40 20.55 54.37
O82 AJP X . -6.35 20.99 54.95
C83 AJP X . -9.58 16.28 54.58
O84 AJP X . -6.88 16.27 54.23
C85 AJP X . -5.71 15.83 53.53
C01 AJP Y . 9.75 4.93 60.74
C02 AJP Y . 9.48 5.57 59.40
C03 AJP Y . 8.26 4.97 58.70
C04 AJP Y . 8.64 3.72 57.90
C05 AJP Y . 9.67 4.04 56.83
C06 AJP Y . 9.13 4.11 55.40
C07 AJP Y . 10.27 3.50 54.56
C08 AJP Y . 11.35 3.17 55.59
O09 AJP Y . 10.63 2.99 56.81
C10 AJP Y . 12.03 1.87 55.18
C11 AJP Y . 11.51 1.64 53.75
C12 AJP Y . 10.05 2.16 53.79
C13 AJP Y . 9.58 2.31 52.34
C14 AJP Y . 9.71 0.99 51.57
C15 AJP Y . 11.10 0.35 51.64
C16 AJP Y . 11.63 0.26 53.08
C17 AJP Y . 13.06 -0.27 53.10
C18 AJP Y . 13.21 -1.59 52.35
C19 AJP Y . 12.69 -1.45 50.92
C20 AJP Y . 11.21 -1.00 50.88
C21 AJP Y . 10.83 -0.83 49.40
C22 AJP Y . 11.07 -2.07 48.55
C23 AJP Y . 12.51 -2.53 48.65
C24 AJP Y . 12.94 -2.72 50.10
O25 AJP Y . 12.65 -3.80 47.94
C26 AJP Y . 13.34 -3.74 46.72
C27 AJP Y . 14.82 -3.58 47.02
C28 AJP Y . 15.62 -4.68 46.33
C29 AJP Y . 15.24 -4.75 44.85
C30 AJP Y . 13.73 -4.94 44.70
O31 AJP Y . 13.10 -4.93 45.99
C32 AJP Y . 13.35 -6.23 44.03
O33 AJP Y . 13.91 -6.34 42.72
O34 AJP Y . 15.92 -5.88 44.29
O77 AJP Y . 15.39 -5.93 46.96
O78 AJP Y . 15.27 -2.31 46.60
O79 AJP Y . 10.70 -1.83 47.20
C80 AJP Y . 10.29 -2.07 51.52
C81 AJP Y . 9.11 1.22 54.55
O82 AJP Y . 11.81 0.83 56.12
C83 AJP Y . 8.67 5.49 54.95
O84 AJP Y . 10.29 5.28 57.10
C85 AJP Y . 10.68 5.45 58.47
C01 AJP Z . -11.92 16.40 27.59
C02 AJP Z . -11.43 16.68 26.18
C03 AJP Z . -12.49 16.35 25.14
C04 AJP Z . -11.94 16.52 23.72
C05 AJP Z . -10.63 15.76 23.53
C06 AJP Z . -9.94 15.98 22.18
C07 AJP Z . -9.25 14.63 21.92
C08 AJP Z . -9.74 13.73 23.06
O09 AJP Z . -10.91 14.37 23.56
C10 AJP Z . -10.09 12.36 22.46
C11 AJP Z . -9.37 12.40 21.12
C12 AJP Z . -9.55 13.85 20.60
C13 AJP Z . -8.53 14.05 19.47
C14 AJP Z . -8.70 13.02 18.36
C15 AJP Z . -8.68 11.57 18.86
C16 AJP Z . -9.66 11.35 20.02
C17 AJP Z . -9.55 9.92 20.56
C18 AJP Z . -9.71 8.87 19.47
C19 AJP Z . -8.71 9.10 18.35
C20 AJP Z . -8.85 10.51 17.73
C21 AJP Z . -7.73 10.66 16.68
C22 AJP Z . -7.74 9.56 15.62
C23 AJP Z . -7.64 8.19 16.26
C24 AJP Z . -8.73 7.99 17.30
O25 AJP Z . -7.79 7.19 15.22
C26 AJP Z . -7.00 6.03 15.36
C27 AJP Z . -7.93 4.83 15.41
C28 AJP Z . -7.86 4.05 14.09
C29 AJP Z . -6.43 3.59 13.84
C30 AJP Z . -5.42 4.68 14.19
O31 AJP Z . -6.10 5.93 14.27
C32 AJP Z . -4.33 4.83 13.15
O33 AJP Z . -3.57 3.63 13.02
O34 AJP Z . -6.33 3.29 12.45
C35 AJP Z . -6.38 1.93 12.05
C36 AJP Z . -7.64 1.72 11.23
C37 AJP Z . -7.31 1.47 9.76
C38 AJP Z . -6.34 0.32 9.57
C39 AJP Z . -5.27 0.34 10.66
O40 AJP Z . -5.23 1.63 11.28
C41 AJP Z . -3.88 0.05 10.14
O42 AJP Z . -2.92 0.11 11.18
O43 AJP Z . -7.03 -0.91 9.61
O44 AJP Z . -6.73 2.67 9.22
O54 AJP Z . -8.32 0.56 11.73
O77 AJP Z . -8.30 4.88 13.02
O78 AJP Z . -7.59 3.98 16.50
O79 AJP Z . -6.66 9.75 14.71
C80 AJP Z . -10.21 10.66 17.03
C81 AJP Z . -10.98 14.12 20.10
O82 AJP Z . -11.50 12.13 22.45
C83 AJP Z . -9.01 17.19 22.13
O84 AJP Z . -9.71 16.11 24.55
C85 AJP Z . -10.19 15.87 25.88
K K AA . -35.58 -29.71 -1.60
P POV BA . -30.29 49.61 25.12
C1 POV BA . -31.07 49.38 22.60
C2 POV BA . -31.99 48.50 21.75
C3 POV BA . -31.62 47.03 21.73
C210 POV BA . -27.60 43.41 12.29
C310 POV BA . -25.64 40.26 14.66
O11 POV BA . -30.81 48.75 23.84
C211 POV BA . -27.48 43.65 10.83
C311 POV BA . -26.82 39.74 13.84
O12 POV BA . -31.64 49.42 26.07
C212 POV BA . -26.01 43.67 10.37
C312 POV BA . -26.43 39.41 12.41
O13 POV BA . -29.16 48.85 25.73
C313 POV BA . -27.55 38.77 11.60
O14 POV BA . -30.15 51.06 24.78
C21 POV BA . -31.15 48.75 19.49
O21 POV BA . -32.11 48.96 20.39
C22 POV BA . -31.71 48.11 18.25
O22 POV BA . -29.99 49.05 19.66
C23 POV BA . -31.05 48.53 16.94
C24 POV BA . -29.71 47.83 16.72
C25 POV BA . -29.82 46.33 16.58
C26 POV BA . -29.75 45.86 15.13
C27 POV BA . -28.55 46.43 14.39
C28 POV BA . -28.25 45.74 13.05
C29 POV BA . -27.93 44.29 13.24
C31 POV BA . -29.71 45.71 21.41
O31 POV BA . -30.21 46.89 21.71
C32 POV BA . -28.21 45.69 21.57
O32 POV BA . -30.38 44.78 21.04
C33 POV BA . -27.57 44.34 21.34
C34 POV BA . -27.31 44.08 19.86
C35 POV BA . -26.76 42.69 19.57
C36 POV BA . -26.07 42.60 18.22
C37 POV BA . -27.01 42.81 17.02
C38 POV BA . -27.22 41.55 16.19
C39 POV BA . -25.98 40.65 16.09
P POV CA . -4.44 29.77 5.64
C1 POV CA . -5.34 32.26 5.42
C2 POV CA . -6.50 32.94 6.15
C3 POV CA . -7.66 32.01 6.40
C210 POV CA . -12.47 38.88 12.28
O11 POV CA . -5.60 30.87 5.35
C211 POV CA . -11.07 38.50 12.65
O12 POV CA . -5.02 28.58 4.65
C212 POV CA . -11.00 37.84 14.03
O13 POV CA . -3.17 30.31 5.02
C213 POV CA . -11.08 38.82 15.20
O14 POV CA . -4.48 29.30 7.04
C214 POV CA . -10.70 38.16 16.51
C215 POV CA . -11.02 39.01 17.74
C21 POV CA . -7.20 35.21 6.03
O21 POV CA . -7.03 34.05 5.42
C22 POV CA . -8.11 36.11 5.25
O22 POV CA . -6.67 35.48 7.08
C23 POV CA . -9.36 36.55 6.00
C24 POV CA . -9.08 37.69 6.97
C25 POV CA . -10.08 37.76 8.11
C26 POV CA . -11.49 38.10 7.66
C27 POV CA . -12.47 38.21 8.83
C28 POV CA . -12.13 39.33 9.81
C29 POV CA . -12.92 39.23 11.07
C31 POV CA . -9.81 32.97 6.59
O31 POV CA . -8.65 32.70 7.17
C32 POV CA . -10.77 33.55 7.59
O32 POV CA . -10.03 32.79 5.42
C33 POV CA . -12.18 33.75 7.05
C34 POV CA . -13.00 34.62 8.00
P POV DA . -9.89 28.79 -3.61
C1 POV DA . -9.79 28.58 -0.98
C2 POV DA . -10.61 28.94 0.27
C3 POV DA . -10.69 27.81 1.27
O11 POV DA . -10.41 29.16 -2.12
O12 POV DA . -8.83 30.06 -3.79
O13 POV DA . -10.99 28.94 -4.62
O14 POV DA . -9.09 27.54 -3.51
C31 POV DA . -11.84 28.36 3.27
O31 POV DA . -11.90 27.96 2.01
C32 POV DA . -13.14 28.12 3.96
O32 POV DA . -10.86 28.86 3.76
C33 POV DA . -13.16 28.49 5.44
C34 POV DA . -14.50 28.15 6.07
C35 POV DA . -14.53 28.29 7.58
C36 POV DA . -15.92 28.07 8.16
C37 POV DA . -15.95 28.09 9.69
C38 POV DA . -17.37 28.05 10.24
P POV EA . 16.76 28.91 15.19
C1 POV EA . 15.30 29.15 17.37
C2 POV EA . 14.57 30.23 18.18
C3 POV EA . 15.50 31.23 18.82
C210 POV EA . 6.64 37.39 19.14
O11 POV EA . 16.10 29.78 16.38
C211 POV EA . 5.34 38.08 18.93
O12 POV EA . 18.29 28.81 15.81
C212 POV EA . 5.37 39.52 19.43
O13 POV EA . 16.80 29.78 13.98
C213 POV EA . 5.78 39.64 20.89
O14 POV EA . 16.18 27.53 15.12
C21 POV EA . 12.49 29.43 19.02
O21 POV EA . 13.79 29.66 19.22
C22 POV EA . 11.69 30.69 19.22
O22 POV EA . 12.04 28.37 18.73
C23 POV EA . 10.20 30.51 19.05
C24 POV EA . 9.43 31.78 19.38
C25 POV EA . 9.52 32.17 20.85
C26 POV EA . 9.40 33.67 21.07
C27 POV EA . 8.04 34.24 20.69
C28 POV EA . 8.15 35.44 19.74
C29 POV EA . 6.85 36.13 19.52
C31 POV EA . 14.33 33.24 19.28
O31 POV EA . 14.73 32.05 19.70
C32 POV EA . 13.68 34.01 20.39
O32 POV EA . 14.48 33.63 18.14
C33 POV EA . 12.90 35.23 19.94
C34 POV EA . 12.34 35.98 21.14
C35 POV EA . 11.47 37.18 20.77
C210 POV FA . 8.89 52.03 28.34
C211 POV FA . 9.08 50.63 27.85
C212 POV FA . 8.59 50.46 26.41
C213 POV FA . 8.97 49.12 25.79
C21 POV FA . 2.56 58.84 34.84
O21 POV FA . 1.90 59.83 34.69
C22 POV FA . 3.85 58.53 34.13
O22 POV FA . 2.24 57.86 35.69
C23 POV FA . 3.88 57.17 33.45
C24 POV FA . 5.19 56.94 32.72
C25 POV FA . 5.25 55.60 31.98
C26 POV FA . 6.55 55.43 31.20
C27 POV FA . 6.66 54.07 30.51
C28 POV FA . 8.04 53.84 29.91
C29 POV FA . 8.22 52.43 29.41
P POV GA . -2.27 42.28 1.38
C1 POV GA . -4.24 40.61 1.95
C2 POV GA . -5.76 40.61 1.86
C3 POV GA . -6.30 41.54 0.80
O11 POV GA . -3.78 41.94 1.88
O12 POV GA . -1.79 43.16 2.69
O13 POV GA . -1.51 40.99 1.37
O14 POV GA . -2.29 43.17 0.17
C21 POV GA . -7.65 40.76 3.32
O21 POV GA . -6.37 41.00 3.09
C22 POV GA . -8.29 41.94 4.01
O22 POV GA . -8.22 39.75 3.00
C23 POV GA . -9.67 41.68 4.59
C24 POV GA . -9.95 42.66 5.72
C25 POV GA . -11.43 42.98 5.90
C26 POV GA . -11.66 44.09 6.93
C27 POV GA . -13.12 44.44 7.13
C28 POV GA . -13.33 45.58 8.13
C29 POV GA . -14.77 45.92 8.33
C31 POV GA . -7.39 43.64 0.91
O31 POV GA . -6.43 42.83 1.37
C32 POV GA . -7.58 44.80 1.83
O32 POV GA . -8.00 43.44 -0.10
C33 POV GA . -8.98 45.39 1.83
C34 POV GA . -9.16 46.41 2.95
C35 POV GA . -10.59 46.91 3.11
C36 POV GA . -10.72 48.00 4.16
C37 POV GA . -12.13 48.54 4.32
C38 POV GA . -12.21 49.71 5.29
C39 POV GA . -13.61 50.32 5.40
C1 CLR HA . -16.48 56.14 18.35
C2 CLR HA . -16.63 57.65 18.26
C3 CLR HA . -18.00 58.14 18.70
C4 CLR HA . -19.09 57.10 18.44
C5 CLR HA . -18.73 56.16 17.34
C6 CLR HA . -19.44 56.13 16.20
C7 CLR HA . -19.02 55.45 14.94
C8 CLR HA . -17.90 54.42 15.16
C9 CLR HA . -16.87 54.95 16.16
C10 CLR HA . -17.50 55.31 17.54
C11 CLR HA . -15.68 54.00 16.29
C12 CLR HA . -15.06 53.62 14.93
C13 CLR HA . -16.10 53.05 13.96
C14 CLR HA . -17.21 54.10 13.85
C15 CLR HA . -18.04 53.65 12.67
C16 CLR HA . -16.98 53.14 11.67
C17 CLR HA . -15.66 52.93 12.47
C18 CLR HA . -16.65 51.71 14.45
C19 CLR HA . -17.89 54.06 18.34
C20 CLR HA . -14.91 51.67 11.98
C21 CLR HA . -13.51 51.50 12.55
C22 CLR HA . -14.83 51.67 10.43
C23 CLR HA . -14.36 50.37 9.79
C24 CLR HA . -13.02 50.51 9.07
C25 CLR HA . -11.84 49.79 9.72
C26 CLR HA . -11.29 48.72 8.77
C27 CLR HA . -10.72 50.75 10.14
O1 CLR HA . -17.93 58.51 20.06
C01 AJP IA . -13.45 46.43 12.54
C02 AJP IA . -12.24 45.65 13.06
C03 AJP IA . -10.93 46.26 12.61
C04 AJP IA . -9.74 45.41 13.03
C05 AJP IA . -9.91 43.96 12.62
C06 AJP IA . -8.84 43.00 13.14
C07 AJP IA . -8.64 42.01 11.97
C08 AJP IA . -9.63 42.50 10.90
O09 AJP IA . -9.81 43.87 11.20
C10 AJP IA . -8.97 42.33 9.54
C11 AJP IA . -7.76 41.44 9.83
C12 AJP IA . -7.28 41.92 11.23
C13 AJP IA . -6.31 40.85 11.76
C14 AJP IA . -5.15 40.61 10.80
C15 AJP IA . -5.60 40.27 9.37
C16 AJP IA . -6.61 41.29 8.82
C17 AJP IA . -7.11 40.87 7.45
C18 AJP IA . -5.98 40.60 6.46
C19 AJP IA . -5.01 39.56 7.03
C20 AJP IA . -4.41 40.02 8.38
C21 AJP IA . -3.53 38.88 8.91
C22 AJP IA . -3.23 37.71 7.95
C23 AJP IA . -2.88 38.20 6.55
C24 AJP IA . -3.93 39.16 6.02
O25 AJP IA . -1.59 38.85 6.58
C26 AJP IA . -0.67 38.43 5.60
C27 AJP IA . 0.72 38.87 6.03
C28 AJP IA . 1.65 37.67 6.12
C29 AJP IA . 1.61 36.86 4.83
C30 AJP IA . 0.17 36.49 4.47
O31 AJP IA . -0.72 37.01 5.47
C32 AJP IA . -0.07 35.01 4.40
O33 AJP IA . 0.22 34.37 5.64
O34 AJP IA . 2.37 35.67 5.05
C35 AJP IA . 3.62 35.55 4.39
C36 AJP IA . 3.41 34.80 3.09
C37 AJP IA . 4.29 35.38 2.00
C38 AJP IA . 5.66 35.80 2.51
C39 AJP IA . 5.52 36.79 3.66
O40 AJP IA . 4.16 36.83 4.13
C41 AJP IA . 5.89 38.20 3.28
O42 AJP IA . 7.23 38.28 2.82
O43 AJP IA . 6.39 34.66 2.95
O44 AJP IA . 3.64 36.53 1.43
O54 AJP IA . 3.79 33.43 3.29
O77 AJP IA . 1.28 36.85 7.22
O78 AJP IA . 1.23 39.81 5.09
O79 AJP IA . -4.27 36.73 7.93
C80 AJP IA . -3.56 41.29 8.22
C81 AJP IA . -6.58 43.28 11.17
O82 AJP IA . -8.73 43.58 8.91
C83 AJP IA . -9.15 42.34 14.48
O84 AJP IA . -11.16 43.46 13.05
C85 AJP IA . -12.29 44.22 12.59
C01 AJP JA . -23.42 50.29 9.76
C02 AJP JA . -23.82 48.92 10.30
C03 AJP JA . -25.29 48.61 10.05
C04 AJP JA . -26.06 48.45 11.35
C05 AJP JA . -25.78 49.57 12.32
C06 AJP JA . -26.46 49.45 13.69
C07 AJP JA . -26.77 50.91 14.06
C08 AJP JA . -26.28 51.70 12.86
O09 AJP JA . -26.31 50.77 11.78
C10 AJP JA . -27.26 52.86 12.61
C11 AJP JA . -28.11 52.86 13.88
C12 AJP JA . -28.25 51.36 14.26
C13 AJP JA . -28.77 51.30 15.70
C14 AJP JA . -30.08 52.08 15.87
C15 AJP JA . -29.99 53.52 15.39
C16 AJP JA . -29.44 53.63 13.95
C17 AJP JA . -29.27 55.10 13.54
C18 AJP JA . -30.55 55.91 13.74
C19 AJP JA . -31.03 55.81 15.19
C20 AJP JA . -31.30 54.34 15.59
C21 AJP JA . -31.70 54.34 17.08
C22 AJP JA . -32.87 55.28 17.40
C23 AJP JA . -32.55 56.70 16.96
C24 AJP JA . -32.21 56.74 15.48
O25 AJP JA . -33.69 57.55 17.23
C26 AJP JA . -33.47 58.54 18.19
C27 AJP JA . -34.24 59.79 17.78
C28 AJP JA . -34.10 60.88 18.84
C29 AJP JA . -34.50 60.32 20.20
C30 AJP JA . -33.71 59.05 20.51
O31 AJP JA . -33.92 58.09 19.47
C32 AJP JA . -34.13 58.38 21.80
O33 AJP JA . -35.47 57.91 21.73
O34 AJP JA . -35.90 60.00 20.15
C35 AJP JA . -36.78 60.82 20.89
C36 AJP JA . -37.93 61.24 19.99
C37 AJP JA . -38.86 60.08 19.66
C38 AJP JA . -38.80 58.96 20.70
C39 AJP JA . -38.50 59.56 22.07
O40 AJP JA . -37.18 60.15 22.08
C41 AJP JA . -38.52 58.53 23.17
O42 AJP JA . -37.57 57.51 22.96
O43 AJP JA . -40.05 58.29 20.75
O44 AJP JA . -38.42 59.52 18.40
O54 AJP JA . -38.68 62.30 20.61
O77 AJP JA . -34.90 62.00 18.50
O78 AJP JA . -33.75 60.26 16.53
O79 AJP JA . -33.13 55.25 18.81
C80 AJP JA . -32.46 53.75 14.75
C81 AJP JA . -29.20 50.61 13.32
O82 AJP JA . -27.94 52.72 11.36
C83 AJP JA . -25.64 48.69 14.74
O84 AJP JA . -24.39 49.72 12.55
C85 AJP JA . -23.55 48.82 11.79
C01 AJP KA . -19.64 55.64 8.11
C02 AJP KA . -20.40 54.95 9.24
C03 AJP KA . -21.88 54.82 8.94
C04 AJP KA . -22.67 56.04 9.43
C05 AJP KA . -22.53 56.20 10.93
C06 AJP KA . -23.72 55.69 11.76
C07 AJP KA . -23.84 56.73 12.89
C08 AJP KA . -22.67 57.70 12.62
O09 AJP KA . -22.47 57.60 11.22
C10 AJP KA . -23.14 59.12 12.99
C11 AJP KA . -24.47 58.87 13.72
C12 AJP KA . -25.08 57.64 13.00
C13 AJP KA . -26.21 57.12 13.90
C14 AJP KA . -27.25 58.20 14.19
C15 AJP KA . -26.65 59.49 14.77
C16 AJP KA . -25.48 60.02 13.94
C17 AJP KA . -24.84 61.23 14.61
C18 AJP KA . -25.84 62.32 14.93
C19 AJP KA . -27.00 61.77 15.77
C20 AJP KA . -27.71 60.60 15.06
C21 AJP KA . -28.79 60.08 16.02
C22 AJP KA . -29.77 61.15 16.48
C23 AJP KA . -29.03 62.32 17.14
C24 AJP KA . -27.97 62.88 16.22
O25 AJP KA . -29.99 63.35 17.48
C26 AJP KA . -30.70 63.93 16.40
C27 AJP KA . -32.16 63.98 16.78
C28 AJP KA . -32.69 65.41 16.67
C29 AJP KA . -32.34 66.00 15.31
C30 AJP KA . -30.85 65.87 15.02
O31 AJP KA . -30.20 65.23 16.14
C32 AJP KA . -30.16 67.19 14.82
O33 AJP KA . -28.77 67.03 14.57
O34 AJP KA . -32.70 67.38 15.32
O77 AJP KA . -32.12 66.21 17.71
O78 AJP KA . -32.92 63.13 15.92
O79 AJP KA . -30.73 60.60 17.40
C80 AJP KA . -28.39 61.07 13.76
C81 AJP KA . -25.64 58.01 11.61
O82 AJP KA . -23.19 59.96 11.84
C83 AJP KA . -23.59 54.25 12.24
O84 AJP KA . -21.38 55.54 11.41
C85 AJP KA . -20.23 55.69 10.55
C01 AJP LA . -19.12 59.81 4.30
C02 AJP LA . -19.10 59.66 5.82
C03 AJP LA . -20.48 59.34 6.38
C04 AJP LA . -21.23 60.61 6.79
C05 AJP LA . -20.48 61.39 7.86
C06 AJP LA . -20.95 61.14 9.30
C07 AJP LA . -20.74 62.51 9.97
C08 AJP LA . -20.22 63.40 8.83
O09 AJP LA . -20.70 62.78 7.64
C10 AJP LA . -20.86 64.79 8.99
C11 AJP LA . -21.45 64.74 10.40
C12 AJP LA . -21.95 63.28 10.56
C13 AJP LA . -22.20 63.05 12.06
C14 AJP LA . -23.19 64.08 12.63
C15 AJP LA . -22.77 65.54 12.37
C16 AJP LA . -22.46 65.79 10.88
C17 AJP LA . -21.95 67.22 10.68
C18 AJP LA . -22.89 68.27 11.27
C19 AJP LA . -23.13 67.99 12.75
C20 AJP LA . -23.75 66.58 12.97
C21 AJP LA . -23.90 66.38 14.49
C22 AJP LA . -24.70 67.48 15.18
C23 AJP LA . -24.09 68.85 14.91
C24 AJP LA . -23.95 69.11 13.43
O25 AJP LA . -24.90 69.87 15.53
C26 AJP LA . -26.13 70.16 14.89
C27 AJP LA . -27.24 70.07 15.93
C28 AJP LA . -27.13 71.18 16.98
C29 AJP LA . -26.55 72.45 16.41
C30 AJP LA . -26.73 72.53 14.90
O31 AJP LA . -26.07 71.43 14.24
C32 AJP LA . -26.17 73.80 14.28
O33 AJP LA . -26.35 73.81 12.87
O34 AJP LA . -25.15 72.52 16.74
O77 AJP LA . -26.35 70.73 18.07
O78 AJP LA . -28.53 70.07 15.31
O79 AJP LA . -24.75 67.23 16.59
C80 AJP LA . -25.14 66.48 12.31
C81 AJP LA . -23.23 63.02 9.76
O82 AJP LA . -21.75 65.09 7.92
C83 AJP LA . -20.25 59.97 10.01
O84 AJP LA . -19.09 61.08 7.80
C85 AJP LA . -18.58 60.92 6.48
C01 AJP MA . -8.23 66.85 5.73
C02 AJP MA . -9.23 66.59 4.60
C03 AJP MA . -9.83 67.88 4.07
C04 AJP MA . -11.34 67.95 4.31
C05 AJP MA . -11.69 67.58 5.74
C06 AJP MA . -13.20 67.57 6.06
C07 AJP MA . -13.25 68.09 7.51
C08 AJP MA . -11.78 68.35 7.85
O09 AJP MA . -11.16 68.58 6.60
C10 AJP MA . -11.72 69.62 8.72
C11 AJP MA . -13.18 69.87 9.08
C12 AJP MA . -13.98 69.43 7.82
C13 AJP MA . -15.45 69.30 8.24
C14 AJP MA . -15.99 70.60 8.83
C15 AJP MA . -15.15 71.15 9.99
C16 AJP MA . -13.65 71.23 9.63
C17 AJP MA . -12.82 71.66 10.85
C18 AJP MA . -13.34 72.96 11.47
C19 AJP MA . -14.81 72.84 11.83
C20 AJP MA . -15.67 72.48 10.59
C21 AJP MA . -17.13 72.30 11.08
C22 AJP MA . -17.67 73.53 11.82
C23 AJP MA . -16.79 73.89 12.99
C24 AJP MA . -15.35 74.08 12.56
O25 AJP MA . -17.27 75.12 13.58
C26 AJP MA . -17.82 75.02 14.87
C27 AJP MA . -17.43 76.26 15.65
C28 AJP MA . -18.07 76.23 17.04
C29 AJP MA . -19.57 76.00 16.91
C30 AJP MA . -19.86 74.77 16.08
O31 AJP MA . -19.23 74.90 14.79
C32 AJP MA . -21.34 74.56 15.81
O33 AJP MA . -21.90 75.66 15.11
O34 AJP MA . -20.13 77.15 16.29
O77 AJP MA . -17.81 77.45 17.72
O78 AJP MA . -16.02 76.34 15.77
O79 AJP MA . -19.00 73.27 12.26
C80 AJP MA . -15.63 73.61 9.54
C81 AJP MA . -13.83 70.43 6.67
O82 AJP MA . -11.03 70.68 8.07
C83 AJP MA . -13.87 66.21 5.84
O84 AJP MA . -11.16 66.31 6.09
C85 AJP MA . -10.36 65.69 5.08
C01 AJP NA . 13.67 55.11 19.95
C02 AJP NA . 12.79 53.86 19.92
C03 AJP NA . 11.34 54.19 19.63
C04 AJP NA . 10.42 53.82 20.79
C05 AJP NA . 10.97 54.33 22.11
C06 AJP NA . 10.15 53.95 23.35
C07 AJP NA . 10.33 55.17 24.27
C08 AJP NA . 11.18 56.13 23.44
O09 AJP NA . 10.94 55.76 22.08
C10 AJP NA . 10.67 57.56 23.68
C11 AJP NA . 9.77 57.39 24.91
C12 AJP NA . 9.10 56.01 24.72
C13 AJP NA . 8.49 55.61 26.07
C14 AJP NA . 7.52 56.67 26.59
C15 AJP NA . 8.12 58.08 26.66
C16 AJP NA . 8.77 58.49 25.33
C17 AJP NA . 9.45 59.86 25.46
C18 AJP NA . 8.50 60.93 26.00
C19 AJP NA . 7.89 60.50 27.31
C20 AJP NA . 7.12 59.16 27.18
C21 AJP NA . 6.61 58.78 28.59
C22 AJP NA . 5.76 59.87 29.24
C23 AJP NA . 6.51 61.19 29.32
C24 AJP NA . 7.04 61.60 27.95
O25 AJP NA . 5.62 62.20 29.82
C26 AJP NA . 6.19 63.15 30.68
C27 AJP NA . 5.46 64.48 30.47
C28 AJP NA . 5.98 65.53 31.44
C29 AJP NA . 5.93 64.99 32.86
C30 AJP NA . 6.64 63.65 32.97
O31 AJP NA . 6.07 62.74 32.03
C32 AJP NA . 6.53 63.01 34.33
O33 AJP NA . 7.08 63.84 35.34
O34 AJP NA . 4.55 64.83 33.21
C35 AJP NA . 4.01 65.68 34.20
C36 AJP NA . 2.53 65.89 33.90
C37 AJP NA . 1.89 66.72 35.01
C38 AJP NA . 2.16 66.12 36.37
C39 AJP NA . 3.67 65.91 36.54
O40 AJP NA . 4.17 65.09 35.48
C41 AJP NA . 4.03 65.21 37.83
O42 AJP NA . 5.44 65.03 37.95
O43 AJP NA . 1.70 66.99 37.40
O44 AJP NA . 0.47 66.70 34.80
O54 AJP NA . 2.42 66.63 32.67
C55 AJP NA . 1.97 65.93 31.53
C56 AJP NA . 0.46 65.74 31.64
C57 AJP NA . -0.28 66.65 30.68
C58 AJP NA . 0.37 68.03 30.63
C59 AJP NA . 1.79 67.90 30.10
O60 AJP NA . 2.32 66.58 30.32
C61 AJP NA . 2.77 68.91 30.68
O62 AJP NA . 3.45 69.62 29.66
O63 AJP NA . 0.38 68.63 31.93
O64 AJP NA . -1.61 66.82 31.17
O76 AJP NA . 0.12 64.38 31.37
O77 AJP NA . 5.23 66.72 31.33
O78 AJP NA . 5.63 64.92 29.13
O79 AJP NA . 5.35 59.46 30.55
C80 AJP NA . 5.92 59.31 26.24
C81 AJP NA . 8.02 56.04 23.63
O82 AJP NA . 10.07 58.12 22.51
C83 AJP NA . 10.52 52.62 23.98
O84 AJP NA . 12.29 53.88 22.32
C85 AJP NA . 12.87 53.12 21.24
C01 AJP OA . 4.93 46.76 26.03
C02 AJP OA . 5.29 47.00 27.49
C03 AJP OA . 4.26 46.40 28.44
C04 AJP OA . 3.16 47.40 28.78
C05 AJP OA . 3.71 48.63 29.45
C06 AJP OA . 3.59 48.67 30.98
C07 AJP OA . 3.35 50.16 31.29
C08 AJP OA . 3.33 50.82 29.90
O09 AJP OA . 2.96 49.76 29.01
C10 AJP OA . 2.26 51.90 29.89
C11 AJP OA . 1.93 52.06 31.38
C12 AJP OA . 2.03 50.63 31.96
C13 AJP OA . 2.09 50.76 33.49
C14 AJP OA . 0.87 51.52 34.04
C15 AJP OA . 0.65 52.88 33.38
C16 AJP OA . 0.64 52.79 31.84
C17 AJP OA . 0.53 54.18 31.22
C18 AJP OA . -0.67 54.96 31.76
C19 AJP OA . -0.62 55.06 33.27
C20 AJP OA . -0.59 53.65 33.93
C21 AJP OA . -0.44 53.87 35.45
C22 AJP OA . -1.52 54.77 36.06
C23 AJP OA . -1.59 56.12 35.34
C24 AJP OA . -1.72 55.95 33.84
O25 AJP OA . -2.68 56.94 35.84
C26 AJP OA . -3.86 56.27 36.25
C27 AJP OA . -4.71 57.26 37.03
C28 AJP OA . -6.05 57.46 36.33
C29 AJP OA . -6.75 56.12 36.13
C30 AJP OA . -5.80 55.11 35.49
O31 AJP OA . -4.58 55.77 35.13
C32 AJP OA . -6.35 54.49 34.23
O33 AJP OA . -5.46 53.52 33.70
O34 AJP OA . -7.87 56.34 35.26
O77 AJP OA . -5.86 58.11 35.08
O78 AJP OA . -4.92 56.79 38.36
O79 AJP OA . -1.25 54.95 37.44
C80 AJP OA . -1.89 52.89 33.65
C81 AJP OA . 0.85 49.74 31.54
O82 AJP OA . 1.18 51.58 29.02
C83 AJP OA . 4.77 48.05 31.73
O84 AJP OA . 5.09 48.80 29.14
C85 AJP OA . 5.40 48.49 27.77
C01 AJP PA . 20.61 55.80 16.60
C02 AJP PA . 19.46 54.85 16.29
C03 AJP PA . 19.55 53.57 17.09
C04 AJP PA . 20.44 52.52 16.40
C05 AJP PA . 19.90 52.18 15.03
C06 AJP PA . 19.19 50.82 14.92
C07 AJP PA . 19.60 50.32 13.53
C08 AJP PA . 20.47 51.45 12.97
O09 AJP PA . 20.99 52.09 14.12
C10 AJP PA . 21.61 50.82 12.16
C11 AJP PA . 21.19 49.35 12.03
C12 AJP PA . 20.48 49.04 13.38
C13 AJP PA . 19.71 47.73 13.19
C14 AJP PA . 20.64 46.59 12.75
C15 AJP PA . 21.47 46.91 11.50
C16 AJP PA . 22.20 48.27 11.62
C17 AJP PA . 22.92 48.61 10.31
C18 AJP PA . 23.85 47.50 9.85
C19 AJP PA . 23.09 46.18 9.72
C20 AJP PA . 22.43 45.77 11.06
C21 AJP PA . 21.63 44.48 10.79
C22 AJP PA . 22.47 43.35 10.21
C23 AJP PA . 23.17 43.79 8.93
C24 AJP PA . 23.96 45.06 9.13
O25 AJP PA . 24.05 42.73 8.50
C26 AJP PA . 23.65 42.02 7.35
C27 AJP PA . 23.86 42.90 6.14
C28 AJP PA . 24.72 42.18 5.10
C29 AJP PA . 24.16 40.79 4.83
C30 AJP PA . 24.02 40.00 6.13
O31 AJP PA . 24.41 40.82 7.24
C32 AJP PA . 24.88 38.76 6.19
O33 AJP PA . 24.57 37.86 5.12
O34 AJP PA . 25.08 40.11 3.97
O77 AJP PA . 26.07 42.09 5.56
O78 AJP PA . 22.61 43.25 5.57
O79 AJP PA . 21.66 42.20 9.97
C80 AJP PA . 23.48 45.49 12.14
C81 AJP PA . 21.48 48.91 14.54
O82 AJP PA . 22.89 51.08 12.74
C83 AJP PA . 17.68 50.85 15.16
O84 AJP PA . 18.98 53.17 14.58
C85 AJP PA . 19.42 54.51 14.81
C01 AJP QA . -6.16 24.99 22.59
C02 AJP QA . -6.86 24.13 21.56
C03 AJP QA . -7.14 22.73 22.08
C04 AJP QA . -7.75 21.85 20.99
C05 AJP QA . -6.94 21.88 19.72
C06 AJP QA . -7.54 21.13 18.53
C07 AJP QA . -6.31 20.61 17.77
C08 AJP QA . -5.12 20.98 18.68
O09 AJP QA . -5.70 21.22 19.96
C10 AJP QA . -4.18 19.79 18.73
C11 AJP QA . -4.60 18.96 17.51
C12 AJP QA . -6.14 19.09 17.48
C13 AJP QA . -6.61 18.63 16.09
C14 AJP QA . -6.12 17.21 15.76
C15 AJP QA . -4.60 17.03 15.93
C16 AJP QA . -4.11 17.52 17.31
C17 AJP QA . -2.59 17.41 17.41
C18 AJP QA . -2.09 15.99 17.09
C19 AJP QA . -2.57 15.57 15.71
C20 AJP QA . -4.11 15.59 15.60
C21 AJP QA . -4.47 15.23 14.15
C22 AJP QA . -3.89 13.89 13.70
C23 AJP QA . -2.37 13.87 13.86
C24 AJP QA . -1.96 14.22 15.28
O25 AJP QA . -1.89 12.55 13.53
C26 AJP QA . -0.66 12.48 12.86
C27 AJP QA . 0.30 11.66 13.71
C28 AJP QA . 0.51 10.29 13.09
C29 AJP QA . 1.07 10.43 11.67
C30 AJP QA . 0.38 11.56 10.92
O31 AJP QA . -0.85 11.89 11.59
C32 AJP QA . 0.01 11.20 9.49
O33 AJP QA . 1.17 10.87 8.73
O34 AJP QA . 0.82 9.19 10.99
C35 AJP QA . 1.88 8.28 10.85
C36 AJP QA . 1.56 7.03 11.66
C37 AJP QA . 1.27 5.86 10.74
C38 AJP QA . 2.40 5.59 9.75
C39 AJP QA . 2.97 6.90 9.24
O40 AJP QA . 2.05 7.98 9.48
C41 AJP QA . 3.27 6.89 7.75
O42 AJP QA . 3.76 8.14 7.32
O43 AJP QA . 3.43 4.83 10.38
O44 AJP QA . 0.07 6.13 10.00
O54 AJP QA . 2.70 6.71 12.47
O77 AJP QA . -0.71 9.57 13.06
O78 AJP QA . 1.54 12.34 13.84
O79 AJP QA . -4.24 13.63 12.34
C80 AJP QA . -4.74 14.56 16.56
C81 AJP QA . -6.82 18.23 18.57
O82 AJP QA . -4.19 19.14 20.00
C83 AJP QA . -8.51 21.95 17.68
O84 AJP QA . -6.70 23.21 19.30
C85 AJP QA . -6.05 24.03 20.30
K K RA . 20.52 -27.50 31.23
P POV SA . -40.23 29.81 38.73
C1 POV SA . -41.13 27.35 38.38
C2 POV SA . -40.81 25.92 38.86
C3 POV SA . -39.43 25.43 38.48
C210 POV SA . -39.13 17.72 30.83
C310 POV SA . -35.06 19.07 30.01
O11 POV SA . -40.03 28.20 38.66
C211 POV SA . -39.88 16.64 30.11
C311 POV SA . -35.06 17.73 30.72
O12 POV SA . -39.90 30.00 40.35
C212 POV SA . -39.85 16.84 28.60
C312 POV SA . -35.27 16.56 29.77
O13 POV SA . -39.12 30.43 37.94
C313 POV SA . -35.17 15.19 30.43
O14 POV SA . -41.66 30.19 38.49
C21 POV SA . -41.76 24.50 37.14
O21 POV SA . -41.75 24.95 38.40
C22 POV SA . -41.75 22.99 37.12
O22 POV SA . -41.79 25.20 36.17
C23 POV SA . -42.53 22.35 35.98
C24 POV SA . -41.78 22.40 34.66
C25 POV SA . -40.48 21.61 34.67
C26 POV SA . -40.61 20.24 34.01
C27 POV SA . -41.23 20.32 32.62
C28 POV SA . -41.06 19.05 31.79
C29 POV SA . -39.62 18.73 31.54
C31 POV SA . -38.02 25.36 36.60
O31 POV SA . -39.07 25.91 37.19
C32 POV SA . -37.71 26.06 35.31
O32 POV SA . -37.42 24.42 37.05
C33 POV SA . -36.47 25.55 34.59
C34 POV SA . -36.77 24.32 33.75
C35 POV SA . -35.52 23.72 33.11
C36 POV SA . -35.86 22.81 31.92
C37 POV SA . -36.65 21.56 32.29
C38 POV SA . -35.86 20.27 32.10
C39 POV SA . -34.89 20.28 30.91
P POV TA . -25.56 15.42 6.82
C1 POV TA . -28.04 15.95 7.57
C2 POV TA . -28.56 16.38 8.95
C3 POV TA . -27.81 15.76 10.09
C210 POV TA . -32.57 21.61 17.02
O11 POV TA . -26.87 15.19 7.76
C211 POV TA . -31.85 22.30 15.91
O12 POV TA . -24.94 13.88 6.94
C212 POV TA . -30.71 23.19 16.41
O13 POV TA . -26.06 15.62 5.42
C213 POV TA . -31.16 24.52 16.98
O14 POV TA . -24.60 16.37 7.45
C214 POV TA . -30.00 25.48 17.18
C215 POV TA . -30.34 26.72 17.99
C21 POV TA . -30.78 16.97 9.57
O21 POV TA . -29.93 16.04 9.13
C22 POV TA . -32.05 16.35 10.08
O22 POV TA . -30.54 18.15 9.53
C23 POV TA . -32.35 16.67 11.54
C24 POV TA . -32.98 18.04 11.70
C25 POV TA . -32.77 18.65 13.09
C26 POV TA . -33.48 17.87 14.19
C27 POV TA . -33.29 18.49 15.57
C28 POV TA . -33.87 19.89 15.69
C29 POV TA . -33.43 20.59 16.93
C31 POV TA . -28.97 15.48 12.13
O31 POV TA . -28.30 16.29 11.31
C32 POV TA . -29.25 16.17 13.43
O32 POV TA . -29.30 14.37 11.84
C33 POV TA . -29.89 15.28 14.49
C34 POV TA . -30.42 16.10 15.65
P POV UA . -29.14 5.32 7.91
C1 POV UA . -27.91 7.44 8.92
C2 POV UA . -27.89 8.30 10.19
C3 POV UA . -26.49 8.63 10.67
O11 POV UA . -28.97 6.50 9.02
O12 POV UA . -30.18 6.12 6.90
O13 POV UA . -29.83 4.14 8.49
O14 POV UA . -27.83 5.19 7.21
C31 POV UA . -26.39 10.05 12.55
O31 POV UA . -26.53 8.82 12.07
C32 POV UA . -26.12 10.01 14.03
O32 POV UA . -26.50 11.04 11.87
C33 POV UA . -25.89 11.38 14.66
C34 POV UA . -25.56 11.23 16.14
C35 POV UA . -25.11 12.53 16.79
C36 POV UA . -24.90 12.38 18.30
C37 POV UA . -24.33 13.63 18.97
C38 POV UA . -24.33 13.52 20.49
P POV VA . -17.62 31.06 -8.47
C1 POV VA . -17.23 32.40 -6.23
C2 POV VA . -18.03 33.24 -5.21
C3 POV VA . -18.52 34.54 -5.78
C210 POV VA . -25.44 34.00 2.51
O11 POV VA . -18.06 32.15 -7.35
C211 POV VA . -26.36 33.60 3.61
O12 POV VA . -17.05 32.13 -9.61
C212 POV VA . -27.47 34.63 3.82
O13 POV VA . -18.88 30.45 -9.00
C213 POV VA . -26.94 36.04 4.05
O14 POV VA . -16.48 30.21 -8.00
C21 POV VA . -17.31 32.81 -2.98
O21 POV VA . -17.23 33.56 -4.07
C22 POV VA . -18.50 33.18 -2.15
O22 POV VA . -16.52 31.93 -2.71
C23 POV VA . -18.65 32.39 -0.86
C24 POV VA . -19.80 32.90 -0.02
C25 POV VA . -19.57 34.31 0.52
C26 POV VA . -20.87 35.07 0.74
C27 POV VA . -21.77 34.47 1.82
C28 POV VA . -23.19 34.24 1.34
C29 POV VA . -24.11 33.85 2.46
C31 POV VA . -20.37 35.31 -4.50
O31 POV VA . -19.05 35.32 -4.71
C32 POV VA . -20.74 36.29 -3.43
O32 POV VA . -21.13 34.60 -5.10
C33 POV VA . -22.15 36.14 -2.88
C34 POV VA . -22.46 37.23 -1.87
C35 POV VA . -23.82 37.09 -1.21
C210 POV WA . -34.79 48.56 4.51
C211 POV WA . -33.69 47.63 4.12
C212 POV WA . -34.17 46.19 3.95
C213 POV WA . -33.13 45.27 3.33
C21 POV WA . -39.51 54.31 13.07
O21 POV WA . -40.58 54.34 13.63
C22 POV WA . -39.29 54.09 11.61
O22 POV WA . -38.36 54.48 13.71
C23 POV WA . -38.31 52.98 11.28
C24 POV WA . -38.17 52.79 9.77
C25 POV WA . -37.24 51.65 9.39
C26 POV WA . -37.15 51.43 7.89
C27 POV WA . -36.18 50.34 7.48
C28 POV WA . -35.97 50.27 5.96
C29 POV WA . -34.86 49.35 5.58
P POV XA . -38.21 18.01 3.25
C1 POV XA . -36.78 17.03 5.25
C2 POV XA . -37.08 16.36 6.59
C3 POV XA . -38.42 15.67 6.65
O11 POV XA . -37.95 17.71 4.82
O12 POV XA . -38.43 19.65 3.37
O13 POV XA . -36.92 17.77 2.53
O14 POV XA . -39.49 17.38 2.77
C21 POV XA . -36.96 16.88 8.92
O21 POV XA . -37.06 17.31 7.66
C22 POV XA . -37.85 17.71 9.81
O22 POV XA . -36.27 15.97 9.28
C23 POV XA . -37.63 17.53 11.31
C24 POV XA . -38.08 18.76 12.07
C25 POV XA . -38.61 18.48 13.46
C26 POV XA . -39.21 19.71 14.12
C27 POV XA . -39.74 19.46 15.53
C28 POV XA . -40.37 20.70 16.15
C29 POV XA . -40.87 20.45 17.53
C31 POV XA . -40.45 16.23 7.74
O31 POV XA . -39.40 16.63 7.03
C32 POV XA . -41.18 17.41 8.31
O32 POV XA . -40.75 15.07 7.87
C33 POV XA . -41.94 17.11 9.59
C34 POV XA . -42.46 18.39 10.23
C35 POV XA . -43.10 18.17 11.60
C36 POV XA . -43.69 19.45 12.17
C37 POV XA . -44.36 19.26 13.53
C38 POV XA . -45.05 20.52 14.03
C39 POV XA . -45.79 20.33 15.35
C1 CLR YA . -46.49 32.32 23.43
C2 CLR YA . -47.93 32.84 23.56
C3 CLR YA . -48.45 32.85 24.99
C4 CLR YA . -47.78 31.80 25.86
C5 CLR YA . -47.29 30.62 25.07
C6 CLR YA . -47.83 29.41 25.23
C7 CLR YA . -47.64 28.26 24.31
C8 CLR YA . -46.44 28.43 23.37
C9 CLR YA . -46.34 29.88 22.86
C10 CLR YA . -46.24 30.90 24.01
C11 CLR YA . -45.24 30.02 21.81
C12 CLR YA . -45.32 28.99 20.69
C13 CLR YA . -45.36 27.55 21.21
C14 CLR YA . -46.54 27.49 22.19
C15 CLR YA . -46.73 26.00 22.45
C16 CLR YA . -46.49 25.38 21.06
C17 CLR YA . -45.75 26.44 20.19
C18 CLR YA . -44.04 27.17 21.91
C19 CLR YA . -44.87 30.87 24.69
C20 CLR YA . -44.68 25.80 19.29
C21 CLR YA . -44.06 26.73 18.26
C22 CLR YA . -45.27 24.56 18.58
C23 CLR YA . -44.26 23.67 17.86
C24 CLR YA . -44.46 23.66 16.34
C25 CLR YA . -43.34 24.33 15.53
C26 CLR YA . -42.65 23.33 14.62
C27 CLR YA . -43.86 25.52 14.72
O1 CLR YA . -48.28 34.16 25.50
C01 AJP ZA . -39.46 24.62 18.13
C02 AJP ZA . -38.36 25.18 17.23
C03 AJP ZA . -38.89 25.57 15.87
C04 AJP ZA . -37.75 26.01 14.94
C05 AJP ZA . -36.62 25.01 14.90
C06 AJP ZA . -35.37 25.45 14.13
C07 AJP ZA . -34.89 24.16 13.45
C08 AJP ZA . -35.90 23.09 13.92
O09 AJP ZA . -37.07 23.84 14.23
C10 AJP ZA . -36.17 22.15 12.74
C11 AJP ZA . -35.05 22.49 11.75
C12 AJP ZA . -34.87 24.03 11.90
C13 AJP ZA . -33.54 24.39 11.23
C14 AJP ZA . -33.51 23.94 9.77
C15 AJP ZA . -33.82 22.45 9.57
C16 AJP ZA . -35.12 22.04 10.28
C17 AJP ZA . -35.35 20.53 10.16
C18 AJP ZA . -35.30 20.05 8.72
C19 AJP ZA . -33.98 20.45 8.06
C20 AJP ZA . -33.77 21.99 8.09
C21 AJP ZA . -32.40 22.28 7.48
C22 AJP ZA . -31.66 21.13 6.79
C23 AJP ZA . -32.59 20.31 5.90
C24 AJP ZA . -33.83 19.86 6.66
O25 AJP ZA . -32.96 21.09 4.75
C26 AJP ZA . -32.80 20.47 3.50
C27 AJP ZA . -32.81 21.54 2.43
C28 AJP ZA . -31.54 21.48 1.60
C29 AJP ZA . -31.30 20.07 1.09
C30 AJP ZA . -31.34 19.07 2.25
O31 AJP ZA . -31.57 19.75 3.48
C32 AJP ZA . -30.05 18.28 2.41
O33 AJP ZA . -28.96 19.16 2.65
O34 AJP ZA . -30.01 20.03 0.47
C35 AJP ZA . -29.96 19.93 -0.93
C36 AJP ZA . -29.82 18.46 -1.31
C37 AJP ZA . -30.62 18.14 -2.56
C38 AJP ZA . -30.57 19.27 -3.58
C39 AJP ZA . -31.05 20.58 -2.95
O40 AJP ZA . -31.13 20.45 -1.52
C41 AJP ZA . -32.42 20.99 -3.43
O42 AJP ZA . -32.44 21.16 -4.84
O43 AJP ZA . -29.25 19.43 -4.07
O44 AJP ZA . -31.99 17.91 -2.18
O54 AJP ZA . -28.44 18.19 -1.59
O77 AJP ZA . -30.42 21.90 2.39
O78 AJP ZA . -33.95 21.36 1.58
O79 AJP ZA . -30.94 20.30 7.71
C80 AJP ZA . -34.86 22.71 7.26
C81 AJP ZA . -36.04 24.81 11.26
O82 AJP ZA . -37.51 22.24 12.28
C83 AJP ZA . -34.31 26.16 14.96
O84 AJP ZA . -36.20 24.69 16.22
C85 AJP ZA . -37.24 24.18 17.06
C01 AJP AB . -45.68 20.14 26.08
C02 AJP AB . -44.29 19.85 26.65
C03 AJP AB . -44.35 18.94 27.87
C04 AJP AB . -43.82 19.64 29.12
C05 AJP AB . -44.41 21.02 29.28
C06 AJP AB . -43.88 21.83 30.48
C07 AJP AB . -45.12 22.63 30.94
C08 AJP AB . -46.23 22.17 29.99
O09 AJP AB . -45.80 20.88 29.56
C10 AJP AB . -47.52 22.07 30.79
C11 AJP AB . -47.18 22.79 32.10
C12 AJP AB . -45.69 22.42 32.36
C13 AJP AB . -45.16 23.37 33.44
C14 AJP AB . -46.02 23.33 34.71
C15 AJP AB . -47.51 23.58 34.45
C16 AJP AB . -48.06 22.66 33.35
C17 AJP AB . -49.53 23.00 33.05
C18 AJP AB . -50.40 23.02 34.30
C19 AJP AB . -49.82 23.98 35.33
C20 AJP AB . -48.38 23.58 35.74
C21 AJP AB . -47.87 24.64 36.72
C22 AJP AB . -48.79 24.86 37.93
C23 AJP AB . -50.20 25.21 37.47
C24 AJP AB . -50.75 24.15 36.54
O25 AJP AB . -51.05 25.35 38.64
C26 AJP AB . -51.54 26.64 38.86
C27 AJP AB . -52.97 26.52 39.39
C28 AJP AB . -53.51 27.90 39.73
C29 AJP AB . -52.56 28.64 40.65
C30 AJP AB . -51.16 28.67 40.05
O31 AJP AB . -50.72 27.33 39.79
C32 AJP AB . -50.12 29.29 40.96
O33 AJP AB . -49.93 28.52 42.14
O34 AJP AB . -52.52 27.94 41.89
C35 AJP AB . -53.12 28.54 43.02
C36 AJP AB . -54.04 27.52 43.70
C37 AJP AB . -53.25 26.41 44.37
C38 AJP AB . -51.84 26.82 44.74
C39 AJP AB . -51.80 28.31 45.06
O40 AJP AB . -52.12 29.08 43.88
C41 AJP AB . -50.45 28.78 45.53
O42 AJP AB . -49.44 28.55 44.55
O43 AJP AB . -51.41 26.09 45.89
O44 AJP AB . -53.16 25.32 43.45
O54 AJP AB . -54.88 28.18 44.66
O77 AJP AB . -54.80 27.79 40.33
O78 AJP AB . -53.80 25.89 38.43
O79 AJP AB . -48.26 25.90 38.76
C80 AJP AB . -48.36 22.20 36.42
C81 AJP AB . -45.54 20.95 32.82
O82 AJP AB . -47.99 20.72 30.89
C83 AJP AB . -42.66 22.69 30.16
O84 AJP AB . -44.23 21.81 28.11
C85 AJP AB . -43.58 21.13 27.03
C01 AJP BB . -50.54 22.46 22.04
C02 AJP BB . -49.60 22.80 23.18
C03 AJP BB . -49.85 21.93 24.40
C04 AJP BB . -50.88 22.55 25.35
C05 AJP BB . -50.44 23.90 25.85
C06 AJP BB . -49.84 23.93 27.26
C07 AJP BB . -50.37 25.24 27.86
C08 AJP BB . -51.17 25.87 26.70
O09 AJP BB . -51.58 24.75 25.92
C10 AJP BB . -52.39 26.57 27.30
C11 AJP BB . -52.10 26.57 28.80
C12 AJP BB . -51.36 25.23 29.05
C13 AJP BB . -50.72 25.32 30.44
C14 AJP BB . -51.76 25.61 31.53
C15 AJP BB . -52.62 26.85 31.25
C16 AJP BB . -53.22 26.84 29.83
C17 AJP BB . -53.95 28.15 29.55
C18 AJP BB . -55.00 28.47 30.61
C19 AJP BB . -54.36 28.50 32.01
C20 AJP BB . -53.68 27.14 32.35
C21 AJP BB . -53.00 27.30 33.71
C22 AJP BB . -53.97 27.76 34.82
C23 AJP BB . -54.66 29.07 34.43
C24 AJP BB . -55.35 28.95 33.09
O25 AJP BB . -55.62 29.41 35.46
C26 AJP BB . -56.67 28.49 35.66
C27 AJP BB . -56.81 28.26 37.15
C28 AJP BB . -58.24 28.56 37.60
C29 AJP BB . -59.23 27.82 36.72
C30 AJP BB . -58.98 28.11 35.25
O31 AJP BB . -57.87 29.01 35.12
C32 AJP BB . -60.16 28.76 34.56
O33 AJP BB . -59.88 29.02 33.19
O34 AJP BB . -60.55 28.27 37.08
O77 AJP BB . -58.48 29.96 37.53
O78 AJP BB . -56.49 26.91 37.47
O79 AJP BB . -53.26 27.91 36.05
C80 AJP BB . -54.72 26.01 32.42
C81 AJP BB . -52.32 24.02 28.98
O82 AJP BB . -53.61 25.96 26.87
C83 AJP BB . -48.33 23.76 27.32
O84 AJP BB . -49.46 24.46 24.98
C85 AJP BB . -49.75 24.26 23.58
C01 AJP CB . -55.71 21.27 20.03
C02 AJP CB . -54.99 22.46 20.64
C03 AJP CB . -54.71 22.26 22.11
C04 AJP CB . -55.82 22.84 22.99
C05 AJP CB . -55.98 24.33 22.77
C06 AJP CB . -55.28 25.24 23.79
C07 AJP CB . -56.24 26.44 23.90
C08 AJP CB . -57.41 26.08 22.97
O09 AJP CB . -57.37 24.65 22.90
C10 AJP CB . -58.71 26.54 23.64
C11 AJP CB . -58.21 27.46 24.75
C12 AJP CB . -56.91 26.79 25.26
C13 AJP CB . -56.17 27.82 26.11
C14 AJP CB . -57.04 28.35 27.26
C15 AJP CB . -58.39 28.90 26.80
C16 AJP CB . -59.15 27.90 25.90
C17 AJP CB . -60.44 28.53 25.37
C18 AJP CB . -61.32 29.09 26.49
C19 AJP CB . -60.54 30.10 27.33
C20 AJP CB . -59.28 29.45 27.95
C21 AJP CB . -58.52 30.56 28.72
C22 AJP CB . -59.39 31.29 29.75
C23 AJP CB . -60.63 31.87 29.10
C24 AJP CB . -61.41 30.81 28.36
O25 AJP CB . -61.46 32.49 30.12
C26 AJP CB . -62.16 31.61 30.97
C27 AJP CB . -61.87 32.00 32.42
C28 AJP CB . -62.45 33.37 32.77
C29 AJP CB . -63.74 33.65 32.01
C30 AJP CB . -64.41 32.37 31.55
O31 AJP CB . -63.56 31.63 30.66
C32 AJP CB . -65.70 32.61 30.81
O33 AJP CB . -66.29 31.39 30.38
O34 AJP CB . -63.44 34.49 30.89
O77 AJP CB . -61.49 34.38 32.51
O78 AJP CB . -62.31 30.99 33.32
O79 AJP CB . -58.63 32.32 30.38
C80 AJP CB . -59.66 28.33 28.94
C81 AJP CB . -57.19 25.52 26.09
O82 AJP CB . -59.53 25.44 24.00
C83 AJP CB . -53.85 25.60 23.43
O84 AJP CB . -55.52 24.70 21.48
C85 AJP CB . -55.80 23.74 20.46
C01 AJP DB . -59.78 29.61 10.83
C02 AJP DB . -60.15 28.18 11.26
C03 AJP DB . -61.62 28.05 11.61
C04 AJP DB . -61.83 27.69 13.07
C05 AJP DB . -61.01 28.57 13.99
C06 AJP DB . -61.10 28.25 15.49
C07 AJP DB . -61.03 29.64 16.15
C08 AJP DB . -60.89 30.61 14.97
O09 AJP DB . -61.49 29.90 13.88
C10 AJP DB . -61.70 31.87 15.29
C11 AJP DB . -62.03 31.71 16.78
C12 AJP DB . -62.25 30.18 16.96
C13 AJP DB . -62.21 29.90 18.46
C14 AJP DB . -63.25 30.73 19.23
C15 AJP DB . -63.16 32.23 18.95
C16 AJP DB . -63.13 32.55 17.45
C17 AJP DB . -62.92 34.05 17.22
C18 AJP DB . -63.95 34.90 17.97
C19 AJP DB . -63.94 34.56 19.46
C20 AJP DB . -64.23 33.08 19.71
C21 AJP DB . -64.11 32.84 21.23
C22 AJP DB . -65.03 33.75 22.06
C23 AJP DB . -64.76 35.22 21.75
C24 AJP DB . -64.86 35.50 20.26
O25 AJP DB . -65.73 36.01 22.46
C26 AJP DB . -65.23 36.82 23.49
C27 AJP DB . -66.00 38.14 23.48
C28 AJP DB . -65.54 39.02 24.64
C29 AJP DB . -65.62 38.25 25.95
C30 AJP DB . -64.88 36.92 25.84
O31 AJP DB . -65.38 36.17 24.73
C32 AJP DB . -65.04 36.06 27.07
O33 AJP DB . -66.39 35.73 27.30
O34 AJP DB . -67.01 38.00 26.21
O77 AJP DB . -66.35 40.19 24.70
O78 AJP DB . -65.79 38.81 22.24
O79 AJP DB . -64.85 33.49 23.44
C80 AJP DB . -65.65 32.70 19.25
C81 AJP DB . -63.58 29.71 16.36
O82 AJP DB . -62.80 32.04 14.40
C83 AJP DB . -60.07 27.25 15.99
O84 AJP DB . -59.63 28.53 13.64
C85 AJP DB . -59.32 27.76 12.46
C01 AJP EB . -40.05 44.78 -3.28
C02 AJP EB . -39.08 43.90 -2.52
C03 AJP EB . -39.72 43.23 -1.32
C04 AJP EB . -39.09 43.69 0.00
C05 AJP EB . -38.96 45.19 0.06
C06 AJP EB . -38.27 45.74 1.32
C07 AJP EB . -38.99 47.08 1.55
C08 AJP EB . -40.05 47.12 0.44
O09 AJP EB . -40.26 45.75 0.10
C10 AJP EB . -41.33 47.73 1.04
C11 AJP EB . -40.85 48.33 2.35
C12 AJP EB . -39.77 47.33 2.87
C13 AJP EB . -38.99 48.04 3.98
C14 AJP EB . -39.91 48.54 5.10
C15 AJP EB . -41.07 49.41 4.60
C16 AJP EB . -41.84 48.75 3.45
C17 AJP EB . -42.92 49.69 2.91
C18 AJP EB . -43.85 50.21 4.02
C19 AJP EB . -43.04 50.88 5.12
C20 AJP EB . -42.00 49.91 5.74
C21 AJP EB . -41.21 50.71 6.78
C22 AJP EB . -42.08 51.38 7.84
C23 AJP EB . -43.13 52.29 7.21
C24 AJP EB . -43.94 51.54 6.17
O25 AJP EB . -44.00 52.77 8.25
C26 AJP EB . -44.45 54.10 8.10
C27 AJP EB . -45.84 54.20 8.69
C28 AJP EB . -46.34 55.64 8.64
C29 AJP EB . -45.31 56.57 9.28
C30 AJP EB . -43.94 56.37 8.65
O31 AJP EB . -43.56 54.98 8.77
C32 AJP EB . -42.85 57.18 9.32
O33 AJP EB . -43.13 58.57 9.25
O34 AJP EB . -45.26 56.24 10.67
C35 AJP EB . -45.74 57.20 11.59
C36 AJP EB . -46.29 56.48 12.81
C37 AJP EB . -46.72 57.48 13.86
C38 AJP EB . -45.60 58.47 14.18
C39 AJP EB . -45.10 59.10 12.89
O40 AJP EB . -44.68 58.07 11.97
C41 AJP EB . -43.91 60.02 13.09
O42 AJP EB . -43.47 60.58 11.85
O43 AJP EB . -46.07 59.49 15.05
O44 AJP EB . -47.01 56.76 15.08
O54 AJP EB . -47.45 55.73 12.42
C55 AJP EB . -47.32 54.33 12.34
C56 AJP EB . -47.36 53.76 13.74
C57 AJP EB . -48.68 53.07 14.03
C58 AJP EB . -49.84 53.86 13.45
C59 AJP EB . -49.70 53.91 11.92
O60 AJP EB . -48.32 53.74 11.51
C61 AJP EB . -50.23 55.19 11.30
O62 AJP EB . -51.17 54.90 10.26
O63 AJP EB . -49.88 55.17 13.98
O64 AJP EB . -48.85 53.03 15.45
O76 AJP EB . -46.28 52.84 13.91
O77 AJP EB . -47.60 55.75 9.29
O78 AJP EB . -46.73 53.35 7.97
O79 AJP EB . -41.27 52.12 8.75
C80 AJP EB . -42.71 48.73 6.44
C81 AJP EB . -40.40 46.02 3.40
O82 AJP EB . -42.38 46.76 1.09
C83 AJP EB . -36.74 45.85 1.22
O84 AJP EB . -38.24 45.69 -1.06
C85 AJP EB . -37.88 44.70 -2.05
C01 AJP FB . -31.56 42.93 7.06
C02 AJP FB . -31.16 44.36 7.36
C03 AJP FB . -30.41 44.49 8.68
C04 AJP FB . -31.36 44.77 9.84
C05 AJP FB . -32.13 46.06 9.64
C06 AJP FB . -31.59 47.28 10.38
C07 AJP FB . -32.86 48.07 10.75
C08 AJP FB . -34.00 47.19 10.20
O09 AJP FB . -33.45 45.88 10.15
C10 AJP FB . -35.16 47.23 11.19
C11 AJP FB . -34.78 48.40 12.11
C12 AJP FB . -33.24 48.30 12.24
C13 AJP FB . -32.77 49.63 12.83
C14 AJP FB . -33.43 49.94 14.17
C15 AJP FB . -34.97 49.89 14.12
C16 AJP FB . -35.48 48.59 13.48
C17 AJP FB . -37.00 48.61 13.34
C18 AJP FB . -37.70 48.92 14.66
C19 AJP FB . -37.19 50.22 15.25
C20 AJP FB . -35.66 50.19 15.49
C21 AJP FB . -35.24 51.59 16.00
C22 AJP FB . -36.00 52.04 17.23
C23 AJP FB . -37.51 52.00 17.03
C24 AJP FB . -37.96 50.64 16.52
O25 AJP FB . -38.24 52.33 18.24
C26 AJP FB . -37.67 51.93 19.46
C27 AJP FB . -38.41 52.67 20.58
C28 AJP FB . -39.08 51.66 21.51
C29 AJP FB . -38.06 50.66 22.04
C30 AJP FB . -37.23 50.08 20.90
O31 AJP FB . -37.77 50.53 19.64
C32 AJP FB . -37.24 48.57 20.86
O33 AJP FB . -36.42 48.07 19.81
O34 AJP FB . -38.78 49.61 22.70
O77 AJP FB . -40.12 50.98 20.82
O78 AJP FB . -37.49 53.47 21.32
O79 AJP FB . -35.59 53.37 17.57
C80 AJP FB . -35.28 49.13 16.53
C81 AJP FB . -32.80 47.13 13.12
O82 AJP FB . -35.39 45.97 11.80
C83 AJP FB . -30.55 48.09 9.62
O84 AJP FB . -32.18 46.39 8.26
C85 AJP FB . -32.37 45.27 7.40
C01 AJP GB . -40.85 44.98 -10.99
C02 AJP GB . -40.30 43.90 -10.09
C03 AJP GB . -38.80 44.06 -9.85
C04 AJP GB . -37.99 43.38 -10.95
C05 AJP GB . -38.28 41.90 -11.05
C06 AJP GB . -37.21 40.97 -10.47
C07 AJP GB . -37.22 39.77 -11.43
C08 AJP GB . -38.33 40.11 -12.44
O09 AJP GB . -38.37 41.54 -12.42
C10 AJP GB . -37.89 39.62 -13.82
C11 AJP GB . -36.67 38.75 -13.51
C12 AJP GB . -35.97 39.46 -12.31
C13 AJP GB . -34.98 38.46 -11.72
C14 AJP GB . -33.97 37.97 -12.75
C15 AJP GB . -34.61 37.40 -14.02
C16 AJP GB . -35.67 38.35 -14.62
C17 AJP GB . -36.38 37.70 -15.81
C18 AJP GB . -35.39 37.20 -16.87
C19 AJP GB . -34.37 36.25 -16.25
C20 AJP GB . -33.58 36.93 -15.09
C21 AJP GB . -32.65 35.86 -14.50
C22 AJP GB . -31.71 35.23 -15.53
C23 AJP GB . -32.49 34.62 -16.69
C24 AJP GB . -33.44 35.63 -17.30
O25 AJP GB . -31.55 34.16 -17.69
C26 AJP GB . -31.41 32.77 -17.80
C27 AJP GB . -32.66 32.22 -18.50
C28 AJP GB . -32.25 31.40 -19.72
C29 AJP GB . -31.19 30.39 -19.34
C30 AJP GB . -29.99 31.06 -18.68
O31 AJP GB . -30.25 32.48 -18.56
C32 AJP GB . -28.71 30.91 -19.47
O33 AJP GB . -28.35 29.55 -19.63
O34 AJP GB . -30.76 29.73 -20.55
O77 AJP GB . -31.77 32.26 -20.74
O78 AJP GB . -33.40 31.42 -17.59
O79 AJP GB . -30.89 34.24 -14.91
C80 AJP GB . -32.75 38.11 -15.61
C81 AJP GB . -35.25 40.74 -12.74
O82 AJP GB . -37.69 40.70 -14.74
C83 AJP GB . -37.39 40.61 -8.99
O84 AJP GB . -39.50 41.60 -10.38
C85 AJP GB . -40.56 42.52 -10.66
C01 AJP HB . -14.94 26.70 15.39
C02 AJP HB . -14.67 25.21 15.60
C03 AJP HB . -13.25 24.95 16.04
C04 AJP HB . -12.96 23.45 16.13
C05 AJP HB . -13.35 22.73 14.86
C06 AJP HB . -13.23 21.20 14.90
C07 AJP HB . -12.85 20.84 13.44
C08 AJP HB . -12.64 22.19 12.75
O09 AJP HB . -12.46 23.13 13.83
C10 AJP HB . -11.38 22.10 11.90
C11 AJP HB . -11.18 20.60 11.76
C12 AJP HB . -11.56 20.02 13.15
C13 AJP HB . -11.75 18.51 12.98
C14 AJP HB . -10.52 17.84 12.39
C15 AJP HB . -10.04 18.48 11.08
C16 AJP HB . -9.86 20.00 11.21
C17 AJP HB . -9.47 20.63 9.88
C18 AJP HB . -8.25 19.96 9.27
C19 AJP HB . -8.46 18.47 9.12
C20 AJP HB . -8.77 17.79 10.47
C21 AJP HB . -9.07 16.30 10.19
C22 AJP HB . -7.93 15.61 9.45
C23 AJP HB . -7.61 16.31 8.13
C24 AJP HB . -7.32 17.78 8.36
O25 AJP HB . -6.45 15.67 7.55
C26 AJP HB . -6.45 15.57 6.14
C27 AJP HB . -5.22 16.30 5.61
C28 AJP HB . -4.18 15.28 5.14
C29 AJP HB . -4.76 14.40 4.04
C30 AJP HB . -6.18 13.98 4.38
O31 AJP HB . -6.43 14.20 5.78
C32 AJP HB . -6.47 12.52 4.11
O33 AJP HB . -6.27 12.20 2.73
O34 AJP HB . -3.94 13.23 3.98
C35 AJP HB . -3.00 13.15 2.94
C36 AJP HB . -1.59 13.16 3.55
C37 AJP HB . -0.93 11.80 3.42
C38 AJP HB . -0.88 11.31 1.98
C39 AJP HB . -2.18 11.66 1.26
O40 AJP HB . -3.21 11.94 2.21
C41 AJP HB . -2.68 10.54 0.38
O42 AJP HB . -3.92 10.89 -0.25
O43 AJP HB . 0.21 11.91 1.29
O44 AJP HB . -1.65 10.85 4.20
O54 AJP HB . -0.80 14.14 2.85
O77 AJP HB . -3.73 14.49 6.24
O78 AJP HB . -5.59 17.16 4.55
O79 AJP HB . -8.28 14.24 9.19
C80 AJP HB . -7.58 17.90 11.43
C81 AJP HB . -10.47 20.30 14.22
O82 AJP HB . -10.31 22.87 12.44
C83 AJP HB . -14.46 20.48 15.43
O84 AJP HB . -14.69 23.04 14.48
C85 AJP HB . -14.94 24.45 14.33
K K IB . 40.39 22.02 -6.02
P POV JB . -15.55 2.24 26.29
C1 POV JB . -16.08 2.17 28.88
C2 POV JB . -16.04 3.26 29.94
C3 POV JB . -14.91 4.25 29.74
C210 POV JB . -18.34 10.56 37.01
O11 POV JB . -15.17 2.50 27.86
C211 POV JB . -19.28 10.20 35.90
O12 POV JB . -14.01 1.90 25.77
C212 POV JB . -19.71 11.42 35.09
O13 POV JB . -16.35 0.98 26.24
C213 POV JB . -20.77 12.29 35.76
O14 POV JB . -16.02 3.48 25.63
C214 POV JB . -21.37 13.31 34.79
C215 POV JB . -22.24 14.36 35.47
C21 POV JB . -16.71 3.16 32.23
O21 POV JB . -15.89 2.75 31.27
C22 POV JB . -16.16 2.84 33.58
O22 POV JB . -17.76 3.71 32.00
C23 POV JB . -15.93 4.05 34.47
C24 POV JB . -17.23 4.53 35.12
C25 POV JB . -17.20 6.00 35.52
C26 POV JB . -16.19 6.31 36.61
C27 POV JB . -16.19 7.78 37.03
C28 POV JB . -17.52 8.24 37.62
C29 POV JB . -17.60 9.73 37.73
C31 POV JB . -14.07 5.36 31.64
O31 POV JB . -15.01 5.27 30.71
C32 POV JB . -14.23 6.61 32.46
O32 POV JB . -13.21 4.53 31.79
C33 POV JB . -13.11 6.86 33.45
C34 POV JB . -13.50 7.95 34.45
P POV KB . -6.52 -2.46 29.86
C1 POV KB . -7.84 -0.28 29.20
C2 POV KB . -8.13 1.14 29.71
C3 POV KB . -8.02 2.20 28.64
O11 POV KB . -7.13 -0.99 30.18
O12 POV KB . -7.80 -3.37 30.39
O13 POV KB . -5.33 -2.76 30.72
O14 POV KB . -6.45 -2.60 28.37
C31 POV KB . -8.56 4.38 29.38
O31 POV KB . -7.65 3.42 29.27
C32 POV KB . -7.92 5.69 29.74
O32 POV KB . -9.74 4.20 29.21
C33 POV KB . -8.87 6.87 29.81
C34 POV KB . -8.11 8.16 30.13
C35 POV KB . -8.97 9.41 30.01
C36 POV KB . -8.22 10.67 30.44
C37 POV KB . -8.99 11.96 30.23
C38 POV KB . -8.30 13.17 30.85
P POV LB . -34.34 -0.69 12.94
C1 POV LB . -34.63 1.86 13.55
C2 POV LB . -35.12 2.74 14.70
C3 POV LB . -36.61 2.64 14.95
C210 POV LB . -34.01 6.54 24.66
O11 POV LB . -34.97 0.52 13.82
C211 POV LB . -33.39 6.94 25.96
O12 POV LB . -35.65 -0.96 11.96
C212 POV LB . -34.43 7.11 27.07
O13 POV LB . -34.19 -1.87 13.86
C213 POV LB . -35.54 8.09 26.71
O14 POV LB . -33.19 -0.22 12.10
C21 POV LB . -33.74 4.67 14.98
O21 POV LB . -34.84 4.11 14.46
C22 POV LB . -33.96 5.04 16.42
O22 POV LB . -32.72 4.82 14.37
C23 POV LB . -32.77 5.72 17.07
C24 POV LB . -33.09 6.19 18.49
C25 POV LB . -34.12 7.31 18.52
C26 POV LB . -34.94 7.32 19.81
C27 POV LB . -34.12 7.61 21.05
C28 POV LB . -34.33 6.57 22.15
C29 POV LB . -33.70 6.96 23.44
C31 POV LB . -37.10 3.30 17.16
O31 POV LB . -36.97 3.64 15.89
C32 POV LB . -37.64 4.45 17.97
O32 POV LB . -36.81 2.21 17.60
C33 POV LB . -37.53 4.29 19.47
C34 POV LB . -38.16 5.46 20.20
C35 POV LB . -38.01 5.42 21.70
C210 POV MB . -47.97 10.69 34.18
C211 POV MB . -47.11 10.41 33.00
C212 POV MB . -45.94 9.47 33.36
C213 POV MB . -45.17 8.99 32.14
C21 POV MB . -50.67 18.32 42.13
O21 POV MB . -50.65 18.38 43.34
C22 POV MB . -51.00 17.10 41.32
O22 POV MB . -50.38 19.36 41.35
C23 POV MB . -49.96 16.75 40.27
C24 POV MB . -50.34 15.48 39.52
C25 POV MB . -49.30 15.06 38.49
C26 POV MB . -49.67 13.76 37.78
C27 POV MB . -48.68 13.34 36.72
C28 POV MB . -49.17 12.15 35.88
C29 POV MB . -48.29 11.88 34.70
P POV NB . -21.31 -4.45 36.36
C1 POV NB . -19.42 -2.67 35.89
C2 POV NB . -18.33 -1.95 36.70
C3 POV NB . -17.91 -2.72 37.93
O11 POV NB . -20.39 -3.18 36.77
O12 POV NB . -22.79 -3.76 36.64
O13 POV NB . -21.15 -4.64 34.88
O14 POV NB . -21.12 -5.58 37.31
C21 POV NB . -17.89 0.23 37.58
O21 POV NB . -18.77 -0.67 37.15
C22 POV NB . -18.44 0.98 38.75
O22 POV NB . -16.81 0.39 37.08
C23 POV NB . -17.64 2.20 39.18
C24 POV NB . -18.54 3.21 39.89
C25 POV NB . -17.85 3.97 41.00
C26 POV NB . -18.81 4.84 41.80
C27 POV NB . -18.14 5.64 42.91
C28 POV NB . -19.13 6.47 43.71
C29 POV NB . -18.46 7.27 44.79
C31 POV NB . -18.32 -2.37 40.23
O31 POV NB . -18.79 -2.38 39.00
C32 POV NB . -19.29 -1.67 41.16
O32 POV NB . -17.27 -2.85 40.56
C33 POV NB . -18.64 -1.03 42.38
C34 POV NB . -19.64 -0.17 43.14
C35 POV NB . -19.02 0.62 44.28
C36 POV NB . -20.05 1.40 45.08
C37 POV NB . -19.46 2.17 46.26
C38 POV NB . -20.52 2.85 47.11
C39 POV NB . -19.97 3.56 48.34
C1 CLR OB . -27.83 14.96 52.50
C2 CLR OB . -28.49 14.73 53.86
C3 CLR OB . -28.04 15.71 54.93
C4 CLR OB . -26.63 16.25 54.67
C5 CLR OB . -25.79 15.27 53.88
C6 CLR OB . -24.72 14.69 54.43
C7 CLR OB . -24.00 13.52 53.84
C8 CLR OB . -24.32 13.30 52.37
C9 CLR OB . -25.81 13.53 52.09
C10 CLR OB . -26.29 14.94 52.50
C11 CLR OB . -26.17 13.15 50.65
C12 CLR OB . -25.69 11.76 50.24
C13 CLR OB . -24.18 11.56 50.47
C14 CLR OB . -23.94 11.89 51.95
C15 CLR OB . -22.52 11.40 52.21
C16 CLR OB . -22.46 10.09 51.39
C17 CLR OB . -23.64 10.11 50.38
C18 CLR OB . -23.35 12.49 49.56
C19 CLR OB . -25.76 16.01 51.52
C20 CLR OB . -23.22 9.51 49.03
C21 CLR OB . -24.37 9.29 48.05
C22 CLR OB . -22.48 8.18 49.24
C23 CLR OB . -21.79 7.60 48.01
C24 CLR OB . -22.39 6.28 47.55
C25 CLR OB . -23.14 6.31 46.22
C26 CLR OB . -22.46 5.41 45.20
C27 CLR OB . -24.61 5.94 46.36
O1 CLR OB . -28.99 16.75 55.02
C01 AJP PB . -21.75 10.06 43.77
C02 AJP PB . -22.42 9.98 42.41
C03 AJP PB . -23.40 8.81 42.32
C04 AJP PB . -23.98 8.68 40.91
C05 AJP PB . -22.89 8.66 39.85
C06 AJP PB . -23.39 8.68 38.40
C07 AJP PB . -22.39 7.77 37.66
C08 AJP PB . -21.42 7.32 38.75
O09 AJP PB . -22.16 7.44 39.96
C10 AJP PB . -21.06 5.86 38.50
C11 AJP PB . -21.57 5.62 37.08
C12 AJP PB . -22.88 6.45 36.99
C13 AJP PB . -23.26 6.56 35.52
C14 AJP PB . -23.41 5.19 34.86
C15 AJP PB . -22.17 4.28 35.05
C16 AJP PB . -21.74 4.19 36.52
C17 AJP PB . -20.46 3.37 36.66
C18 AJP PB . -20.56 2.00 35.99
C19 AJP PB . -20.97 2.13 34.53
C20 AJP PB . -22.32 2.88 34.38
C21 AJP PB . -22.60 3.04 32.86
C22 AJP PB . -21.70 2.27 31.89
C23 AJP PB . -21.44 0.84 32.36
C24 AJP PB . -20.95 0.79 33.80
O25 AJP PB . -22.67 0.08 32.23
C26 AJP PB . -22.56 -1.15 31.55
C27 AJP PB . -23.95 -1.59 31.12
C28 AJP PB . -24.00 -1.80 29.62
C29 AJP PB . -22.87 -2.73 29.18
C30 AJP PB . -21.53 -2.21 29.68
O31 AJP PB . -21.72 -0.99 30.41
C32 AJP PB . -20.55 -1.89 28.57
O33 AJP PB . -21.07 -0.91 27.68
O34 AJP PB . -22.88 -2.75 27.74
C35 AJP PB . -23.31 -3.93 27.11
C36 AJP PB . -22.09 -4.79 26.81
C37 AJP PB . -22.42 -6.26 27.01
C38 AJP PB . -23.83 -6.62 26.55
C39 AJP PB . -24.86 -5.74 27.27
O40 AJP PB . -24.21 -4.64 27.93
C41 AJP PB . -25.64 -6.48 28.32
O42 AJP PB . -26.35 -7.58 27.75
O43 AJP PB . -23.96 -6.45 25.14
O44 AJP PB . -22.30 -6.57 28.41
O54 AJP PB . -21.74 -4.62 25.43
O77 AJP PB . -23.90 -0.55 28.95
O78 AJP PB . -24.30 -2.79 31.80
O79 AJP PB . -20.48 2.97 31.61
C80 AJP PB . -23.47 2.09 35.03
C81 AJP PB . -24.02 5.80 37.80
O82 AJP PB . -21.53 5.00 39.53
C83 AJP PB . -23.55 10.08 37.80
O84 AJP PB . -22.02 9.77 40.01
C85 AJP PB . -21.40 9.85 41.31
C01 AJP QB . -15.63 12.34 52.67
C02 AJP QB . -14.92 13.22 51.65
C03 AJP QB . -13.63 13.82 52.20
C04 AJP QB . -13.69 15.34 52.26
C05 AJP QB . -14.98 15.83 52.88
C06 AJP QB . -15.17 17.35 52.91
C07 AJP QB . -15.92 17.59 54.23
C08 AJP QB . -16.05 16.19 54.84
O09 AJP QB . -14.98 15.46 54.26
C10 AJP QB . -15.86 16.31 56.36
C11 AJP QB . -15.95 17.82 56.60
C12 AJP QB . -15.27 18.45 55.35
C13 AJP QB . -15.63 19.93 55.34
C14 AJP QB . -15.24 20.64 56.64
C15 AJP QB . -15.81 19.95 57.89
C16 AJP QB . -15.49 18.45 57.92
C17 AJP QB . -16.15 17.78 59.14
C18 AJP QB . -15.84 18.48 60.44
C19 AJP QB . -16.21 19.96 60.37
C20 AJP QB . -15.46 20.68 59.23
C21 AJP QB . -15.95 22.14 59.19
C22 AJP QB . -15.84 22.86 60.53
C23 AJP QB . -16.56 22.09 61.62
C24 AJP QB . -16.05 20.68 61.72
O25 AJP QB . -16.39 22.78 62.88
C26 AJP QB . -17.55 23.31 63.45
C27 AJP QB . -17.46 23.15 64.96
C28 AJP QB . -18.68 23.80 65.61
C29 AJP QB . -18.84 25.24 65.14
C30 AJP QB . -18.87 25.29 63.61
O31 AJP QB . -17.69 24.67 63.10
C32 AJP QB . -18.91 26.69 63.06
O33 AJP QB . -17.73 27.41 63.37
O34 AJP QB . -17.71 25.97 65.62
C35 AJP QB . -17.93 26.92 66.63
C36 AJP QB . -16.91 26.70 67.74
C37 AJP QB . -15.50 27.09 67.30
C38 AJP QB . -15.49 28.11 66.18
C39 AJP QB . -16.72 29.01 66.29
O40 AJP QB . -17.92 28.24 66.09
C41 AJP QB . -16.74 30.12 65.27
O42 AJP QB . -16.74 29.60 63.95
O43 AJP QB . -14.31 28.92 66.26
O44 AJP QB . -14.85 25.91 66.82
O54 AJP QB . -17.27 27.43 68.92
O77 AJP QB . -18.56 23.75 67.02
O78 AJP QB . -17.39 21.78 65.30
O79 AJP QB . -16.37 24.18 60.42
C80 AJP QB . -13.94 20.66 59.47
C81 AJP QB . -13.73 18.28 55.39
O82 AJP QB . -14.68 15.64 56.80
C83 AJP QB . -15.87 17.92 51.68
O84 AJP QB . -16.12 15.27 52.24
C85 AJP QB . -15.81 14.35 51.19
C01 AJP RB . -20.08 8.10 55.45
C02 AJP RB . -19.79 9.55 55.08
C03 AJP RB . -18.57 10.09 55.80
C04 AJP RB . -18.94 10.73 57.13
C05 AJP RB . -19.91 11.88 56.96
C06 AJP RB . -19.27 13.28 57.02
C07 AJP RB . -20.33 14.12 57.76
C08 AJP RB . -21.48 13.13 58.01
O09 AJP RB . -20.83 11.86 58.04
C10 AJP RB . -22.09 13.45 59.37
C11 AJP RB . -21.46 14.80 59.74
C12 AJP RB . -20.02 14.72 59.16
C13 AJP RB . -19.47 16.14 59.16
C14 AJP RB . -19.48 16.76 60.56
C15 AJP RB . -20.86 16.72 61.23
C16 AJP RB . -21.49 15.31 61.19
C17 AJP RB . -22.91 15.35 61.75
C18 AJP RB . -22.97 15.97 63.15
C19 AJP RB . -22.34 17.36 63.16
C20 AJP RB . -20.87 17.33 62.66
C21 AJP RB . -20.38 18.79 62.63
C22 AJP RB . -20.53 19.52 63.97
C23 AJP RB . -21.97 19.48 64.45
C24 AJP RB . -22.50 18.07 64.52
O25 AJP RB . -22.05 20.10 65.76
C26 AJP RB . -21.31 19.48 66.78
C27 AJP RB . -20.55 20.55 67.54
C28 AJP RB . -20.89 20.50 69.02
C29 AJP RB . -20.71 19.09 69.55
C30 AJP RB . -21.51 18.09 68.71
O31 AJP RB . -22.19 18.78 67.66
C32 AJP RB . -22.56 17.34 69.50
O33 AJP RB . -23.27 16.43 68.67
O34 AJP RB . -21.20 19.06 70.90
O77 AJP RB . -22.22 20.94 69.23
O78 AJP RB . -19.15 20.37 67.35
O79 AJP RB . -20.07 20.87 63.85
C80 AJP RB . -19.99 16.52 63.62
C81 AJP RB . -19.11 13.79 59.98
O82 AJP RB . -21.91 12.38 60.30
C83 AJP RB . -18.85 13.84 55.66
O84 AJP RB . -20.58 11.77 55.73
C85 AJP RB . -20.99 10.43 55.41
C01 AJP SB . -20.62 3.96 59.29
C02 AJP SB . -21.35 5.24 58.90
C03 AJP SB . -20.55 6.48 59.25
C04 AJP SB . -20.92 7.03 60.64
C05 AJP SB . -22.38 7.40 60.72
C06 AJP SB . -22.71 8.88 60.52
C07 AJP SB . -23.91 9.11 61.45
C08 AJP SB . -24.13 7.75 62.13
O09 AJP SB . -22.85 7.11 62.04
C10 AJP SB . -24.49 7.99 63.59
C11 AJP SB . -24.82 9.48 63.63
C12 AJP SB . -23.81 10.13 62.64
C13 AJP SB . -24.30 11.54 62.33
C14 AJP SB . -24.47 12.37 63.61
C15 AJP SB . -25.37 11.70 64.65
C16 AJP SB . -24.93 10.25 64.95
C17 AJP SB . -25.90 9.58 65.92
C18 AJP SB . -26.14 10.40 67.19
C19 AJP SB . -26.60 11.81 66.84
C20 AJP SB . -25.58 12.55 65.95
C21 AJP SB . -26.16 13.91 65.60
C22 AJP SB . -26.57 14.74 66.83
C23 AJP SB . -27.55 13.97 67.70
C24 AJP SB . -26.99 12.62 68.09
O25 AJP SB . -27.86 14.75 68.89
C26 AJP SB . -26.85 14.81 69.87
C27 AJP SB . -26.60 16.27 70.21
C28 AJP SB . -27.80 16.92 70.90
C29 AJP SB . -28.57 15.92 71.76
C30 AJP SB . -27.69 14.74 72.16
O31 AJP SB . -27.22 14.03 71.01
C32 AJP SB . -28.40 13.73 73.03
O33 AJP SB . -27.54 12.64 73.37
O34 AJP SB . -29.71 15.46 71.03
O77 AJP SB . -28.66 17.50 69.93
O78 AJP SB . -25.40 16.43 70.98
O79 AJP SB . -27.15 15.98 66.41
C80 AJP SB . -24.24 12.74 66.69
C81 AJP SB . -22.37 10.17 63.21
O82 AJP SB . -23.48 7.52 64.48
C83 AJP SB . -22.94 9.29 59.07
O84 AJP SB . -23.14 6.67 59.76
C85 AJP SB . -22.71 5.32 59.58
C01 AJP TB . -32.42 -1.67 59.26
C02 AJP TB . -31.02 -2.05 59.74
C03 AJP TB . -31.00 -2.39 61.22
C04 AJP TB . -30.15 -1.41 62.02
C05 AJP TB . -30.46 0.03 61.67
C06 AJP TB . -29.60 1.08 62.37
C07 AJP TB . -30.60 2.23 62.61
C08 AJP TB . -31.91 1.72 62.00
O09 AJP TB . -31.79 0.31 62.09
C10 AJP TB . -33.06 2.21 62.89
C11 AJP TB . -32.40 3.24 63.81
C12 AJP TB . -30.97 2.67 64.06
C13 AJP TB . -30.13 3.81 64.65
C14 AJP TB . -30.75 4.37 65.92
C15 AJP TB . -32.21 4.81 65.75
C16 AJP TB . -33.08 3.72 65.10
C17 AJP TB . -34.50 4.23 64.84
C18 AJP TB . -35.15 4.81 66.09
C19 AJP TB . -34.27 5.91 66.71
C20 AJP TB . -32.86 5.38 67.05
C21 AJP TB . -32.04 6.57 67.57
C22 AJP TB . -32.70 7.28 68.76
C23 AJP TB . -34.11 7.75 68.42
C24 AJP TB . -34.95 6.60 67.90
O25 AJP TB . -34.71 8.29 69.62
C26 AJP TB . -34.96 9.67 69.59
C27 AJP TB . -36.30 9.91 70.31
C28 AJP TB . -36.57 11.41 70.39
C29 AJP TB . -35.39 12.14 71.00
C30 AJP TB . -34.10 11.78 70.26
O31 AJP TB . -33.92 10.36 70.24
C32 AJP TB . -32.86 12.38 70.90
O33 AJP TB . -32.69 11.91 72.23
O34 AJP TB . -35.28 11.71 72.36
O77 AJP TB . -37.75 11.64 71.17
O78 AJP TB . -37.35 9.26 69.61
O79 AJP TB . -31.90 8.40 69.17
C80 AJP TB . -32.92 4.29 68.15
C81 AJP TB . -30.99 1.47 65.02
O82 AJP TB . -33.74 1.13 63.53
C83 AJP TB . -28.33 1.48 61.64
O84 AJP TB . -30.34 0.24 60.27
C85 AJP TB . -30.03 -0.93 59.49
C01 AJP UB . -48.41 0.67 35.67
C02 AJP UB . -47.16 1.31 35.09
C03 AJP UB . -46.20 1.76 36.17
C04 AJP UB . -45.99 3.28 36.15
C05 AJP UB . -47.31 4.01 36.07
C06 AJP UB . -47.21 5.54 35.98
C07 AJP UB . -48.46 6.03 36.74
C08 AJP UB . -49.10 4.72 37.26
O09 AJP UB . -48.03 3.78 37.28
C10 AJP UB . -49.63 4.96 38.67
C11 AJP UB . -49.59 6.49 38.79
C12 AJP UB . -48.30 6.90 38.02
C13 AJP UB . -48.39 8.43 37.79
C14 AJP UB . -48.56 9.19 39.10
C15 AJP UB . -49.74 8.71 39.95
C16 AJP UB . -49.71 7.19 40.17
C17 AJP UB . -50.95 6.72 40.93
C18 AJP UB . -51.15 7.49 42.24
C19 AJP UB . -51.20 8.99 41.99
C20 AJP UB . -49.91 9.49 41.28
C21 AJP UB . -50.10 11.00 41.00
C22 AJP UB . -50.43 11.81 42.25
C23 AJP UB . -51.68 11.27 42.94
C24 AJP UB . -51.53 9.79 43.25
O25 AJP UB . -51.87 12.00 44.19
C26 AJP UB . -53.20 12.25 44.54
C27 AJP UB . -53.29 12.24 46.06
C28 AJP UB . -54.70 12.61 46.51
C29 AJP UB . -55.13 13.91 45.86
C30 AJP UB . -54.96 13.85 44.34
O31 AJP UB . -53.59 13.51 44.03
C32 AJP UB . -55.27 15.15 43.64
O33 AJP UB . -56.59 15.57 43.88
O34 AJP UB . -54.29 14.96 46.38
C35 AJP UB . -54.89 15.93 47.21
C36 AJP UB . -53.84 16.42 48.21
C37 AJP UB . -54.42 17.54 49.06
C38 AJP UB . -55.01 18.64 48.19
C39 AJP UB . -56.00 18.03 47.21
O40 AJP UB . -55.36 17.01 46.44
C41 AJP UB . -56.56 19.03 46.22
O42 AJP UB . -57.47 18.42 45.32
O43 AJP UB . -55.68 19.60 48.99
O44 AJP UB . -53.35 18.12 49.83
O54 AJP UB . -53.51 15.33 49.09
C55 AJP UB . -52.25 14.72 48.93
C56 AJP UB . -51.19 15.63 49.53
C57 AJP UB . -50.67 15.06 50.85
C58 AJP UB . -51.80 14.47 51.67
C59 AJP UB . -52.42 13.30 50.91
O60 AJP UB . -52.20 13.42 49.49
C61 AJP UB . -53.90 13.11 51.15
O62 AJP UB . -54.20 11.78 51.56
O63 AJP UB . -52.80 15.45 51.96
O64 AJP UB . -50.11 16.15 51.60
O76 AJP UB . -50.12 15.80 48.61
O77 AJP UB . -54.76 12.72 47.92
O78 AJP UB . -52.95 10.96 46.56
O79 AJP UB . -50.63 13.18 41.91
C80 AJP UB . -48.68 9.29 42.20
C81 AJP UB . -47.02 6.56 38.80
O82 AJP UB . -48.91 4.21 39.64
C83 AJP UB . -47.10 6.09 34.55
O84 AJP UB . -48.09 3.58 34.96
C85 AJP UB . -47.51 2.49 34.21
C01 AJP VB . -41.34 11.69 32.24
C02 AJP VB . -42.48 12.68 32.01
C03 AJP VB . -41.97 14.10 31.88
C04 AJP VB . -41.93 14.82 33.23
C05 AJP VB . -43.30 14.89 33.87
C06 AJP VB . -44.03 16.22 33.71
C07 AJP VB . -44.81 16.36 35.03
C08 AJP VB . -44.41 15.10 35.82
O09 AJP VB . -43.15 14.73 35.27
C10 AJP VB . -44.25 15.49 37.29
C11 AJP VB . -44.89 16.88 37.36
C12 AJP VB . -44.52 17.54 36.00
C13 AJP VB . -45.42 18.76 35.84
C14 AJP VB . -45.29 19.75 37.01
C15 AJP VB . -45.51 19.08 38.38
C16 AJP VB . -44.65 17.82 38.55
C17 AJP VB . -44.97 17.13 39.89
C18 AJP VB . -44.85 18.08 41.07
C19 AJP VB . -45.74 19.30 40.87
C20 AJP VB . -45.37 20.07 39.58
C21 AJP VB . -46.38 21.23 39.44
C22 AJP VB . -46.44 22.15 40.66
C23 AJP VB . -46.72 21.37 41.93
C24 AJP VB . -45.75 20.21 42.10
O25 AJP VB . -46.68 22.23 43.11
C26 AJP VB . -45.74 23.30 43.10
C27 AJP VB . -46.10 24.24 44.24
C28 AJP VB . -44.94 24.32 45.23
C29 AJP VB . -43.67 24.75 44.49
C30 AJP VB . -43.44 23.87 43.27
O31 AJP VB . -44.42 22.82 43.23
C32 AJP VB . -42.08 23.21 43.24
O33 AJP VB . -41.90 22.46 42.05
O34 AJP VB . -42.57 24.57 45.40
O77 AJP VB . -44.75 23.07 45.87
O78 AJP VB . -46.41 25.53 43.73
O79 AJP VB . -47.44 23.13 40.44
C80 AJP VB . -43.94 20.64 39.66
C81 AJP VB . -43.04 17.96 35.95
O82 AJP VB . -42.91 15.38 37.73
C83 AJP VB . -44.90 16.33 32.46
O84 AJP VB . -44.14 13.88 33.35
C85 AJP VB . -43.48 12.62 33.15
C01 AJP WB . -51.71 -5.89 33.17
C02 AJP WB . -50.28 -5.40 33.02
C03 AJP WB . -50.09 -4.55 31.77
C04 AJP WB . -49.78 -5.42 30.55
C05 AJP WB . -48.51 -6.24 30.76
C06 AJP WB . -47.27 -5.73 30.01
C07 AJP WB . -46.55 -7.04 29.60
C08 AJP WB . -47.44 -8.15 30.19
O09 AJP WB . -48.74 -7.55 30.27
C10 AJP WB . -47.46 -9.32 29.20
C11 AJP WB . -46.34 -8.97 28.22
C12 AJP WB . -46.41 -7.42 28.10
C13 AJP WB . -45.11 -6.97 27.43
C14 AJP WB . -44.91 -7.63 26.07
C15 AJP WB . -44.98 -9.17 26.12
C16 AJP WB . -46.25 -9.66 26.84
C17 AJP WB . -46.23 -11.18 26.97
C18 AJP WB . -46.03 -11.88 25.63
C19 AJP WB . -44.77 -11.38 24.94
C20 AJP WB . -44.80 -9.85 24.73
C21 AJP WB . -43.44 -9.45 24.11
C22 AJP WB . -43.12 -10.20 22.82
C23 AJP WB . -43.14 -11.70 23.03
C24 AJP WB . -44.46 -12.15 23.65
O25 AJP WB . -42.96 -12.36 21.76
C26 AJP WB . -41.72 -12.98 21.56
C27 AJP WB . -41.70 -14.26 22.39
C28 AJP WB . -41.35 -15.46 21.51
C29 AJP WB . -40.11 -15.16 20.69
C30 AJP WB . -40.28 -13.87 19.89
O31 AJP WB . -41.55 -13.28 20.19
C32 AJP WB . -40.24 -14.08 18.39
O33 AJP WB . -39.00 -14.65 17.98
O34 AJP WB . -39.92 -16.25 19.78
O77 AJP WB . -42.46 -15.75 20.65
O78 AJP WB . -40.74 -14.14 23.43
O79 AJP WB . -41.85 -9.78 22.31
C80 AJP WB . -45.93 -9.45 23.77
C81 AJP WB . -47.63 -6.95 27.28
O82 AJP WB . -48.76 -9.55 28.66
C83 AJP WB . -46.40 -4.75 30.79
O84 AJP WB . -48.18 -6.29 32.14
C85 AJP WB . -49.29 -6.54 32.99
C01 AJP XB . -20.71 18.12 20.39
C02 AJP XB . -19.23 17.77 20.21
C03 AJP XB . -18.58 18.57 19.10
C04 AJP XB . -17.15 18.11 18.85
C05 AJP XB . -17.05 16.62 18.66
C06 AJP XB . -15.63 16.06 18.55
C07 AJP XB . -15.80 14.86 17.60
C08 AJP XB . -17.27 14.94 17.14
O09 AJP XB . -17.66 16.28 17.42
C10 AJP XB . -17.30 14.68 15.63
C11 AJP XB . -15.95 14.02 15.38
C12 AJP XB . -14.95 14.78 16.29
C13 AJP XB . -13.68 13.93 16.38
C14 AJP XB . -13.09 13.63 15.00
C15 AJP XB . -14.11 13.00 14.01
C16 AJP XB . -15.41 13.83 13.94
C17 AJP XB . -16.44 13.13 13.04
C18 AJP XB . -15.87 12.83 11.65
C19 AJP XB . -14.60 11.99 11.77
C20 AJP XB . -13.52 12.70 12.61
C21 AJP XB . -12.32 11.74 12.73
C22 AJP XB . -11.78 11.26 11.38
C23 AJP XB . -12.89 10.61 10.55
C24 AJP XB . -14.08 11.53 10.40
O25 AJP XB . -12.34 10.31 9.24
C26 AJP XB . -12.78 9.11 8.65
C27 AJP XB . -13.45 9.45 7.32
C28 AJP XB . -12.54 9.05 6.17
C29 AJP XB . -12.26 7.56 6.22
C30 AJP XB . -11.98 7.10 7.65
O31 AJP XB . -11.68 8.25 8.46
C32 AJP XB . -10.80 6.17 7.77
O33 AJP XB . -11.01 4.98 7.01
O34 AJP XB . -11.08 7.33 5.42
C35 AJP XB . -11.25 6.79 4.13
C36 AJP XB . -10.81 7.84 3.12
C37 AJP XB . -9.52 7.43 2.44
C38 AJP XB . -9.62 6.06 1.78
C39 AJP XB . -10.43 5.11 2.67
O40 AJP XB . -10.48 5.62 4.01
C41 AJP XB . -9.83 3.72 2.75
O42 AJP XB . -10.59 2.88 3.60
O43 AJP XB . -10.26 6.16 0.52
O44 AJP XB . -8.47 7.39 3.42
O54 AJP XB . -11.83 7.99 2.13
O77 AJP XB . -11.33 9.78 6.21
O78 AJP XB . -14.71 8.81 7.23
O79 AJP XB . -10.71 10.35 11.57
C80 AJP XB . -13.05 14.00 11.92
C81 AJP XB . -14.62 16.18 15.74
O82 AJP XB . -17.61 15.87 14.90
C83 AJP XB . -14.97 15.71 19.88
O84 AJP XB . -17.70 15.93 19.72
C85 AJP XB . -19.07 16.29 19.91
K K YB . -15.73 19.83 -38.89
#